data_7WWL
#
_entry.id   7WWL
#
_cell.length_a   1.00
_cell.length_b   1.00
_cell.length_c   1.00
_cell.angle_alpha   90.00
_cell.angle_beta   90.00
_cell.angle_gamma   90.00
#
_symmetry.space_group_name_H-M   'P 1'
#
loop_
_entity.id
_entity.type
_entity.pdbx_description
1 polymer 'Spike glycoprotein'
2 polymer 'heavy chain of ZWD12'
3 polymer 'light chain of ZWD12'
4 branched 2-acetamido-2-deoxy-beta-D-glucopyranose-(1-4)-2-acetamido-2-deoxy-beta-D-glucopyranose
5 non-polymer 2-acetamido-2-deoxy-beta-D-glucopyranose
#
loop_
_entity_poly.entity_id
_entity_poly.type
_entity_poly.pdbx_seq_one_letter_code
_entity_poly.pdbx_strand_id
1 'polypeptide(L)'
;MFVFLVLLPLVSSQCVNLRTRTQLPPAYTNSFTRGVYYPDKVFRSSVLHSTQDLFLPFFSNVTWFHAIHVSGTNGTKRFD
NPVLPFNDGVYFASTEKSNIIRGWIFGTTLDSKTQSLLIVNNATNVVIKVCEFQFCNDPFLDVYYHKNNKSWMESGVYSS
ANNCTFEYVSQPFLMDLEGKQGNFKNLREFVFKNIDGYFKIYSKHTPINLVRDLPQGFSALEPLVDLPIGINITRFQTLL
ALHRSYLTPGDSSSGWTAGAAAYYVGYLQPRTFLLKYNENGTITDAVDCALDPLSETKCTLKSFTVEKGIYQTSNFRVQP
TESIVRFPNITNLCPFGEVFNATRFASVYAWNRKRISNCVADYSVLYNSASFSTFKCYGVSPTKLNDLCFTNVYADSFVI
RGDEVRQIAPGQTGKIADYNYKLPDDFTGCVIAWNSNNLDSKVGGNYNYRYRLFRKSNLKPFERDISTEIYQAGSKPCNG
VEGFNCYFPLQSYGFQPTNGVGYQPYRVVVLSFELLHAPATVCGPKKSTNLVKNKCVNFNFNGLTGTGVLTESNKKFLPF
QQFGRDIADTTDAVRDPQTLEILDITPCSFGGVSVITPGTNTSNQVAVLYQGVNCTEVPVAIHADQLTPTWRVYSTGSNV
FQTRAGCLIGAEHVNNSYECDIPIGAGICASYQTQTNSRRRARSVASQSIIAYTMSLGAENSVAYSNNSIAIPTNFTISV
TTEILPVSMTKTSVDCTMYICGDSTECSNLLLQYGSFCTQLNRALTGIAVEQDKNTQEVFAQVKQIYKTPPIKDFGGFNF
SQILPDPSKPSKRSPIEDLLFNKVTLADAGFIKQYGDCLGDIAARDLICAQKFNGLTVLPPLLTDEMIAQYTSALLAGTI
TSGWTFGAGPALQIPFPMQMAYRFNGIGVTQNVLYENQKLIANQFNSAIGKIQDSLSSTPSALGKLQNVVNQNAQALNTL
VKQLSSNFGAISSVLNDILSRLDPPEAEVQIDRLITGRLQSLQTYVTQQLIRAAEIRASANLAATKMSECVLGQSKRVDF
CGKGYHLMSFPQSAPHGVVFLHVTYVPAQEKNFTTAPAICHDGKAHFPREGVFVSNGTHWFVTQRNFYEPQIITTDNTFV
SGNCDVVIGIVNNTVYDPLQPELDSFKEELDKYFKNHTSPDVDLGDISGINASVVNIQKEIDRLNEVAKNLNESLIDLQE
LGKYEQYIKWPWYIWLGFIAGLIAIVMVTIMLCCMTSCCSCLKGCCSCGSCCKFDEDDSEPVLKGVKLHYT
;
A,B,C
2 'polypeptide(L)'
;EVQLVESGGGLVQPGGTLRLSCVASGFSFSNYWMSWVRQAPGKGLEWVANIKQDGSETHYVDSVKGRFTISRDNAKNSLY
LQMNSLRADDTAVYFCVKDRTDWELIRGYFGHWGQGTQITVSS
;
H,I,J
3 'polypeptide(L)'
;DIVMTQTPSSLSLSPGDRATLSCRASENIINYLAWYQQRPGQSPRLLIYDASNRATGIPARFSGSGSGTDFTLTISSLEP
EDFAVYYCQQRIIWPPYTFGQGTKVDIK
;
L,M,N
#
# COMPACT_ATOMS: atom_id res chain seq x y z
N ALA A 27 38.87 -45.71 7.31
CA ALA A 27 38.33 -45.32 8.60
C ALA A 27 37.46 -44.09 8.49
N TYR A 28 36.60 -43.87 9.48
CA TYR A 28 35.80 -42.67 9.60
C TYR A 28 35.91 -42.18 11.01
N THR A 29 35.73 -40.89 11.21
CA THR A 29 35.86 -40.29 12.53
C THR A 29 34.79 -39.24 12.68
N ASN A 30 34.69 -38.72 13.90
CA ASN A 30 33.65 -37.78 14.30
C ASN A 30 34.30 -36.44 14.64
N SER A 31 33.96 -35.41 13.87
CA SER A 31 34.27 -34.05 14.26
C SER A 31 33.48 -33.73 15.51
N PHE A 32 33.88 -32.73 16.27
CA PHE A 32 32.97 -32.38 17.35
C PHE A 32 32.37 -31.00 17.13
N THR A 33 33.22 -29.98 17.13
CA THR A 33 32.82 -28.63 16.78
C THR A 33 34.00 -28.05 16.00
N ARG A 34 33.97 -28.24 14.69
CA ARG A 34 35.12 -27.98 13.85
C ARG A 34 34.63 -27.42 12.52
N GLY A 35 35.42 -26.53 11.93
CA GLY A 35 35.08 -26.00 10.63
C GLY A 35 34.19 -24.79 10.68
N VAL A 36 34.47 -23.88 11.62
CA VAL A 36 33.77 -22.61 11.72
C VAL A 36 34.71 -21.52 11.21
N TYR A 37 34.22 -20.73 10.26
CA TYR A 37 35.00 -19.66 9.69
C TYR A 37 34.22 -18.36 9.78
N TYR A 38 34.95 -17.26 9.79
CA TYR A 38 34.33 -15.94 9.79
C TYR A 38 33.68 -15.71 8.44
N PRO A 39 32.36 -15.62 8.42
CA PRO A 39 31.58 -15.45 7.19
C PRO A 39 31.96 -14.24 6.34
N ASP A 40 32.76 -13.34 6.90
CA ASP A 40 33.15 -12.14 6.15
C ASP A 40 33.85 -11.13 7.03
N LYS A 41 34.21 -9.99 6.43
CA LYS A 41 34.88 -8.93 7.15
C LYS A 41 33.92 -8.35 8.18
N VAL A 42 34.04 -7.06 8.47
CA VAL A 42 33.17 -6.43 9.43
C VAL A 42 33.48 -6.91 10.84
N PHE A 43 34.06 -6.04 11.65
CA PHE A 43 34.39 -6.37 13.02
C PHE A 43 33.13 -6.79 13.75
N ARG A 44 33.23 -7.04 15.05
CA ARG A 44 32.07 -7.44 15.84
C ARG A 44 32.50 -7.92 17.23
N SER A 45 31.65 -7.65 18.21
CA SER A 45 31.93 -8.06 19.59
C SER A 45 30.81 -8.95 20.12
N SER A 46 30.73 -9.05 21.44
CA SER A 46 29.72 -9.87 22.10
C SER A 46 28.34 -9.71 21.45
N VAL A 47 28.03 -10.58 20.50
CA VAL A 47 26.75 -10.53 19.81
C VAL A 47 26.36 -11.85 19.17
N LEU A 48 25.62 -12.68 19.91
CA LEU A 48 25.17 -13.97 19.39
C LEU A 48 24.50 -13.71 18.04
N HIS A 49 25.34 -13.53 17.03
CA HIS A 49 24.89 -13.22 15.68
C HIS A 49 24.51 -14.50 14.93
N SER A 50 23.43 -14.43 14.17
CA SER A 50 22.88 -15.60 13.48
C SER A 50 23.16 -15.51 11.99
N THR A 51 23.67 -16.60 11.41
CA THR A 51 24.01 -16.62 9.99
C THR A 51 23.45 -17.86 9.30
N GLN A 52 23.22 -17.71 8.00
CA GLN A 52 22.92 -18.80 7.09
C GLN A 52 24.05 -18.89 6.08
N ASP A 53 24.67 -20.06 5.96
CA ASP A 53 25.82 -20.20 5.07
C ASP A 53 26.11 -21.68 4.86
N LEU A 54 27.27 -21.98 4.28
CA LEU A 54 27.73 -23.34 4.07
C LEU A 54 28.71 -23.70 5.15
N PHE A 55 28.32 -24.62 6.02
CA PHE A 55 29.14 -25.00 7.16
C PHE A 55 29.29 -26.51 7.18
N LEU A 56 30.22 -26.97 8.01
CA LEU A 56 30.39 -28.39 8.30
C LEU A 56 29.56 -28.70 9.54
N PRO A 57 28.47 -29.47 9.41
CA PRO A 57 27.60 -29.72 10.56
C PRO A 57 28.32 -30.30 11.75
N PHE A 58 27.85 -30.01 12.96
CA PHE A 58 28.51 -30.52 14.15
C PHE A 58 28.33 -32.02 14.23
N PHE A 59 29.34 -32.69 14.79
CA PHE A 59 29.31 -34.14 14.97
C PHE A 59 29.03 -34.82 13.65
N SER A 60 29.98 -34.71 12.71
CA SER A 60 29.80 -35.21 11.36
C SER A 60 30.67 -36.44 11.14
N ASN A 61 30.52 -37.02 9.96
CA ASN A 61 31.15 -38.26 9.57
C ASN A 61 32.27 -37.93 8.60
N VAL A 62 33.49 -37.75 9.10
CA VAL A 62 34.61 -37.28 8.28
C VAL A 62 35.48 -38.48 7.94
N THR A 63 35.77 -38.64 6.65
CA THR A 63 36.65 -39.71 6.20
C THR A 63 38.02 -39.60 6.87
N TRP A 64 38.71 -40.72 6.94
CA TRP A 64 40.06 -40.74 7.48
C TRP A 64 40.97 -41.33 6.42
N PHE A 65 42.13 -40.72 6.23
CA PHE A 65 43.12 -41.20 5.29
C PHE A 65 44.46 -41.30 5.99
N HIS A 66 45.20 -42.34 5.64
CA HIS A 66 46.54 -42.56 6.15
C HIS A 66 47.53 -42.51 5.00
N ALA A 67 48.80 -42.38 5.35
CA ALA A 67 49.89 -42.43 4.40
C ALA A 67 51.17 -42.74 5.15
N ASN A 81 47.32 -39.97 -2.70
CA ASN A 81 46.05 -40.52 -2.24
C ASN A 81 44.94 -40.09 -3.22
N PRO A 82 43.74 -40.65 -3.13
CA PRO A 82 42.86 -40.72 -4.31
C PRO A 82 42.16 -39.43 -4.67
N VAL A 83 41.52 -39.47 -5.84
CA VAL A 83 40.68 -38.38 -6.37
C VAL A 83 39.37 -38.36 -5.60
N LEU A 84 39.07 -37.23 -4.98
CA LEU A 84 37.86 -37.07 -4.20
C LEU A 84 36.86 -36.20 -4.95
N PRO A 85 35.63 -36.04 -4.47
CA PRO A 85 34.75 -35.02 -5.04
C PRO A 85 34.88 -33.67 -4.34
N PHE A 86 34.21 -32.65 -4.86
CA PHE A 86 34.14 -31.34 -4.21
C PHE A 86 32.72 -30.96 -3.80
N ASN A 87 31.85 -30.82 -4.79
CA ASN A 87 30.38 -30.77 -4.82
C ASN A 87 29.79 -29.61 -4.03
N ASP A 88 30.44 -29.18 -2.95
CA ASP A 88 30.14 -27.92 -2.26
C ASP A 88 31.18 -27.72 -1.18
N GLY A 89 32.26 -26.99 -1.47
CA GLY A 89 33.23 -26.73 -0.42
C GLY A 89 33.83 -27.95 0.26
N VAL A 90 34.83 -27.75 1.10
CA VAL A 90 35.57 -28.85 1.72
C VAL A 90 36.22 -28.34 3.00
N TYR A 91 36.06 -29.10 4.07
CA TYR A 91 36.92 -28.99 5.24
C TYR A 91 38.08 -29.96 5.09
N PHE A 92 39.22 -29.59 5.64
CA PHE A 92 40.41 -30.40 5.43
C PHE A 92 41.40 -30.14 6.54
N ALA A 93 41.57 -31.07 7.46
CA ALA A 93 42.59 -30.94 8.50
C ALA A 93 43.74 -31.89 8.21
N SER A 94 44.82 -31.74 8.98
CA SER A 94 46.03 -32.53 8.77
C SER A 94 46.93 -32.36 9.98
N THR A 95 47.74 -33.38 10.25
CA THR A 95 48.55 -33.41 11.46
C THR A 95 49.93 -33.98 11.17
N GLU A 96 50.98 -33.25 11.60
CA GLU A 96 52.36 -33.73 11.56
C GLU A 96 53.33 -32.70 12.14
N LYS A 97 54.61 -33.08 12.27
CA LYS A 97 55.69 -32.14 12.52
C LYS A 97 56.55 -31.89 11.30
N SER A 98 56.91 -32.94 10.56
CA SER A 98 57.42 -32.80 9.21
C SER A 98 56.32 -32.27 8.30
N ASN A 99 56.58 -32.13 7.01
CA ASN A 99 55.57 -31.58 6.10
C ASN A 99 55.36 -32.57 4.96
N ILE A 100 54.42 -33.48 5.13
CA ILE A 100 54.11 -34.49 4.13
C ILE A 100 53.02 -33.96 3.22
N ILE A 101 52.10 -33.19 3.78
CA ILE A 101 51.03 -32.57 3.02
C ILE A 101 51.58 -31.31 2.36
N ARG A 102 51.66 -31.34 1.03
CA ARG A 102 52.31 -30.30 0.26
C ARG A 102 51.33 -29.76 -0.77
N GLY A 103 50.13 -29.45 -0.33
CA GLY A 103 49.17 -28.79 -1.18
C GLY A 103 48.23 -29.74 -1.87
N TRP A 104 47.30 -29.16 -2.59
CA TRP A 104 46.19 -29.86 -3.20
C TRP A 104 46.21 -29.55 -4.68
N ILE A 105 45.36 -30.23 -5.44
CA ILE A 105 45.15 -29.89 -6.84
C ILE A 105 43.65 -30.01 -7.09
N PHE A 106 43.11 -29.11 -7.90
CA PHE A 106 41.66 -28.99 -8.00
C PHE A 106 41.24 -29.12 -9.46
N GLY A 107 39.95 -29.10 -9.70
CA GLY A 107 39.44 -28.97 -11.05
C GLY A 107 38.28 -29.89 -11.38
N THR A 108 38.03 -30.08 -12.67
CA THR A 108 36.98 -31.01 -13.08
C THR A 108 37.57 -32.29 -13.63
N THR A 109 38.60 -32.19 -14.49
CA THR A 109 39.20 -33.36 -15.11
C THR A 109 40.63 -33.64 -14.68
N LEU A 110 41.31 -32.68 -14.07
CA LEU A 110 42.68 -32.85 -13.58
C LEU A 110 43.62 -33.24 -14.72
N ASP A 111 43.40 -32.64 -15.88
CA ASP A 111 44.22 -32.89 -17.05
C ASP A 111 44.10 -31.72 -18.01
N SER A 112 44.55 -31.94 -19.24
CA SER A 112 44.34 -30.98 -20.30
C SER A 112 42.90 -31.07 -20.81
N LYS A 113 42.60 -30.27 -21.83
CA LYS A 113 41.28 -30.14 -22.43
C LYS A 113 40.33 -29.34 -21.54
N THR A 114 40.72 -29.07 -20.29
CA THR A 114 39.99 -28.14 -19.43
C THR A 114 40.93 -27.66 -18.35
N GLN A 115 40.64 -26.46 -17.83
CA GLN A 115 41.53 -25.76 -16.92
C GLN A 115 41.37 -26.24 -15.48
N SER A 116 42.43 -26.07 -14.70
CA SER A 116 42.45 -26.49 -13.31
C SER A 116 43.41 -25.61 -12.52
N LEU A 117 43.28 -25.66 -11.19
CA LEU A 117 44.16 -24.96 -10.26
C LEU A 117 45.22 -25.91 -9.76
N LEU A 118 46.33 -25.37 -9.27
CA LEU A 118 47.39 -26.16 -8.67
C LEU A 118 48.06 -25.34 -7.56
N ILE A 119 48.04 -25.87 -6.35
CA ILE A 119 48.61 -25.19 -5.19
C ILE A 119 49.67 -26.07 -4.57
N VAL A 120 50.89 -25.58 -4.58
CA VAL A 120 52.04 -26.42 -4.26
C VAL A 120 52.90 -25.71 -3.21
N ASN A 121 53.74 -26.47 -2.53
CA ASN A 121 54.71 -25.90 -1.60
C ASN A 121 55.93 -26.81 -1.56
N ASN A 122 57.02 -26.44 -2.23
CA ASN A 122 58.28 -27.13 -2.01
C ASN A 122 58.88 -26.59 -0.71
N ALA A 123 60.13 -26.95 -0.40
CA ALA A 123 60.72 -26.48 0.86
C ALA A 123 60.96 -24.97 0.84
N THR A 124 60.57 -24.29 -0.24
CA THR A 124 60.78 -22.86 -0.36
C THR A 124 59.59 -22.06 0.13
N ASN A 125 58.46 -22.18 -0.57
CA ASN A 125 57.23 -21.47 -0.26
C ASN A 125 56.16 -21.81 -1.29
N VAL A 126 54.95 -21.31 -1.02
CA VAL A 126 53.74 -21.63 -1.77
C VAL A 126 53.87 -21.22 -3.23
N VAL A 127 53.25 -22.00 -4.13
CA VAL A 127 53.22 -21.67 -5.55
C VAL A 127 51.81 -21.91 -6.09
N ILE A 128 50.96 -20.88 -6.08
CA ILE A 128 49.67 -21.04 -6.73
C ILE A 128 49.89 -20.94 -8.23
N LYS A 129 49.04 -21.60 -9.00
CA LYS A 129 49.22 -21.64 -10.44
C LYS A 129 47.92 -22.08 -11.09
N VAL A 130 47.60 -21.48 -12.22
CA VAL A 130 46.43 -21.90 -12.97
C VAL A 130 46.77 -21.99 -14.46
N CYS A 131 47.00 -23.20 -14.94
CA CYS A 131 47.17 -23.49 -16.35
C CYS A 131 46.23 -24.62 -16.76
N GLU A 132 46.44 -25.12 -17.96
CA GLU A 132 45.98 -26.44 -18.34
C GLU A 132 47.15 -27.39 -18.19
N PHE A 133 46.95 -28.46 -17.43
CA PHE A 133 48.04 -29.33 -17.05
C PHE A 133 47.89 -30.70 -17.70
N GLN A 134 48.88 -31.56 -17.44
CA GLN A 134 48.75 -32.99 -17.62
C GLN A 134 49.24 -33.61 -16.32
N PHE A 135 48.30 -34.07 -15.52
CA PHE A 135 48.60 -34.53 -14.17
C PHE A 135 48.85 -36.02 -14.18
N CYS A 136 49.92 -36.43 -13.50
CA CYS A 136 50.09 -37.84 -13.17
C CYS A 136 48.85 -38.36 -12.46
N ASN A 137 48.41 -39.56 -12.84
CA ASN A 137 47.29 -40.13 -12.11
C ASN A 137 47.63 -40.43 -10.66
N ASP A 138 48.92 -40.58 -10.35
CA ASP A 138 49.40 -40.63 -8.98
C ASP A 138 50.52 -39.61 -8.83
N PRO A 139 50.16 -38.33 -8.67
CA PRO A 139 51.17 -37.27 -8.68
C PRO A 139 51.67 -36.98 -7.26
N PHE A 140 52.96 -36.69 -7.14
CA PHE A 140 53.56 -36.46 -5.84
C PHE A 140 54.88 -35.74 -6.04
N VAL A 157 56.32 -34.89 -10.36
CA VAL A 157 55.84 -33.59 -10.83
C VAL A 157 54.83 -33.75 -11.96
N TYR A 158 54.28 -32.63 -12.41
CA TYR A 158 53.30 -32.64 -13.50
C TYR A 158 53.92 -33.14 -14.79
N SER A 159 53.38 -32.69 -15.92
CA SER A 159 53.89 -33.10 -17.23
C SER A 159 53.41 -32.14 -18.32
N SER A 160 52.89 -30.99 -17.91
CA SER A 160 52.41 -29.99 -18.85
C SER A 160 51.99 -28.76 -18.06
N ALA A 161 52.24 -27.58 -18.65
CA ALA A 161 51.92 -26.31 -18.03
C ALA A 161 51.42 -25.29 -19.05
N ASN A 162 50.48 -25.69 -19.89
CA ASN A 162 50.09 -24.89 -21.05
C ASN A 162 49.08 -23.81 -20.69
N ASN A 163 49.10 -22.72 -21.46
CA ASN A 163 48.02 -21.73 -21.45
C ASN A 163 47.78 -21.05 -20.10
N CYS A 164 48.82 -20.90 -19.28
CA CYS A 164 48.67 -20.40 -17.92
C CYS A 164 47.96 -19.04 -17.87
N THR A 165 46.91 -18.98 -17.06
CA THR A 165 46.02 -17.81 -16.97
C THR A 165 46.16 -17.12 -15.62
N PHE A 166 47.04 -17.64 -14.77
CA PHE A 166 47.26 -17.07 -13.45
C PHE A 166 48.52 -17.71 -12.89
N GLU A 167 49.45 -16.93 -12.38
CA GLU A 167 50.62 -17.48 -11.70
C GLU A 167 50.74 -16.81 -10.35
N TYR A 168 51.63 -17.35 -9.54
CA TYR A 168 52.05 -16.75 -8.28
C TYR A 168 53.22 -17.57 -7.76
N VAL A 169 54.25 -16.91 -7.25
CA VAL A 169 55.31 -17.61 -6.52
C VAL A 169 55.70 -16.72 -5.35
N SER A 170 56.72 -17.11 -4.62
CA SER A 170 57.27 -16.26 -3.57
C SER A 170 58.71 -16.65 -3.25
N LYS A 185 52.00 -32.29 17.75
CA LYS A 185 52.69 -31.70 16.61
C LYS A 185 51.99 -30.44 16.11
N ASN A 186 51.36 -30.56 14.95
CA ASN A 186 50.67 -29.44 14.33
C ASN A 186 49.33 -29.90 13.81
N LEU A 187 48.35 -29.00 13.86
CA LEU A 187 47.06 -29.21 13.23
C LEU A 187 46.80 -28.03 12.31
N ARG A 188 46.51 -28.31 11.05
CA ARG A 188 46.38 -27.28 10.02
C ARG A 188 45.07 -27.49 9.29
N GLU A 189 44.07 -26.68 9.63
CA GLU A 189 42.76 -26.78 9.02
C GLU A 189 42.59 -25.82 7.86
N PHE A 190 41.76 -26.20 6.91
CA PHE A 190 41.49 -25.40 5.74
C PHE A 190 40.04 -25.59 5.32
N VAL A 191 39.42 -24.52 4.86
CA VAL A 191 38.09 -24.57 4.26
C VAL A 191 38.20 -23.99 2.87
N PHE A 192 37.83 -24.77 1.87
CA PHE A 192 37.88 -24.35 0.48
C PHE A 192 36.49 -24.21 -0.06
N LYS A 193 36.19 -23.08 -0.69
CA LYS A 193 34.90 -22.91 -1.34
C LYS A 193 35.08 -22.12 -2.63
N ASN A 194 34.05 -22.14 -3.48
CA ASN A 194 34.17 -21.64 -4.85
C ASN A 194 32.82 -21.06 -5.27
N ILE A 195 32.69 -19.74 -5.20
CA ILE A 195 31.43 -19.05 -5.49
C ILE A 195 31.68 -17.89 -6.43
N ASP A 196 30.84 -17.79 -7.46
CA ASP A 196 30.87 -16.70 -8.42
C ASP A 196 32.27 -16.41 -8.95
N GLY A 197 32.94 -17.45 -9.44
CA GLY A 197 34.26 -17.28 -10.01
C GLY A 197 35.34 -16.90 -9.04
N TYR A 198 35.01 -16.93 -7.74
CA TYR A 198 35.96 -16.62 -6.68
C TYR A 198 36.26 -17.89 -5.88
N PHE A 199 37.54 -18.22 -5.71
CA PHE A 199 37.91 -19.43 -4.98
C PHE A 199 38.46 -18.99 -3.63
N LYS A 200 37.64 -19.10 -2.60
CA LYS A 200 37.98 -18.62 -1.26
C LYS A 200 38.61 -19.74 -0.46
N ILE A 201 39.56 -19.35 0.39
CA ILE A 201 40.34 -20.26 1.21
C ILE A 201 40.43 -19.67 2.60
N TYR A 202 39.88 -20.38 3.59
CA TYR A 202 40.07 -20.02 4.98
C TYR A 202 41.01 -21.04 5.59
N SER A 203 41.66 -20.67 6.67
CA SER A 203 42.67 -21.54 7.23
C SER A 203 42.90 -21.20 8.69
N LYS A 204 43.53 -22.12 9.39
CA LYS A 204 43.93 -21.93 10.78
C LYS A 204 45.00 -22.95 11.13
N HIS A 205 45.95 -22.55 11.96
CA HIS A 205 47.05 -23.41 12.39
C HIS A 205 47.03 -23.44 13.90
N THR A 206 46.54 -24.53 14.44
CA THR A 206 46.57 -24.74 15.88
C THR A 206 47.65 -25.75 16.23
N PRO A 207 48.29 -25.61 17.37
CA PRO A 207 49.24 -26.64 17.81
C PRO A 207 48.56 -27.75 18.62
N ILE A 208 48.64 -29.00 18.19
CA ILE A 208 48.14 -30.10 18.99
C ILE A 208 49.19 -30.46 20.03
N ASN A 209 48.79 -31.24 21.03
CA ASN A 209 49.78 -31.84 21.92
C ASN A 209 49.77 -33.35 21.72
N LEU A 210 49.22 -33.77 20.59
CA LEU A 210 49.33 -35.13 20.06
C LEU A 210 50.18 -35.07 18.79
N VAL A 211 50.28 -36.19 18.09
CA VAL A 211 51.01 -36.16 16.82
C VAL A 211 50.04 -36.20 15.64
N ARG A 212 49.18 -37.22 15.53
CA ARG A 212 48.35 -37.37 14.34
C ARG A 212 46.93 -37.91 14.57
N ASP A 213 46.19 -37.42 15.56
CA ASP A 213 44.79 -37.77 15.74
C ASP A 213 43.94 -36.50 15.85
N LEU A 214 42.69 -36.57 15.37
CA LEU A 214 41.82 -35.41 15.35
C LEU A 214 41.36 -35.06 16.77
N PRO A 215 41.71 -33.89 17.29
CA PRO A 215 41.36 -33.54 18.66
C PRO A 215 39.95 -32.98 18.80
N GLN A 216 39.65 -32.46 19.97
CA GLN A 216 38.36 -31.83 20.25
C GLN A 216 38.58 -30.39 20.67
N GLY A 217 37.62 -29.54 20.36
CA GLY A 217 37.71 -28.15 20.77
C GLY A 217 37.09 -27.19 19.78
N PHE A 218 37.20 -25.89 20.04
CA PHE A 218 36.64 -24.87 19.16
C PHE A 218 37.73 -23.92 18.70
N SER A 219 37.79 -23.66 17.40
CA SER A 219 38.77 -22.76 16.83
C SER A 219 38.30 -22.25 15.48
N ALA A 220 37.97 -20.97 15.37
CA ALA A 220 37.40 -20.41 14.14
C ALA A 220 38.49 -20.10 13.12
N LEU A 221 38.15 -20.28 11.85
CA LEU A 221 39.10 -20.20 10.75
C LEU A 221 38.98 -18.85 10.06
N GLU A 222 40.17 -18.15 9.84
CA GLU A 222 40.25 -16.79 9.32
C GLU A 222 40.58 -16.79 7.84
N PRO A 223 39.93 -15.91 7.06
CA PRO A 223 40.12 -15.95 5.60
C PRO A 223 41.54 -15.62 5.20
N LEU A 224 42.00 -16.31 4.16
CA LEU A 224 43.40 -16.22 3.73
C LEU A 224 43.52 -15.54 2.37
N VAL A 225 42.84 -16.09 1.38
CA VAL A 225 43.07 -15.79 -0.01
C VAL A 225 41.72 -15.52 -0.66
N ASP A 226 41.78 -15.07 -1.91
CA ASP A 226 40.63 -14.81 -2.78
C ASP A 226 41.18 -14.81 -4.21
N LEU A 227 40.68 -15.69 -5.08
CA LEU A 227 41.22 -15.73 -6.43
C LEU A 227 40.09 -15.59 -7.45
N PRO A 228 40.07 -14.51 -8.23
CA PRO A 228 39.04 -14.35 -9.28
C PRO A 228 39.39 -15.14 -10.54
N ILE A 229 39.17 -16.45 -10.47
CA ILE A 229 39.59 -17.34 -11.55
C ILE A 229 38.47 -17.50 -12.57
N GLY A 230 37.36 -18.10 -12.17
CA GLY A 230 36.30 -18.42 -13.10
C GLY A 230 36.19 -19.91 -13.34
N ILE A 231 37.25 -20.61 -12.95
CA ILE A 231 37.42 -22.06 -13.06
C ILE A 231 36.19 -22.83 -12.54
N ASN A 232 35.84 -23.92 -13.22
CA ASN A 232 34.87 -24.89 -12.73
C ASN A 232 35.61 -25.94 -11.92
N ILE A 233 34.98 -26.44 -10.84
CA ILE A 233 35.61 -27.46 -10.01
C ILE A 233 34.61 -28.56 -9.71
N THR A 234 35.06 -29.81 -9.82
CA THR A 234 34.25 -30.96 -9.46
C THR A 234 35.06 -32.01 -8.72
N ARG A 235 36.39 -31.87 -8.71
CA ARG A 235 37.23 -32.90 -8.11
C ARG A 235 38.47 -32.26 -7.54
N PHE A 236 39.14 -32.99 -6.65
CA PHE A 236 40.38 -32.49 -6.06
C PHE A 236 41.19 -33.67 -5.53
N GLN A 237 42.45 -33.40 -5.18
CA GLN A 237 43.38 -34.44 -4.74
C GLN A 237 44.24 -33.89 -3.62
N THR A 238 45.33 -34.59 -3.34
CA THR A 238 46.33 -34.16 -2.37
C THR A 238 47.72 -34.49 -2.91
N LEU A 239 48.74 -33.92 -2.25
CA LEU A 239 50.13 -34.08 -2.67
C LEU A 239 50.99 -34.41 -1.45
N LEU A 240 51.86 -35.39 -1.60
CA LEU A 240 52.65 -35.88 -0.47
C LEU A 240 54.10 -36.02 -0.85
N ALA A 241 54.98 -35.86 0.14
CA ALA A 241 56.43 -35.98 -0.03
C ALA A 241 56.86 -37.40 0.34
N ALA A 262 48.18 -38.63 7.71
CA ALA A 262 46.89 -38.57 8.38
C ALA A 262 46.16 -37.30 8.00
N TYR A 263 45.00 -37.45 7.36
CA TYR A 263 44.20 -36.29 6.98
C TYR A 263 42.76 -36.69 6.76
N TYR A 264 41.88 -35.70 6.89
CA TYR A 264 40.43 -35.88 6.90
C TYR A 264 39.80 -35.03 5.81
N VAL A 265 38.57 -35.38 5.44
CA VAL A 265 37.85 -34.61 4.43
C VAL A 265 36.38 -34.54 4.79
N GLY A 266 35.91 -33.36 5.22
CA GLY A 266 34.50 -33.11 5.41
C GLY A 266 33.91 -32.38 4.22
N TYR A 267 32.60 -32.26 4.22
CA TYR A 267 31.90 -31.52 3.19
C TYR A 267 30.97 -30.52 3.84
N LEU A 268 30.59 -29.50 3.10
CA LEU A 268 29.85 -28.37 3.63
C LEU A 268 28.45 -28.36 3.06
N GLN A 269 27.48 -28.02 3.88
CA GLN A 269 26.08 -27.94 3.51
C GLN A 269 25.51 -26.62 3.98
N PRO A 270 24.39 -26.19 3.41
CA PRO A 270 23.76 -24.96 3.89
C PRO A 270 23.08 -25.14 5.23
N ARG A 271 23.69 -24.59 6.27
CA ARG A 271 23.17 -24.61 7.62
C ARG A 271 22.93 -23.19 8.13
N THR A 272 22.39 -23.12 9.34
CA THR A 272 22.15 -21.88 10.07
C THR A 272 22.81 -22.01 11.43
N PHE A 273 23.70 -21.10 11.75
CA PHE A 273 24.45 -21.16 13.00
C PHE A 273 24.23 -19.90 13.83
N LEU A 274 24.58 -20.01 15.11
CA LEU A 274 24.53 -18.89 16.06
C LEU A 274 25.93 -18.73 16.63
N LEU A 275 26.62 -17.68 16.23
CA LEU A 275 28.00 -17.45 16.63
C LEU A 275 28.06 -16.47 17.79
N LYS A 276 28.87 -16.79 18.79
CA LYS A 276 29.09 -15.93 19.93
C LYS A 276 30.37 -15.15 19.73
N TYR A 277 30.28 -13.83 19.75
CA TYR A 277 31.43 -12.97 19.50
C TYR A 277 31.98 -12.44 20.80
N ASN A 278 33.30 -12.49 20.94
CA ASN A 278 34.02 -11.94 22.06
C ASN A 278 33.96 -10.41 22.02
N GLU A 279 34.54 -9.77 23.03
CA GLU A 279 34.66 -8.31 23.03
C GLU A 279 35.81 -7.82 22.16
N ASN A 280 36.81 -8.63 21.87
CA ASN A 280 37.78 -8.30 20.85
C ASN A 280 37.28 -8.58 19.45
N GLY A 281 36.19 -9.33 19.32
CA GLY A 281 35.62 -9.58 18.02
C GLY A 281 35.91 -10.94 17.45
N THR A 282 36.35 -11.88 18.27
CA THR A 282 36.61 -13.22 17.80
C THR A 282 35.46 -14.15 18.17
N ILE A 283 35.25 -15.17 17.35
CA ILE A 283 34.21 -16.16 17.58
C ILE A 283 34.75 -17.17 18.58
N THR A 284 34.11 -17.26 19.74
CA THR A 284 34.59 -18.15 20.79
C THR A 284 33.72 -19.40 20.93
N ASP A 285 32.45 -19.32 20.58
CA ASP A 285 31.55 -20.47 20.65
C ASP A 285 30.51 -20.37 19.53
N ALA A 286 29.81 -21.48 19.30
CA ALA A 286 28.79 -21.50 18.28
C ALA A 286 27.72 -22.52 18.65
N VAL A 287 26.59 -22.43 17.96
CA VAL A 287 25.48 -23.36 18.11
C VAL A 287 25.00 -23.74 16.72
N ASP A 288 24.95 -25.04 16.45
CA ASP A 288 24.36 -25.57 15.23
C ASP A 288 22.88 -25.78 15.51
N CYS A 289 22.02 -25.13 14.75
CA CYS A 289 20.62 -24.96 15.14
C CYS A 289 19.74 -26.05 14.54
N ALA A 290 20.37 -27.11 14.07
CA ALA A 290 19.65 -28.22 13.46
C ALA A 290 20.27 -29.55 13.83
N LEU A 291 20.58 -29.70 15.11
CA LEU A 291 21.18 -30.92 15.62
C LEU A 291 20.20 -31.63 16.56
N ASP A 292 19.12 -30.94 16.89
CA ASP A 292 18.10 -31.50 17.78
C ASP A 292 17.17 -30.38 18.23
N PRO A 293 16.22 -30.71 19.10
CA PRO A 293 15.28 -29.68 19.58
C PRO A 293 15.92 -28.60 20.43
N LEU A 294 16.89 -28.93 21.27
CA LEU A 294 17.57 -27.90 22.05
C LEU A 294 18.22 -26.84 21.18
N SER A 295 18.85 -27.24 20.08
CA SER A 295 19.52 -26.29 19.20
C SER A 295 18.53 -25.42 18.45
N GLU A 296 17.42 -26.00 17.99
CA GLU A 296 16.36 -25.21 17.39
C GLU A 296 15.76 -24.22 18.37
N THR A 297 15.66 -24.57 19.65
CA THR A 297 15.21 -23.60 20.64
C THR A 297 16.22 -22.48 20.83
N LYS A 298 17.51 -22.82 20.95
CA LYS A 298 18.55 -21.80 21.08
C LYS A 298 18.52 -20.85 19.90
N CYS A 299 18.25 -21.36 18.72
CA CYS A 299 18.19 -20.53 17.53
C CYS A 299 16.95 -19.64 17.54
N THR A 300 15.82 -20.19 17.97
CA THR A 300 14.59 -19.41 18.07
C THR A 300 14.71 -18.27 19.06
N LEU A 301 15.38 -18.48 20.19
CA LEU A 301 15.57 -17.44 21.19
C LEU A 301 16.75 -16.53 20.91
N LYS A 302 17.67 -16.94 20.04
CA LYS A 302 18.92 -16.22 19.77
C LYS A 302 19.77 -16.10 21.03
N SER A 303 20.07 -17.24 21.62
CA SER A 303 20.86 -17.27 22.84
C SER A 303 21.56 -18.61 22.97
N PHE A 304 22.49 -18.68 23.91
CA PHE A 304 23.19 -19.91 24.20
C PHE A 304 22.76 -20.52 25.53
N THR A 305 21.96 -19.82 26.32
CA THR A 305 21.37 -20.36 27.54
C THR A 305 19.87 -20.13 27.51
N VAL A 306 19.11 -21.21 27.50
CA VAL A 306 17.66 -21.16 27.63
C VAL A 306 17.29 -21.48 29.07
N GLU A 307 16.43 -20.66 29.65
CA GLU A 307 15.88 -20.90 30.97
C GLU A 307 14.64 -21.76 30.87
N LYS A 308 14.28 -22.37 31.98
CA LYS A 308 13.17 -23.33 31.96
C LYS A 308 11.90 -22.67 31.46
N GLY A 309 11.11 -23.44 30.74
CA GLY A 309 9.90 -22.92 30.14
C GLY A 309 9.39 -23.90 29.13
N ILE A 310 8.59 -23.39 28.22
CA ILE A 310 8.15 -24.15 27.06
C ILE A 310 8.07 -23.18 25.90
N TYR A 311 8.66 -23.56 24.79
CA TYR A 311 8.91 -22.66 23.67
C TYR A 311 8.36 -23.24 22.40
N GLN A 312 7.66 -22.43 21.62
CA GLN A 312 7.21 -22.82 20.31
C GLN A 312 8.35 -22.63 19.34
N THR A 313 8.68 -23.69 18.61
CA THR A 313 9.96 -23.73 17.93
C THR A 313 9.78 -23.83 16.43
N SER A 314 8.73 -24.50 15.98
CA SER A 314 8.48 -24.62 14.55
C SER A 314 7.09 -25.18 14.27
N ASN A 315 6.94 -25.89 13.16
CA ASN A 315 5.66 -26.46 12.79
C ASN A 315 5.80 -27.80 12.09
N PHE A 316 4.77 -28.62 12.22
CA PHE A 316 4.78 -29.90 11.56
C PHE A 316 3.69 -29.89 10.53
N ARG A 317 4.05 -30.20 9.29
CA ARG A 317 3.10 -30.24 8.21
C ARG A 317 3.27 -31.48 7.35
N VAL A 318 2.31 -32.40 7.43
CA VAL A 318 2.37 -33.63 6.64
C VAL A 318 2.66 -33.27 5.19
N GLN A 319 3.25 -34.20 4.47
CA GLN A 319 3.59 -33.95 3.06
C GLN A 319 2.72 -34.74 2.11
N PRO A 320 2.29 -34.13 1.01
CA PRO A 320 1.44 -34.81 0.03
C PRO A 320 2.25 -35.36 -1.15
N THR A 321 1.92 -36.58 -1.58
CA THR A 321 2.62 -37.19 -2.71
C THR A 321 1.69 -37.42 -3.90
N GLU A 322 2.25 -37.33 -5.10
CA GLU A 322 1.50 -37.52 -6.33
C GLU A 322 0.35 -36.53 -6.49
N SER A 323 -0.05 -36.30 -7.74
CA SER A 323 -1.12 -35.37 -8.06
C SER A 323 -2.18 -36.06 -8.89
N ILE A 324 -3.30 -36.40 -8.27
CA ILE A 324 -4.39 -37.07 -8.95
C ILE A 324 -5.30 -36.08 -9.65
N VAL A 325 -5.33 -36.15 -10.98
CA VAL A 325 -6.16 -35.26 -11.78
C VAL A 325 -7.42 -35.96 -12.27
N ARG A 326 -8.54 -35.69 -11.61
CA ARG A 326 -9.81 -36.30 -11.98
C ARG A 326 -10.50 -35.47 -13.05
N PHE A 327 -11.40 -36.12 -13.80
CA PHE A 327 -12.13 -35.45 -14.86
C PHE A 327 -13.31 -36.30 -15.34
N PRO A 328 -13.99 -35.84 -16.38
CA PRO A 328 -15.14 -36.57 -16.93
C PRO A 328 -14.78 -37.42 -18.14
N ASN A 329 -15.69 -38.31 -18.54
CA ASN A 329 -15.47 -39.22 -19.66
C ASN A 329 -15.63 -38.63 -21.06
N ILE A 330 -16.80 -38.84 -21.65
CA ILE A 330 -17.14 -38.37 -23.00
C ILE A 330 -16.43 -37.10 -23.46
N THR A 331 -16.15 -37.02 -24.76
CA THR A 331 -15.48 -35.86 -25.35
C THR A 331 -15.08 -36.12 -26.79
N ASN A 332 -14.80 -35.04 -27.52
CA ASN A 332 -14.39 -35.13 -28.92
C ASN A 332 -13.10 -34.35 -29.14
N LEU A 333 -12.55 -34.39 -30.35
CA LEU A 333 -11.30 -33.68 -30.62
C LEU A 333 -11.53 -32.17 -30.79
N CYS A 334 -12.80 -31.73 -30.76
CA CYS A 334 -13.23 -30.34 -30.83
C CYS A 334 -12.69 -29.58 -32.03
N PRO A 335 -13.28 -29.76 -33.21
CA PRO A 335 -12.68 -29.23 -34.45
C PRO A 335 -12.60 -27.72 -34.55
N PHE A 336 -11.36 -27.22 -34.66
CA PHE A 336 -11.15 -25.84 -35.05
C PHE A 336 -11.13 -25.69 -36.56
N GLY A 337 -11.29 -26.80 -37.29
CA GLY A 337 -11.24 -26.81 -38.73
C GLY A 337 -12.44 -26.20 -39.42
N GLU A 338 -13.41 -25.71 -38.67
CA GLU A 338 -14.46 -24.86 -39.20
C GLU A 338 -14.33 -23.43 -38.73
N VAL A 339 -13.35 -23.14 -37.88
CA VAL A 339 -13.05 -21.76 -37.50
C VAL A 339 -11.90 -21.19 -38.32
N PHE A 340 -10.78 -21.89 -38.39
CA PHE A 340 -9.61 -21.41 -39.11
C PHE A 340 -9.60 -21.83 -40.57
N ASN A 341 -10.55 -22.64 -41.00
CA ASN A 341 -10.51 -23.23 -42.33
C ASN A 341 -11.86 -23.11 -43.01
N ALA A 342 -12.64 -22.11 -42.62
CA ALA A 342 -13.92 -21.86 -43.26
C ALA A 342 -13.70 -21.30 -44.66
N THR A 343 -14.67 -21.54 -45.53
CA THR A 343 -14.51 -21.14 -46.92
C THR A 343 -14.74 -19.64 -47.11
N ARG A 344 -15.40 -18.98 -46.17
CA ARG A 344 -15.76 -17.57 -46.31
C ARG A 344 -15.92 -16.98 -44.93
N PHE A 345 -15.07 -16.02 -44.57
CA PHE A 345 -15.19 -15.34 -43.29
C PHE A 345 -16.25 -14.24 -43.40
N ALA A 346 -16.56 -13.61 -42.28
CA ALA A 346 -17.52 -12.53 -42.24
C ALA A 346 -16.79 -11.20 -42.25
N SER A 347 -17.53 -10.13 -42.54
CA SER A 347 -16.94 -8.80 -42.57
C SER A 347 -16.66 -8.32 -41.15
N VAL A 348 -15.85 -7.28 -41.01
CA VAL A 348 -15.46 -6.83 -39.67
C VAL A 348 -16.58 -6.11 -38.94
N TYR A 349 -17.46 -5.41 -39.66
CA TYR A 349 -18.52 -4.64 -39.01
C TYR A 349 -19.64 -5.51 -38.46
N ALA A 350 -19.84 -6.71 -39.02
CA ALA A 350 -20.78 -7.70 -38.48
C ALA A 350 -20.01 -9.01 -38.38
N TRP A 351 -19.26 -9.16 -37.30
CA TRP A 351 -18.35 -10.29 -37.19
C TRP A 351 -19.05 -11.52 -36.63
N ASN A 352 -18.46 -12.67 -36.88
CA ASN A 352 -19.03 -13.94 -36.47
C ASN A 352 -18.59 -14.25 -35.04
N ARG A 353 -19.35 -15.13 -34.37
CA ARG A 353 -19.03 -15.49 -32.99
C ARG A 353 -19.45 -16.94 -32.78
N LYS A 354 -18.49 -17.85 -32.82
CA LYS A 354 -18.72 -19.27 -32.62
C LYS A 354 -18.42 -19.61 -31.17
N ARG A 355 -19.34 -20.32 -30.51
CA ARG A 355 -19.16 -20.67 -29.10
C ARG A 355 -18.74 -22.13 -29.01
N ILE A 356 -17.63 -22.37 -28.32
CA ILE A 356 -17.13 -23.73 -28.13
C ILE A 356 -17.84 -24.37 -26.95
N SER A 357 -18.06 -25.67 -27.05
CA SER A 357 -18.76 -26.45 -26.02
C SER A 357 -17.78 -27.47 -25.47
N ASN A 358 -18.30 -28.43 -24.70
CA ASN A 358 -17.48 -29.48 -24.10
C ASN A 358 -16.75 -30.29 -25.16
N CYS A 359 -15.46 -30.46 -24.97
CA CYS A 359 -14.54 -30.85 -26.03
C CYS A 359 -13.26 -31.39 -25.41
N VAL A 360 -12.24 -31.58 -26.24
CA VAL A 360 -10.85 -31.66 -25.82
C VAL A 360 -10.09 -30.77 -26.80
N ALA A 361 -9.54 -29.66 -26.30
CA ALA A 361 -8.86 -28.70 -27.15
C ALA A 361 -7.35 -28.86 -27.01
N ASP A 362 -6.64 -28.75 -28.13
CA ASP A 362 -5.18 -28.87 -28.15
C ASP A 362 -4.62 -27.59 -28.74
N TYR A 363 -4.12 -26.71 -27.87
CA TYR A 363 -3.59 -25.42 -28.33
C TYR A 363 -2.13 -25.48 -28.70
N SER A 364 -1.43 -26.58 -28.41
CA SER A 364 -0.03 -26.67 -28.79
C SER A 364 0.13 -26.88 -30.29
N VAL A 365 -0.87 -27.45 -30.94
CA VAL A 365 -0.81 -27.61 -32.39
C VAL A 365 -1.18 -26.31 -33.08
N LEU A 366 -1.75 -25.35 -32.34
CA LEU A 366 -2.04 -24.04 -32.90
C LEU A 366 -0.89 -23.09 -32.65
N TYR A 367 -0.22 -23.22 -31.50
CA TYR A 367 0.85 -22.31 -31.15
C TYR A 367 2.10 -22.58 -31.99
N ASN A 368 2.27 -23.81 -32.45
CA ASN A 368 3.41 -24.20 -33.27
C ASN A 368 3.01 -24.61 -34.68
N SER A 369 2.10 -23.87 -35.32
CA SER A 369 1.68 -24.22 -36.67
C SER A 369 2.58 -23.62 -37.73
N ALA A 370 3.33 -22.55 -37.39
CA ALA A 370 4.27 -21.84 -38.25
C ALA A 370 3.63 -21.25 -39.50
N SER A 371 2.31 -21.07 -39.49
CA SER A 371 1.58 -20.46 -40.58
C SER A 371 0.87 -19.18 -40.15
N PHE A 372 0.87 -18.86 -38.87
CA PHE A 372 0.20 -17.68 -38.36
C PHE A 372 1.19 -16.52 -38.29
N SER A 373 0.76 -15.37 -38.78
CA SER A 373 1.62 -14.19 -38.75
C SER A 373 1.66 -13.52 -37.38
N THR A 374 0.65 -13.75 -36.55
CA THR A 374 0.61 -13.11 -35.23
C THR A 374 -0.15 -14.01 -34.28
N PHE A 375 0.51 -14.43 -33.20
CA PHE A 375 -0.11 -15.23 -32.14
C PHE A 375 0.23 -14.51 -30.84
N LYS A 376 -0.70 -13.73 -30.33
CA LYS A 376 -0.46 -12.98 -29.10
C LYS A 376 -1.55 -13.28 -28.07
N CYS A 377 -1.17 -13.93 -26.99
CA CYS A 377 -2.05 -14.20 -25.87
C CYS A 377 -1.88 -13.11 -24.84
N TYR A 378 -2.97 -12.75 -24.16
CA TYR A 378 -2.98 -11.58 -23.30
C TYR A 378 -3.26 -11.92 -21.85
N GLY A 379 -4.24 -12.76 -21.57
CA GLY A 379 -4.60 -13.04 -20.19
C GLY A 379 -3.85 -14.21 -19.58
N VAL A 380 -3.01 -14.88 -20.36
CA VAL A 380 -2.32 -16.08 -19.89
C VAL A 380 -1.05 -16.25 -20.73
N SER A 381 -0.02 -16.84 -20.14
CA SER A 381 1.14 -17.26 -20.91
C SER A 381 0.73 -18.36 -21.88
N PRO A 382 1.34 -18.42 -23.07
CA PRO A 382 0.90 -19.43 -24.05
C PRO A 382 1.25 -20.85 -23.68
N THR A 383 2.42 -21.08 -23.08
CA THR A 383 2.88 -22.42 -22.78
C THR A 383 2.04 -23.12 -21.72
N LYS A 384 1.34 -22.37 -20.88
CA LYS A 384 0.38 -22.93 -19.94
C LYS A 384 -1.03 -23.00 -20.51
N LEU A 385 -1.18 -23.12 -21.83
CA LEU A 385 -2.53 -23.20 -22.38
C LEU A 385 -3.14 -24.59 -22.22
N ASN A 386 -2.29 -25.62 -22.28
CA ASN A 386 -2.75 -26.99 -22.17
C ASN A 386 -2.76 -27.52 -20.75
N ASP A 387 -3.79 -27.15 -19.99
CA ASP A 387 -3.92 -27.60 -18.61
C ASP A 387 -5.02 -26.81 -17.91
N LEU A 388 -5.59 -25.86 -18.62
CA LEU A 388 -6.65 -25.03 -18.08
C LEU A 388 -8.01 -25.45 -18.61
N CYS A 389 -9.05 -25.25 -17.79
CA CYS A 389 -10.41 -25.61 -18.18
C CYS A 389 -11.27 -24.35 -18.18
N PHE A 390 -11.40 -23.74 -19.35
CA PHE A 390 -12.19 -22.52 -19.49
C PHE A 390 -13.68 -22.78 -19.53
N THR A 391 -14.39 -22.34 -18.50
CA THR A 391 -15.84 -22.52 -18.44
C THR A 391 -16.51 -22.17 -19.76
N ASN A 392 -16.05 -21.12 -20.45
CA ASN A 392 -16.67 -20.79 -21.73
C ASN A 392 -15.61 -20.22 -22.67
N VAL A 393 -15.67 -20.68 -23.92
CA VAL A 393 -14.75 -20.24 -24.98
C VAL A 393 -15.57 -19.67 -26.12
N TYR A 394 -15.21 -18.48 -26.57
CA TYR A 394 -15.78 -17.88 -27.77
C TYR A 394 -14.68 -17.64 -28.80
N ALA A 395 -15.05 -17.62 -30.07
CA ALA A 395 -14.12 -17.35 -31.15
C ALA A 395 -14.76 -16.37 -32.10
N ASP A 396 -14.12 -15.21 -32.28
CA ASP A 396 -14.58 -14.17 -33.19
C ASP A 396 -13.70 -14.12 -34.42
N SER A 397 -14.29 -14.31 -35.59
CA SER A 397 -13.52 -14.40 -36.82
C SER A 397 -13.96 -13.32 -37.80
N PHE A 398 -13.00 -12.61 -38.38
CA PHE A 398 -13.31 -11.56 -39.34
C PHE A 398 -12.09 -11.32 -40.23
N VAL A 399 -12.17 -10.32 -41.10
CA VAL A 399 -11.14 -10.01 -42.08
C VAL A 399 -10.87 -8.51 -42.03
N ILE A 400 -9.61 -8.13 -41.83
CA ILE A 400 -9.23 -6.72 -41.84
C ILE A 400 -8.07 -6.49 -42.79
N ARG A 401 -7.56 -5.28 -42.82
CA ARG A 401 -6.41 -4.95 -43.65
C ARG A 401 -5.13 -5.36 -42.94
N GLY A 402 -4.00 -5.14 -43.62
CA GLY A 402 -2.72 -5.57 -43.11
C GLY A 402 -2.16 -4.67 -42.03
N ASP A 403 -2.39 -3.36 -42.15
CA ASP A 403 -1.86 -2.39 -41.20
C ASP A 403 -2.87 -2.06 -40.11
N GLU A 404 -3.96 -2.81 -40.02
CA GLU A 404 -4.94 -2.62 -38.96
C GLU A 404 -4.97 -3.80 -38.00
N VAL A 405 -4.00 -4.70 -38.09
CA VAL A 405 -3.91 -5.81 -37.14
C VAL A 405 -3.42 -5.36 -35.77
N ARG A 406 -2.64 -4.29 -35.72
CA ARG A 406 -2.17 -3.74 -34.45
C ARG A 406 -3.23 -2.93 -33.71
N GLN A 407 -4.43 -2.81 -34.26
CA GLN A 407 -5.56 -2.24 -33.54
C GLN A 407 -6.41 -3.30 -32.87
N ILE A 408 -6.15 -4.58 -33.15
CA ILE A 408 -6.83 -5.66 -32.43
C ILE A 408 -5.95 -5.97 -31.23
N ALA A 409 -6.14 -5.17 -30.19
CA ALA A 409 -5.41 -5.26 -28.93
C ALA A 409 -6.18 -4.46 -27.90
N PRO A 410 -6.07 -4.80 -26.61
CA PRO A 410 -6.78 -4.03 -25.58
C PRO A 410 -6.26 -2.61 -25.47
N GLY A 411 -7.17 -1.64 -25.61
CA GLY A 411 -6.82 -0.24 -25.51
C GLY A 411 -6.07 0.31 -26.71
N GLN A 412 -6.75 0.39 -27.86
CA GLN A 412 -6.12 0.87 -29.08
C GLN A 412 -7.01 1.91 -29.76
N THR A 413 -6.41 2.65 -30.69
CA THR A 413 -7.10 3.72 -31.39
C THR A 413 -7.03 3.45 -32.89
N GLY A 414 -8.01 4.00 -33.62
CA GLY A 414 -8.15 3.76 -35.03
C GLY A 414 -9.58 3.40 -35.38
N LYS A 415 -9.86 3.44 -36.69
CA LYS A 415 -11.23 3.28 -37.16
C LYS A 415 -11.77 1.87 -36.94
N ILE A 416 -10.90 0.86 -36.96
CA ILE A 416 -11.32 -0.48 -36.60
C ILE A 416 -11.47 -0.58 -35.09
N ALA A 417 -10.57 0.04 -34.34
CA ALA A 417 -10.61 -0.02 -32.88
C ALA A 417 -11.75 0.80 -32.30
N ASP A 418 -12.05 1.98 -32.85
CA ASP A 418 -13.10 2.81 -32.29
C ASP A 418 -14.47 2.21 -32.50
N TYR A 419 -14.92 2.10 -33.75
CA TYR A 419 -16.21 1.48 -34.03
C TYR A 419 -16.09 0.49 -35.19
N ASN A 420 -15.49 -0.66 -34.95
CA ASN A 420 -15.82 -1.88 -35.67
C ASN A 420 -15.81 -3.06 -34.71
N TYR A 421 -14.82 -3.08 -33.81
CA TYR A 421 -14.57 -4.19 -32.92
C TYR A 421 -13.70 -3.67 -31.78
N LYS A 422 -14.23 -3.70 -30.57
CA LYS A 422 -13.52 -3.16 -29.41
C LYS A 422 -13.17 -4.29 -28.46
N LEU A 423 -11.90 -4.34 -28.05
CA LEU A 423 -11.41 -5.34 -27.11
C LEU A 423 -11.37 -4.75 -25.71
N PRO A 424 -11.87 -5.45 -24.70
CA PRO A 424 -11.82 -4.93 -23.33
C PRO A 424 -10.40 -4.94 -22.79
N ASP A 425 -10.17 -4.09 -21.80
CA ASP A 425 -8.83 -3.90 -21.23
C ASP A 425 -8.42 -5.03 -20.30
N ASP A 426 -9.34 -5.92 -19.93
CA ASP A 426 -9.02 -7.02 -19.03
C ASP A 426 -9.11 -8.35 -19.76
N PHE A 427 -8.55 -8.39 -20.96
CA PHE A 427 -8.71 -9.51 -21.89
C PHE A 427 -8.05 -10.78 -21.39
N THR A 428 -8.60 -11.94 -21.79
CA THR A 428 -8.10 -13.24 -21.37
C THR A 428 -7.66 -14.12 -22.54
N GLY A 429 -8.29 -13.99 -23.71
CA GLY A 429 -7.97 -14.89 -24.81
C GLY A 429 -6.73 -14.52 -25.60
N CYS A 430 -6.66 -15.00 -26.84
CA CYS A 430 -5.51 -14.77 -27.70
C CYS A 430 -5.98 -14.22 -29.03
N VAL A 431 -5.05 -13.63 -29.76
CA VAL A 431 -5.31 -13.06 -31.08
C VAL A 431 -4.41 -13.78 -32.07
N ILE A 432 -5.03 -14.41 -33.07
CA ILE A 432 -4.34 -15.13 -34.13
C ILE A 432 -4.66 -14.44 -35.45
N ALA A 433 -3.64 -14.17 -36.23
CA ALA A 433 -3.84 -13.42 -37.46
C ALA A 433 -2.91 -13.93 -38.54
N TRP A 434 -3.44 -14.15 -39.74
CA TRP A 434 -2.62 -14.67 -40.81
C TRP A 434 -3.04 -14.06 -42.15
N ASN A 435 -2.08 -13.97 -43.06
CA ASN A 435 -2.33 -13.43 -44.39
C ASN A 435 -3.21 -14.37 -45.18
N SER A 436 -4.14 -13.81 -45.94
CA SER A 436 -5.07 -14.58 -46.74
C SER A 436 -5.26 -13.94 -48.10
N ASN A 437 -4.16 -13.57 -48.74
CA ASN A 437 -4.23 -12.94 -50.05
C ASN A 437 -4.66 -13.94 -51.11
N ASN A 438 -4.36 -15.21 -50.92
CA ASN A 438 -4.71 -16.24 -51.88
C ASN A 438 -6.18 -16.61 -51.83
N LEU A 439 -6.88 -16.26 -50.76
CA LEU A 439 -8.28 -16.61 -50.65
C LEU A 439 -9.20 -15.41 -50.85
N ASP A 440 -9.29 -14.56 -49.84
CA ASP A 440 -10.12 -13.38 -49.90
C ASP A 440 -9.55 -12.33 -50.86
N SER A 441 -9.38 -12.71 -52.11
CA SER A 441 -8.84 -11.79 -53.11
C SER A 441 -8.62 -12.47 -54.46
N LYS A 442 -8.86 -11.72 -55.54
CA LYS A 442 -8.68 -12.24 -56.88
C LYS A 442 -8.69 -11.13 -57.92
N VAL A 443 -8.31 -11.45 -59.15
CA VAL A 443 -8.28 -10.48 -60.23
C VAL A 443 -9.54 -9.62 -60.24
N GLY A 444 -9.40 -8.38 -60.68
CA GLY A 444 -10.52 -7.46 -60.74
C GLY A 444 -10.79 -6.79 -59.41
N GLY A 445 -10.20 -7.32 -58.35
CA GLY A 445 -10.39 -6.78 -57.02
C GLY A 445 -11.64 -7.29 -56.35
N ASN A 446 -11.56 -7.51 -55.04
CA ASN A 446 -12.71 -7.99 -54.29
C ASN A 446 -13.65 -6.86 -53.89
N TYR A 447 -14.41 -7.08 -52.82
CA TYR A 447 -15.35 -6.07 -52.34
C TYR A 447 -16.25 -6.67 -51.26
N ASN A 448 -16.37 -7.99 -51.27
CA ASN A 448 -17.21 -8.71 -50.31
C ASN A 448 -16.85 -8.43 -48.86
N TYR A 449 -16.22 -7.29 -48.60
CA TYR A 449 -15.83 -6.92 -47.25
C TYR A 449 -15.98 -5.43 -46.99
N ARG A 450 -17.02 -5.07 -46.23
CA ARG A 450 -17.28 -3.69 -45.88
C ARG A 450 -16.89 -3.39 -44.45
N TYR A 451 -16.60 -2.12 -44.19
CA TYR A 451 -16.22 -1.68 -42.86
C TYR A 451 -16.82 -0.31 -42.59
N ARG A 452 -17.14 -0.05 -41.33
CA ARG A 452 -17.81 1.16 -40.92
C ARG A 452 -16.79 2.23 -40.58
N LEU A 453 -16.94 3.42 -41.16
CA LEU A 453 -16.03 4.51 -40.90
C LEU A 453 -16.72 5.76 -40.38
N PHE A 454 -18.03 5.73 -40.16
CA PHE A 454 -18.75 6.86 -39.60
C PHE A 454 -19.68 6.37 -38.50
N ARG A 455 -19.45 6.85 -37.28
CA ARG A 455 -20.34 6.58 -36.17
C ARG A 455 -20.28 7.73 -35.18
N LYS A 456 -21.36 7.89 -34.42
CA LYS A 456 -21.46 9.01 -33.48
C LYS A 456 -20.52 8.83 -32.30
N SER A 457 -20.47 7.63 -31.74
CA SER A 457 -19.68 7.37 -30.55
C SER A 457 -18.89 6.10 -30.74
N ASN A 458 -17.91 5.88 -29.86
CA ASN A 458 -17.13 4.66 -29.90
C ASN A 458 -17.97 3.47 -29.43
N LEU A 459 -17.48 2.28 -29.75
CA LEU A 459 -18.20 1.07 -29.37
C LEU A 459 -17.83 0.63 -27.96
N LYS A 460 -18.75 -0.08 -27.32
CA LYS A 460 -18.45 -0.82 -26.12
C LYS A 460 -17.57 -2.02 -26.50
N PRO A 461 -16.80 -2.57 -25.56
CA PRO A 461 -16.15 -3.86 -25.82
C PRO A 461 -17.17 -4.96 -26.03
N PHE A 462 -16.94 -5.76 -27.07
CA PHE A 462 -17.85 -6.77 -27.60
C PHE A 462 -19.22 -6.21 -27.97
N GLU A 463 -19.25 -5.02 -28.59
CA GLU A 463 -20.47 -4.46 -29.13
C GLU A 463 -20.48 -4.62 -30.65
N ARG A 464 -21.68 -4.71 -31.21
CA ARG A 464 -21.87 -5.07 -32.61
C ARG A 464 -22.93 -4.18 -33.21
N ASP A 465 -22.53 -3.40 -34.23
CA ASP A 465 -23.42 -2.37 -34.79
C ASP A 465 -23.64 -2.70 -36.26
N ILE A 466 -24.77 -3.33 -36.56
CA ILE A 466 -25.13 -3.71 -37.92
C ILE A 466 -26.10 -2.71 -38.55
N SER A 467 -26.28 -1.55 -37.90
CA SER A 467 -27.22 -0.56 -38.38
C SER A 467 -26.70 0.12 -39.65
N THR A 468 -27.63 0.48 -40.53
CA THR A 468 -27.28 1.08 -41.81
C THR A 468 -28.06 2.38 -41.97
N GLU A 469 -28.01 3.24 -40.95
CA GLU A 469 -28.62 4.55 -41.04
C GLU A 469 -27.67 5.51 -41.73
N ILE A 470 -28.24 6.54 -42.35
CA ILE A 470 -27.42 7.52 -43.06
C ILE A 470 -26.81 8.46 -42.04
N TYR A 471 -25.49 8.55 -42.05
CA TYR A 471 -24.75 9.40 -41.12
C TYR A 471 -25.02 10.87 -41.42
N GLN A 472 -24.95 11.69 -40.37
CA GLN A 472 -25.19 13.12 -40.46
C GLN A 472 -23.95 13.84 -39.95
N ALA A 473 -23.06 14.21 -40.86
CA ALA A 473 -21.81 14.85 -40.47
C ALA A 473 -22.05 16.30 -40.05
N GLY A 474 -22.86 17.03 -40.81
CA GLY A 474 -23.13 18.41 -40.51
C GLY A 474 -24.36 18.58 -39.64
N SER A 475 -24.73 19.85 -39.45
CA SER A 475 -25.92 20.16 -38.66
C SER A 475 -27.22 19.99 -39.45
N LYS A 476 -27.13 19.89 -40.78
CA LYS A 476 -28.34 19.79 -41.58
C LYS A 476 -28.84 18.34 -41.62
N PRO A 477 -30.12 18.11 -41.37
CA PRO A 477 -30.69 16.77 -41.59
C PRO A 477 -31.03 16.56 -43.05
N CYS A 478 -30.97 15.31 -43.47
CA CYS A 478 -31.25 14.96 -44.86
C CYS A 478 -32.31 13.88 -45.02
N ASN A 479 -32.55 13.09 -43.96
CA ASN A 479 -33.70 12.18 -43.84
C ASN A 479 -33.73 11.13 -44.95
N GLY A 480 -32.72 10.27 -45.00
CA GLY A 480 -32.72 9.18 -45.94
C GLY A 480 -32.25 9.49 -47.34
N VAL A 481 -31.33 10.44 -47.50
CA VAL A 481 -30.69 10.71 -48.78
C VAL A 481 -29.29 11.24 -48.51
N GLU A 482 -28.41 11.08 -49.51
CA GLU A 482 -27.04 11.56 -49.38
C GLU A 482 -26.94 13.03 -49.75
N GLY A 483 -25.72 13.50 -49.89
CA GLY A 483 -25.46 14.88 -50.22
C GLY A 483 -24.25 15.38 -49.47
N PHE A 484 -24.19 16.70 -49.31
CA PHE A 484 -23.12 17.31 -48.53
C PHE A 484 -23.33 17.02 -47.05
N ASN A 485 -22.31 16.42 -46.44
CA ASN A 485 -22.26 16.03 -45.03
C ASN A 485 -23.37 15.06 -44.63
N CYS A 486 -23.83 14.24 -45.59
CA CYS A 486 -24.69 13.09 -45.30
C CYS A 486 -24.06 11.90 -46.01
N TYR A 487 -23.52 10.98 -45.23
CA TYR A 487 -22.69 9.91 -45.76
C TYR A 487 -23.34 8.56 -45.50
N PHE A 488 -23.14 7.63 -46.43
CA PHE A 488 -23.38 6.23 -46.15
C PHE A 488 -22.25 5.72 -45.26
N PRO A 489 -22.56 5.11 -44.12
CA PRO A 489 -21.53 4.82 -43.11
C PRO A 489 -20.60 3.66 -43.43
N LEU A 490 -20.94 2.79 -44.38
CA LEU A 490 -20.14 1.62 -44.68
C LEU A 490 -19.39 1.81 -45.99
N GLN A 491 -18.07 1.67 -45.90
CA GLN A 491 -17.19 1.74 -47.05
C GLN A 491 -16.80 0.29 -47.34
N SER A 492 -16.17 0.04 -48.48
CA SER A 492 -15.77 -1.31 -48.84
C SER A 492 -14.25 -1.36 -49.01
N TYR A 493 -13.66 -2.46 -48.57
CA TYR A 493 -12.23 -2.68 -48.79
C TYR A 493 -11.98 -2.99 -50.25
N GLY A 494 -10.97 -2.36 -50.82
CA GLY A 494 -10.59 -2.72 -52.17
C GLY A 494 -9.47 -3.74 -52.14
N PHE A 495 -9.82 -5.01 -52.24
CA PHE A 495 -8.82 -6.06 -52.12
C PHE A 495 -8.42 -6.56 -53.48
N GLN A 496 -7.16 -6.28 -53.85
CA GLN A 496 -6.59 -6.72 -55.11
C GLN A 496 -5.28 -7.44 -54.77
N PRO A 497 -4.94 -8.48 -55.52
CA PRO A 497 -3.71 -9.21 -55.19
C PRO A 497 -2.44 -8.47 -55.57
N THR A 498 -2.53 -7.43 -56.39
CA THR A 498 -1.37 -6.59 -56.70
C THR A 498 -1.30 -5.40 -55.74
N ASN A 499 -1.40 -5.67 -54.45
CA ASN A 499 -1.37 -4.63 -53.43
C ASN A 499 -0.12 -4.79 -52.59
N GLY A 500 0.35 -3.69 -52.04
CA GLY A 500 1.46 -3.76 -51.10
C GLY A 500 1.06 -4.48 -49.83
N VAL A 501 2.03 -5.09 -49.16
CA VAL A 501 1.79 -5.82 -47.92
C VAL A 501 0.90 -5.02 -46.98
N GLY A 502 0.33 -5.69 -46.00
CA GLY A 502 -0.54 -5.04 -45.03
C GLY A 502 -1.64 -4.24 -45.68
N TYR A 503 -1.90 -4.55 -46.95
CA TYR A 503 -2.95 -3.90 -47.72
C TYR A 503 -3.88 -4.96 -48.29
N GLN A 504 -3.70 -6.19 -47.83
CA GLN A 504 -4.53 -7.32 -48.28
C GLN A 504 -5.58 -7.70 -47.25
N PRO A 505 -6.10 -8.91 -47.34
CA PRO A 505 -7.13 -9.36 -46.40
C PRO A 505 -6.63 -10.28 -45.29
N TYR A 506 -6.06 -9.72 -44.23
CA TYR A 506 -5.60 -10.54 -43.12
C TYR A 506 -6.80 -11.10 -42.37
N ARG A 507 -6.82 -12.42 -42.23
CA ARG A 507 -7.87 -13.09 -41.48
C ARG A 507 -7.48 -13.12 -40.02
N VAL A 508 -8.42 -12.75 -39.15
CA VAL A 508 -8.19 -12.64 -37.72
C VAL A 508 -9.19 -13.52 -36.98
N VAL A 509 -8.68 -14.31 -36.04
CA VAL A 509 -9.49 -15.10 -35.12
C VAL A 509 -9.08 -14.72 -33.70
N VAL A 510 -10.04 -14.28 -32.91
CA VAL A 510 -9.82 -13.86 -31.54
C VAL A 510 -10.49 -14.88 -30.63
N LEU A 511 -9.69 -15.62 -29.88
CA LEU A 511 -10.20 -16.57 -28.90
C LEU A 511 -10.38 -15.84 -27.58
N SER A 512 -11.46 -16.14 -26.87
CA SER A 512 -11.73 -15.53 -25.58
C SER A 512 -12.15 -16.61 -24.61
N PHE A 513 -11.44 -16.71 -23.50
CA PHE A 513 -11.70 -17.72 -22.47
C PHE A 513 -12.30 -17.03 -21.26
N GLU A 514 -13.16 -17.73 -20.53
CA GLU A 514 -13.63 -17.21 -19.25
C GLU A 514 -13.91 -18.34 -18.26
N LEU A 515 -13.71 -18.00 -16.98
CA LEU A 515 -13.78 -18.92 -15.85
C LEU A 515 -14.86 -18.41 -14.89
N LEU A 516 -16.13 -18.66 -15.19
CA LEU A 516 -17.16 -18.01 -14.39
C LEU A 516 -17.60 -18.79 -13.16
N HIS A 517 -18.37 -19.86 -13.35
CA HIS A 517 -19.03 -20.50 -12.22
C HIS A 517 -19.15 -22.01 -12.46
N ALA A 518 -18.69 -22.47 -13.61
CA ALA A 518 -18.99 -23.83 -14.04
C ALA A 518 -18.00 -24.80 -13.40
N PRO A 519 -18.40 -26.07 -13.19
CA PRO A 519 -17.43 -27.05 -12.65
C PRO A 519 -16.34 -27.42 -13.65
N ALA A 520 -16.72 -27.69 -14.90
CA ALA A 520 -15.76 -28.11 -15.93
C ALA A 520 -16.34 -27.93 -17.32
N THR A 521 -15.50 -27.59 -18.29
CA THR A 521 -15.89 -27.50 -19.70
C THR A 521 -14.66 -27.94 -20.49
N VAL A 522 -14.56 -27.48 -21.73
CA VAL A 522 -13.44 -27.80 -22.60
C VAL A 522 -12.16 -27.79 -21.77
N CYS A 523 -11.08 -28.32 -22.32
CA CYS A 523 -9.80 -28.35 -21.62
C CYS A 523 -8.75 -29.11 -22.41
N GLY A 524 -7.50 -28.75 -22.20
CA GLY A 524 -6.40 -29.41 -22.88
C GLY A 524 -6.46 -30.90 -22.67
N PRO A 525 -5.82 -31.65 -23.56
CA PRO A 525 -5.82 -33.12 -23.45
C PRO A 525 -4.98 -33.58 -22.27
N LYS A 526 -5.62 -34.29 -21.33
CA LYS A 526 -4.93 -34.76 -20.14
C LYS A 526 -5.31 -36.21 -19.81
N LYS A 527 -4.31 -37.00 -19.45
CA LYS A 527 -4.53 -38.40 -19.11
C LYS A 527 -5.15 -38.52 -17.72
N SER A 528 -6.18 -39.34 -17.60
CA SER A 528 -6.85 -39.55 -16.33
C SER A 528 -6.05 -40.49 -15.44
N THR A 529 -6.30 -40.41 -14.13
CA THR A 529 -5.60 -41.24 -13.17
C THR A 529 -6.59 -41.76 -12.12
N ASN A 530 -6.19 -42.77 -11.35
CA ASN A 530 -7.07 -43.31 -10.33
C ASN A 530 -7.13 -42.40 -9.11
N LEU A 531 -8.00 -42.72 -8.17
CA LEU A 531 -8.14 -41.89 -6.98
C LEU A 531 -7.69 -42.66 -5.75
N VAL A 532 -7.29 -41.95 -4.71
CA VAL A 532 -6.82 -42.58 -3.48
C VAL A 532 -7.55 -41.94 -2.32
N LYS A 533 -7.48 -42.56 -1.14
CA LYS A 533 -8.17 -42.04 0.01
C LYS A 533 -7.27 -42.14 1.23
N ASN A 534 -7.60 -41.35 2.25
CA ASN A 534 -6.96 -41.37 3.56
C ASN A 534 -5.48 -41.02 3.51
N LYS A 535 -5.08 -40.19 2.56
CA LYS A 535 -3.70 -39.72 2.46
C LYS A 535 -3.72 -38.28 1.99
N CYS A 536 -2.90 -37.43 2.63
CA CYS A 536 -2.79 -36.06 2.16
C CYS A 536 -2.29 -36.08 0.72
N VAL A 537 -3.11 -35.57 -0.18
CA VAL A 537 -2.91 -35.73 -1.61
C VAL A 537 -3.15 -34.39 -2.28
N ASN A 538 -2.66 -34.29 -3.51
CA ASN A 538 -2.84 -33.10 -4.33
C ASN A 538 -3.81 -33.50 -5.44
N PHE A 539 -5.01 -32.94 -5.41
CA PHE A 539 -6.08 -33.43 -6.27
C PHE A 539 -6.59 -32.36 -7.23
N ASN A 540 -7.19 -32.84 -8.31
CA ASN A 540 -7.88 -32.01 -9.29
C ASN A 540 -9.13 -32.77 -9.72
N PHE A 541 -10.30 -32.19 -9.43
CA PHE A 541 -11.59 -32.76 -9.81
C PHE A 541 -12.22 -31.86 -10.86
N ASN A 542 -12.02 -32.21 -12.13
CA ASN A 542 -12.47 -31.48 -13.31
C ASN A 542 -12.47 -29.98 -13.12
N GLY A 543 -11.37 -29.43 -12.62
CA GLY A 543 -11.27 -28.00 -12.45
C GLY A 543 -10.96 -27.60 -11.02
N LEU A 544 -11.56 -28.28 -10.05
CA LEU A 544 -11.30 -28.00 -8.63
C LEU A 544 -9.90 -28.47 -8.29
N THR A 545 -9.00 -27.53 -8.01
CA THR A 545 -7.64 -27.86 -7.62
C THR A 545 -7.51 -27.68 -6.12
N GLY A 546 -6.99 -28.70 -5.43
CA GLY A 546 -6.78 -28.58 -4.00
C GLY A 546 -5.82 -29.57 -3.39
N THR A 547 -5.74 -29.56 -2.06
CA THR A 547 -4.88 -30.47 -1.31
C THR A 547 -5.63 -30.94 -0.08
N GLY A 548 -5.41 -32.19 0.29
CA GLY A 548 -5.99 -32.68 1.52
C GLY A 548 -6.21 -34.18 1.48
N VAL A 549 -6.78 -34.67 2.56
CA VAL A 549 -7.20 -36.05 2.72
C VAL A 549 -8.62 -36.17 2.20
N LEU A 550 -8.87 -37.24 1.43
CA LEU A 550 -10.17 -37.54 0.85
C LEU A 550 -10.78 -38.67 1.65
N THR A 551 -12.07 -38.59 1.95
CA THR A 551 -12.72 -39.59 2.76
C THR A 551 -14.14 -39.87 2.25
N GLU A 552 -14.59 -41.11 2.41
CA GLU A 552 -15.95 -41.47 2.04
C GLU A 552 -16.96 -40.66 2.83
N SER A 553 -17.96 -40.13 2.13
CA SER A 553 -18.92 -39.24 2.76
C SER A 553 -20.19 -39.98 3.14
N ASN A 554 -21.09 -39.25 3.79
CA ASN A 554 -22.44 -39.74 4.03
C ASN A 554 -23.47 -38.63 3.86
N LYS A 555 -23.08 -37.56 3.17
CA LYS A 555 -23.96 -36.43 2.91
C LYS A 555 -24.67 -36.62 1.57
N LYS A 556 -25.99 -36.72 1.61
CA LYS A 556 -26.78 -36.94 0.40
C LYS A 556 -26.79 -35.76 -0.57
N PHE A 557 -25.77 -35.70 -1.43
CA PHE A 557 -25.69 -34.64 -2.42
C PHE A 557 -26.86 -34.76 -3.39
N LEU A 558 -27.83 -33.88 -3.25
CA LEU A 558 -29.01 -33.89 -4.11
C LEU A 558 -28.66 -34.14 -5.57
N PRO A 559 -29.43 -35.10 -6.21
CA PRO A 559 -29.05 -35.33 -7.63
C PRO A 559 -29.06 -34.08 -8.51
N PHE A 560 -28.05 -33.23 -8.35
CA PHE A 560 -27.90 -32.01 -9.13
C PHE A 560 -26.90 -31.07 -8.48
N GLN A 561 -26.35 -31.48 -7.34
CA GLN A 561 -25.38 -30.68 -6.63
C GLN A 561 -24.01 -31.32 -6.65
N GLN A 562 -23.08 -30.71 -7.36
CA GLN A 562 -21.73 -31.24 -7.46
C GLN A 562 -21.01 -31.19 -6.10
N PHE A 563 -20.02 -30.31 -5.98
CA PHE A 563 -19.27 -30.17 -4.73
C PHE A 563 -20.10 -29.56 -3.61
N GLY A 564 -19.47 -29.36 -2.46
CA GLY A 564 -20.13 -28.78 -1.31
C GLY A 564 -19.46 -27.49 -0.88
N ARG A 565 -19.91 -26.92 0.23
CA ARG A 565 -19.35 -25.67 0.72
C ARG A 565 -19.54 -25.50 2.22
N ASP A 566 -18.62 -24.78 2.85
CA ASP A 566 -18.68 -24.54 4.28
C ASP A 566 -18.77 -23.05 4.61
N ILE A 567 -19.62 -22.71 5.57
CA ILE A 567 -19.76 -21.32 5.96
C ILE A 567 -18.35 -20.78 6.07
N ALA A 568 -18.14 -19.55 5.59
CA ALA A 568 -16.84 -18.94 5.32
C ALA A 568 -16.28 -19.43 4.00
N ASP A 569 -17.07 -20.21 3.26
CA ASP A 569 -16.83 -20.46 1.85
C ASP A 569 -15.54 -21.19 1.52
N THR A 570 -15.37 -22.41 2.02
CA THR A 570 -14.25 -23.26 1.61
C THR A 570 -14.80 -24.58 1.14
N THR A 571 -14.25 -25.09 0.04
CA THR A 571 -14.68 -26.39 -0.50
C THR A 571 -14.41 -27.49 0.51
N ASP A 572 -15.44 -28.25 0.85
CA ASP A 572 -15.26 -29.31 1.82
C ASP A 572 -15.82 -30.65 1.38
N ALA A 573 -16.52 -30.72 0.26
CA ALA A 573 -16.94 -31.98 -0.30
C ALA A 573 -16.87 -31.88 -1.82
N VAL A 574 -16.68 -33.02 -2.47
CA VAL A 574 -16.74 -33.09 -3.93
C VAL A 574 -17.51 -34.33 -4.32
N ARG A 575 -17.83 -34.42 -5.60
CA ARG A 575 -18.44 -35.60 -6.18
C ARG A 575 -17.51 -36.11 -7.27
N ASP A 576 -17.21 -37.40 -7.25
CA ASP A 576 -16.30 -37.95 -8.24
C ASP A 576 -17.02 -38.06 -9.57
N PRO A 577 -16.53 -37.46 -10.63
CA PRO A 577 -17.27 -37.47 -11.90
C PRO A 577 -17.58 -38.85 -12.43
N GLN A 578 -16.63 -39.78 -12.32
CA GLN A 578 -16.80 -41.08 -12.95
C GLN A 578 -17.77 -41.97 -12.17
N THR A 579 -17.57 -42.13 -10.87
CA THR A 579 -18.42 -43.00 -10.08
C THR A 579 -19.57 -42.27 -9.40
N LEU A 580 -19.51 -40.94 -9.31
CA LEU A 580 -20.60 -40.10 -8.77
C LEU A 580 -20.87 -40.39 -7.29
N GLU A 581 -19.81 -40.35 -6.49
CA GLU A 581 -19.93 -40.50 -5.04
C GLU A 581 -19.32 -39.30 -4.35
N ILE A 582 -19.90 -38.95 -3.21
CA ILE A 582 -19.51 -37.76 -2.48
C ILE A 582 -18.36 -38.11 -1.56
N LEU A 583 -17.35 -37.25 -1.54
CA LEU A 583 -16.15 -37.44 -0.74
C LEU A 583 -15.84 -36.15 0.00
N ASP A 584 -15.60 -36.26 1.31
CA ASP A 584 -15.19 -35.10 2.09
C ASP A 584 -13.71 -34.81 1.92
N ILE A 585 -13.36 -33.54 2.03
CA ILE A 585 -11.99 -33.11 1.87
C ILE A 585 -11.44 -32.48 3.14
N THR A 586 -10.92 -33.32 4.03
CA THR A 586 -10.35 -32.84 5.28
C THR A 586 -8.99 -32.23 4.98
N PRO A 587 -8.58 -31.22 5.84
CA PRO A 587 -7.27 -30.65 5.52
C PRO A 587 -6.15 -31.31 6.32
N CYS A 588 -4.97 -31.37 5.72
CA CYS A 588 -3.79 -31.98 6.29
C CYS A 588 -3.64 -31.68 7.77
N SER A 589 -2.53 -32.12 8.34
CA SER A 589 -2.26 -31.91 9.76
C SER A 589 -1.09 -30.97 9.96
N PHE A 590 -1.36 -29.68 9.89
CA PHE A 590 -0.33 -28.67 10.10
C PHE A 590 -0.41 -28.33 11.57
N GLY A 591 0.67 -27.81 12.15
CA GLY A 591 0.60 -27.47 13.55
C GLY A 591 1.92 -26.98 14.10
N GLY A 592 1.89 -26.29 15.24
CA GLY A 592 3.13 -25.83 15.83
C GLY A 592 3.93 -26.93 16.49
N VAL A 593 5.21 -26.66 16.66
CA VAL A 593 6.11 -27.57 17.36
C VAL A 593 6.68 -26.83 18.55
N SER A 594 6.57 -27.43 19.72
CA SER A 594 7.09 -26.82 20.94
C SER A 594 8.14 -27.73 21.56
N VAL A 595 9.11 -27.13 22.22
CA VAL A 595 10.20 -27.85 22.85
C VAL A 595 10.15 -27.62 24.35
N ILE A 596 10.14 -28.71 25.10
CA ILE A 596 10.07 -28.71 26.56
C ILE A 596 11.44 -29.06 27.08
N THR A 597 12.04 -28.16 27.84
CA THR A 597 13.37 -28.32 28.38
C THR A 597 13.42 -28.02 29.87
N PRO A 598 14.11 -28.85 30.66
CA PRO A 598 14.30 -28.52 32.07
C PRO A 598 15.27 -27.37 32.32
N GLY A 599 15.90 -26.83 31.29
CA GLY A 599 16.88 -25.76 31.43
C GLY A 599 18.27 -26.32 31.21
N THR A 600 19.07 -25.61 30.43
CA THR A 600 20.38 -26.10 30.03
C THR A 600 21.34 -26.19 31.20
N ASN A 601 20.99 -25.57 32.32
CA ASN A 601 21.77 -25.61 33.56
C ASN A 601 21.37 -26.81 34.42
N THR A 602 20.57 -27.70 33.86
CA THR A 602 20.12 -28.88 34.58
C THR A 602 20.40 -30.13 33.74
N SER A 603 20.21 -29.99 32.44
CA SER A 603 20.29 -31.11 31.51
C SER A 603 20.15 -30.56 30.10
N ASN A 604 20.47 -31.40 29.13
CA ASN A 604 20.31 -31.06 27.72
C ASN A 604 19.31 -31.97 27.05
N GLN A 605 18.61 -32.81 27.80
CA GLN A 605 17.51 -33.58 27.25
C GLN A 605 16.33 -32.67 26.94
N VAL A 606 15.43 -33.16 26.10
CA VAL A 606 14.39 -32.34 25.53
C VAL A 606 13.21 -33.23 25.19
N ALA A 607 12.00 -32.68 25.29
CA ALA A 607 10.80 -33.34 24.80
C ALA A 607 10.12 -32.43 23.79
N VAL A 608 9.29 -33.00 22.93
CA VAL A 608 8.76 -32.26 21.79
C VAL A 608 7.26 -32.48 21.70
N LEU A 609 6.51 -31.40 21.59
CA LEU A 609 5.05 -31.43 21.43
C LEU A 609 4.70 -31.02 20.01
N TYR A 610 3.99 -31.90 19.30
CA TYR A 610 3.40 -31.58 18.01
C TYR A 610 1.95 -31.23 18.29
N GLN A 611 1.58 -29.97 18.09
CA GLN A 611 0.32 -29.48 18.63
C GLN A 611 -0.84 -29.94 17.77
N GLY A 612 -1.85 -30.47 18.42
CA GLY A 612 -3.07 -31.06 17.84
C GLY A 612 -2.81 -31.81 16.53
N VAL A 613 -1.77 -32.63 16.57
CA VAL A 613 -1.48 -33.55 15.49
C VAL A 613 -1.65 -34.97 16.02
N ASN A 614 -2.30 -35.81 15.23
CA ASN A 614 -2.44 -37.19 15.63
C ASN A 614 -1.08 -37.86 15.59
N CYS A 615 -0.77 -38.60 16.66
CA CYS A 615 0.60 -39.00 16.90
C CYS A 615 1.05 -40.14 16.00
N THR A 616 0.29 -40.46 14.96
CA THR A 616 0.62 -41.55 14.04
C THR A 616 1.19 -41.01 12.73
N GLU A 617 1.15 -39.68 12.59
CA GLU A 617 1.59 -39.05 11.35
C GLU A 617 2.66 -38.01 11.63
N VAL A 618 3.49 -38.26 12.64
CA VAL A 618 4.50 -37.30 13.06
C VAL A 618 5.69 -37.28 12.09
N PRO A 619 6.32 -38.43 11.76
CA PRO A 619 7.44 -38.27 10.84
C PRO A 619 7.06 -38.55 9.40
N SER A 638 10.95 -46.00 22.28
CA SER A 638 10.84 -44.61 22.72
C SER A 638 9.47 -44.33 23.33
N ASN A 639 9.22 -43.06 23.63
CA ASN A 639 8.01 -42.63 24.32
C ASN A 639 7.20 -41.75 23.40
N VAL A 640 6.12 -42.29 22.85
CA VAL A 640 5.12 -41.51 22.16
C VAL A 640 3.85 -41.56 22.99
N PHE A 641 3.31 -40.40 23.30
CA PHE A 641 2.20 -40.28 24.22
C PHE A 641 1.21 -39.30 23.61
N GLN A 642 -0.05 -39.68 23.58
CA GLN A 642 -1.07 -38.86 22.95
C GLN A 642 -1.80 -38.05 24.00
N THR A 643 -1.97 -36.76 23.71
CA THR A 643 -2.59 -35.82 24.61
C THR A 643 -3.73 -35.16 23.88
N ARG A 644 -4.66 -34.59 24.64
CA ARG A 644 -5.66 -33.71 24.08
C ARG A 644 -5.05 -32.46 23.45
N ALA A 645 -3.77 -32.21 23.70
CA ALA A 645 -3.08 -31.03 23.19
C ALA A 645 -2.10 -31.36 22.05
N GLY A 646 -1.99 -32.62 21.67
CA GLY A 646 -1.08 -33.03 20.62
C GLY A 646 -0.31 -34.28 20.98
N CYS A 647 0.71 -34.55 20.18
CA CYS A 647 1.55 -35.73 20.40
C CYS A 647 2.88 -35.34 21.04
N LEU A 648 3.17 -35.98 22.17
CA LEU A 648 4.34 -35.70 22.97
C LEU A 648 5.38 -36.81 22.76
N ILE A 649 6.61 -36.42 22.46
CA ILE A 649 7.69 -37.38 22.22
C ILE A 649 8.85 -37.05 23.13
N GLY A 650 9.35 -38.05 23.83
CA GLY A 650 10.52 -37.89 24.68
C GLY A 650 10.24 -37.75 26.15
N ALA A 651 9.00 -37.95 26.58
CA ALA A 651 8.63 -37.96 27.99
C ALA A 651 7.81 -39.20 28.24
N GLU A 652 7.99 -39.79 29.42
CA GLU A 652 7.21 -40.96 29.80
C GLU A 652 6.03 -40.55 30.66
N HIS A 653 4.93 -41.27 30.49
CA HIS A 653 3.69 -41.01 31.21
C HIS A 653 3.66 -41.83 32.50
N VAL A 654 3.51 -41.15 33.63
CA VAL A 654 3.42 -41.81 34.92
C VAL A 654 1.99 -41.71 35.44
N ASN A 655 1.72 -42.41 36.54
CA ASN A 655 0.39 -42.46 37.11
C ASN A 655 0.24 -41.62 38.37
N ASN A 656 1.35 -41.15 38.94
CA ASN A 656 1.33 -40.24 40.08
C ASN A 656 0.71 -38.91 39.67
N SER A 657 0.56 -38.00 40.62
CA SER A 657 0.10 -36.65 40.30
C SER A 657 0.80 -35.66 41.22
N TYR A 658 1.49 -34.70 40.63
CA TYR A 658 2.27 -33.73 41.37
C TYR A 658 1.68 -32.35 41.14
N GLU A 659 2.31 -31.35 41.73
CA GLU A 659 2.00 -29.97 41.42
C GLU A 659 2.58 -29.63 40.05
N CYS A 660 1.88 -28.75 39.33
CA CYS A 660 2.26 -28.50 37.96
C CYS A 660 3.61 -27.80 37.89
N ASP A 661 4.42 -28.21 36.92
CA ASP A 661 5.75 -27.67 36.76
C ASP A 661 5.90 -26.90 35.45
N ILE A 662 5.73 -27.60 34.34
CA ILE A 662 5.76 -27.03 33.01
C ILE A 662 4.40 -27.36 32.39
N PRO A 663 3.60 -26.38 32.05
CA PRO A 663 2.23 -26.67 31.61
C PRO A 663 2.16 -27.10 30.16
N ILE A 664 1.66 -28.29 29.90
CA ILE A 664 1.45 -28.76 28.55
C ILE A 664 0.07 -28.37 28.05
N GLY A 665 -0.96 -28.73 28.77
CA GLY A 665 -2.31 -28.32 28.43
C GLY A 665 -3.31 -29.40 28.72
N ALA A 666 -4.58 -29.00 28.77
CA ALA A 666 -5.70 -29.90 29.04
C ALA A 666 -5.48 -30.74 30.29
N GLY A 667 -4.89 -30.12 31.31
CA GLY A 667 -4.65 -30.80 32.57
C GLY A 667 -3.33 -31.52 32.68
N ILE A 668 -2.50 -31.52 31.65
CA ILE A 668 -1.25 -32.28 31.62
C ILE A 668 -0.09 -31.32 31.86
N CYS A 669 0.80 -31.71 32.77
CA CYS A 669 2.08 -31.02 32.95
C CYS A 669 3.26 -31.96 32.80
N ALA A 670 4.46 -31.40 32.74
CA ALA A 670 5.68 -32.16 32.57
C ALA A 670 6.69 -31.72 33.62
N SER A 671 7.62 -32.61 33.95
CA SER A 671 8.68 -32.27 34.87
C SER A 671 9.91 -33.12 34.57
N TYR A 672 11.05 -32.67 35.09
CA TYR A 672 12.30 -33.40 34.96
C TYR A 672 12.57 -34.15 36.25
N GLN A 673 11.95 -35.30 36.44
CA GLN A 673 12.04 -35.90 37.76
C GLN A 673 12.48 -37.34 37.77
N THR A 674 11.83 -38.16 36.95
CA THR A 674 11.88 -39.60 37.11
C THR A 674 12.40 -40.28 35.87
N GLN A 688 17.71 -37.67 34.25
CA GLN A 688 16.49 -38.47 34.15
C GLN A 688 15.89 -38.41 32.76
N SER A 689 14.80 -37.65 32.63
CA SER A 689 14.13 -37.51 31.34
C SER A 689 12.94 -36.55 31.47
N ILE A 690 11.93 -36.76 30.63
CA ILE A 690 10.73 -35.94 30.65
C ILE A 690 9.51 -36.83 30.78
N ILE A 691 8.58 -36.44 31.64
CA ILE A 691 7.37 -37.24 31.85
C ILE A 691 6.10 -36.43 31.70
N ALA A 692 4.98 -37.14 31.56
CA ALA A 692 3.67 -36.50 31.41
C ALA A 692 2.76 -36.96 32.54
N TYR A 693 1.63 -36.29 32.71
CA TYR A 693 0.68 -36.62 33.75
C TYR A 693 -0.39 -35.56 33.88
N THR A 694 -1.20 -35.66 34.92
CA THR A 694 -2.27 -34.70 35.16
C THR A 694 -1.96 -33.93 36.44
N MET A 695 -1.88 -32.60 36.32
CA MET A 695 -1.57 -31.79 37.46
C MET A 695 -2.42 -31.97 38.67
N SER A 696 -1.96 -31.45 39.75
CA SER A 696 -2.52 -31.63 41.05
C SER A 696 -3.10 -30.37 41.45
N LEU A 697 -4.36 -30.43 41.89
CA LEU A 697 -5.05 -29.22 42.32
C LEU A 697 -4.50 -28.76 43.65
N GLY A 698 -4.15 -29.72 44.51
CA GLY A 698 -3.61 -29.41 45.82
C GLY A 698 -3.77 -30.57 46.78
N ALA A 699 -3.26 -30.42 47.99
CA ALA A 699 -3.35 -31.46 49.00
C ALA A 699 -4.78 -31.99 49.15
N GLU A 700 -5.15 -32.36 50.36
CA GLU A 700 -6.49 -32.86 50.64
C GLU A 700 -6.64 -32.64 52.12
N ASN A 701 -7.52 -31.73 52.51
CA ASN A 701 -7.74 -31.45 53.93
C ASN A 701 -9.15 -31.88 54.29
N SER A 702 -9.31 -32.58 55.40
CA SER A 702 -10.66 -33.04 55.77
C SER A 702 -11.12 -32.47 57.11
N VAL A 703 -11.98 -31.46 57.04
CA VAL A 703 -12.50 -30.81 58.24
C VAL A 703 -13.44 -31.74 59.00
N ALA A 704 -13.16 -31.94 60.28
CA ALA A 704 -13.97 -32.81 61.13
C ALA A 704 -15.20 -32.04 61.60
N TYR A 705 -16.08 -31.70 60.67
CA TYR A 705 -17.29 -30.95 60.99
C TYR A 705 -18.34 -31.79 61.70
N SER A 706 -18.98 -31.19 62.70
CA SER A 706 -20.03 -31.83 63.47
C SER A 706 -21.00 -30.75 63.96
N ASN A 707 -22.16 -31.15 64.48
CA ASN A 707 -23.14 -30.19 64.94
C ASN A 707 -22.92 -29.64 66.34
N ASN A 708 -21.71 -29.77 66.87
CA ASN A 708 -21.41 -29.26 68.20
C ASN A 708 -19.92 -29.29 68.54
N SER A 709 -19.10 -29.16 67.50
CA SER A 709 -17.65 -29.15 67.61
C SER A 709 -17.07 -27.85 67.08
N ILE A 710 -16.03 -27.37 67.73
CA ILE A 710 -15.35 -26.14 67.36
C ILE A 710 -13.86 -26.33 67.55
N ALA A 711 -13.08 -25.65 66.73
CA ALA A 711 -11.63 -25.60 66.85
C ALA A 711 -11.23 -24.16 67.11
N ILE A 712 -10.34 -23.97 68.07
CA ILE A 712 -9.91 -22.63 68.48
C ILE A 712 -8.39 -22.63 68.52
N PRO A 713 -7.73 -21.58 68.03
CA PRO A 713 -6.27 -21.57 68.01
C PRO A 713 -5.69 -21.21 69.37
N THR A 714 -4.53 -21.79 69.66
CA THR A 714 -3.85 -21.51 70.91
C THR A 714 -2.57 -20.72 70.74
N ASN A 715 -2.14 -20.45 69.51
CA ASN A 715 -0.92 -19.70 69.30
C ASN A 715 -1.08 -18.90 68.02
N PHE A 716 -0.02 -18.22 67.60
CA PHE A 716 -0.05 -17.48 66.35
C PHE A 716 1.36 -17.40 65.78
N THR A 717 1.45 -17.03 64.52
CA THR A 717 2.70 -16.63 63.90
C THR A 717 2.54 -15.27 63.25
N ILE A 718 3.59 -14.47 63.35
CA ILE A 718 3.71 -13.22 62.63
C ILE A 718 4.39 -13.52 61.30
N SER A 719 3.71 -13.28 60.20
CA SER A 719 4.32 -13.53 58.91
C SER A 719 4.41 -12.23 58.12
N VAL A 720 5.39 -12.16 57.23
CA VAL A 720 5.56 -10.99 56.36
C VAL A 720 5.90 -11.47 54.96
N THR A 721 5.16 -10.96 53.98
CA THR A 721 5.32 -11.33 52.59
C THR A 721 5.54 -10.10 51.73
N THR A 722 5.95 -10.32 50.49
CA THR A 722 6.18 -9.21 49.56
C THR A 722 5.16 -9.19 48.44
N GLU A 723 4.98 -8.00 47.87
CA GLU A 723 4.17 -7.83 46.67
C GLU A 723 4.82 -6.79 45.79
N ILE A 724 5.06 -7.11 44.52
CA ILE A 724 5.81 -6.28 43.59
C ILE A 724 4.87 -5.73 42.54
N LEU A 725 4.95 -4.43 42.28
CA LEU A 725 4.06 -3.83 41.28
C LEU A 725 4.79 -2.83 40.40
N PRO A 726 4.64 -2.92 39.09
CA PRO A 726 5.14 -1.87 38.19
C PRO A 726 4.32 -0.59 38.26
N VAL A 727 5.00 0.55 38.28
CA VAL A 727 4.27 1.80 38.26
C VAL A 727 4.57 2.58 36.98
N SER A 728 5.78 2.51 36.44
CA SER A 728 6.12 3.30 35.27
C SER A 728 6.81 2.44 34.22
N MET A 729 6.97 3.03 33.04
CA MET A 729 7.82 2.50 31.98
C MET A 729 8.62 3.67 31.41
N THR A 730 9.47 3.39 30.43
CA THR A 730 10.39 4.39 29.94
C THR A 730 9.73 5.33 28.93
N LYS A 731 10.04 6.61 29.07
CA LYS A 731 9.55 7.62 28.15
C LYS A 731 10.46 7.72 26.95
N THR A 732 9.91 7.40 25.78
CA THR A 732 10.67 7.45 24.54
C THR A 732 10.03 8.48 23.63
N SER A 733 10.86 9.06 22.78
CA SER A 733 10.39 9.96 21.75
C SER A 733 10.99 9.51 20.44
N VAL A 734 10.23 9.71 19.36
CA VAL A 734 10.73 9.47 18.02
C VAL A 734 10.59 10.76 17.24
N ASP A 735 11.44 10.91 16.24
CA ASP A 735 11.33 12.00 15.27
C ASP A 735 10.99 11.35 13.94
N CYS A 736 9.70 11.31 13.61
CA CYS A 736 9.19 10.73 12.38
C CYS A 736 10.09 10.99 11.17
N THR A 737 10.41 12.25 10.91
CA THR A 737 11.14 12.59 9.70
C THR A 737 12.53 11.99 9.70
N MET A 738 13.20 11.99 10.84
CA MET A 738 14.56 11.47 10.89
C MET A 738 14.59 9.96 10.85
N TYR A 739 13.47 9.32 11.17
CA TYR A 739 13.41 7.86 11.11
C TYR A 739 13.05 7.41 9.70
N ILE A 740 12.09 8.06 9.07
CA ILE A 740 11.62 7.62 7.76
C ILE A 740 12.60 8.04 6.67
N CYS A 741 13.14 9.24 6.77
CA CYS A 741 13.97 9.78 5.68
C CYS A 741 15.44 9.86 6.05
N GLY A 742 15.75 10.23 7.28
CA GLY A 742 17.14 10.29 7.68
C GLY A 742 17.90 11.40 7.01
N ASP A 743 17.36 12.62 7.06
CA ASP A 743 18.04 13.81 6.57
C ASP A 743 18.41 13.70 5.09
N SER A 744 17.36 13.65 4.27
CA SER A 744 17.50 13.67 2.82
C SER A 744 16.29 14.37 2.24
N THR A 745 16.52 15.46 1.50
CA THR A 745 15.43 16.34 1.09
C THR A 745 14.50 15.69 0.09
N GLU A 746 14.98 14.69 -0.65
CA GLU A 746 14.10 14.01 -1.61
C GLU A 746 13.00 13.26 -0.90
N CYS A 747 13.35 12.42 0.08
CA CYS A 747 12.35 11.69 0.84
C CYS A 747 11.47 12.64 1.63
N SER A 748 12.04 13.71 2.14
CA SER A 748 11.29 14.61 3.01
C SER A 748 10.20 15.36 2.25
N ASN A 749 10.37 15.58 0.96
CA ASN A 749 9.34 16.26 0.20
C ASN A 749 8.22 15.33 -0.20
N LEU A 750 8.54 14.09 -0.53
CA LEU A 750 7.53 13.08 -0.76
C LEU A 750 6.67 12.84 0.47
N LEU A 751 7.25 12.93 1.66
CA LEU A 751 6.57 12.69 2.91
C LEU A 751 5.48 13.71 3.19
N LEU A 752 5.66 14.95 2.77
CA LEU A 752 4.65 15.99 2.91
C LEU A 752 3.32 15.60 2.28
N GLN A 753 3.32 14.69 1.32
CA GLN A 753 2.09 14.28 0.68
C GLN A 753 1.23 13.38 1.54
N TYR A 754 1.72 12.99 2.71
CA TYR A 754 0.96 12.08 3.56
C TYR A 754 0.20 12.81 4.64
N GLY A 755 0.28 14.10 4.68
CA GLY A 755 -0.59 14.88 5.56
C GLY A 755 0.05 15.11 6.91
N SER A 756 -0.61 14.66 7.96
CA SER A 756 -0.20 14.95 9.33
C SER A 756 -0.06 13.70 10.17
N PHE A 757 0.28 12.57 9.55
CA PHE A 757 0.44 11.34 10.32
C PHE A 757 1.52 11.48 11.39
N CYS A 758 2.55 12.24 11.08
CA CYS A 758 3.69 12.30 11.96
C CYS A 758 3.57 13.37 13.04
N THR A 759 2.53 14.18 13.00
CA THR A 759 2.20 15.00 14.15
C THR A 759 1.32 14.23 15.12
N GLN A 760 0.46 13.37 14.60
CA GLN A 760 -0.31 12.47 15.44
C GLN A 760 0.57 11.50 16.21
N LEU A 761 1.54 10.88 15.55
CA LEU A 761 2.38 9.94 16.26
C LEU A 761 3.12 10.60 17.42
N ASN A 762 3.65 11.79 17.22
CA ASN A 762 4.32 12.51 18.28
C ASN A 762 3.37 12.93 19.39
N ARG A 763 2.16 13.35 19.04
CA ARG A 763 1.18 13.66 20.08
C ARG A 763 0.90 12.45 20.94
N ALA A 764 0.77 11.28 20.33
CA ALA A 764 0.50 10.07 21.10
C ALA A 764 1.65 9.73 22.04
N LEU A 765 2.87 9.77 21.54
CA LEU A 765 4.00 9.45 22.40
C LEU A 765 4.22 10.47 23.51
N THR A 766 3.91 11.74 23.27
CA THR A 766 4.02 12.73 24.32
C THR A 766 2.96 12.53 25.38
N GLY A 767 1.73 12.21 24.96
CA GLY A 767 0.69 11.91 25.91
C GLY A 767 0.98 10.72 26.78
N ILE A 768 1.70 9.71 26.27
CA ILE A 768 2.05 8.61 27.15
C ILE A 768 3.34 8.84 27.92
N ALA A 769 4.18 9.80 27.52
CA ALA A 769 5.33 10.10 28.35
C ALA A 769 5.00 11.04 29.52
N VAL A 770 3.92 11.81 29.42
CA VAL A 770 3.53 12.64 30.56
C VAL A 770 2.84 11.81 31.65
N GLU A 771 2.04 10.84 31.25
CA GLU A 771 1.36 10.04 32.24
C GLU A 771 2.28 9.08 32.97
N GLN A 772 3.50 8.85 32.50
CA GLN A 772 4.43 8.04 33.30
C GLN A 772 4.89 8.77 34.54
N ASP A 773 5.05 10.07 34.48
CA ASP A 773 5.33 10.86 35.67
C ASP A 773 4.10 11.07 36.52
N LYS A 774 2.94 11.18 35.89
CA LYS A 774 1.73 11.19 36.70
C LYS A 774 1.52 9.88 37.46
N ASN A 775 1.94 8.75 36.89
CA ASN A 775 1.81 7.47 37.58
C ASN A 775 2.62 7.44 38.87
N THR A 776 3.86 7.92 38.84
CA THR A 776 4.72 7.90 40.01
C THR A 776 4.28 8.89 41.06
N GLN A 777 3.82 10.06 40.62
CA GLN A 777 3.41 11.08 41.58
C GLN A 777 2.27 10.61 42.46
N GLU A 778 1.37 9.78 41.94
CA GLU A 778 0.21 9.38 42.72
C GLU A 778 0.45 8.15 43.58
N VAL A 779 1.53 7.41 43.36
CA VAL A 779 1.88 6.35 44.28
C VAL A 779 2.73 6.87 45.42
N PHE A 780 3.63 7.81 45.15
CA PHE A 780 4.63 8.10 46.16
C PHE A 780 4.42 9.41 46.90
N ALA A 781 3.85 10.43 46.28
CA ALA A 781 3.64 11.70 46.96
C ALA A 781 2.32 11.62 47.73
N GLN A 782 2.30 10.78 48.75
CA GLN A 782 1.14 10.60 49.60
C GLN A 782 1.39 11.17 50.98
N VAL A 783 2.33 12.11 51.08
CA VAL A 783 2.65 12.80 52.32
C VAL A 783 2.78 14.28 51.99
N LYS A 784 2.50 15.10 52.98
CA LYS A 784 2.79 16.53 52.89
C LYS A 784 4.15 16.86 53.51
N GLN A 785 4.43 16.35 54.70
CA GLN A 785 5.71 16.55 55.36
C GLN A 785 6.66 15.42 55.03
N ILE A 786 7.94 15.70 55.14
CA ILE A 786 8.97 14.68 55.11
C ILE A 786 9.30 14.36 56.55
N TYR A 787 8.81 13.24 57.04
CA TYR A 787 9.02 12.87 58.43
C TYR A 787 10.35 12.17 58.59
N LYS A 788 11.00 12.45 59.70
CA LYS A 788 12.26 11.81 60.05
C LYS A 788 12.06 10.99 61.32
N THR A 789 12.82 9.94 61.45
CA THR A 789 12.71 9.07 62.60
C THR A 789 13.65 9.56 63.71
N PRO A 790 13.38 9.19 64.97
CA PRO A 790 14.19 9.72 66.06
C PRO A 790 15.56 9.09 66.08
N PRO A 791 16.55 9.79 66.64
CA PRO A 791 17.90 9.21 66.70
C PRO A 791 18.00 7.98 67.58
N ILE A 792 17.41 7.99 68.76
CA ILE A 792 17.41 6.81 69.64
C ILE A 792 16.15 6.00 69.37
N LYS A 793 16.34 4.79 68.87
CA LYS A 793 15.28 3.99 68.25
C LYS A 793 14.95 2.80 69.13
N ASP A 794 14.03 2.98 70.07
CA ASP A 794 13.56 1.87 70.88
C ASP A 794 12.07 1.70 70.63
N PHE A 795 11.74 0.70 69.80
CA PHE A 795 10.37 0.48 69.36
C PHE A 795 9.78 -0.78 69.99
N GLY A 796 10.13 -1.05 71.23
CA GLY A 796 9.56 -2.15 71.97
C GLY A 796 10.14 -3.52 71.67
N GLY A 797 11.33 -3.58 71.11
CA GLY A 797 11.91 -4.84 70.70
C GLY A 797 11.88 -5.08 69.21
N PHE A 798 11.08 -4.33 68.48
CA PHE A 798 11.02 -4.43 67.04
C PHE A 798 12.21 -3.70 66.42
N ASN A 799 12.73 -4.26 65.35
CA ASN A 799 13.99 -3.82 64.76
C ASN A 799 13.74 -3.56 63.28
N PHE A 800 13.82 -2.29 62.88
CA PHE A 800 13.53 -1.91 61.50
C PHE A 800 14.78 -1.51 60.74
N SER A 801 15.94 -2.03 61.12
CA SER A 801 17.19 -1.47 60.61
C SER A 801 17.47 -1.85 59.17
N GLN A 802 16.91 -2.95 58.66
CA GLN A 802 17.11 -3.35 57.28
C GLN A 802 16.17 -2.65 56.31
N ILE A 803 15.23 -1.85 56.79
CA ILE A 803 14.33 -1.10 55.91
C ILE A 803 14.36 0.38 56.17
N LEU A 804 15.12 0.81 57.03
CA LEU A 804 15.30 2.24 57.25
C LEU A 804 16.50 2.73 56.46
N PRO A 805 16.53 4.01 56.07
CA PRO A 805 17.60 4.49 55.20
C PRO A 805 18.97 4.34 55.84
N ASP A 806 19.97 4.16 54.97
CA ASP A 806 21.34 3.93 55.36
C ASP A 806 22.22 5.02 54.77
N PRO A 807 22.85 5.87 55.58
CA PRO A 807 23.59 7.01 55.02
C PRO A 807 24.84 6.62 54.25
N SER A 808 25.54 5.57 54.67
CA SER A 808 26.75 5.13 53.99
C SER A 808 26.48 4.38 52.68
N LYS A 809 25.22 4.29 52.25
CA LYS A 809 24.85 3.55 51.05
C LYS A 809 24.65 4.50 49.89
N PRO A 810 24.49 3.98 48.65
CA PRO A 810 24.22 4.86 47.51
C PRO A 810 22.80 5.38 47.47
N SER A 811 22.65 6.69 47.32
CA SER A 811 21.39 7.42 47.25
C SER A 811 20.65 7.40 48.57
N LYS A 812 21.28 7.04 49.68
CA LYS A 812 20.65 6.98 51.00
C LYS A 812 19.49 5.99 51.01
N ARG A 813 19.68 4.84 50.38
CA ARG A 813 18.68 3.81 50.34
C ARG A 813 18.78 2.91 51.56
N SER A 814 17.71 2.16 51.80
CA SER A 814 17.72 1.14 52.81
C SER A 814 18.51 -0.07 52.31
N PRO A 815 18.77 -1.00 53.23
CA PRO A 815 19.52 -2.22 52.91
C PRO A 815 18.77 -3.14 51.95
N ILE A 816 17.44 -3.11 52.00
CA ILE A 816 16.65 -3.96 51.12
C ILE A 816 16.32 -3.25 49.82
N GLU A 817 16.33 -1.92 49.82
CA GLU A 817 16.18 -1.19 48.56
C GLU A 817 17.39 -1.33 47.66
N ASP A 818 18.54 -1.70 48.21
CA ASP A 818 19.73 -1.98 47.40
C ASP A 818 19.67 -3.33 46.73
N LEU A 819 19.32 -4.38 47.45
CA LEU A 819 19.17 -5.68 46.82
C LEU A 819 18.21 -5.64 45.65
N LEU A 820 17.24 -4.72 45.69
CA LEU A 820 16.28 -4.62 44.60
C LEU A 820 16.86 -3.89 43.41
N PHE A 821 17.68 -2.86 43.62
CA PHE A 821 18.28 -2.16 42.50
C PHE A 821 19.46 -2.89 41.90
N ASN A 822 19.91 -3.97 42.53
CA ASN A 822 20.96 -4.80 41.97
C ASN A 822 20.41 -6.00 41.22
N LYS A 823 19.17 -6.38 41.46
CA LYS A 823 18.63 -7.58 40.83
C LYS A 823 18.00 -7.27 39.48
N VAL A 824 17.41 -6.09 39.33
CA VAL A 824 16.84 -5.69 38.06
C VAL A 824 17.42 -4.35 37.61
N LYS A 852 20.57 8.45 21.31
CA LYS A 852 21.49 7.48 20.74
C LYS A 852 20.79 6.58 19.72
N PHE A 853 20.99 6.90 18.45
CA PHE A 853 20.38 6.13 17.36
C PHE A 853 19.96 7.06 16.23
N ASN A 854 18.82 6.76 15.62
CA ASN A 854 18.30 7.58 14.54
C ASN A 854 16.88 8.04 14.85
N GLY A 855 16.75 9.28 15.31
CA GLY A 855 15.45 9.81 15.63
C GLY A 855 14.81 9.25 16.88
N LEU A 856 15.52 8.43 17.65
CA LEU A 856 14.98 7.80 18.85
C LEU A 856 15.70 8.35 20.07
N THR A 857 14.93 8.85 21.04
CA THR A 857 15.52 9.34 22.27
C THR A 857 14.73 8.84 23.47
N VAL A 858 15.38 8.88 24.63
CA VAL A 858 14.81 8.48 25.90
C VAL A 858 14.83 9.67 26.83
N LEU A 859 13.70 10.04 27.33
CA LEU A 859 13.57 11.17 28.25
C LEU A 859 13.69 10.71 29.69
N PRO A 860 14.32 11.50 30.54
CA PRO A 860 14.49 11.10 31.93
C PRO A 860 13.23 11.34 32.73
N PRO A 861 13.00 10.58 33.78
CA PRO A 861 11.84 10.82 34.64
C PRO A 861 12.02 12.05 35.50
N LEU A 862 10.89 12.65 35.88
CA LEU A 862 10.93 13.91 36.60
C LEU A 862 11.46 13.74 38.01
N LEU A 863 11.02 12.69 38.70
CA LEU A 863 11.55 12.34 40.00
C LEU A 863 12.74 11.42 39.84
N THR A 864 13.86 11.77 40.44
CA THR A 864 15.03 10.92 40.46
C THR A 864 14.79 9.73 41.38
N ASP A 865 15.74 8.81 41.45
CA ASP A 865 15.59 7.70 42.39
C ASP A 865 15.85 8.14 43.82
N GLU A 866 16.66 9.18 44.00
CA GLU A 866 16.90 9.73 45.31
C GLU A 866 15.64 10.34 45.90
N MET A 867 14.87 11.05 45.09
CA MET A 867 13.61 11.63 45.54
C MET A 867 12.59 10.57 45.92
N ILE A 868 12.51 9.48 45.17
CA ILE A 868 11.56 8.44 45.51
C ILE A 868 11.98 7.68 46.77
N ALA A 869 13.28 7.48 46.98
CA ALA A 869 13.70 6.88 48.24
C ALA A 869 13.43 7.80 49.41
N GLN A 870 13.58 9.11 49.23
CA GLN A 870 13.13 10.06 50.22
C GLN A 870 11.64 9.96 50.55
N TYR A 871 10.79 9.82 49.54
CA TYR A 871 9.36 9.66 49.78
C TYR A 871 9.05 8.40 50.57
N THR A 872 9.67 7.27 50.22
CA THR A 872 9.37 6.08 50.98
C THR A 872 9.92 6.12 52.40
N SER A 873 11.04 6.80 52.63
CA SER A 873 11.48 6.91 54.01
C SER A 873 10.60 7.85 54.83
N ALA A 874 10.02 8.88 54.22
CA ALA A 874 9.02 9.66 54.94
C ALA A 874 7.75 8.87 55.26
N LEU A 875 7.26 8.03 54.34
CA LEU A 875 6.12 7.20 54.67
C LEU A 875 6.45 6.23 55.80
N LEU A 876 7.63 5.63 55.74
CA LEU A 876 8.01 4.64 56.72
C LEU A 876 8.29 5.23 58.08
N ALA A 877 8.79 6.45 58.17
CA ALA A 877 8.96 7.07 59.46
C ALA A 877 7.66 7.60 60.03
N GLY A 878 6.71 7.96 59.18
CA GLY A 878 5.38 8.32 59.61
C GLY A 878 4.65 7.16 60.23
N THR A 879 4.76 5.98 59.64
CA THR A 879 4.01 4.85 60.18
C THR A 879 4.66 4.23 61.41
N ILE A 880 5.99 4.19 61.50
CA ILE A 880 6.65 3.62 62.67
C ILE A 880 6.37 4.45 63.91
N THR A 881 5.94 5.68 63.73
CA THR A 881 6.04 6.66 64.78
C THR A 881 4.69 7.27 65.15
N SER A 882 3.74 7.26 64.22
CA SER A 882 2.43 7.86 64.45
C SER A 882 1.28 6.93 64.15
N GLY A 883 1.55 5.69 63.75
CA GLY A 883 0.49 4.84 63.27
C GLY A 883 -0.19 5.41 62.04
N TRP A 884 -1.51 5.31 62.01
CA TRP A 884 -2.33 5.74 60.90
C TRP A 884 -2.83 7.18 61.04
N THR A 885 -2.32 7.93 62.00
CA THR A 885 -2.84 9.27 62.22
C THR A 885 -2.34 10.28 61.21
N PHE A 886 -1.18 10.05 60.60
CA PHE A 886 -0.63 11.04 59.71
C PHE A 886 -1.29 11.01 58.34
N GLY A 887 -1.98 9.93 58.02
CA GLY A 887 -2.73 9.87 56.79
C GLY A 887 -4.12 10.45 56.88
N ALA A 888 -4.47 10.99 58.04
CA ALA A 888 -5.76 11.63 58.24
C ALA A 888 -5.65 13.06 58.71
N GLY A 889 -4.44 13.56 58.96
CA GLY A 889 -4.27 14.89 59.53
C GLY A 889 -2.85 15.06 59.99
N PRO A 890 -2.69 15.74 61.11
CA PRO A 890 -1.36 15.96 61.72
C PRO A 890 -0.92 14.70 62.46
N ALA A 891 0.32 14.30 62.27
CA ALA A 891 0.87 13.11 62.89
C ALA A 891 0.89 13.23 64.39
N LEU A 892 0.32 12.25 65.08
CA LEU A 892 0.35 12.20 66.54
C LEU A 892 1.13 10.98 66.97
N GLN A 893 2.18 11.19 67.75
CA GLN A 893 3.02 10.08 68.17
C GLN A 893 2.32 9.21 69.20
N ILE A 894 2.72 7.95 69.22
CA ILE A 894 2.20 6.93 70.13
C ILE A 894 3.33 5.91 70.27
N PRO A 895 3.55 5.32 71.43
CA PRO A 895 4.59 4.29 71.54
C PRO A 895 4.25 3.08 70.67
N PHE A 896 5.29 2.41 70.15
CA PHE A 896 5.07 1.44 69.10
C PHE A 896 4.27 0.21 69.57
N PRO A 897 4.51 -0.19 70.82
CA PRO A 897 3.81 -1.35 71.39
C PRO A 897 2.32 -1.06 71.52
N MET A 898 1.96 0.16 71.88
CA MET A 898 0.56 0.52 72.01
C MET A 898 -0.13 0.60 70.67
N GLN A 899 0.60 1.01 69.64
CA GLN A 899 0.09 0.96 68.29
C GLN A 899 -0.16 -0.49 67.85
N MET A 900 0.79 -1.38 68.15
CA MET A 900 0.62 -2.80 67.88
C MET A 900 -0.60 -3.36 68.61
N ALA A 901 -0.88 -2.91 69.83
CA ALA A 901 -2.07 -3.34 70.54
C ALA A 901 -3.36 -2.84 69.89
N TYR A 902 -3.39 -1.61 69.42
CA TYR A 902 -4.54 -1.14 68.63
C TYR A 902 -4.77 -1.99 67.38
N ARG A 903 -3.71 -2.34 66.68
CA ARG A 903 -3.86 -3.18 65.50
C ARG A 903 -4.35 -4.57 65.85
N PHE A 904 -3.93 -5.12 67.00
CA PHE A 904 -4.49 -6.40 67.43
C PHE A 904 -5.97 -6.27 67.74
N ASN A 905 -6.38 -5.17 68.36
CA ASN A 905 -7.81 -4.91 68.53
C ASN A 905 -8.53 -4.89 67.21
N GLY A 906 -7.90 -4.37 66.16
CA GLY A 906 -8.57 -4.26 64.88
C GLY A 906 -8.84 -5.58 64.20
N ILE A 907 -8.13 -6.64 64.58
CA ILE A 907 -8.42 -7.97 64.06
C ILE A 907 -9.19 -8.82 65.05
N GLY A 908 -9.67 -8.24 66.14
CA GLY A 908 -10.47 -8.99 67.09
C GLY A 908 -9.74 -9.82 68.13
N VAL A 909 -8.51 -9.46 68.47
CA VAL A 909 -7.82 -10.04 69.60
C VAL A 909 -7.72 -8.97 70.68
N THR A 910 -7.68 -9.39 71.93
CA THR A 910 -7.59 -8.38 72.99
C THR A 910 -6.14 -7.94 73.20
N GLN A 911 -5.99 -6.85 73.95
CA GLN A 911 -4.70 -6.17 74.04
C GLN A 911 -3.74 -6.87 74.98
N ASN A 912 -4.24 -7.49 76.04
CA ASN A 912 -3.40 -8.28 76.90
C ASN A 912 -2.68 -9.40 76.16
N VAL A 913 -3.23 -9.89 75.05
CA VAL A 913 -2.56 -10.92 74.28
C VAL A 913 -1.31 -10.37 73.61
N LEU A 914 -1.29 -9.10 73.24
CA LEU A 914 -0.04 -8.49 72.78
C LEU A 914 0.90 -8.20 73.94
N TYR A 915 0.38 -7.62 75.02
CA TYR A 915 1.30 -7.16 76.04
C TYR A 915 1.94 -8.30 76.81
N GLU A 916 1.31 -9.45 76.84
CA GLU A 916 1.89 -10.60 77.53
C GLU A 916 2.77 -11.44 76.63
N ASN A 917 2.79 -11.16 75.34
CA ASN A 917 3.57 -11.90 74.36
C ASN A 917 4.45 -10.97 73.56
N GLN A 918 4.76 -9.80 74.13
CA GLN A 918 5.52 -8.80 73.42
C GLN A 918 6.86 -9.32 72.90
N LYS A 919 7.68 -9.95 73.75
CA LYS A 919 8.99 -10.36 73.28
C LYS A 919 8.91 -11.45 72.23
N LEU A 920 7.93 -12.35 72.34
CA LEU A 920 7.79 -13.39 71.34
C LEU A 920 7.32 -12.83 70.01
N ILE A 921 6.38 -11.87 70.03
CA ILE A 921 5.89 -11.27 68.82
C ILE A 921 6.97 -10.45 68.14
N ALA A 922 7.80 -9.77 68.94
CA ALA A 922 8.91 -9.02 68.39
C ALA A 922 10.00 -9.92 67.81
N ASN A 923 10.30 -11.03 68.46
CA ASN A 923 11.26 -11.97 67.90
C ASN A 923 10.77 -12.59 66.61
N GLN A 924 9.50 -12.99 66.55
CA GLN A 924 8.95 -13.50 65.31
C GLN A 924 9.01 -12.48 64.19
N PHE A 925 8.67 -11.22 64.48
CA PHE A 925 8.77 -10.19 63.45
C PHE A 925 10.20 -9.99 62.97
N ASN A 926 11.17 -9.93 63.89
CA ASN A 926 12.56 -9.72 63.48
C ASN A 926 13.08 -10.89 62.66
N SER A 927 12.77 -12.10 63.08
CA SER A 927 13.21 -13.28 62.35
C SER A 927 12.53 -13.42 61.00
N ALA A 928 11.34 -12.87 60.82
CA ALA A 928 10.67 -12.91 59.53
C ALA A 928 11.10 -11.80 58.59
N ILE A 929 11.52 -10.66 59.12
CA ILE A 929 12.16 -9.66 58.29
C ILE A 929 13.54 -10.12 57.85
N GLY A 930 14.20 -10.92 58.67
CA GLY A 930 15.49 -11.47 58.28
C GLY A 930 15.44 -12.46 57.13
N LYS A 931 14.27 -13.03 56.84
CA LYS A 931 14.17 -14.01 55.77
C LYS A 931 13.85 -13.39 54.42
N ILE A 932 13.13 -12.26 54.39
CA ILE A 932 12.98 -11.51 53.17
C ILE A 932 14.34 -11.22 52.58
N GLN A 933 15.28 -10.81 53.44
CA GLN A 933 16.60 -10.40 53.00
C GLN A 933 17.37 -11.56 52.39
N ASP A 934 17.23 -12.76 52.95
CA ASP A 934 17.85 -13.94 52.35
C ASP A 934 17.19 -14.31 51.04
N SER A 935 15.88 -14.47 51.03
CA SER A 935 15.19 -14.88 49.82
C SER A 935 15.41 -13.92 48.66
N LEU A 936 15.61 -12.64 48.93
CA LEU A 936 15.95 -11.74 47.82
C LEU A 936 17.43 -11.77 47.50
N SER A 937 18.29 -11.75 48.52
CA SER A 937 19.72 -11.77 48.30
C SER A 937 20.20 -13.03 47.59
N SER A 938 19.41 -14.10 47.60
CA SER A 938 19.84 -15.36 47.00
C SER A 938 19.38 -15.47 45.56
N ALA A 942 12.84 -13.23 41.26
CA ALA A 942 11.66 -12.89 42.06
C ALA A 942 11.04 -11.56 41.59
N LEU A 943 11.86 -10.69 41.02
CA LEU A 943 11.36 -9.46 40.43
C LEU A 943 11.06 -9.66 38.94
N GLY A 944 10.36 -10.73 38.61
CA GLY A 944 10.03 -10.98 37.23
C GLY A 944 9.02 -10.04 36.63
N LYS A 945 8.09 -9.53 37.44
CA LYS A 945 7.12 -8.59 36.91
C LYS A 945 7.74 -7.26 36.54
N LEU A 946 8.82 -6.87 37.21
CA LEU A 946 9.53 -5.67 36.82
C LEU A 946 10.46 -5.90 35.65
N GLN A 947 11.05 -7.09 35.58
CA GLN A 947 11.91 -7.45 34.47
C GLN A 947 11.16 -7.57 33.17
N ASN A 948 9.90 -8.02 33.21
CA ASN A 948 9.16 -8.23 31.98
C ASN A 948 8.81 -6.93 31.29
N VAL A 949 8.49 -5.86 32.04
CA VAL A 949 8.16 -4.62 31.36
C VAL A 949 9.40 -3.99 30.75
N VAL A 950 10.56 -4.16 31.37
CA VAL A 950 11.79 -3.71 30.73
C VAL A 950 12.06 -4.48 29.45
N ASN A 951 11.97 -5.81 29.52
CA ASN A 951 12.22 -6.64 28.37
C ASN A 951 11.28 -6.32 27.21
N GLN A 952 9.99 -6.15 27.47
CA GLN A 952 9.04 -5.88 26.39
C GLN A 952 9.38 -4.59 25.66
N ASN A 953 9.68 -3.53 26.41
CA ASN A 953 10.01 -2.27 25.78
C ASN A 953 11.28 -2.35 24.96
N ALA A 954 12.32 -3.01 25.46
CA ALA A 954 13.53 -3.19 24.67
C ALA A 954 13.32 -4.04 23.42
N GLN A 955 12.57 -5.12 23.54
CA GLN A 955 12.25 -5.95 22.39
C GLN A 955 11.46 -5.20 21.33
N ALA A 956 10.65 -4.23 21.74
CA ALA A 956 9.93 -3.44 20.73
C ALA A 956 10.83 -2.38 20.10
N LEU A 957 11.65 -1.73 20.89
CA LEU A 957 12.56 -0.73 20.32
C LEU A 957 13.56 -1.37 19.37
N ASN A 958 13.95 -2.61 19.61
CA ASN A 958 14.89 -3.25 18.68
C ASN A 958 14.20 -3.63 17.39
N THR A 959 12.99 -4.15 17.46
CA THR A 959 12.23 -4.42 16.26
C THR A 959 11.97 -3.17 15.43
N LEU A 960 11.84 -2.01 16.07
CA LEU A 960 11.67 -0.80 15.30
C LEU A 960 12.90 -0.45 14.48
N VAL A 961 14.08 -0.59 15.06
CA VAL A 961 15.31 -0.26 14.34
C VAL A 961 15.64 -1.32 13.30
N LYS A 962 15.39 -2.58 13.59
CA LYS A 962 15.67 -3.64 12.64
C LYS A 962 14.80 -3.58 11.41
N GLN A 963 13.81 -2.71 11.37
CA GLN A 963 12.98 -2.54 10.18
C GLN A 963 13.55 -1.52 9.22
N LEU A 964 14.58 -0.79 9.63
CA LEU A 964 15.24 0.18 8.76
C LEU A 964 16.15 -0.50 7.75
N SER A 965 16.09 -1.82 7.70
CA SER A 965 16.90 -2.57 6.77
C SER A 965 16.08 -3.61 6.03
N SER A 966 14.86 -3.27 5.68
CA SER A 966 14.02 -4.08 4.82
C SER A 966 13.66 -3.26 3.60
N ASN A 967 13.47 -3.96 2.48
CA ASN A 967 13.19 -3.30 1.21
C ASN A 967 11.74 -2.92 1.06
N PHE A 968 10.83 -3.77 1.55
CA PHE A 968 9.41 -3.67 1.29
C PHE A 968 9.09 -3.67 -0.19
N GLY A 969 9.94 -4.30 -1.00
CA GLY A 969 9.74 -4.31 -2.44
C GLY A 969 10.39 -3.15 -3.13
N ALA A 970 11.68 -2.95 -2.89
CA ALA A 970 12.44 -1.90 -3.53
C ALA A 970 13.80 -2.51 -3.90
N ILE A 971 14.63 -1.72 -4.56
CA ILE A 971 15.91 -2.24 -5.00
C ILE A 971 16.93 -2.32 -3.88
N SER A 972 16.85 -1.43 -2.89
CA SER A 972 17.71 -1.55 -1.72
C SER A 972 16.98 -0.97 -0.52
N SER A 973 17.70 -0.86 0.59
CA SER A 973 17.19 -0.27 1.82
C SER A 973 17.81 1.08 2.11
N VAL A 974 18.67 1.57 1.21
CA VAL A 974 19.44 2.79 1.44
C VAL A 974 18.94 3.84 0.46
N LEU A 975 18.71 5.05 0.96
CA LEU A 975 18.30 6.11 0.06
C LEU A 975 19.46 6.65 -0.76
N ASN A 976 20.69 6.51 -0.27
CA ASN A 976 21.85 6.87 -1.06
C ASN A 976 22.18 5.85 -2.14
N ASP A 977 21.44 4.75 -2.20
CA ASP A 977 21.58 3.80 -3.30
C ASP A 977 20.46 3.91 -4.31
N ILE A 978 19.29 4.40 -3.93
CA ILE A 978 18.28 4.70 -4.93
C ILE A 978 18.51 6.08 -5.52
N LEU A 979 19.16 6.98 -4.79
CA LEU A 979 19.54 8.27 -5.34
C LEU A 979 20.88 8.25 -6.06
N SER A 980 21.42 7.06 -6.36
CA SER A 980 22.69 6.97 -7.07
C SER A 980 22.62 6.09 -8.31
N ARG A 981 21.65 5.18 -8.41
CA ARG A 981 21.51 4.40 -9.63
C ARG A 981 20.08 4.46 -10.15
N LEU A 982 19.48 5.65 -10.08
CA LEU A 982 18.16 5.87 -10.65
C LEU A 982 18.00 7.37 -10.87
N ASP A 983 17.37 7.71 -11.98
CA ASP A 983 17.04 9.10 -12.24
C ASP A 983 15.81 9.51 -11.44
N PRO A 984 15.65 10.80 -11.17
CA PRO A 984 14.60 11.25 -10.25
C PRO A 984 13.22 10.71 -10.59
N PRO A 985 12.85 10.58 -11.88
CA PRO A 985 11.52 10.03 -12.16
C PRO A 985 11.37 8.57 -11.75
N GLU A 986 12.47 7.81 -11.70
CA GLU A 986 12.40 6.41 -11.32
C GLU A 986 12.66 6.18 -9.84
N ALA A 987 13.30 7.13 -9.16
CA ALA A 987 13.59 6.98 -7.75
C ALA A 987 12.39 7.36 -6.89
N GLU A 988 11.45 8.15 -7.41
CA GLU A 988 10.23 8.42 -6.66
C GLU A 988 9.46 7.14 -6.37
N VAL A 989 9.34 6.26 -7.36
CA VAL A 989 8.55 5.06 -7.21
C VAL A 989 9.20 4.12 -6.20
N GLN A 990 10.52 4.16 -6.11
CA GLN A 990 11.22 3.28 -5.19
C GLN A 990 11.31 3.88 -3.79
N ILE A 991 11.30 5.20 -3.68
CA ILE A 991 11.31 5.84 -2.38
C ILE A 991 9.94 5.72 -1.72
N ASP A 992 8.87 5.80 -2.50
CA ASP A 992 7.55 5.64 -1.93
C ASP A 992 7.33 4.26 -1.33
N ARG A 993 7.91 3.22 -1.92
CA ARG A 993 7.77 1.88 -1.36
C ARG A 993 8.42 1.77 0.00
N LEU A 994 9.52 2.49 0.22
CA LEU A 994 10.15 2.53 1.54
C LEU A 994 9.36 3.39 2.51
N ILE A 995 8.86 4.53 2.05
CA ILE A 995 8.08 5.41 2.91
C ILE A 995 6.87 4.68 3.47
N THR A 996 6.14 3.98 2.61
CA THR A 996 4.95 3.28 3.07
C THR A 996 5.27 2.23 4.13
N GLY A 997 6.30 1.44 3.92
CA GLY A 997 6.69 0.43 4.87
C GLY A 997 7.14 1.01 6.20
N ARG A 998 8.00 2.01 6.16
CA ARG A 998 8.48 2.63 7.40
C ARG A 998 7.37 3.33 8.17
N LEU A 999 6.42 3.95 7.48
CA LEU A 999 5.28 4.53 8.16
C LEU A 999 4.45 3.46 8.85
N GLN A 1000 4.18 2.36 8.14
CA GLN A 1000 3.47 1.26 8.76
C GLN A 1000 4.16 0.76 10.01
N SER A 1001 5.47 0.61 9.96
CA SER A 1001 6.18 0.07 11.12
C SER A 1001 6.19 1.02 12.30
N LEU A 1002 6.38 2.32 12.05
CA LEU A 1002 6.31 3.30 13.11
C LEU A 1002 4.92 3.36 13.73
N GLN A 1003 3.87 3.25 12.93
CA GLN A 1003 2.54 3.34 13.50
C GLN A 1003 2.16 2.08 14.27
N THR A 1004 2.66 0.92 13.86
CA THR A 1004 2.49 -0.28 14.67
C THR A 1004 3.17 -0.15 16.03
N TYR A 1005 4.41 0.36 16.03
CA TYR A 1005 5.08 0.66 17.29
C TYR A 1005 4.23 1.58 18.17
N VAL A 1006 3.62 2.60 17.60
CA VAL A 1006 2.90 3.56 18.45
C VAL A 1006 1.58 2.99 18.95
N THR A 1007 0.94 2.09 18.22
CA THR A 1007 -0.27 1.47 18.74
C THR A 1007 0.04 0.52 19.91
N GLN A 1008 1.06 -0.32 19.76
CA GLN A 1008 1.34 -1.27 20.82
C GLN A 1008 1.83 -0.61 22.11
N GLN A 1009 2.43 0.57 22.02
CA GLN A 1009 2.76 1.34 23.21
C GLN A 1009 1.56 1.92 23.91
N LEU A 1010 0.55 2.37 23.19
CA LEU A 1010 -0.69 2.78 23.83
C LEU A 1010 -1.34 1.63 24.57
N ILE A 1011 -1.32 0.45 23.97
CA ILE A 1011 -1.95 -0.68 24.63
C ILE A 1011 -1.15 -1.17 25.83
N ARG A 1012 0.17 -1.03 25.81
CA ARG A 1012 0.98 -1.40 26.94
C ARG A 1012 0.96 -0.37 28.07
N ALA A 1013 0.85 0.91 27.72
CA ALA A 1013 0.71 1.95 28.72
C ALA A 1013 -0.63 1.90 29.43
N ALA A 1014 -1.72 1.55 28.75
CA ALA A 1014 -2.99 1.39 29.43
C ALA A 1014 -2.97 0.28 30.47
N GLU A 1015 -2.05 -0.67 30.35
CA GLU A 1015 -1.93 -1.74 31.32
C GLU A 1015 -1.03 -1.34 32.48
N ILE A 1016 0.06 -0.63 32.20
CA ILE A 1016 0.88 -0.09 33.28
C ILE A 1016 0.09 0.90 34.13
N ARG A 1017 -0.87 1.59 33.52
CA ARG A 1017 -1.65 2.59 34.24
C ARG A 1017 -2.54 1.95 35.29
N ALA A 1018 -3.14 0.81 34.98
CA ALA A 1018 -3.98 0.11 35.93
C ALA A 1018 -3.19 -0.49 37.08
N SER A 1019 -2.00 -0.97 36.83
CA SER A 1019 -1.11 -1.43 37.87
C SER A 1019 -0.70 -0.32 38.82
N ALA A 1020 -0.33 0.85 38.30
CA ALA A 1020 -0.04 1.98 39.14
C ALA A 1020 -1.25 2.49 39.90
N ASN A 1021 -2.44 2.37 39.33
CA ASN A 1021 -3.65 2.73 40.06
C ASN A 1021 -3.95 1.78 41.20
N LEU A 1022 -3.63 0.50 41.04
CA LEU A 1022 -3.72 -0.44 42.16
C LEU A 1022 -2.66 -0.20 43.21
N ALA A 1023 -1.43 0.12 42.81
CA ALA A 1023 -0.40 0.46 43.76
C ALA A 1023 -0.72 1.70 44.57
N ALA A 1024 -1.36 2.69 43.97
CA ALA A 1024 -1.77 3.86 44.71
C ALA A 1024 -2.85 3.59 45.72
N THR A 1025 -3.74 2.64 45.45
CA THR A 1025 -4.77 2.23 46.39
C THR A 1025 -4.20 1.39 47.52
N LYS A 1026 -3.27 0.50 47.23
CA LYS A 1026 -2.60 -0.24 48.29
C LYS A 1026 -1.74 0.65 49.18
N MET A 1027 -1.10 1.68 48.65
CA MET A 1027 -0.40 2.59 49.53
C MET A 1027 -1.33 3.32 50.48
N SER A 1028 -2.54 3.66 50.04
CA SER A 1028 -3.51 4.32 50.90
C SER A 1028 -4.10 3.37 51.92
N GLU A 1029 -4.43 2.16 51.52
CA GLU A 1029 -5.24 1.28 52.32
C GLU A 1029 -4.44 0.27 53.14
N CYS A 1030 -3.20 -0.01 52.78
CA CYS A 1030 -2.38 -0.92 53.55
C CYS A 1030 -1.25 -0.24 54.30
N VAL A 1031 -0.75 0.89 53.82
CA VAL A 1031 0.34 1.59 54.46
C VAL A 1031 -0.14 2.70 55.37
N LEU A 1032 -1.14 3.47 54.96
CA LEU A 1032 -1.69 4.51 55.82
C LEU A 1032 -2.95 4.05 56.56
N GLY A 1033 -3.26 2.77 56.54
CA GLY A 1033 -4.37 2.27 57.31
C GLY A 1033 -4.20 0.83 57.69
N GLN A 1034 -5.23 0.25 58.29
CA GLN A 1034 -5.36 -1.19 58.48
C GLN A 1034 -6.56 -1.65 57.67
N SER A 1035 -6.36 -2.57 56.75
CA SER A 1035 -7.45 -3.02 55.91
C SER A 1035 -8.16 -4.22 56.50
N LYS A 1036 -9.47 -4.28 56.28
CA LYS A 1036 -10.30 -5.42 56.62
C LYS A 1036 -10.63 -6.28 55.40
N ARG A 1037 -10.44 -5.77 54.20
CA ARG A 1037 -10.65 -6.55 52.99
C ARG A 1037 -9.79 -7.81 53.03
N VAL A 1038 -10.35 -8.94 52.65
CA VAL A 1038 -9.66 -10.22 52.73
C VAL A 1038 -8.71 -10.34 51.56
N ASP A 1039 -7.46 -10.69 51.85
CA ASP A 1039 -6.42 -10.94 50.86
C ASP A 1039 -6.13 -9.73 49.98
N PHE A 1040 -6.18 -8.54 50.56
CA PHE A 1040 -5.83 -7.34 49.83
C PHE A 1040 -4.46 -6.81 50.23
N CYS A 1041 -4.05 -7.07 51.46
CA CYS A 1041 -2.78 -6.64 52.00
C CYS A 1041 -2.08 -7.83 52.61
N GLY A 1042 -1.98 -8.91 51.85
CA GLY A 1042 -1.33 -10.12 52.29
C GLY A 1042 -2.34 -11.23 52.52
N LYS A 1043 -1.84 -12.33 53.07
CA LYS A 1043 -2.67 -13.49 53.38
C LYS A 1043 -2.56 -13.79 54.86
N GLY A 1044 -3.67 -13.71 55.56
CA GLY A 1044 -3.76 -13.68 56.99
C GLY A 1044 -4.64 -12.52 57.38
N TYR A 1045 -4.48 -12.05 58.60
CA TYR A 1045 -5.17 -10.85 59.07
C TYR A 1045 -4.21 -9.68 59.05
N HIS A 1046 -4.53 -8.67 58.26
CA HIS A 1046 -3.59 -7.57 58.04
C HIS A 1046 -3.29 -6.85 59.35
N LEU A 1047 -2.02 -6.74 59.69
CA LEU A 1047 -1.58 -5.85 60.75
C LEU A 1047 -1.04 -4.55 60.18
N MET A 1048 -0.01 -4.59 59.34
CA MET A 1048 0.58 -3.35 58.84
C MET A 1048 1.39 -3.64 57.59
N SER A 1049 1.76 -2.58 56.88
CA SER A 1049 2.47 -2.71 55.62
C SER A 1049 3.58 -1.66 55.55
N PHE A 1050 4.66 -1.99 54.87
CA PHE A 1050 5.81 -1.10 54.67
C PHE A 1050 6.17 -0.99 53.20
N PRO A 1051 6.34 0.20 52.65
CA PRO A 1051 6.76 0.35 51.27
C PRO A 1051 8.26 0.42 51.07
N GLN A 1052 8.71 -0.09 49.93
CA GLN A 1052 10.08 0.00 49.47
C GLN A 1052 10.09 0.32 47.99
N SER A 1053 10.98 1.19 47.56
CA SER A 1053 11.04 1.55 46.15
C SER A 1053 11.84 0.52 45.37
N ALA A 1054 11.48 0.32 44.12
CA ALA A 1054 12.13 -0.59 43.20
C ALA A 1054 12.40 0.18 41.91
N PRO A 1055 13.19 -0.38 40.99
CA PRO A 1055 13.50 0.35 39.75
C PRO A 1055 12.36 1.04 39.02
N HIS A 1056 11.30 0.35 38.65
CA HIS A 1056 10.16 1.04 38.04
C HIS A 1056 8.87 0.68 38.77
N GLY A 1057 8.96 0.47 40.06
CA GLY A 1057 7.80 0.04 40.80
C GLY A 1057 8.02 0.11 42.27
N VAL A 1058 7.18 -0.63 42.99
CA VAL A 1058 7.16 -0.58 44.43
C VAL A 1058 6.95 -1.98 44.96
N VAL A 1059 7.61 -2.27 46.09
CA VAL A 1059 7.46 -3.50 46.83
C VAL A 1059 6.74 -3.16 48.14
N PHE A 1060 5.70 -3.90 48.45
CA PHE A 1060 5.06 -3.82 49.75
C PHE A 1060 5.47 -5.01 50.57
N LEU A 1061 5.84 -4.77 51.83
CA LEU A 1061 6.09 -5.81 52.82
C LEU A 1061 4.89 -5.82 53.75
N HIS A 1062 4.10 -6.88 53.66
CA HIS A 1062 2.86 -7.02 54.42
C HIS A 1062 3.12 -7.85 55.67
N VAL A 1063 2.75 -7.32 56.83
CA VAL A 1063 2.84 -8.01 58.11
C VAL A 1063 1.44 -8.41 58.52
N THR A 1064 1.21 -9.71 58.66
CA THR A 1064 -0.07 -10.26 59.02
C THR A 1064 0.06 -11.22 60.19
N TYR A 1065 -1.08 -11.44 60.83
CA TYR A 1065 -1.27 -12.37 61.94
C TYR A 1065 -1.86 -13.66 61.38
N VAL A 1066 -1.32 -14.79 61.78
CA VAL A 1066 -1.83 -16.08 61.34
C VAL A 1066 -2.06 -16.95 62.57
N PRO A 1067 -3.26 -17.46 62.81
CA PRO A 1067 -3.48 -18.32 63.97
C PRO A 1067 -2.90 -19.72 63.78
N ALA A 1068 -2.54 -20.34 64.90
CA ALA A 1068 -1.83 -21.60 64.85
C ALA A 1068 -2.21 -22.48 66.02
N GLN A 1069 -1.93 -23.77 65.86
CA GLN A 1069 -2.03 -24.79 66.90
C GLN A 1069 -3.41 -24.92 67.52
N GLU A 1070 -4.39 -25.33 66.74
CA GLU A 1070 -5.77 -25.36 67.17
C GLU A 1070 -6.09 -26.62 67.96
N LYS A 1071 -7.08 -26.50 68.86
CA LYS A 1071 -7.65 -27.63 69.57
C LYS A 1071 -9.13 -27.66 69.29
N ASN A 1072 -9.75 -28.84 69.36
CA ASN A 1072 -11.20 -28.88 69.41
C ASN A 1072 -11.73 -28.93 70.83
N PHE A 1073 -12.90 -28.32 71.00
CA PHE A 1073 -13.73 -28.34 72.18
C PHE A 1073 -15.14 -28.65 71.70
N THR A 1074 -16.10 -28.70 72.62
CA THR A 1074 -17.50 -28.80 72.23
C THR A 1074 -18.19 -27.50 72.57
N THR A 1075 -19.17 -27.11 71.78
CA THR A 1075 -19.83 -25.83 71.90
C THR A 1075 -21.33 -25.97 72.11
N ALA A 1076 -21.93 -24.87 72.54
CA ALA A 1076 -23.36 -24.69 72.61
C ALA A 1076 -23.66 -23.26 72.21
N PRO A 1077 -24.83 -22.99 71.70
CA PRO A 1077 -25.18 -21.62 71.34
C PRO A 1077 -25.55 -20.73 72.51
N ALA A 1078 -26.08 -21.31 73.58
CA ALA A 1078 -26.59 -20.56 74.71
C ALA A 1078 -26.50 -21.45 75.93
N ILE A 1079 -26.69 -20.85 77.10
CA ILE A 1079 -26.68 -21.57 78.36
C ILE A 1079 -28.03 -21.33 79.03
N CYS A 1080 -28.65 -22.39 79.53
CA CYS A 1080 -29.91 -22.24 80.26
C CYS A 1080 -29.63 -22.21 81.75
N HIS A 1081 -30.23 -21.25 82.43
CA HIS A 1081 -30.03 -21.08 83.86
C HIS A 1081 -31.20 -20.30 84.42
N ASP A 1082 -31.83 -20.83 85.46
CA ASP A 1082 -33.00 -20.20 86.09
C ASP A 1082 -34.13 -19.98 85.09
N GLY A 1083 -34.21 -20.85 84.08
CA GLY A 1083 -35.25 -20.71 83.09
C GLY A 1083 -34.98 -19.65 82.05
N LYS A 1084 -33.78 -19.06 82.04
CA LYS A 1084 -33.43 -18.06 81.06
C LYS A 1084 -32.33 -18.58 80.14
N ALA A 1085 -32.21 -17.94 78.98
CA ALA A 1085 -31.21 -18.29 77.98
C ALA A 1085 -30.16 -17.19 77.90
N HIS A 1086 -28.89 -17.57 78.01
CA HIS A 1086 -27.78 -16.63 78.06
C HIS A 1086 -26.91 -16.82 76.83
N PHE A 1087 -26.50 -15.72 76.24
CA PHE A 1087 -25.64 -15.68 75.09
C PHE A 1087 -24.38 -14.91 75.41
N PRO A 1088 -23.24 -15.26 74.84
CA PRO A 1088 -22.01 -14.54 75.15
C PRO A 1088 -21.98 -13.15 74.52
N ARG A 1089 -21.43 -12.21 75.27
CA ARG A 1089 -21.37 -10.84 74.78
C ARG A 1089 -20.40 -10.70 73.60
N GLU A 1090 -19.20 -11.27 73.70
CA GLU A 1090 -18.28 -11.21 72.59
C GLU A 1090 -17.45 -12.49 72.42
N GLY A 1091 -17.99 -13.63 72.76
CA GLY A 1091 -17.16 -14.81 72.62
C GLY A 1091 -17.86 -16.06 72.13
N VAL A 1092 -17.36 -17.19 72.58
CA VAL A 1092 -17.97 -18.50 72.35
C VAL A 1092 -17.95 -19.27 73.65
N PHE A 1093 -19.02 -20.00 73.91
CA PHE A 1093 -19.08 -20.96 74.99
C PHE A 1093 -18.37 -22.23 74.57
N VAL A 1094 -17.43 -22.70 75.39
CA VAL A 1094 -16.71 -23.93 75.08
C VAL A 1094 -16.66 -24.82 76.32
N SER A 1095 -16.34 -26.08 76.09
CA SER A 1095 -16.31 -27.10 77.14
C SER A 1095 -15.03 -27.90 77.00
N ASN A 1096 -14.26 -28.02 78.09
CA ASN A 1096 -13.06 -28.84 78.02
C ASN A 1096 -13.32 -30.31 78.27
N GLY A 1097 -14.58 -30.71 78.37
CA GLY A 1097 -14.96 -32.08 78.63
C GLY A 1097 -15.93 -32.14 79.78
N THR A 1098 -15.69 -31.32 80.80
CA THR A 1098 -16.53 -31.29 81.98
C THR A 1098 -16.93 -29.90 82.44
N HIS A 1099 -16.27 -28.83 82.01
CA HIS A 1099 -16.57 -27.49 82.48
C HIS A 1099 -16.82 -26.55 81.31
N TRP A 1100 -17.53 -25.48 81.56
CA TRP A 1100 -17.97 -24.55 80.54
C TRP A 1100 -17.38 -23.17 80.76
N PHE A 1101 -16.75 -22.63 79.72
CA PHE A 1101 -16.08 -21.34 79.78
C PHE A 1101 -16.52 -20.48 78.61
N VAL A 1102 -16.06 -19.23 78.59
CA VAL A 1102 -16.17 -18.34 77.45
C VAL A 1102 -14.77 -18.00 76.97
N THR A 1103 -14.54 -18.11 75.66
CA THR A 1103 -13.33 -17.54 75.08
C THR A 1103 -13.68 -16.45 74.09
N GLN A 1104 -12.65 -15.71 73.70
CA GLN A 1104 -12.70 -14.96 72.47
C GLN A 1104 -12.38 -15.88 71.30
N ARG A 1105 -12.89 -15.53 70.13
CA ARG A 1105 -13.02 -16.52 69.08
C ARG A 1105 -11.72 -16.85 68.37
N ASN A 1106 -10.71 -16.00 68.41
CA ASN A 1106 -9.47 -16.23 67.67
C ASN A 1106 -8.31 -16.65 68.54
N PHE A 1107 -8.43 -16.63 69.86
CA PHE A 1107 -7.32 -16.98 70.72
C PHE A 1107 -7.88 -17.61 71.97
N TYR A 1108 -7.35 -18.75 72.36
CA TYR A 1108 -7.94 -19.52 73.45
C TYR A 1108 -7.54 -18.93 74.79
N GLU A 1109 -8.54 -18.49 75.55
CA GLU A 1109 -8.33 -17.84 76.84
C GLU A 1109 -9.61 -17.97 77.63
N PRO A 1110 -9.81 -19.08 78.33
CA PRO A 1110 -11.12 -19.37 78.91
C PRO A 1110 -11.41 -18.60 80.19
N GLN A 1111 -12.68 -18.26 80.39
CA GLN A 1111 -13.13 -17.46 81.52
C GLN A 1111 -14.35 -18.12 82.12
N ILE A 1112 -14.62 -17.85 83.37
CA ILE A 1112 -15.83 -18.33 84.01
C ILE A 1112 -17.02 -17.56 83.47
N ILE A 1113 -18.10 -18.27 83.16
CA ILE A 1113 -19.31 -17.65 82.67
C ILE A 1113 -20.00 -16.92 83.81
N THR A 1114 -20.13 -15.61 83.68
CA THR A 1114 -20.78 -14.78 84.67
C THR A 1114 -21.82 -13.91 83.99
N THR A 1115 -22.52 -13.10 84.77
CA THR A 1115 -23.49 -12.16 84.22
C THR A 1115 -22.85 -10.87 83.73
N ASP A 1116 -21.52 -10.84 83.64
CA ASP A 1116 -20.79 -9.70 83.12
C ASP A 1116 -20.31 -9.95 81.69
N ASN A 1117 -20.21 -11.21 81.28
CA ASN A 1117 -19.78 -11.53 79.93
C ASN A 1117 -20.87 -12.24 79.14
N THR A 1118 -22.09 -12.30 79.67
CA THR A 1118 -23.23 -12.85 78.95
C THR A 1118 -24.40 -11.88 79.05
N PHE A 1119 -25.39 -12.08 78.19
CA PHE A 1119 -26.65 -11.34 78.30
C PHE A 1119 -27.81 -12.32 78.13
N VAL A 1120 -28.99 -11.88 78.54
CA VAL A 1120 -30.16 -12.74 78.63
C VAL A 1120 -31.18 -12.29 77.60
N SER A 1121 -31.85 -13.24 76.98
CA SER A 1121 -33.05 -12.95 76.20
C SER A 1121 -33.89 -14.20 76.06
N GLY A 1122 -35.06 -14.22 76.68
CA GLY A 1122 -36.00 -15.29 76.48
C GLY A 1122 -35.85 -16.42 77.47
N ASN A 1123 -36.65 -17.44 77.25
CA ASN A 1123 -36.63 -18.65 78.05
C ASN A 1123 -35.99 -19.77 77.25
N CYS A 1124 -35.55 -20.81 77.94
CA CYS A 1124 -34.67 -21.76 77.29
C CYS A 1124 -35.41 -22.95 76.71
N ASP A 1125 -36.41 -22.70 75.86
CA ASP A 1125 -37.05 -23.76 75.10
C ASP A 1125 -37.29 -23.43 73.64
N VAL A 1126 -36.77 -22.32 73.12
CA VAL A 1126 -36.86 -22.01 71.71
C VAL A 1126 -35.53 -22.17 70.97
N VAL A 1127 -34.40 -21.92 71.61
CA VAL A 1127 -33.10 -22.20 71.04
C VAL A 1127 -32.91 -23.72 70.98
N ILE A 1128 -32.26 -24.21 69.93
CA ILE A 1128 -31.98 -25.63 69.82
C ILE A 1128 -30.49 -25.85 70.01
N GLY A 1129 -30.14 -26.63 71.02
CA GLY A 1129 -28.77 -26.81 71.41
C GLY A 1129 -28.39 -26.22 72.74
N ILE A 1130 -29.33 -25.58 73.46
CA ILE A 1130 -29.03 -25.05 74.79
C ILE A 1130 -28.47 -26.15 75.68
N VAL A 1131 -27.54 -25.79 76.55
CA VAL A 1131 -27.09 -26.70 77.59
C VAL A 1131 -27.39 -26.08 78.94
N ASN A 1132 -27.47 -26.95 79.95
CA ASN A 1132 -27.71 -26.56 81.32
C ASN A 1132 -26.39 -26.32 82.01
N ASN A 1133 -26.24 -25.16 82.64
CA ASN A 1133 -25.04 -24.84 83.39
C ASN A 1133 -25.35 -23.61 84.22
N THR A 1134 -24.50 -23.36 85.20
CA THR A 1134 -24.72 -22.27 86.14
C THR A 1134 -24.01 -21.01 85.67
N VAL A 1135 -24.70 -19.89 85.76
CA VAL A 1135 -24.17 -18.58 85.44
C VAL A 1135 -23.96 -17.84 86.74
N TYR A 1136 -22.75 -17.42 87.00
CA TYR A 1136 -22.34 -16.95 88.31
C TYR A 1136 -22.57 -15.45 88.42
N ASP A 1137 -23.23 -15.04 89.48
CA ASP A 1137 -23.48 -13.65 89.80
C ASP A 1137 -22.39 -13.14 90.72
N PRO A 1138 -21.70 -12.05 90.37
CA PRO A 1138 -20.59 -11.60 91.23
C PRO A 1138 -21.05 -10.89 92.49
N LEU A 1139 -22.13 -10.13 92.45
CA LEU A 1139 -22.64 -9.42 93.61
C LEU A 1139 -23.13 -10.38 94.69
N GLN A 1140 -23.97 -11.34 94.30
CA GLN A 1140 -24.67 -12.24 95.22
C GLN A 1140 -23.80 -12.78 96.34
N PRO A 1141 -22.64 -13.41 96.07
CA PRO A 1141 -21.77 -13.80 97.18
C PRO A 1141 -21.13 -12.61 97.88
N GLU A 1142 -20.44 -11.78 97.10
CA GLU A 1142 -19.56 -10.76 97.66
C GLU A 1142 -20.30 -9.89 98.67
N LEU A 1143 -21.45 -9.36 98.29
CA LEU A 1143 -22.32 -8.62 99.19
C LEU A 1143 -22.58 -9.42 100.47
N ASP A 1144 -22.85 -10.71 100.31
CA ASP A 1144 -23.20 -11.56 101.44
C ASP A 1144 -22.03 -12.43 101.91
N ALA B 27 -57.32 -10.51 -16.01
CA ALA B 27 -57.21 -10.57 -14.57
C ALA B 27 -55.76 -10.48 -14.12
N TYR B 28 -55.56 -10.12 -12.85
CA TYR B 28 -54.25 -10.11 -12.23
C TYR B 28 -54.39 -10.79 -10.88
N THR B 29 -53.30 -11.37 -10.41
CA THR B 29 -53.33 -12.09 -9.14
C THR B 29 -52.03 -11.80 -8.41
N ASN B 30 -51.97 -12.27 -7.16
CA ASN B 30 -50.88 -12.01 -6.25
C ASN B 30 -50.17 -13.32 -5.94
N SER B 31 -48.89 -13.39 -6.33
CA SER B 31 -48.03 -14.46 -5.84
C SER B 31 -47.85 -14.26 -4.34
N PHE B 32 -47.45 -15.29 -3.61
CA PHE B 32 -47.14 -14.98 -2.23
C PHE B 32 -45.67 -15.16 -1.96
N THR B 33 -45.18 -16.39 -2.09
CA THR B 33 -43.75 -16.68 -2.01
C THR B 33 -43.51 -17.76 -3.06
N ARG B 34 -43.20 -17.33 -4.27
CA ARG B 34 -43.19 -18.21 -5.42
C ARG B 34 -42.06 -17.80 -6.35
N GLY B 35 -41.44 -18.77 -7.01
CA GLY B 35 -40.41 -18.46 -7.96
C GLY B 35 -39.03 -18.37 -7.35
N VAL B 36 -38.73 -19.28 -6.44
CA VAL B 36 -37.40 -19.40 -5.85
C VAL B 36 -36.72 -20.62 -6.48
N TYR B 37 -35.52 -20.41 -7.01
CA TYR B 37 -34.76 -21.48 -7.63
C TYR B 37 -33.38 -21.54 -7.00
N TYR B 38 -32.77 -22.72 -7.08
CA TYR B 38 -31.40 -22.89 -6.61
C TYR B 38 -30.47 -22.16 -7.55
N PRO B 39 -29.82 -21.12 -7.04
CA PRO B 39 -28.92 -20.27 -7.85
C PRO B 39 -27.79 -21.02 -8.53
N ASP B 40 -27.55 -22.28 -8.17
CA ASP B 40 -26.48 -23.04 -8.77
C ASP B 40 -26.23 -24.36 -8.05
N LYS B 41 -25.24 -25.11 -8.52
CA LYS B 41 -24.92 -26.39 -7.88
C LYS B 41 -24.55 -26.13 -6.43
N VAL B 42 -23.33 -26.52 -6.03
CA VAL B 42 -22.88 -26.30 -4.66
C VAL B 42 -23.85 -26.77 -3.59
N PHE B 43 -23.64 -27.97 -3.08
CA PHE B 43 -24.49 -28.52 -2.03
C PHE B 43 -24.43 -27.60 -0.83
N ARG B 44 -25.29 -27.84 0.15
CA ARG B 44 -25.33 -27.00 1.35
C ARG B 44 -26.37 -27.48 2.34
N SER B 45 -26.27 -26.99 3.57
CA SER B 45 -27.20 -27.33 4.63
C SER B 45 -27.64 -26.07 5.38
N SER B 46 -28.16 -26.27 6.59
CA SER B 46 -28.62 -25.17 7.42
C SER B 46 -27.67 -23.97 7.38
N VAL B 47 -27.94 -23.04 6.47
CA VAL B 47 -27.11 -21.85 6.34
C VAL B 47 -27.83 -20.69 5.67
N LEU B 48 -28.44 -19.83 6.47
CA LEU B 48 -29.15 -18.66 5.93
C LEU B 48 -28.18 -17.93 5.01
N HIS B 49 -28.03 -18.47 3.80
CA HIS B 49 -27.11 -17.95 2.80
C HIS B 49 -27.75 -16.80 2.03
N SER B 50 -26.98 -15.76 1.76
CA SER B 50 -27.47 -14.55 1.13
C SER B 50 -27.01 -14.47 -0.32
N THR B 51 -27.93 -14.18 -1.24
CA THR B 51 -27.61 -14.11 -2.66
C THR B 51 -28.16 -12.85 -3.30
N GLN B 52 -27.48 -12.43 -4.37
CA GLN B 52 -27.95 -11.40 -5.28
C GLN B 52 -28.17 -12.05 -6.64
N ASP B 53 -29.36 -11.92 -7.19
CA ASP B 53 -29.66 -12.58 -8.47
C ASP B 53 -30.94 -11.99 -9.04
N LEU B 54 -31.49 -12.65 -10.06
CA LEU B 54 -32.75 -12.26 -10.67
C LEU B 54 -33.85 -13.14 -10.12
N PHE B 55 -34.76 -12.55 -9.35
CA PHE B 55 -35.82 -13.28 -8.70
C PHE B 55 -37.15 -12.63 -9.01
N LEU B 56 -38.22 -13.34 -8.69
CA LEU B 56 -39.57 -12.81 -8.74
C LEU B 56 -39.91 -12.26 -7.37
N PRO B 57 -40.03 -10.94 -7.21
CA PRO B 57 -40.26 -10.35 -5.88
C PRO B 57 -41.48 -10.93 -5.18
N PHE B 58 -41.45 -10.99 -3.86
CA PHE B 58 -42.56 -11.54 -3.12
C PHE B 58 -43.77 -10.63 -3.25
N PHE B 59 -44.95 -11.23 -3.24
CA PHE B 59 -46.21 -10.50 -3.33
C PHE B 59 -46.21 -9.61 -4.56
N SER B 60 -46.19 -10.22 -5.74
CA SER B 60 -46.07 -9.49 -6.99
C SER B 60 -47.39 -9.53 -7.74
N ASN B 61 -47.40 -8.81 -8.86
CA ASN B 61 -48.57 -8.59 -9.68
C ASN B 61 -48.44 -9.45 -10.94
N VAL B 62 -48.99 -10.66 -10.90
CA VAL B 62 -48.80 -11.63 -11.98
C VAL B 62 -50.04 -11.64 -12.84
N THR B 63 -49.86 -11.50 -14.15
CA THR B 63 -50.98 -11.55 -15.08
C THR B 63 -51.70 -12.89 -14.97
N TRP B 64 -52.96 -12.90 -15.37
CA TRP B 64 -53.75 -14.11 -15.40
C TRP B 64 -54.26 -14.30 -16.81
N PHE B 65 -54.18 -15.54 -17.30
CA PHE B 65 -54.69 -15.86 -18.63
C PHE B 65 -55.59 -17.08 -18.51
N HIS B 66 -56.65 -17.07 -19.30
CA HIS B 66 -57.60 -18.17 -19.38
C HIS B 66 -57.57 -18.74 -20.79
N ALA B 67 -58.14 -19.93 -20.92
CA ALA B 67 -58.32 -20.58 -22.20
C ALA B 67 -59.39 -21.65 -22.06
N ASN B 81 -52.70 -18.07 -27.24
CA ASN B 81 -52.78 -16.85 -26.44
C ASN B 81 -51.60 -15.95 -26.83
N PRO B 82 -51.58 -14.68 -26.41
CA PRO B 82 -50.85 -13.65 -27.15
C PRO B 82 -49.34 -13.67 -26.98
N VAL B 83 -48.69 -12.84 -27.80
CA VAL B 83 -47.26 -12.60 -27.77
C VAL B 83 -46.93 -11.71 -26.58
N LEU B 84 -46.07 -12.20 -25.70
CA LEU B 84 -45.69 -11.47 -24.50
C LEU B 84 -44.27 -10.93 -24.64
N PRO B 85 -43.78 -10.12 -23.71
CA PRO B 85 -42.35 -9.80 -23.73
C PRO B 85 -41.53 -10.77 -22.89
N PHE B 86 -40.20 -10.63 -22.91
CA PHE B 86 -39.31 -11.40 -22.06
C PHE B 86 -38.53 -10.55 -21.09
N ASN B 87 -37.70 -9.66 -21.63
CA ASN B 87 -37.02 -8.49 -21.09
C ASN B 87 -36.06 -8.79 -19.94
N ASP B 88 -36.35 -9.80 -19.12
CA ASP B 88 -35.41 -10.37 -18.16
C ASP B 88 -36.08 -11.59 -17.54
N GLY B 89 -35.84 -12.78 -18.06
CA GLY B 89 -36.40 -13.96 -17.43
C GLY B 89 -37.90 -13.97 -17.27
N VAL B 90 -38.45 -15.10 -16.85
CA VAL B 90 -39.90 -15.28 -16.76
C VAL B 90 -40.20 -16.37 -15.75
N TYR B 91 -41.14 -16.10 -14.85
CA TYR B 91 -41.82 -17.13 -14.10
C TYR B 91 -43.08 -17.54 -14.85
N PHE B 92 -43.45 -18.80 -14.71
CA PHE B 92 -44.56 -19.30 -15.50
C PHE B 92 -45.16 -20.52 -14.81
N ALA B 93 -46.33 -20.40 -14.21
CA ALA B 93 -47.01 -21.54 -13.63
C ALA B 93 -48.21 -21.92 -14.51
N SER B 94 -48.81 -23.07 -14.18
CA SER B 94 -49.91 -23.60 -14.97
C SER B 94 -50.58 -24.71 -14.18
N THR B 95 -51.87 -24.90 -14.42
CA THR B 95 -52.67 -25.84 -13.64
C THR B 95 -53.65 -26.61 -14.52
N GLU B 96 -53.63 -27.94 -14.39
CA GLU B 96 -54.61 -28.82 -15.04
C GLU B 96 -54.37 -30.29 -14.70
N LYS B 97 -55.28 -31.17 -15.13
CA LYS B 97 -55.04 -32.61 -15.13
C LYS B 97 -54.79 -33.16 -16.52
N SER B 98 -55.56 -32.73 -17.51
CA SER B 98 -55.19 -32.90 -18.92
C SER B 98 -53.97 -32.06 -19.22
N ASN B 99 -53.51 -32.04 -20.47
CA ASN B 99 -52.31 -31.28 -20.82
C ASN B 99 -52.64 -30.34 -21.96
N ILE B 100 -53.06 -29.12 -21.61
CA ILE B 100 -53.43 -28.11 -22.58
C ILE B 100 -52.19 -27.28 -22.90
N ILE B 101 -51.35 -27.05 -21.91
CA ILE B 101 -50.12 -26.32 -22.09
C ILE B 101 -49.08 -27.27 -22.67
N ARG B 102 -48.66 -27.01 -23.89
CA ARG B 102 -47.82 -27.90 -24.66
C ARG B 102 -46.58 -27.15 -25.13
N GLY B 103 -45.96 -26.43 -24.21
CA GLY B 103 -44.70 -25.78 -24.51
C GLY B 103 -44.86 -24.35 -24.96
N TRP B 104 -43.73 -23.72 -25.16
CA TRP B 104 -43.62 -22.30 -25.42
C TRP B 104 -42.85 -22.13 -26.71
N ILE B 105 -42.79 -20.91 -27.20
CA ILE B 105 -41.93 -20.58 -28.33
C ILE B 105 -41.30 -19.23 -28.02
N PHE B 106 -40.04 -19.06 -28.37
CA PHE B 106 -39.29 -17.91 -27.91
C PHE B 106 -38.71 -17.16 -29.11
N GLY B 107 -38.04 -16.05 -28.81
CA GLY B 107 -37.26 -15.39 -29.84
C GLY B 107 -37.40 -13.88 -29.87
N THR B 108 -37.01 -13.26 -30.98
CA THR B 108 -37.18 -11.83 -31.13
C THR B 108 -38.33 -11.51 -32.09
N THR B 109 -38.38 -12.21 -33.23
CA THR B 109 -39.40 -11.94 -34.24
C THR B 109 -40.39 -13.07 -34.43
N LEU B 110 -40.10 -14.28 -33.96
CA LEU B 110 -41.00 -15.42 -34.07
C LEU B 110 -41.33 -15.72 -35.52
N ASP B 111 -40.33 -15.58 -36.38
CA ASP B 111 -40.51 -15.85 -37.80
C ASP B 111 -39.14 -16.14 -38.41
N SER B 112 -39.09 -16.10 -39.75
CA SER B 112 -37.82 -16.18 -40.45
C SER B 112 -37.11 -14.83 -40.38
N LYS B 113 -35.95 -14.77 -41.06
CA LYS B 113 -35.07 -13.60 -41.08
C LYS B 113 -34.31 -13.45 -39.77
N THR B 114 -34.69 -14.20 -38.73
CA THR B 114 -33.89 -14.29 -37.51
C THR B 114 -34.26 -15.57 -36.79
N GLN B 115 -33.32 -16.08 -35.99
CA GLN B 115 -33.44 -17.39 -35.37
C GLN B 115 -34.27 -17.35 -34.09
N SER B 116 -34.85 -18.49 -33.75
CA SER B 116 -35.70 -18.61 -32.57
C SER B 116 -35.66 -20.05 -32.05
N LEU B 117 -36.10 -20.22 -30.81
CA LEU B 117 -36.21 -21.53 -30.16
C LEU B 117 -37.64 -22.03 -30.28
N LEU B 118 -37.83 -23.33 -30.14
CA LEU B 118 -39.15 -23.93 -30.15
C LEU B 118 -39.15 -25.16 -29.25
N ILE B 119 -40.00 -25.16 -28.25
CA ILE B 119 -40.07 -26.25 -27.28
C ILE B 119 -41.49 -26.80 -27.27
N VAL B 120 -41.59 -28.07 -27.65
CA VAL B 120 -42.90 -28.65 -27.95
C VAL B 120 -43.04 -29.96 -27.20
N ASN B 121 -44.27 -30.42 -27.02
CA ASN B 121 -44.53 -31.74 -26.46
C ASN B 121 -45.84 -32.27 -27.04
N ASN B 122 -45.76 -33.21 -27.99
CA ASN B 122 -46.95 -33.94 -28.38
C ASN B 122 -47.22 -35.00 -27.33
N ALA B 123 -48.15 -35.92 -27.59
CA ALA B 123 -48.45 -36.93 -26.58
C ALA B 123 -47.31 -37.92 -26.41
N THR B 124 -46.20 -37.69 -27.12
CA THR B 124 -45.05 -38.58 -27.06
C THR B 124 -44.03 -38.14 -26.01
N ASN B 125 -43.40 -36.99 -26.25
CA ASN B 125 -42.39 -36.42 -25.37
C ASN B 125 -41.86 -35.13 -25.97
N VAL B 126 -41.03 -34.45 -25.18
CA VAL B 126 -40.50 -33.13 -25.45
C VAL B 126 -39.71 -33.10 -26.76
N VAL B 127 -39.78 -31.98 -27.48
CA VAL B 127 -39.00 -31.78 -28.69
C VAL B 127 -38.41 -30.38 -28.70
N ILE B 128 -37.19 -30.22 -28.18
CA ILE B 128 -36.54 -28.93 -28.31
C ILE B 128 -36.04 -28.81 -29.74
N LYS B 129 -35.95 -27.58 -30.25
CA LYS B 129 -35.56 -27.38 -31.62
C LYS B 129 -35.15 -25.92 -31.80
N VAL B 130 -34.10 -25.71 -32.60
CA VAL B 130 -33.69 -24.34 -32.92
C VAL B 130 -33.41 -24.22 -34.41
N CYS B 131 -34.35 -23.68 -35.16
CA CYS B 131 -34.18 -23.33 -36.56
C CYS B 131 -34.57 -21.89 -36.78
N GLU B 132 -34.66 -21.50 -38.04
CA GLU B 132 -35.43 -20.34 -38.46
C GLU B 132 -36.79 -20.85 -38.93
N PHE B 133 -37.85 -20.30 -38.37
CA PHE B 133 -39.18 -20.84 -38.60
C PHE B 133 -40.03 -19.85 -39.38
N GLN B 134 -41.24 -20.27 -39.67
CA GLN B 134 -42.33 -19.38 -40.04
C GLN B 134 -43.51 -19.77 -39.17
N PHE B 135 -43.77 -18.94 -38.16
CA PHE B 135 -44.74 -19.27 -37.14
C PHE B 135 -46.10 -18.69 -37.51
N CYS B 136 -47.13 -19.51 -37.36
CA CYS B 136 -48.49 -18.99 -37.40
C CYS B 136 -48.63 -17.88 -36.37
N ASN B 137 -49.31 -16.79 -36.78
CA ASN B 137 -49.57 -15.75 -35.80
C ASN B 137 -50.46 -16.23 -34.67
N ASP B 138 -51.25 -17.27 -34.90
CA ASP B 138 -51.98 -17.96 -33.84
C ASP B 138 -51.65 -19.45 -33.94
N PRO B 139 -50.49 -19.86 -33.43
CA PRO B 139 -50.04 -21.24 -33.62
C PRO B 139 -50.51 -22.12 -32.47
N PHE B 140 -50.86 -23.36 -32.79
CA PHE B 140 -51.39 -24.29 -31.80
C PHE B 140 -51.29 -25.70 -32.34
N VAL B 157 -49.69 -26.31 -36.65
CA VAL B 157 -48.23 -26.48 -36.66
C VAL B 157 -47.54 -25.31 -37.33
N TYR B 158 -46.21 -25.33 -37.33
CA TYR B 158 -45.43 -24.26 -37.95
C TYR B 158 -45.67 -24.21 -39.46
N SER B 159 -44.67 -23.74 -40.19
CA SER B 159 -44.77 -23.63 -41.64
C SER B 159 -43.39 -23.48 -42.28
N SER B 160 -42.35 -23.76 -41.50
CA SER B 160 -40.98 -23.66 -41.99
C SER B 160 -40.04 -24.13 -40.89
N ALA B 161 -38.97 -24.82 -41.31
CA ALA B 161 -37.99 -25.37 -40.39
C ALA B 161 -36.57 -25.24 -40.94
N ASN B 162 -36.20 -24.06 -41.42
CA ASN B 162 -34.97 -23.89 -42.19
C ASN B 162 -33.76 -23.72 -41.28
N ASN B 163 -32.59 -24.11 -41.79
CA ASN B 163 -31.31 -23.75 -41.19
C ASN B 163 -31.11 -24.22 -39.75
N CYS B 164 -31.71 -25.35 -39.38
CA CYS B 164 -31.69 -25.80 -37.98
C CYS B 164 -30.28 -25.93 -37.43
N THR B 165 -30.04 -25.31 -36.28
CA THR B 165 -28.73 -25.21 -35.67
C THR B 165 -28.69 -26.00 -34.35
N PHE B 166 -29.79 -26.65 -34.00
CA PHE B 166 -29.87 -27.44 -32.79
C PHE B 166 -31.14 -28.26 -32.87
N GLU B 167 -31.06 -29.56 -32.61
CA GLU B 167 -32.25 -30.38 -32.54
C GLU B 167 -32.22 -31.16 -31.23
N TYR B 168 -33.34 -31.80 -30.93
CA TYR B 168 -33.45 -32.75 -29.85
C TYR B 168 -34.81 -33.40 -29.96
N VAL B 169 -34.89 -34.71 -29.76
CA VAL B 169 -36.18 -35.39 -29.62
C VAL B 169 -36.01 -36.44 -28.54
N SER B 170 -37.03 -37.26 -28.33
CA SER B 170 -36.92 -38.40 -27.44
C SER B 170 -37.98 -39.45 -27.75
N LYS B 185 -55.40 -30.73 -9.02
CA LYS B 185 -54.81 -31.33 -10.21
C LYS B 185 -53.30 -31.30 -10.17
N ASN B 186 -52.71 -30.45 -11.02
CA ASN B 186 -51.27 -30.33 -11.11
C ASN B 186 -50.90 -28.86 -11.16
N LEU B 187 -49.75 -28.54 -10.59
CA LEU B 187 -49.14 -27.21 -10.71
C LEU B 187 -47.72 -27.40 -11.22
N ARG B 188 -47.40 -26.73 -12.31
CA ARG B 188 -46.13 -26.92 -13.00
C ARG B 188 -45.49 -25.56 -13.22
N GLU B 189 -44.50 -25.24 -12.38
CA GLU B 189 -43.81 -23.96 -12.45
C GLU B 189 -42.53 -24.07 -13.27
N PHE B 190 -42.16 -22.95 -13.90
CA PHE B 190 -40.97 -22.88 -14.71
C PHE B 190 -40.37 -21.48 -14.59
N VAL B 191 -39.04 -21.43 -14.57
CA VAL B 191 -38.31 -20.18 -14.61
C VAL B 191 -37.39 -20.23 -15.82
N PHE B 192 -37.54 -19.29 -16.72
CA PHE B 192 -36.73 -19.22 -17.94
C PHE B 192 -35.82 -18.03 -17.87
N LYS B 193 -34.54 -18.23 -18.13
CA LYS B 193 -33.61 -17.10 -18.20
C LYS B 193 -32.58 -17.36 -19.29
N ASN B 194 -31.86 -16.31 -19.68
CA ASN B 194 -31.02 -16.34 -20.87
C ASN B 194 -29.81 -15.44 -20.66
N ILE B 195 -28.68 -16.04 -20.29
CA ILE B 195 -27.47 -15.29 -19.96
C ILE B 195 -26.28 -15.88 -20.69
N ASP B 196 -25.48 -15.00 -21.29
CA ASP B 196 -24.24 -15.36 -21.97
C ASP B 196 -24.42 -16.54 -22.92
N GLY B 197 -25.41 -16.44 -23.82
CA GLY B 197 -25.64 -17.47 -24.81
C GLY B 197 -26.13 -18.79 -24.26
N TYR B 198 -26.43 -18.85 -22.97
CA TYR B 198 -27.00 -20.04 -22.38
C TYR B 198 -28.44 -19.74 -22.00
N PHE B 199 -29.32 -20.69 -22.31
CA PHE B 199 -30.73 -20.53 -22.00
C PHE B 199 -31.07 -21.53 -20.90
N LYS B 200 -31.17 -21.04 -19.67
CA LYS B 200 -31.38 -21.88 -18.51
C LYS B 200 -32.86 -22.01 -18.21
N ILE B 201 -33.24 -23.19 -17.74
CA ILE B 201 -34.62 -23.54 -17.45
C ILE B 201 -34.65 -24.26 -16.11
N TYR B 202 -35.34 -23.68 -15.14
CA TYR B 202 -35.61 -24.34 -13.88
C TYR B 202 -37.08 -24.71 -13.87
N SER B 203 -37.43 -25.71 -13.06
CA SER B 203 -38.78 -26.21 -13.09
C SER B 203 -39.10 -26.92 -11.79
N LYS B 204 -40.39 -27.12 -11.56
CA LYS B 204 -40.88 -27.88 -10.42
C LYS B 204 -42.31 -28.29 -10.69
N HIS B 205 -42.66 -29.48 -10.22
CA HIS B 205 -44.00 -30.04 -10.40
C HIS B 205 -44.55 -30.37 -9.02
N THR B 206 -45.43 -29.53 -8.55
CA THR B 206 -46.12 -29.77 -7.30
C THR B 206 -47.55 -30.22 -7.57
N PRO B 207 -48.11 -31.08 -6.75
CA PRO B 207 -49.53 -31.41 -6.90
C PRO B 207 -50.43 -30.49 -6.11
N ILE B 208 -51.36 -29.80 -6.76
CA ILE B 208 -52.34 -29.00 -6.04
C ILE B 208 -53.45 -29.92 -5.56
N ASN B 209 -54.28 -29.43 -4.64
CA ASN B 209 -55.51 -30.13 -4.32
C ASN B 209 -56.70 -29.29 -4.77
N LEU B 210 -56.42 -28.35 -5.68
CA LEU B 210 -57.41 -27.61 -6.44
C LEU B 210 -57.29 -28.04 -7.90
N VAL B 211 -58.02 -27.37 -8.78
CA VAL B 211 -57.87 -27.68 -10.21
C VAL B 211 -57.08 -26.58 -10.92
N ARG B 212 -57.53 -25.33 -10.87
CA ARG B 212 -56.89 -24.28 -11.67
C ARG B 212 -56.80 -22.89 -11.04
N ASP B 213 -56.42 -22.79 -9.76
CA ASP B 213 -56.16 -21.49 -9.13
C ASP B 213 -54.79 -21.47 -8.48
N LEU B 214 -54.14 -20.30 -8.47
CA LEU B 214 -52.78 -20.19 -7.93
C LEU B 214 -52.78 -20.34 -6.41
N PRO B 215 -52.14 -21.35 -5.86
CA PRO B 215 -52.18 -21.56 -4.41
C PRO B 215 -51.16 -20.72 -3.66
N GLN B 216 -50.99 -21.03 -2.38
CA GLN B 216 -50.01 -20.37 -1.54
C GLN B 216 -49.06 -21.41 -0.96
N GLY B 217 -47.82 -20.99 -0.72
CA GLY B 217 -46.84 -21.88 -0.15
C GLY B 217 -45.43 -21.63 -0.63
N PHE B 218 -44.49 -22.47 -0.20
CA PHE B 218 -43.09 -22.33 -0.60
C PHE B 218 -42.61 -23.62 -1.25
N SER B 219 -41.96 -23.48 -2.41
CA SER B 219 -41.44 -24.64 -3.13
C SER B 219 -40.35 -24.19 -4.10
N ALA B 220 -39.10 -24.57 -3.83
CA ALA B 220 -37.97 -24.11 -4.62
C ALA B 220 -37.82 -24.92 -5.91
N LEU B 221 -37.39 -24.24 -6.97
CA LEU B 221 -37.35 -24.81 -8.31
C LEU B 221 -35.93 -25.25 -8.64
N GLU B 222 -35.78 -26.53 -9.15
CA GLU B 222 -34.50 -27.20 -9.42
C GLU B 222 -34.13 -27.12 -10.89
N PRO B 223 -32.85 -26.85 -11.19
CA PRO B 223 -32.46 -26.64 -12.58
C PRO B 223 -32.65 -27.89 -13.43
N LEU B 224 -33.07 -27.67 -14.68
CA LEU B 224 -33.44 -28.77 -15.58
C LEU B 224 -32.47 -28.89 -16.74
N VAL B 225 -32.28 -27.81 -17.47
CA VAL B 225 -31.66 -27.82 -18.78
C VAL B 225 -30.62 -26.71 -18.80
N ASP B 226 -29.83 -26.71 -19.88
CA ASP B 226 -28.81 -25.71 -20.19
C ASP B 226 -28.56 -25.81 -21.69
N LEU B 227 -28.77 -24.73 -22.45
CA LEU B 227 -28.58 -24.83 -23.89
C LEU B 227 -27.63 -23.74 -24.36
N PRO B 228 -26.44 -24.10 -24.87
CA PRO B 228 -25.50 -23.10 -25.41
C PRO B 228 -25.88 -22.68 -26.82
N ILE B 229 -26.89 -21.81 -26.92
CA ILE B 229 -27.44 -21.45 -28.22
C ILE B 229 -26.74 -20.21 -28.76
N GLY B 230 -26.91 -19.08 -28.09
CA GLY B 230 -26.39 -17.82 -28.57
C GLY B 230 -27.51 -16.90 -29.04
N ILE B 231 -28.68 -17.49 -29.22
CA ILE B 231 -29.92 -16.85 -29.64
C ILE B 231 -30.22 -15.57 -28.84
N ASN B 232 -30.74 -14.55 -29.52
CA ASN B 232 -31.30 -13.37 -28.89
C ASN B 232 -32.79 -13.61 -28.62
N ILE B 233 -33.30 -13.09 -27.51
CA ILE B 233 -34.71 -13.27 -27.18
C ILE B 233 -35.29 -11.94 -26.73
N THR B 234 -36.49 -11.63 -27.23
CA THR B 234 -37.22 -10.45 -26.80
C THR B 234 -38.71 -10.75 -26.63
N ARG B 235 -39.17 -11.91 -27.09
CA ARG B 235 -40.60 -12.21 -27.05
C ARG B 235 -40.79 -13.70 -26.88
N PHE B 236 -41.99 -14.09 -26.46
CA PHE B 236 -42.32 -15.50 -26.30
C PHE B 236 -43.84 -15.67 -26.35
N GLN B 237 -44.27 -16.92 -26.45
CA GLN B 237 -45.69 -17.25 -26.59
C GLN B 237 -46.00 -18.50 -25.80
N THR B 238 -47.15 -19.10 -26.09
CA THR B 238 -47.55 -20.37 -25.49
C THR B 238 -48.23 -21.21 -26.57
N LEU B 239 -48.43 -22.50 -26.26
CA LEU B 239 -49.01 -23.46 -27.18
C LEU B 239 -50.08 -24.27 -26.47
N LEU B 240 -51.23 -24.45 -27.11
CA LEU B 240 -52.35 -25.10 -26.47
C LEU B 240 -52.97 -26.14 -27.39
N ALA B 241 -53.56 -27.17 -26.78
CA ALA B 241 -54.22 -28.26 -27.51
C ALA B 241 -55.72 -27.95 -27.60
N ALA B 262 -55.57 -21.93 -17.86
CA ALA B 262 -55.18 -21.06 -16.76
C ALA B 262 -53.68 -21.03 -16.59
N TYR B 263 -53.09 -19.86 -16.76
CA TYR B 263 -51.65 -19.72 -16.60
C TYR B 263 -51.28 -18.27 -16.33
N TYR B 264 -50.13 -18.09 -15.70
CA TYR B 264 -49.65 -16.82 -15.17
C TYR B 264 -48.30 -16.48 -15.77
N VAL B 265 -47.93 -15.20 -15.71
CA VAL B 265 -46.62 -14.78 -16.21
C VAL B 265 -46.06 -13.69 -15.31
N GLY B 266 -45.03 -14.03 -14.53
CA GLY B 266 -44.28 -13.05 -13.79
C GLY B 266 -43.01 -12.67 -14.51
N TYR B 267 -42.33 -11.64 -13.99
CA TYR B 267 -41.06 -11.21 -14.54
C TYR B 267 -40.06 -11.13 -13.39
N LEU B 268 -38.78 -11.18 -13.76
CA LEU B 268 -37.70 -11.29 -12.78
C LEU B 268 -36.90 -10.00 -12.78
N GLN B 269 -36.48 -9.58 -11.59
CA GLN B 269 -35.68 -8.38 -11.39
C GLN B 269 -34.50 -8.72 -10.51
N PRO B 270 -33.47 -7.90 -10.52
CA PRO B 270 -32.33 -8.14 -9.64
C PRO B 270 -32.66 -7.79 -8.19
N ARG B 271 -32.82 -8.82 -7.37
CA ARG B 271 -33.09 -8.70 -5.96
C ARG B 271 -31.97 -9.37 -5.14
N THR B 272 -32.09 -9.24 -3.82
CA THR B 272 -31.21 -9.87 -2.85
C THR B 272 -32.08 -10.66 -1.88
N PHE B 273 -31.82 -11.95 -1.76
CA PHE B 273 -32.62 -12.81 -0.91
C PHE B 273 -31.76 -13.49 0.15
N LEU B 274 -32.45 -14.02 1.16
CA LEU B 274 -31.82 -14.79 2.23
C LEU B 274 -32.49 -16.15 2.26
N LEU B 275 -31.76 -17.17 1.84
CA LEU B 275 -32.30 -18.52 1.72
C LEU B 275 -31.92 -19.36 2.93
N LYS B 276 -32.89 -20.08 3.47
CA LYS B 276 -32.66 -20.99 4.58
C LYS B 276 -32.49 -22.39 4.05
N TYR B 277 -31.36 -23.01 4.35
CA TYR B 277 -31.06 -24.34 3.85
C TYR B 277 -31.30 -25.38 4.93
N ASN B 278 -31.95 -26.46 4.54
CA ASN B 278 -32.18 -27.61 5.40
C ASN B 278 -30.87 -28.35 5.66
N GLU B 279 -30.94 -29.40 6.47
CA GLU B 279 -29.79 -30.25 6.69
C GLU B 279 -29.55 -31.25 5.56
N ASN B 280 -30.58 -31.58 4.77
CA ASN B 280 -30.35 -32.31 3.55
C ASN B 280 -29.89 -31.42 2.40
N GLY B 281 -29.99 -30.11 2.55
CA GLY B 281 -29.51 -29.20 1.54
C GLY B 281 -30.57 -28.59 0.68
N THR B 282 -31.83 -28.66 1.08
CA THR B 282 -32.91 -28.06 0.31
C THR B 282 -33.31 -26.73 0.91
N ILE B 283 -33.78 -25.83 0.06
CA ILE B 283 -34.23 -24.51 0.47
C ILE B 283 -35.66 -24.67 0.99
N THR B 284 -35.86 -24.36 2.27
CA THR B 284 -37.17 -24.54 2.89
C THR B 284 -37.89 -23.20 3.10
N ASP B 285 -37.15 -22.12 3.28
CA ASP B 285 -37.75 -20.80 3.48
C ASP B 285 -36.84 -19.74 2.86
N ALA B 286 -37.38 -18.53 2.73
CA ALA B 286 -36.61 -17.43 2.18
C ALA B 286 -37.12 -16.12 2.73
N VAL B 287 -36.32 -15.08 2.55
CA VAL B 287 -36.67 -13.72 2.93
C VAL B 287 -36.30 -12.80 1.77
N ASP B 288 -37.26 -12.02 1.31
CA ASP B 288 -37.03 -10.96 0.33
C ASP B 288 -36.67 -9.72 1.11
N CYS B 289 -35.46 -9.21 0.87
CA CYS B 289 -34.89 -8.06 1.57
C CYS B 289 -35.14 -6.69 0.94
N ALA B 290 -36.38 -6.43 0.53
CA ALA B 290 -36.73 -5.16 -0.08
C ALA B 290 -38.24 -5.05 -0.13
N LEU B 291 -38.89 -5.66 0.86
CA LEU B 291 -40.34 -5.66 0.95
C LEU B 291 -40.85 -4.71 2.03
N ASP B 292 -40.23 -4.74 3.21
CA ASP B 292 -40.64 -3.88 4.30
C ASP B 292 -39.49 -3.74 5.30
N PRO B 293 -39.61 -2.89 6.34
CA PRO B 293 -38.51 -2.75 7.29
C PRO B 293 -38.13 -4.03 8.02
N LEU B 294 -39.10 -4.86 8.38
CA LEU B 294 -38.78 -6.12 9.03
C LEU B 294 -37.88 -7.01 8.17
N SER B 295 -38.13 -7.06 6.86
CA SER B 295 -37.34 -7.90 5.98
C SER B 295 -35.93 -7.35 5.80
N GLU B 296 -35.81 -6.04 5.68
CA GLU B 296 -34.49 -5.43 5.63
C GLU B 296 -33.71 -5.65 6.92
N THR B 297 -34.38 -5.69 8.07
CA THR B 297 -33.69 -6.04 9.31
C THR B 297 -33.23 -7.50 9.30
N LYS B 298 -34.11 -8.41 8.89
CA LYS B 298 -33.74 -9.82 8.81
C LYS B 298 -32.55 -10.02 7.89
N CYS B 299 -32.48 -9.25 6.81
CA CYS B 299 -31.36 -9.36 5.89
C CYS B 299 -30.09 -8.78 6.49
N THR B 300 -30.20 -7.66 7.21
CA THR B 300 -29.05 -7.07 7.86
C THR B 300 -28.45 -7.97 8.92
N LEU B 301 -29.29 -8.68 9.68
CA LEU B 301 -28.82 -9.61 10.70
C LEU B 301 -28.46 -10.98 10.17
N LYS B 302 -28.92 -11.34 8.97
CA LYS B 302 -28.77 -12.68 8.39
C LYS B 302 -29.44 -13.73 9.28
N SER B 303 -30.72 -13.54 9.51
CA SER B 303 -31.47 -14.46 10.34
C SER B 303 -32.94 -14.38 9.98
N PHE B 304 -33.71 -15.33 10.51
CA PHE B 304 -35.13 -15.36 10.32
C PHE B 304 -35.90 -14.99 11.59
N THR B 305 -35.22 -14.87 12.71
CA THR B 305 -35.81 -14.40 13.96
C THR B 305 -34.97 -13.27 14.50
N VAL B 306 -35.55 -12.08 14.59
CA VAL B 306 -34.93 -10.93 15.23
C VAL B 306 -35.50 -10.79 16.64
N GLU B 307 -34.62 -10.64 17.61
CA GLU B 307 -35.01 -10.36 18.99
C GLU B 307 -35.16 -8.87 19.20
N LYS B 308 -35.89 -8.51 20.25
CA LYS B 308 -36.21 -7.12 20.47
C LYS B 308 -34.95 -6.28 20.58
N GLY B 309 -35.03 -5.06 20.07
CA GLY B 309 -33.88 -4.19 20.04
C GLY B 309 -34.16 -3.03 19.13
N ILE B 310 -33.10 -2.41 18.67
CA ILE B 310 -33.18 -1.40 17.64
C ILE B 310 -31.94 -1.56 16.76
N TYR B 311 -32.17 -1.59 15.45
CA TYR B 311 -31.15 -2.00 14.51
C TYR B 311 -31.00 -0.95 13.43
N GLN B 312 -29.76 -0.61 13.11
CA GLN B 312 -29.48 0.27 12.00
C GLN B 312 -29.51 -0.55 10.72
N THR B 313 -30.30 -0.12 9.76
CA THR B 313 -30.66 -1.00 8.68
C THR B 313 -30.18 -0.46 7.34
N SER B 314 -30.16 0.87 7.20
CA SER B 314 -29.69 1.47 5.95
C SER B 314 -29.48 2.97 6.11
N ASN B 315 -29.65 3.71 5.02
CA ASN B 315 -29.47 5.15 5.05
C ASN B 315 -30.43 5.88 4.13
N PHE B 316 -30.72 7.12 4.49
CA PHE B 316 -31.60 7.94 3.69
C PHE B 316 -30.79 9.07 3.11
N ARG B 317 -30.81 9.19 1.79
CA ARG B 317 -30.08 10.26 1.12
C ARG B 317 -30.94 10.95 0.06
N VAL B 318 -31.31 12.19 0.33
CA VAL B 318 -32.12 12.95 -0.60
C VAL B 318 -31.48 12.87 -1.98
N GLN B 319 -32.28 13.00 -3.03
CA GLN B 319 -31.77 12.93 -4.39
C GLN B 319 -31.76 14.29 -5.10
N PRO B 320 -30.70 14.57 -5.84
CA PRO B 320 -30.60 15.85 -6.56
C PRO B 320 -31.03 15.75 -8.01
N THR B 321 -31.78 16.73 -8.50
CA THR B 321 -32.23 16.72 -9.89
C THR B 321 -31.65 17.88 -10.68
N GLU B 322 -31.43 17.66 -11.97
CA GLU B 322 -30.87 18.67 -12.86
C GLU B 322 -29.48 19.13 -12.44
N SER B 323 -28.72 19.64 -13.40
CA SER B 323 -27.37 20.14 -13.15
C SER B 323 -27.24 21.57 -13.65
N ILE B 324 -27.24 22.52 -12.72
CA ILE B 324 -27.11 23.92 -13.08
C ILE B 324 -25.65 24.33 -13.23
N VAL B 325 -25.28 24.70 -14.46
CA VAL B 325 -23.91 25.12 -14.74
C VAL B 325 -23.81 26.62 -14.85
N ARG B 326 -23.32 27.26 -13.80
CA ARG B 326 -23.17 28.72 -13.79
C ARG B 326 -21.83 29.13 -14.39
N PHE B 327 -21.75 30.37 -14.85
CA PHE B 327 -20.52 30.88 -15.46
C PHE B 327 -20.58 32.39 -15.62
N PRO B 328 -19.55 32.94 -16.26
CA PRO B 328 -19.47 34.38 -16.51
C PRO B 328 -20.40 34.73 -17.66
N ASN B 329 -20.85 35.97 -17.73
CA ASN B 329 -21.75 36.41 -18.80
C ASN B 329 -21.38 35.77 -20.13
N ILE B 330 -20.21 36.13 -20.64
CA ILE B 330 -19.72 35.61 -21.90
C ILE B 330 -18.35 36.18 -22.25
N THR B 331 -18.00 36.11 -23.54
CA THR B 331 -16.72 36.63 -24.00
C THR B 331 -16.55 36.40 -25.50
N ASN B 332 -15.54 37.05 -26.09
CA ASN B 332 -15.27 36.92 -27.51
C ASN B 332 -14.92 35.49 -27.90
N LEU B 333 -14.81 35.24 -29.20
CA LEU B 333 -14.46 33.92 -29.71
C LEU B 333 -13.00 33.60 -29.49
N CYS B 334 -12.47 34.01 -28.34
CA CYS B 334 -11.08 33.77 -27.99
C CYS B 334 -10.23 33.24 -29.15
N PRO B 335 -9.81 34.10 -30.07
CA PRO B 335 -9.19 33.63 -31.33
C PRO B 335 -7.87 32.89 -31.16
N PHE B 336 -7.87 31.64 -31.61
CA PHE B 336 -6.63 30.91 -31.80
C PHE B 336 -6.04 31.19 -33.18
N GLY B 337 -6.72 32.01 -33.98
CA GLY B 337 -6.30 32.30 -35.33
C GLY B 337 -5.09 33.21 -35.44
N GLU B 338 -4.53 33.65 -34.32
CA GLU B 338 -3.23 34.28 -34.29
C GLU B 338 -2.17 33.41 -33.65
N VAL B 339 -2.56 32.23 -33.15
CA VAL B 339 -1.59 31.27 -32.67
C VAL B 339 -1.27 30.21 -33.72
N PHE B 340 -2.29 29.57 -34.30
CA PHE B 340 -2.08 28.52 -35.29
C PHE B 340 -2.00 29.05 -36.70
N ASN B 341 -2.22 30.34 -36.91
CA ASN B 341 -2.33 30.89 -38.25
C ASN B 341 -1.50 32.16 -38.39
N ALA B 342 -0.45 32.28 -37.58
CA ALA B 342 0.45 33.41 -37.68
C ALA B 342 1.29 33.29 -38.94
N THR B 343 1.72 34.44 -39.46
CA THR B 343 2.45 34.44 -40.73
C THR B 343 3.89 34.01 -40.56
N ARG B 344 4.43 34.04 -39.34
CA ARG B 344 5.83 33.74 -39.10
C ARG B 344 5.98 33.29 -37.65
N PHE B 345 6.37 32.04 -37.45
CA PHE B 345 6.63 31.53 -36.11
C PHE B 345 8.01 31.96 -35.65
N ALA B 346 8.33 31.68 -34.40
CA ALA B 346 9.63 32.00 -33.82
C ALA B 346 10.51 30.77 -33.86
N SER B 347 11.81 30.97 -33.68
CA SER B 347 12.77 29.87 -33.67
C SER B 347 12.63 29.09 -32.38
N VAL B 348 13.18 27.87 -32.34
CA VAL B 348 13.01 27.02 -31.16
C VAL B 348 13.85 27.48 -29.98
N TYR B 349 15.01 28.09 -30.21
CA TYR B 349 15.86 28.50 -29.09
C TYR B 349 15.37 29.72 -28.37
N ALA B 350 14.58 30.58 -29.02
CA ALA B 350 13.90 31.71 -28.38
C ALA B 350 12.44 31.63 -28.79
N TRP B 351 11.68 30.80 -28.08
CA TRP B 351 10.32 30.50 -28.50
C TRP B 351 9.35 31.54 -27.96
N ASN B 352 8.19 31.61 -28.59
CA ASN B 352 7.17 32.58 -28.25
C ASN B 352 6.29 32.02 -27.14
N ARG B 353 5.60 32.90 -26.42
CA ARG B 353 4.74 32.47 -25.31
C ARG B 353 3.57 33.45 -25.23
N LYS B 354 2.42 33.04 -25.78
CA LYS B 354 1.21 33.85 -25.76
C LYS B 354 0.34 33.40 -24.59
N ARG B 355 -0.11 34.35 -23.79
CA ARG B 355 -0.95 34.00 -22.65
C ARG B 355 -2.39 34.30 -22.98
N ILE B 356 -3.25 33.31 -22.72
CA ILE B 356 -4.67 33.46 -22.98
C ILE B 356 -5.34 34.09 -21.76
N SER B 357 -6.36 34.89 -22.00
CA SER B 357 -7.09 35.61 -20.95
C SER B 357 -8.52 35.10 -20.97
N ASN B 358 -9.41 35.80 -20.25
CA ASN B 358 -10.82 35.44 -20.18
C ASN B 358 -11.47 35.43 -21.55
N CYS B 359 -12.16 34.36 -21.85
CA CYS B 359 -12.51 34.00 -23.22
C CYS B 359 -13.67 33.00 -23.17
N VAL B 360 -13.96 32.41 -24.33
CA VAL B 360 -14.69 31.15 -24.44
C VAL B 360 -13.89 30.31 -25.44
N ALA B 361 -13.30 29.23 -24.99
CA ALA B 361 -12.45 28.39 -25.83
C ALA B 361 -13.20 27.15 -26.26
N ASP B 362 -13.02 26.75 -27.51
CA ASP B 362 -13.67 25.56 -28.05
C ASP B 362 -12.59 24.63 -28.56
N TYR B 363 -12.27 23.59 -27.79
CA TYR B 363 -11.22 22.67 -28.15
C TYR B 363 -11.70 21.51 -29.02
N SER B 364 -13.02 21.35 -29.20
CA SER B 364 -13.51 20.28 -30.04
C SER B 364 -13.28 20.58 -31.52
N VAL B 365 -13.19 21.87 -31.86
CA VAL B 365 -12.91 22.23 -33.24
C VAL B 365 -11.41 22.11 -33.53
N LEU B 366 -10.61 21.99 -32.48
CA LEU B 366 -9.17 21.77 -32.65
C LEU B 366 -8.86 20.28 -32.66
N TYR B 367 -9.58 19.51 -31.86
CA TYR B 367 -9.30 18.08 -31.74
C TYR B 367 -9.75 17.33 -33.00
N ASN B 368 -10.74 17.86 -33.71
CA ASN B 368 -11.25 17.25 -34.92
C ASN B 368 -11.02 18.12 -36.15
N SER B 369 -9.84 18.71 -36.29
CA SER B 369 -9.56 19.55 -37.45
C SER B 369 -9.04 18.75 -38.64
N ALA B 370 -8.51 17.54 -38.39
CA ALA B 370 -7.98 16.61 -39.38
C ALA B 370 -6.83 17.18 -40.20
N SER B 371 -6.18 18.23 -39.70
CA SER B 371 -5.02 18.83 -40.35
C SER B 371 -3.77 18.76 -39.49
N PHE B 372 -3.91 18.32 -38.24
CA PHE B 372 -2.77 18.23 -37.32
C PHE B 372 -2.16 16.84 -37.40
N SER B 373 -0.84 16.79 -37.50
CA SER B 373 -0.15 15.52 -37.55
C SER B 373 -0.01 14.86 -36.19
N THR B 374 -0.08 15.62 -35.11
CA THR B 374 0.08 15.06 -33.78
C THR B 374 -0.71 15.90 -32.79
N PHE B 375 -1.66 15.27 -32.11
CA PHE B 375 -2.46 15.91 -31.06
C PHE B 375 -2.37 14.99 -29.85
N LYS B 376 -1.49 15.32 -28.91
CA LYS B 376 -1.31 14.48 -27.73
C LYS B 376 -1.48 15.31 -26.46
N CYS B 377 -2.54 15.02 -25.72
CA CYS B 377 -2.77 15.64 -24.43
C CYS B 377 -2.22 14.75 -23.34
N TYR B 378 -1.70 15.35 -22.28
CA TYR B 378 -0.95 14.64 -21.27
C TYR B 378 -1.59 14.68 -19.89
N GLY B 379 -2.05 15.86 -19.45
CA GLY B 379 -2.57 15.96 -18.11
C GLY B 379 -4.07 15.71 -18.01
N VAL B 380 -4.73 15.48 -19.14
CA VAL B 380 -6.18 15.32 -19.16
C VAL B 380 -6.54 14.52 -20.40
N SER B 381 -7.63 13.76 -20.32
CA SER B 381 -8.20 13.13 -21.51
C SER B 381 -8.71 14.22 -22.46
N PRO B 382 -8.62 13.99 -23.77
CA PRO B 382 -9.02 15.07 -24.71
C PRO B 382 -10.51 15.33 -24.74
N THR B 383 -11.34 14.28 -24.64
CA THR B 383 -12.78 14.43 -24.76
C THR B 383 -13.39 15.22 -23.62
N LYS B 384 -12.73 15.29 -22.46
CA LYS B 384 -13.16 16.15 -21.37
C LYS B 384 -12.51 17.52 -21.42
N LEU B 385 -12.15 18.02 -22.60
CA LEU B 385 -11.53 19.34 -22.65
C LEU B 385 -12.56 20.45 -22.54
N ASN B 386 -13.76 20.21 -23.07
CA ASN B 386 -14.82 21.21 -23.06
C ASN B 386 -15.72 21.13 -21.84
N ASP B 387 -15.25 21.67 -20.73
CA ASP B 387 -16.02 21.66 -19.49
C ASP B 387 -15.13 22.07 -18.32
N LEU B 388 -13.86 22.29 -18.61
CA LEU B 388 -12.90 22.69 -17.58
C LEU B 388 -12.59 24.18 -17.68
N CYS B 389 -12.28 24.78 -16.55
CA CYS B 389 -11.96 26.21 -16.49
C CYS B 389 -10.54 26.38 -15.97
N PHE B 390 -9.58 26.49 -16.89
CA PHE B 390 -8.19 26.64 -16.52
C PHE B 390 -7.84 28.05 -16.09
N THR B 391 -7.51 28.21 -14.81
CA THR B 391 -7.13 29.52 -14.29
C THR B 391 -6.16 30.24 -15.21
N ASN B 392 -5.22 29.53 -15.81
CA ASN B 392 -4.29 30.21 -16.71
C ASN B 392 -3.90 29.27 -17.85
N VAL B 393 -3.88 29.82 -19.07
CA VAL B 393 -3.52 29.09 -20.27
C VAL B 393 -2.36 29.80 -20.95
N TYR B 394 -1.32 29.05 -21.27
CA TYR B 394 -0.21 29.54 -22.07
C TYR B 394 -0.09 28.73 -23.35
N ALA B 395 0.47 29.34 -24.39
CA ALA B 395 0.68 28.67 -25.66
C ALA B 395 2.09 28.99 -26.14
N ASP B 396 2.90 27.96 -26.32
CA ASP B 396 4.26 28.10 -26.81
C ASP B 396 4.35 27.61 -28.24
N SER B 397 4.78 28.48 -29.15
CA SER B 397 4.80 28.15 -30.57
C SER B 397 6.20 28.27 -31.12
N PHE B 398 6.64 27.25 -31.85
CA PHE B 398 7.98 27.26 -32.45
C PHE B 398 7.99 26.32 -33.65
N VAL B 399 9.17 26.13 -34.23
CA VAL B 399 9.36 25.34 -35.45
C VAL B 399 10.55 24.41 -35.23
N ILE B 400 10.34 23.10 -35.42
CA ILE B 400 11.44 22.14 -35.30
C ILE B 400 11.49 21.27 -36.54
N ARG B 401 12.37 20.27 -36.53
CA ARG B 401 12.47 19.33 -37.63
C ARG B 401 11.40 18.25 -37.50
N GLY B 402 11.39 17.35 -38.48
CA GLY B 402 10.37 16.33 -38.52
C GLY B 402 10.61 15.19 -37.56
N ASP B 403 11.86 14.81 -37.37
CA ASP B 403 12.21 13.69 -36.50
C ASP B 403 12.54 14.14 -35.09
N GLU B 404 12.28 15.40 -34.75
CA GLU B 404 12.48 15.91 -33.41
C GLU B 404 11.17 16.25 -32.72
N VAL B 405 10.04 15.85 -33.31
CA VAL B 405 8.74 16.05 -32.66
C VAL B 405 8.53 15.10 -31.49
N ARG B 406 9.15 13.93 -31.52
CA ARG B 406 9.06 12.99 -30.42
C ARG B 406 9.93 13.35 -29.22
N GLN B 407 10.67 14.45 -29.30
CA GLN B 407 11.36 14.99 -28.13
C GLN B 407 10.55 16.05 -27.41
N ILE B 408 9.43 16.47 -27.98
CA ILE B 408 8.51 17.38 -27.28
C ILE B 408 7.53 16.49 -26.54
N ALA B 409 7.98 16.04 -25.37
CA ALA B 409 7.24 15.16 -24.48
C ALA B 409 7.91 15.22 -23.12
N PRO B 410 7.16 14.97 -22.04
CA PRO B 410 7.78 15.00 -20.70
C PRO B 410 8.79 13.86 -20.53
N GLY B 411 10.02 14.23 -20.17
CA GLY B 411 11.08 13.28 -19.94
C GLY B 411 11.65 12.67 -21.22
N GLN B 412 12.33 13.48 -22.02
CA GLN B 412 12.90 13.01 -23.28
C GLN B 412 14.35 13.45 -23.40
N THR B 413 15.05 12.82 -24.34
CA THR B 413 16.47 13.09 -24.56
C THR B 413 16.68 13.50 -26.01
N GLY B 414 17.74 14.26 -26.24
CA GLY B 414 18.05 14.83 -27.53
C GLY B 414 18.37 16.31 -27.42
N LYS B 415 18.91 16.84 -28.53
CA LYS B 415 19.44 18.19 -28.52
C LYS B 415 18.35 19.24 -28.36
N ILE B 416 17.16 18.96 -28.88
CA ILE B 416 16.02 19.84 -28.63
C ILE B 416 15.52 19.68 -27.21
N ALA B 417 15.49 18.45 -26.73
CA ALA B 417 15.01 18.16 -25.39
C ALA B 417 15.96 18.63 -24.30
N ASP B 418 17.28 18.48 -24.50
CA ASP B 418 18.23 18.86 -23.46
C ASP B 418 18.28 20.38 -23.30
N TYR B 419 18.75 21.10 -24.31
CA TYR B 419 18.78 22.56 -24.23
C TYR B 419 18.25 23.18 -25.51
N ASN B 420 16.93 23.11 -25.70
CA ASN B 420 16.21 24.13 -26.47
C ASN B 420 14.88 24.44 -25.81
N TYR B 421 14.23 23.38 -25.32
CA TYR B 421 12.87 23.48 -24.79
C TYR B 421 12.65 22.22 -23.96
N LYS B 422 12.45 22.40 -22.65
CA LYS B 422 12.28 21.28 -21.74
C LYS B 422 10.87 21.26 -21.18
N LEU B 423 10.22 20.10 -21.26
CA LEU B 423 8.88 19.92 -20.73
C LEU B 423 8.93 19.29 -19.35
N PRO B 424 8.20 19.81 -18.37
CA PRO B 424 8.20 19.19 -17.04
C PRO B 424 7.49 17.85 -17.04
N ASP B 425 7.83 17.04 -16.06
CA ASP B 425 7.32 15.67 -15.97
C ASP B 425 5.88 15.60 -15.44
N ASP B 426 5.35 16.72 -14.95
CA ASP B 426 3.99 16.73 -14.42
C ASP B 426 3.09 17.60 -15.30
N PHE B 427 3.21 17.41 -16.62
CA PHE B 427 2.59 18.27 -17.61
C PHE B 427 1.06 18.18 -17.61
N THR B 428 0.39 19.27 -17.99
CA THR B 428 -1.06 19.34 -18.03
C THR B 428 -1.63 19.63 -19.40
N GLY B 429 -0.92 20.39 -20.24
CA GLY B 429 -1.47 20.78 -21.52
C GLY B 429 -1.37 19.73 -22.61
N CYS B 430 -1.44 20.19 -23.86
CA CYS B 430 -1.40 19.30 -25.01
C CYS B 430 -0.32 19.76 -25.97
N VAL B 431 0.07 18.86 -26.86
CA VAL B 431 1.07 19.13 -27.89
C VAL B 431 0.41 18.93 -29.24
N ILE B 432 0.41 19.98 -30.06
CA ILE B 432 -0.16 19.96 -31.40
C ILE B 432 0.98 20.24 -32.38
N ALA B 433 1.08 19.42 -33.41
CA ALA B 433 2.20 19.53 -34.34
C ALA B 433 1.73 19.22 -35.74
N TRP B 434 2.12 20.07 -36.70
CA TRP B 434 1.68 19.85 -38.06
C TRP B 434 2.78 20.25 -39.04
N ASN B 435 2.79 19.59 -40.19
CA ASN B 435 3.76 19.87 -41.23
C ASN B 435 3.53 21.25 -41.84
N SER B 436 4.61 21.96 -42.10
CA SER B 436 4.53 23.31 -42.66
C SER B 436 5.59 23.50 -43.73
N ASN B 437 5.69 22.52 -44.64
CA ASN B 437 6.68 22.62 -45.71
C ASN B 437 6.30 23.69 -46.72
N ASN B 438 5.01 23.96 -46.87
CA ASN B 438 4.56 24.96 -47.82
C ASN B 438 4.78 26.38 -47.32
N LEU B 439 5.04 26.56 -46.04
CA LEU B 439 5.10 27.89 -45.44
C LEU B 439 6.50 28.24 -44.95
N ASP B 440 7.15 27.32 -44.24
CA ASP B 440 8.40 27.61 -43.56
C ASP B 440 9.63 27.08 -44.28
N SER B 441 9.52 26.72 -45.55
CA SER B 441 10.66 26.25 -46.32
C SER B 441 10.68 26.96 -47.67
N LYS B 442 11.88 27.11 -48.24
CA LYS B 442 12.03 27.72 -49.55
C LYS B 442 13.23 27.13 -50.26
N VAL B 443 13.31 27.35 -51.57
CA VAL B 443 14.34 26.73 -52.38
C VAL B 443 15.67 27.44 -52.16
N GLY B 444 16.72 26.65 -51.93
CA GLY B 444 18.01 27.19 -51.61
C GLY B 444 18.32 27.24 -50.13
N GLY B 445 17.34 26.99 -49.28
CA GLY B 445 17.56 26.96 -47.85
C GLY B 445 16.96 28.15 -47.12
N ASN B 446 16.14 27.88 -46.11
CA ASN B 446 15.58 28.93 -45.27
C ASN B 446 16.35 28.92 -43.95
N TYR B 447 17.29 29.86 -43.80
CA TYR B 447 18.20 29.86 -42.66
C TYR B 447 17.75 30.78 -41.54
N ASN B 448 16.45 31.08 -41.46
CA ASN B 448 15.93 31.95 -40.41
C ASN B 448 15.52 31.19 -39.17
N TYR B 449 15.78 29.90 -39.11
CA TYR B 449 15.38 29.06 -37.97
C TYR B 449 16.63 28.44 -37.37
N ARG B 450 17.18 29.10 -36.35
CA ARG B 450 18.38 28.62 -35.69
C ARG B 450 18.05 27.81 -34.45
N TYR B 451 18.96 26.92 -34.09
CA TYR B 451 18.79 26.08 -32.91
C TYR B 451 20.13 25.90 -32.22
N ARG B 452 20.06 25.76 -30.90
CA ARG B 452 21.26 25.69 -30.07
C ARG B 452 21.70 24.24 -29.92
N LEU B 453 22.97 23.98 -30.20
CA LEU B 453 23.50 22.63 -30.07
C LEU B 453 24.69 22.53 -29.13
N PHE B 454 25.08 23.62 -28.48
CA PHE B 454 26.17 23.58 -27.51
C PHE B 454 25.76 24.35 -26.26
N ARG B 455 25.70 23.64 -25.14
CA ARG B 455 25.46 24.27 -23.85
C ARG B 455 26.12 23.46 -22.76
N LYS B 456 26.44 24.13 -21.65
CA LYS B 456 27.16 23.49 -20.56
C LYS B 456 26.28 22.48 -19.82
N SER B 457 25.04 22.86 -19.54
CA SER B 457 24.14 22.02 -18.76
C SER B 457 22.79 21.97 -19.44
N ASN B 458 21.96 21.02 -19.01
CA ASN B 458 20.61 20.92 -19.53
C ASN B 458 19.75 22.07 -19.03
N LEU B 459 18.63 22.27 -19.70
CA LEU B 459 17.74 23.36 -19.31
C LEU B 459 16.77 22.90 -18.23
N LYS B 460 16.29 23.87 -17.45
CA LYS B 460 15.16 23.67 -16.59
C LYS B 460 13.90 23.55 -17.44
N PRO B 461 12.84 22.91 -16.95
CA PRO B 461 11.55 23.00 -17.64
C PRO B 461 11.04 24.43 -17.67
N PHE B 462 10.59 24.85 -18.86
CA PHE B 462 10.21 26.22 -19.21
C PHE B 462 11.33 27.21 -18.98
N GLU B 463 12.57 26.84 -19.32
CA GLU B 463 13.69 27.77 -19.29
C GLU B 463 14.03 28.21 -20.71
N ARG B 464 14.57 29.42 -20.83
CA ARG B 464 14.77 30.06 -22.12
C ARG B 464 16.15 30.70 -22.15
N ASP B 465 16.99 30.25 -23.08
CA ASP B 465 18.38 30.68 -23.11
C ASP B 465 18.64 31.36 -24.45
N ILE B 466 18.62 32.69 -24.45
CA ILE B 466 18.85 33.49 -25.65
C ILE B 466 20.28 34.01 -25.70
N SER B 467 21.16 33.49 -24.84
CA SER B 467 22.53 33.95 -24.78
C SER B 467 23.31 33.49 -26.00
N THR B 468 24.25 34.33 -26.42
CA THR B 468 25.04 34.06 -27.62
C THR B 468 26.53 34.17 -27.26
N GLU B 469 26.93 33.50 -26.20
CA GLU B 469 28.34 33.45 -25.83
C GLU B 469 29.04 32.36 -26.62
N ILE B 470 30.34 32.52 -26.81
CA ILE B 470 31.10 31.54 -27.56
C ILE B 470 31.38 30.34 -26.68
N TYR B 471 30.96 29.16 -27.13
CA TYR B 471 31.13 27.93 -26.38
C TYR B 471 32.61 27.56 -26.30
N GLN B 472 32.96 26.88 -25.21
CA GLN B 472 34.34 26.46 -24.95
C GLN B 472 34.33 24.95 -24.78
N ALA B 473 34.61 24.23 -25.87
CA ALA B 473 34.57 22.77 -25.83
C ALA B 473 35.79 22.21 -25.09
N GLY B 474 36.96 22.74 -25.38
CA GLY B 474 38.18 22.28 -24.77
C GLY B 474 38.52 23.06 -23.52
N SER B 475 39.71 22.77 -22.98
CA SER B 475 40.18 23.46 -21.79
C SER B 475 40.78 24.82 -22.10
N LYS B 476 41.06 25.11 -23.36
CA LYS B 476 41.68 26.38 -23.70
C LYS B 476 40.63 27.48 -23.82
N PRO B 477 40.83 28.63 -23.18
CA PRO B 477 39.95 29.77 -23.43
C PRO B 477 40.35 30.50 -24.70
N CYS B 478 39.36 31.13 -25.33
CA CYS B 478 39.60 31.85 -26.58
C CYS B 478 39.10 33.30 -26.54
N ASN B 479 38.19 33.61 -25.63
CA ASN B 479 37.78 34.98 -25.29
C ASN B 479 37.23 35.75 -26.48
N GLY B 480 36.11 35.28 -27.03
CA GLY B 480 35.45 36.01 -28.09
C GLY B 480 35.99 35.79 -29.48
N VAL B 481 36.50 34.60 -29.79
CA VAL B 481 36.91 34.24 -31.13
C VAL B 481 36.75 32.73 -31.28
N GLU B 482 36.59 32.28 -32.53
CA GLU B 482 36.44 30.86 -32.80
C GLU B 482 37.81 30.18 -32.91
N GLY B 483 37.80 28.95 -33.39
CA GLY B 483 39.02 28.18 -33.54
C GLY B 483 38.75 26.74 -33.18
N PHE B 484 39.83 26.05 -32.80
CA PHE B 484 39.71 24.67 -32.35
C PHE B 484 39.08 24.64 -30.97
N ASN B 485 37.98 23.88 -30.87
CA ASN B 485 37.19 23.68 -29.65
C ASN B 485 36.63 24.99 -29.08
N CYS B 486 36.39 25.98 -29.94
CA CYS B 486 35.62 27.18 -29.58
C CYS B 486 34.57 27.34 -30.67
N TYR B 487 33.32 27.12 -30.31
CA TYR B 487 32.24 27.03 -31.27
C TYR B 487 31.22 28.14 -31.06
N PHE B 488 30.63 28.60 -32.14
CA PHE B 488 29.41 29.38 -32.05
C PHE B 488 28.26 28.44 -31.71
N PRO B 489 27.49 28.72 -30.66
CA PRO B 489 26.54 27.73 -30.15
C PRO B 489 25.28 27.52 -30.97
N LEU B 490 24.94 28.44 -31.88
CA LEU B 490 23.71 28.37 -32.65
C LEU B 490 24.00 27.93 -34.07
N GLN B 491 23.42 26.81 -34.48
CA GLN B 491 23.46 26.39 -35.86
C GLN B 491 22.13 26.77 -36.50
N SER B 492 22.01 26.57 -37.80
CA SER B 492 20.80 26.92 -38.52
C SER B 492 20.23 25.69 -39.20
N TYR B 493 18.91 25.57 -39.21
CA TYR B 493 18.25 24.51 -39.94
C TYR B 493 18.35 24.77 -41.43
N GLY B 494 18.69 23.75 -42.19
CA GLY B 494 18.65 23.90 -43.63
C GLY B 494 17.34 23.41 -44.17
N PHE B 495 16.38 24.31 -44.37
CA PHE B 495 15.05 23.91 -44.78
C PHE B 495 14.89 24.11 -46.28
N GLN B 496 14.78 22.99 -47.00
CA GLN B 496 14.56 22.98 -48.43
C GLN B 496 13.36 22.11 -48.71
N PRO B 497 12.53 22.47 -49.70
CA PRO B 497 11.33 21.67 -49.96
C PRO B 497 11.62 20.34 -50.61
N THR B 498 12.81 20.13 -51.15
CA THR B 498 13.20 18.83 -51.68
C THR B 498 13.90 18.01 -50.61
N ASN B 499 13.31 17.91 -49.44
CA ASN B 499 13.89 17.16 -48.34
C ASN B 499 13.01 15.96 -48.02
N GLY B 500 13.63 14.92 -47.47
CA GLY B 500 12.85 13.78 -47.01
C GLY B 500 11.99 14.16 -45.82
N VAL B 501 10.85 13.46 -45.69
CA VAL B 501 9.95 13.72 -44.58
C VAL B 501 10.62 13.26 -43.29
N GLY B 502 10.80 14.20 -42.37
CA GLY B 502 11.72 14.02 -41.28
C GLY B 502 12.90 14.97 -41.33
N TYR B 503 12.99 15.79 -42.37
CA TYR B 503 13.92 16.91 -42.39
C TYR B 503 13.21 18.21 -42.76
N GLN B 504 11.91 18.19 -42.85
CA GLN B 504 10.94 19.20 -43.23
C GLN B 504 10.44 19.95 -42.00
N PRO B 505 10.12 21.24 -42.14
CA PRO B 505 9.76 22.04 -40.97
C PRO B 505 8.39 21.69 -40.42
N TYR B 506 8.36 21.35 -39.12
CA TYR B 506 7.12 21.06 -38.42
C TYR B 506 6.86 22.17 -37.41
N ARG B 507 5.68 22.77 -37.51
CA ARG B 507 5.26 23.80 -36.58
C ARG B 507 4.62 23.13 -35.37
N VAL B 508 5.03 23.57 -34.18
CA VAL B 508 4.60 22.98 -32.93
C VAL B 508 3.98 24.06 -32.06
N VAL B 509 2.79 23.76 -31.52
CA VAL B 509 2.13 24.60 -30.52
C VAL B 509 1.86 23.75 -29.29
N VAL B 510 2.36 24.19 -28.15
CA VAL B 510 2.23 23.49 -26.89
C VAL B 510 1.31 24.32 -26.00
N LEU B 511 0.12 23.79 -25.72
CA LEU B 511 -0.82 24.43 -24.82
C LEU B 511 -0.53 23.94 -23.40
N SER B 512 -0.60 24.83 -22.44
CA SER B 512 -0.36 24.48 -21.03
C SER B 512 -1.46 25.12 -20.19
N PHE B 513 -2.17 24.28 -19.43
CA PHE B 513 -3.25 24.73 -18.58
C PHE B 513 -2.81 24.64 -17.12
N GLU B 514 -3.32 25.53 -16.29
CA GLU B 514 -3.09 25.39 -14.85
C GLU B 514 -4.27 25.91 -14.05
N LEU B 515 -4.45 25.30 -12.88
CA LEU B 515 -5.58 25.50 -11.97
C LEU B 515 -5.03 25.97 -10.63
N LEU B 516 -4.68 27.26 -10.51
CA LEU B 516 -3.96 27.65 -9.29
C LEU B 516 -4.86 28.09 -8.14
N HIS B 517 -5.41 29.29 -8.25
CA HIS B 517 -6.28 29.83 -7.21
C HIS B 517 -7.27 30.84 -7.79
N ALA B 518 -7.23 31.00 -9.11
CA ALA B 518 -8.13 31.94 -9.78
C ALA B 518 -9.58 31.68 -9.40
N PRO B 519 -10.46 32.61 -9.73
CA PRO B 519 -11.89 32.47 -9.40
C PRO B 519 -12.71 31.94 -10.58
N ALA B 520 -12.23 32.17 -11.79
CA ALA B 520 -12.91 31.74 -13.00
C ALA B 520 -12.30 32.38 -14.25
N THR B 521 -11.67 31.57 -15.08
CA THR B 521 -11.04 32.06 -16.30
C THR B 521 -11.62 31.37 -17.53
N VAL B 522 -10.91 31.47 -18.66
CA VAL B 522 -11.35 30.85 -19.89
C VAL B 522 -12.07 29.55 -19.57
N CYS B 523 -12.78 29.00 -20.56
CA CYS B 523 -13.50 27.75 -20.35
C CYS B 523 -14.32 27.38 -21.56
N GLY B 524 -14.55 26.08 -21.75
CA GLY B 524 -15.31 25.61 -22.88
C GLY B 524 -16.67 26.29 -22.94
N PRO B 525 -17.30 26.30 -24.11
CA PRO B 525 -18.60 26.93 -24.27
C PRO B 525 -19.69 26.16 -23.55
N LYS B 526 -20.39 26.81 -22.62
CA LYS B 526 -21.45 26.16 -21.87
C LYS B 526 -22.65 27.11 -21.76
N LYS B 527 -23.81 26.56 -21.41
CA LYS B 527 -25.01 27.37 -21.26
C LYS B 527 -25.40 27.60 -19.80
N SER B 528 -25.10 28.79 -19.29
CA SER B 528 -25.41 29.13 -17.90
C SER B 528 -26.90 28.99 -17.60
N THR B 529 -27.37 27.76 -17.51
CA THR B 529 -28.77 27.49 -17.22
C THR B 529 -29.22 28.15 -15.91
N ASN B 530 -30.44 28.68 -15.92
CA ASN B 530 -31.01 29.34 -14.74
C ASN B 530 -30.67 28.65 -13.42
N LEU B 531 -30.33 29.44 -12.41
CA LEU B 531 -29.99 28.90 -11.10
C LEU B 531 -31.25 28.69 -10.28
N VAL B 532 -31.19 27.78 -9.32
CA VAL B 532 -32.34 27.48 -8.47
C VAL B 532 -31.89 27.55 -7.02
N LYS B 533 -32.84 27.57 -6.10
CA LYS B 533 -32.51 27.66 -4.70
C LYS B 533 -33.41 26.73 -3.90
N ASN B 534 -32.96 26.40 -2.70
CA ASN B 534 -33.71 25.63 -1.71
C ASN B 534 -34.03 24.22 -2.18
N LYS B 535 -33.20 23.63 -3.03
CA LYS B 535 -33.37 22.26 -3.48
C LYS B 535 -32.00 21.62 -3.62
N CYS B 536 -31.88 20.39 -3.14
CA CYS B 536 -30.62 19.66 -3.32
C CYS B 536 -30.36 19.54 -4.82
N VAL B 537 -29.27 20.13 -5.26
CA VAL B 537 -29.00 20.33 -6.67
C VAL B 537 -27.55 19.95 -6.95
N ASN B 538 -27.26 19.74 -8.21
CA ASN B 538 -25.91 19.43 -8.68
C ASN B 538 -25.44 20.65 -9.45
N PHE B 539 -24.45 21.36 -8.91
CA PHE B 539 -24.10 22.67 -9.42
C PHE B 539 -22.66 22.72 -9.91
N ASN B 540 -22.43 23.69 -10.80
CA ASN B 540 -21.10 24.03 -11.30
C ASN B 540 -21.03 25.55 -11.43
N PHE B 541 -20.15 26.16 -10.66
CA PHE B 541 -19.93 27.61 -10.67
C PHE B 541 -18.54 27.87 -11.25
N ASN B 542 -18.48 28.13 -12.55
CA ASN B 542 -17.26 28.36 -13.34
C ASN B 542 -16.08 27.54 -12.85
N GLY B 543 -16.29 26.24 -12.65
CA GLY B 543 -15.20 25.38 -12.24
C GLY B 543 -15.49 24.63 -10.95
N LEU B 544 -16.13 25.30 -10.00
CA LEU B 544 -16.49 24.67 -8.73
C LEU B 544 -17.61 23.68 -8.98
N THR B 545 -17.32 22.40 -8.83
CA THR B 545 -18.32 21.36 -9.01
C THR B 545 -18.75 20.87 -7.63
N GLY B 546 -20.06 20.82 -7.39
CA GLY B 546 -20.54 20.32 -6.12
C GLY B 546 -22.00 19.91 -6.08
N THR B 547 -22.47 19.58 -4.89
CA THR B 547 -23.86 19.19 -4.67
C THR B 547 -24.35 19.83 -3.39
N GLY B 548 -25.62 20.21 -3.37
CA GLY B 548 -26.20 20.72 -2.14
C GLY B 548 -27.33 21.67 -2.41
N VAL B 549 -27.87 22.19 -1.32
CA VAL B 549 -28.88 23.23 -1.32
C VAL B 549 -28.19 24.59 -1.35
N LEU B 550 -28.70 25.48 -2.18
CA LEU B 550 -28.19 26.84 -2.32
C LEU B 550 -29.14 27.78 -1.62
N THR B 551 -28.60 28.76 -0.90
CA THR B 551 -29.45 29.66 -0.13
C THR B 551 -28.88 31.08 -0.17
N GLU B 552 -29.77 32.08 -0.12
CA GLU B 552 -29.34 33.47 -0.10
C GLU B 552 -28.50 33.74 1.14
N SER B 553 -27.39 34.44 0.95
CA SER B 553 -26.45 34.66 2.03
C SER B 553 -26.64 36.03 2.65
N ASN B 554 -25.86 36.27 3.71
CA ASN B 554 -25.77 37.61 4.28
C ASN B 554 -24.33 37.92 4.70
N LYS B 555 -23.38 37.18 4.15
CA LYS B 555 -21.96 37.38 4.44
C LYS B 555 -21.34 38.32 3.41
N LYS B 556 -20.88 39.48 3.87
CA LYS B 556 -20.29 40.48 2.99
C LYS B 556 -18.98 40.06 2.33
N PHE B 557 -19.07 39.35 1.22
CA PHE B 557 -17.89 38.92 0.48
C PHE B 557 -17.15 40.15 -0.03
N LEU B 558 -16.03 40.47 0.61
CA LEU B 558 -15.24 41.63 0.22
C LEU B 558 -15.08 41.74 -1.30
N PRO B 559 -15.33 43.00 -1.83
CA PRO B 559 -15.20 43.07 -3.30
C PRO B 559 -13.86 42.61 -3.85
N PHE B 560 -13.65 41.29 -3.87
CA PHE B 560 -12.43 40.69 -4.40
C PHE B 560 -12.29 39.25 -3.94
N GLN B 561 -13.27 38.80 -3.16
CA GLN B 561 -13.29 37.42 -2.65
C GLN B 561 -14.18 36.56 -3.53
N GLN B 562 -13.57 35.62 -4.24
CA GLN B 562 -14.29 34.72 -5.13
C GLN B 562 -15.28 33.82 -4.40
N PHE B 563 -14.82 33.16 -3.31
CA PHE B 563 -15.64 32.21 -2.50
C PHE B 563 -15.40 32.22 -0.97
N GLY B 564 -16.15 31.40 -0.21
CA GLY B 564 -16.07 31.28 1.25
C GLY B 564 -15.33 29.98 1.68
N ARG B 565 -14.31 30.06 2.53
CA ARG B 565 -13.57 28.86 3.00
C ARG B 565 -13.93 28.58 4.50
N ASP B 566 -14.25 27.31 4.82
CA ASP B 566 -14.62 26.89 6.20
C ASP B 566 -13.51 26.03 6.88
N ILE B 567 -13.36 26.16 8.22
CA ILE B 567 -12.28 25.48 8.91
C ILE B 567 -12.48 24.00 8.64
N ALA B 568 -11.38 23.29 8.38
CA ALA B 568 -11.36 21.93 7.82
C ALA B 568 -11.55 21.98 6.31
N ASP B 569 -11.59 23.18 5.75
CA ASP B 569 -11.42 23.39 4.31
C ASP B 569 -12.49 22.74 3.43
N THR B 570 -13.74 23.13 3.58
CA THR B 570 -14.79 22.72 2.66
C THR B 570 -15.50 23.96 2.13
N THR B 571 -15.77 23.98 0.83
CA THR B 571 -16.48 25.09 0.22
C THR B 571 -17.86 25.25 0.83
N ASP B 572 -18.15 26.44 1.34
CA ASP B 572 -19.47 26.65 1.95
C ASP B 572 -20.18 27.89 1.47
N ALA B 573 -19.54 28.72 0.66
CA ALA B 573 -20.21 29.85 0.02
C ALA B 573 -19.64 30.02 -1.37
N VAL B 574 -20.43 30.58 -2.27
CA VAL B 574 -19.98 30.94 -3.60
C VAL B 574 -20.54 32.31 -3.96
N ARG B 575 -20.03 32.86 -5.04
CA ARG B 575 -20.54 34.09 -5.61
C ARG B 575 -21.00 33.78 -7.04
N ASP B 576 -22.21 34.21 -7.37
CA ASP B 576 -22.72 33.91 -8.71
C ASP B 576 -22.05 34.83 -9.71
N PRO B 577 -21.40 34.32 -10.72
CA PRO B 577 -20.64 35.18 -11.63
C PRO B 577 -21.47 36.25 -12.31
N GLN B 578 -22.70 35.92 -12.71
CA GLN B 578 -23.49 36.86 -13.50
C GLN B 578 -24.07 37.97 -12.64
N THR B 579 -24.74 37.63 -11.53
CA THR B 579 -25.37 38.65 -10.70
C THR B 579 -24.50 39.11 -9.54
N LEU B 580 -23.44 38.35 -9.21
CA LEU B 580 -22.46 38.71 -8.18
C LEU B 580 -23.10 38.80 -6.79
N GLU B 581 -23.80 37.76 -6.40
CA GLU B 581 -24.36 37.66 -5.06
C GLU B 581 -23.88 36.38 -4.38
N ILE B 582 -23.73 36.47 -3.08
CA ILE B 582 -23.15 35.39 -2.28
C ILE B 582 -24.26 34.43 -1.90
N LEU B 583 -23.99 33.14 -2.04
CA LEU B 583 -24.95 32.09 -1.76
C LEU B 583 -24.26 31.02 -0.92
N ASP B 584 -24.92 30.62 0.18
CA ASP B 584 -24.39 29.54 0.99
C ASP B 584 -24.75 28.19 0.40
N ILE B 585 -23.87 27.22 0.64
CA ILE B 585 -24.06 25.88 0.12
C ILE B 585 -24.22 24.85 1.22
N THR B 586 -25.45 24.68 1.70
CA THR B 586 -25.72 23.71 2.75
C THR B 586 -25.70 22.32 2.15
N PRO B 587 -25.34 21.29 3.00
CA PRO B 587 -25.33 19.95 2.38
C PRO B 587 -26.64 19.22 2.61
N CYS B 588 -27.01 18.37 1.64
CA CYS B 588 -28.24 17.61 1.69
C CYS B 588 -28.37 16.83 2.99
N SER B 589 -29.56 16.29 3.21
CA SER B 589 -29.83 15.52 4.42
C SER B 589 -29.52 14.04 4.23
N PHE B 590 -28.50 13.57 4.91
CA PHE B 590 -28.09 12.18 4.87
C PHE B 590 -28.24 11.70 6.29
N GLY B 591 -28.24 10.39 6.51
CA GLY B 591 -28.39 9.90 7.87
C GLY B 591 -28.70 8.42 7.93
N GLY B 592 -28.49 7.80 9.08
CA GLY B 592 -28.80 6.40 9.21
C GLY B 592 -30.30 6.13 9.32
N VAL B 593 -30.66 4.90 9.02
CA VAL B 593 -32.03 4.43 9.16
C VAL B 593 -32.04 3.27 10.13
N SER B 594 -32.89 3.36 11.15
CA SER B 594 -33.00 2.31 12.15
C SER B 594 -34.41 1.75 12.15
N VAL B 595 -34.52 0.47 12.47
CA VAL B 595 -35.80 -0.22 12.50
C VAL B 595 -36.08 -0.69 13.92
N ILE B 596 -37.25 -0.32 14.42
CA ILE B 596 -37.70 -0.65 15.77
C ILE B 596 -38.74 -1.74 15.65
N THR B 597 -38.47 -2.88 16.26
CA THR B 597 -39.35 -4.02 16.20
C THR B 597 -39.61 -4.61 17.58
N PRO B 598 -40.85 -4.97 17.89
CA PRO B 598 -41.13 -5.66 19.15
C PRO B 598 -40.64 -7.10 19.19
N GLY B 599 -40.10 -7.63 18.10
CA GLY B 599 -39.65 -9.00 18.02
C GLY B 599 -40.64 -9.80 17.18
N THR B 600 -40.10 -10.62 16.27
CA THR B 600 -40.94 -11.35 15.33
C THR B 600 -41.80 -12.40 15.99
N ASN B 601 -41.51 -12.71 17.25
CA ASN B 601 -42.27 -13.64 18.06
C ASN B 601 -43.40 -12.95 18.80
N THR B 602 -43.64 -11.69 18.46
CA THR B 602 -44.69 -10.91 19.10
C THR B 602 -45.58 -10.29 18.02
N SER B 603 -44.95 -9.86 16.94
CA SER B 603 -45.63 -9.11 15.89
C SER B 603 -44.65 -8.91 14.76
N ASN B 604 -45.17 -8.50 13.61
CA ASN B 604 -44.34 -8.17 12.45
C ASN B 604 -44.47 -6.70 12.08
N GLN B 605 -45.14 -5.90 12.90
CA GLN B 605 -45.15 -4.47 12.71
C GLN B 605 -43.79 -3.87 13.04
N VAL B 606 -43.55 -2.67 12.54
CA VAL B 606 -42.22 -2.08 12.58
C VAL B 606 -42.38 -0.57 12.58
N ALA B 607 -41.44 0.12 13.22
CA ALA B 607 -41.33 1.56 13.14
C ALA B 607 -39.95 1.92 12.64
N VAL B 608 -39.79 3.12 12.09
CA VAL B 608 -38.57 3.48 11.38
C VAL B 608 -38.11 4.84 11.85
N LEU B 609 -36.84 4.94 12.21
CA LEU B 609 -36.22 6.19 12.64
C LEU B 609 -35.24 6.64 11.55
N TYR B 610 -35.46 7.85 11.04
CA TYR B 610 -34.52 8.52 10.16
C TYR B 610 -33.71 9.47 11.03
N GLN B 611 -32.42 9.18 11.20
CA GLN B 611 -31.66 9.82 12.26
C GLN B 611 -31.27 11.23 11.85
N GLY B 612 -31.52 12.17 12.75
CA GLY B 612 -31.32 13.61 12.60
C GLY B 612 -31.62 14.12 11.19
N VAL B 613 -32.77 13.68 10.69
CA VAL B 613 -33.31 14.19 9.44
C VAL B 613 -34.61 14.91 9.76
N ASN B 614 -34.79 16.07 9.16
CA ASN B 614 -36.04 16.79 9.36
C ASN B 614 -37.17 16.02 8.68
N CYS B 615 -38.26 15.87 9.40
CA CYS B 615 -39.25 14.88 9.03
C CYS B 615 -40.11 15.32 7.84
N THR B 616 -39.73 16.38 7.16
CA THR B 616 -40.47 16.91 6.01
C THR B 616 -39.81 16.51 4.69
N GLU B 617 -38.63 15.90 4.79
CA GLU B 617 -37.87 15.54 3.61
C GLU B 617 -37.53 14.06 3.61
N VAL B 618 -38.43 13.24 4.16
CA VAL B 618 -38.17 11.81 4.30
C VAL B 618 -38.33 11.09 2.97
N PRO B 619 -39.45 11.24 2.24
CA PRO B 619 -39.50 10.48 0.99
C PRO B 619 -39.09 11.31 -0.21
N SER B 638 -51.28 8.52 8.74
CA SER B 638 -50.20 7.80 9.40
C SER B 638 -49.59 8.62 10.54
N ASN B 639 -48.52 8.09 11.12
CA ASN B 639 -47.88 8.68 12.28
C ASN B 639 -46.48 9.15 11.91
N VAL B 640 -46.32 10.45 11.74
CA VAL B 640 -45.00 11.06 11.63
C VAL B 640 -44.79 11.92 12.86
N PHE B 641 -43.70 11.69 13.55
CA PHE B 641 -43.44 12.30 14.84
C PHE B 641 -41.99 12.76 14.82
N GLN B 642 -41.77 14.00 15.22
CA GLN B 642 -40.44 14.59 15.19
C GLN B 642 -39.79 14.50 16.56
N THR B 643 -38.55 14.06 16.57
CA THR B 643 -37.78 13.86 17.78
C THR B 643 -36.50 14.66 17.67
N ARG B 644 -35.88 14.94 18.81
CA ARG B 644 -34.54 15.46 18.83
C ARG B 644 -33.54 14.48 18.23
N ALA B 645 -33.94 13.24 18.00
CA ALA B 645 -33.06 12.21 17.45
C ALA B 645 -33.37 11.87 16.00
N GLY B 646 -34.36 12.52 15.40
CA GLY B 646 -34.73 12.26 14.03
C GLY B 646 -36.23 12.17 13.85
N CYS B 647 -36.62 11.66 12.69
CA CYS B 647 -38.03 11.52 12.36
C CYS B 647 -38.48 10.08 12.49
N LEU B 648 -39.51 9.86 13.30
CA LEU B 648 -40.04 8.54 13.61
C LEU B 648 -41.33 8.30 12.85
N ILE B 649 -41.43 7.18 12.15
CA ILE B 649 -42.60 6.84 11.35
C ILE B 649 -43.11 5.48 11.78
N GLY B 650 -44.40 5.40 12.06
CA GLY B 650 -45.03 4.14 12.40
C GLY B 650 -45.28 3.91 13.86
N ALA B 651 -45.08 4.91 14.71
CA ALA B 651 -45.39 4.85 16.12
C ALA B 651 -46.19 6.09 16.48
N GLU B 652 -47.15 5.94 17.38
CA GLU B 652 -47.94 7.07 17.83
C GLU B 652 -47.39 7.61 19.14
N HIS B 653 -47.47 8.92 19.30
CA HIS B 653 -46.99 9.61 20.48
C HIS B 653 -48.09 9.71 21.51
N VAL B 654 -47.82 9.20 22.71
CA VAL B 654 -48.78 9.27 23.81
C VAL B 654 -48.27 10.26 24.86
N ASN B 655 -49.11 10.54 25.84
CA ASN B 655 -48.79 11.51 26.88
C ASN B 655 -48.43 10.88 28.20
N ASN B 656 -48.68 9.59 28.37
CA ASN B 656 -48.28 8.84 29.56
C ASN B 656 -46.76 8.79 29.65
N SER B 657 -46.23 8.19 30.72
CA SER B 657 -44.80 7.96 30.82
C SER B 657 -44.56 6.66 31.54
N TYR B 658 -43.85 5.75 30.90
CA TYR B 658 -43.59 4.43 31.42
C TYR B 658 -42.09 4.27 31.67
N GLU B 659 -41.71 3.09 32.12
CA GLU B 659 -40.31 2.73 32.18
C GLU B 659 -39.81 2.44 30.78
N CYS B 660 -38.54 2.76 30.53
CA CYS B 660 -38.03 2.68 29.18
C CYS B 660 -37.98 1.23 28.70
N ASP B 661 -38.34 1.03 27.44
CA ASP B 661 -38.39 -0.31 26.87
C ASP B 661 -37.37 -0.47 25.76
N ILE B 662 -37.51 0.32 24.70
CA ILE B 662 -36.61 0.36 23.57
C ILE B 662 -36.12 1.79 23.49
N PRO B 663 -34.84 2.05 23.66
CA PRO B 663 -34.38 3.44 23.73
C PRO B 663 -34.23 4.09 22.38
N ILE B 664 -34.94 5.17 22.15
CA ILE B 664 -34.80 5.94 20.92
C ILE B 664 -33.73 6.99 21.07
N GLY B 665 -33.85 7.85 22.08
CA GLY B 665 -32.82 8.83 22.35
C GLY B 665 -33.41 10.12 22.83
N ALA B 666 -32.56 10.95 23.43
CA ALA B 666 -32.94 12.26 23.96
C ALA B 666 -34.15 12.17 24.89
N GLY B 667 -34.22 11.11 25.67
CA GLY B 667 -35.31 10.92 26.60
C GLY B 667 -36.51 10.19 26.08
N ILE B 668 -36.52 9.77 24.82
CA ILE B 668 -37.66 9.13 24.20
C ILE B 668 -37.42 7.64 24.10
N CYS B 669 -38.42 6.86 24.52
CA CYS B 669 -38.42 5.41 24.30
C CYS B 669 -39.67 4.96 23.56
N ALA B 670 -39.68 3.70 23.12
CA ALA B 670 -40.78 3.13 22.37
C ALA B 670 -41.17 1.81 23.00
N SER B 671 -42.42 1.42 22.78
CA SER B 671 -42.88 0.11 23.27
C SER B 671 -44.00 -0.38 22.38
N TYR B 672 -44.31 -1.66 22.49
CA TYR B 672 -45.39 -2.26 21.72
C TYR B 672 -46.42 -2.81 22.68
N GLN B 673 -47.42 -2.00 23.00
CA GLN B 673 -48.47 -2.44 23.92
C GLN B 673 -49.72 -1.59 23.82
N THR B 674 -49.75 -0.49 24.57
CA THR B 674 -50.89 0.42 24.57
C THR B 674 -51.42 0.68 23.16
N GLN B 688 -53.19 -2.85 20.02
CA GLN B 688 -51.78 -3.22 20.13
C GLN B 688 -50.97 -2.62 18.97
N SER B 689 -50.05 -1.73 19.32
CA SER B 689 -49.22 -1.08 18.32
C SER B 689 -47.93 -0.59 18.96
N ILE B 690 -47.24 0.31 18.28
CA ILE B 690 -45.99 0.88 18.78
C ILE B 690 -46.22 2.32 19.23
N ILE B 691 -45.85 2.64 20.45
CA ILE B 691 -46.03 3.99 20.98
C ILE B 691 -44.71 4.62 21.41
N ALA B 692 -44.61 5.93 21.20
CA ALA B 692 -43.44 6.69 21.58
C ALA B 692 -43.84 7.55 22.77
N TYR B 693 -42.87 7.93 23.60
CA TYR B 693 -43.19 8.74 24.77
C TYR B 693 -41.96 9.08 25.57
N THR B 694 -42.06 10.15 26.35
CA THR B 694 -40.96 10.56 27.22
C THR B 694 -40.84 9.61 28.41
N MET B 695 -39.66 9.04 28.61
CA MET B 695 -39.50 7.97 29.58
C MET B 695 -39.62 8.47 31.01
N SER B 696 -40.19 7.63 31.86
CA SER B 696 -40.28 7.91 33.28
C SER B 696 -39.06 7.36 33.98
N LEU B 697 -38.66 8.04 35.04
CA LEU B 697 -37.47 7.65 35.77
C LEU B 697 -37.76 6.69 36.90
N GLY B 698 -38.99 6.66 37.37
CA GLY B 698 -39.38 5.76 38.43
C GLY B 698 -40.53 6.36 39.20
N ALA B 699 -41.04 5.55 40.13
CA ALA B 699 -42.07 6.04 41.02
C ALA B 699 -41.49 7.11 41.93
N GLU B 700 -42.37 7.96 42.44
CA GLU B 700 -41.96 9.08 43.25
C GLU B 700 -42.51 8.91 44.66
N ASN B 701 -41.74 9.31 45.65
CA ASN B 701 -42.31 9.28 46.99
C ASN B 701 -41.56 10.21 47.92
N SER B 702 -42.33 10.90 48.74
CA SER B 702 -41.83 11.69 49.85
C SER B 702 -41.66 10.81 51.08
N VAL B 703 -40.51 10.94 51.71
CA VAL B 703 -40.24 10.30 52.98
C VAL B 703 -40.91 11.14 54.06
N ALA B 704 -41.39 10.47 55.10
CA ALA B 704 -42.12 11.15 56.16
C ALA B 704 -41.15 11.73 57.20
N TYR B 705 -40.26 12.59 56.73
CA TYR B 705 -39.22 13.14 57.59
C TYR B 705 -39.82 14.12 58.59
N SER B 706 -39.43 13.99 59.86
CA SER B 706 -39.64 15.04 60.85
C SER B 706 -38.47 15.07 61.82
N ASN B 707 -38.48 15.98 62.78
CA ASN B 707 -37.31 16.09 63.64
C ASN B 707 -37.35 15.19 64.86
N ASN B 708 -38.41 14.40 65.04
CA ASN B 708 -38.41 13.42 66.12
C ASN B 708 -39.12 12.13 65.74
N SER B 709 -39.07 11.74 64.48
CA SER B 709 -39.71 10.54 63.99
C SER B 709 -38.66 9.56 63.50
N ILE B 710 -38.91 8.26 63.72
CA ILE B 710 -38.00 7.22 63.27
C ILE B 710 -38.82 6.03 62.77
N ALA B 711 -38.20 5.22 61.93
CA ALA B 711 -38.81 3.98 61.42
C ALA B 711 -37.88 2.82 61.68
N ILE B 712 -38.38 1.78 62.36
CA ILE B 712 -37.60 0.62 62.74
C ILE B 712 -38.22 -0.60 62.09
N PRO B 713 -37.43 -1.52 61.53
CA PRO B 713 -37.99 -2.74 60.95
C PRO B 713 -38.37 -3.77 62.00
N THR B 714 -39.44 -4.51 61.72
CA THR B 714 -39.93 -5.54 62.62
C THR B 714 -39.78 -6.97 62.08
N ASN B 715 -39.25 -7.10 60.86
CA ASN B 715 -39.06 -8.39 60.25
C ASN B 715 -37.95 -8.26 59.23
N PHE B 716 -37.64 -9.36 58.54
CA PHE B 716 -36.61 -9.36 57.52
C PHE B 716 -36.94 -10.41 56.47
N THR B 717 -36.28 -10.31 55.34
CA THR B 717 -36.22 -11.38 54.35
C THR B 717 -34.78 -11.75 54.05
N ILE B 718 -34.58 -12.99 53.64
CA ILE B 718 -33.29 -13.49 53.16
C ILE B 718 -33.34 -13.52 51.64
N SER B 719 -32.45 -12.77 51.00
CA SER B 719 -32.38 -12.73 49.54
C SER B 719 -31.17 -13.50 49.05
N VAL B 720 -31.30 -14.10 47.85
CA VAL B 720 -30.15 -14.59 47.10
C VAL B 720 -30.26 -14.07 45.68
N THR B 721 -29.15 -13.54 45.17
CA THR B 721 -29.11 -12.98 43.81
C THR B 721 -27.86 -13.42 43.09
N THR B 722 -27.96 -13.51 41.77
CA THR B 722 -26.84 -13.94 40.94
C THR B 722 -26.05 -12.76 40.43
N GLU B 723 -24.77 -13.01 40.19
CA GLU B 723 -23.90 -12.11 39.44
C GLU B 723 -23.04 -12.97 38.53
N ILE B 724 -22.88 -12.57 37.29
CA ILE B 724 -22.18 -13.38 36.29
C ILE B 724 -21.03 -12.57 35.72
N LEU B 725 -19.86 -13.19 35.63
CA LEU B 725 -18.69 -12.48 35.15
C LEU B 725 -17.86 -13.35 34.21
N PRO B 726 -17.38 -12.80 33.11
CA PRO B 726 -16.45 -13.54 32.24
C PRO B 726 -15.06 -13.60 32.83
N VAL B 727 -14.37 -14.72 32.62
CA VAL B 727 -12.98 -14.80 33.04
C VAL B 727 -12.01 -15.15 31.92
N SER B 728 -12.44 -15.64 30.76
CA SER B 728 -11.48 -15.96 29.72
C SER B 728 -12.13 -15.96 28.34
N MET B 729 -11.28 -15.85 27.32
CA MET B 729 -11.61 -16.04 25.91
C MET B 729 -10.94 -17.30 25.36
N THR B 730 -11.36 -17.68 24.17
CA THR B 730 -10.73 -18.79 23.47
C THR B 730 -9.34 -18.42 22.98
N LYS B 731 -8.42 -19.36 23.11
CA LYS B 731 -7.04 -19.20 22.70
C LYS B 731 -6.90 -19.61 21.24
N THR B 732 -6.62 -18.65 20.38
CA THR B 732 -6.45 -18.93 18.98
C THR B 732 -5.06 -18.50 18.56
N SER B 733 -4.58 -19.12 17.48
CA SER B 733 -3.26 -18.82 16.92
C SER B 733 -3.34 -18.87 15.39
N VAL B 734 -2.78 -17.85 14.74
CA VAL B 734 -2.79 -17.76 13.29
C VAL B 734 -1.35 -17.87 12.83
N ASP B 735 -1.12 -18.68 11.81
CA ASP B 735 0.15 -18.73 11.11
C ASP B 735 0.14 -17.64 10.05
N CYS B 736 0.88 -16.56 10.28
CA CYS B 736 0.88 -15.41 9.39
C CYS B 736 1.22 -15.82 7.96
N THR B 737 2.27 -16.61 7.79
CA THR B 737 2.70 -17.00 6.45
C THR B 737 1.67 -17.85 5.73
N MET B 738 0.98 -18.74 6.45
CA MET B 738 0.02 -19.61 5.79
C MET B 738 -1.31 -18.93 5.53
N TYR B 739 -1.63 -17.90 6.29
CA TYR B 739 -2.81 -17.10 5.97
C TYR B 739 -2.56 -16.21 4.77
N ILE B 740 -1.41 -15.56 4.74
CA ILE B 740 -1.12 -14.67 3.62
C ILE B 740 -0.90 -15.49 2.36
N CYS B 741 0.34 -15.88 2.12
CA CYS B 741 0.66 -16.69 0.94
C CYS B 741 -0.29 -17.87 0.86
N GLY B 742 0.01 -18.93 1.61
CA GLY B 742 -0.82 -20.11 1.64
C GLY B 742 -0.47 -21.10 0.57
N ASP B 743 0.52 -21.95 0.85
CA ASP B 743 0.98 -22.98 -0.08
C ASP B 743 1.95 -22.46 -1.13
N SER B 744 1.50 -21.53 -1.97
CA SER B 744 2.32 -20.97 -3.02
C SER B 744 3.74 -20.65 -2.53
N THR B 745 4.68 -20.57 -3.46
CA THR B 745 6.06 -20.27 -3.12
C THR B 745 6.54 -18.93 -3.68
N GLU B 746 5.77 -18.38 -4.62
CA GLU B 746 6.13 -17.09 -5.21
C GLU B 746 5.77 -16.02 -4.19
N CYS B 747 4.81 -16.35 -3.34
CA CYS B 747 4.33 -15.47 -2.28
C CYS B 747 5.29 -15.40 -1.10
N SER B 748 5.89 -16.54 -0.72
CA SER B 748 6.73 -16.54 0.46
C SER B 748 7.98 -15.71 0.28
N ASN B 749 8.62 -15.78 -0.88
CA ASN B 749 9.81 -14.97 -1.11
C ASN B 749 9.48 -13.49 -1.18
N LEU B 750 8.31 -13.14 -1.70
CA LEU B 750 7.91 -11.75 -1.72
C LEU B 750 7.58 -11.24 -0.33
N LEU B 751 6.95 -12.07 0.50
CA LEU B 751 6.62 -11.67 1.86
C LEU B 751 7.83 -11.60 2.75
N LEU B 752 8.87 -12.38 2.47
CA LEU B 752 10.13 -12.28 3.18
C LEU B 752 10.72 -10.88 3.14
N GLN B 753 10.24 -10.02 2.24
CA GLN B 753 10.77 -8.68 2.06
C GLN B 753 10.21 -7.67 3.04
N TYR B 754 9.29 -8.08 3.90
CA TYR B 754 8.61 -7.15 4.80
C TYR B 754 9.20 -7.14 6.19
N GLY B 755 10.18 -7.98 6.46
CA GLY B 755 10.83 -7.92 7.75
C GLY B 755 10.17 -8.81 8.76
N SER B 756 10.04 -8.31 9.99
CA SER B 756 9.50 -9.10 11.09
C SER B 756 8.05 -8.77 11.39
N PHE B 757 7.24 -8.47 10.39
CA PHE B 757 5.83 -8.16 10.64
C PHE B 757 5.07 -9.37 11.15
N CYS B 758 5.40 -10.57 10.67
CA CYS B 758 4.70 -11.77 11.09
C CYS B 758 5.18 -12.33 12.41
N THR B 759 6.43 -12.08 12.79
CA THR B 759 6.93 -12.49 14.09
C THR B 759 6.27 -11.70 15.21
N GLN B 760 6.07 -10.40 14.99
CA GLN B 760 5.37 -9.56 15.95
C GLN B 760 3.95 -10.03 16.18
N LEU B 761 3.24 -10.41 15.11
CA LEU B 761 1.84 -10.79 15.26
C LEU B 761 1.70 -12.10 16.03
N ASN B 762 2.59 -13.05 15.79
CA ASN B 762 2.57 -14.29 16.54
C ASN B 762 2.94 -14.09 17.99
N ARG B 763 3.88 -13.19 18.27
CA ARG B 763 4.14 -12.86 19.67
C ARG B 763 2.92 -12.25 20.34
N ALA B 764 2.24 -11.34 19.64
CA ALA B 764 1.07 -10.68 20.21
C ALA B 764 -0.02 -11.70 20.52
N LEU B 765 -0.28 -12.62 19.60
CA LEU B 765 -1.31 -13.62 19.87
C LEU B 765 -0.91 -14.62 20.93
N THR B 766 0.38 -14.94 21.05
CA THR B 766 0.79 -15.90 22.08
C THR B 766 0.70 -15.31 23.48
N GLY B 767 1.01 -14.03 23.62
CA GLY B 767 0.82 -13.39 24.91
C GLY B 767 -0.61 -13.42 25.40
N ILE B 768 -1.56 -13.14 24.51
CA ILE B 768 -2.98 -13.23 24.81
C ILE B 768 -3.37 -14.61 25.32
N ALA B 769 -2.91 -15.67 24.66
CA ALA B 769 -3.24 -17.02 25.03
C ALA B 769 -2.63 -17.44 26.36
N VAL B 770 -1.43 -16.94 26.67
CA VAL B 770 -0.86 -17.23 27.98
C VAL B 770 -1.59 -16.46 29.08
N GLU B 771 -2.14 -15.29 28.77
CA GLU B 771 -2.87 -14.53 29.77
C GLU B 771 -4.21 -15.18 30.14
N GLN B 772 -4.81 -15.95 29.23
CA GLN B 772 -6.11 -16.54 29.50
C GLN B 772 -6.04 -17.65 30.55
N ASP B 773 -4.91 -18.32 30.69
CA ASP B 773 -4.77 -19.32 31.72
C ASP B 773 -4.48 -18.72 33.08
N LYS B 774 -3.78 -17.61 33.11
CA LYS B 774 -3.53 -16.89 34.34
C LYS B 774 -4.79 -16.23 34.88
N ASN B 775 -5.67 -15.75 34.00
CA ASN B 775 -6.98 -15.30 34.41
C ASN B 775 -7.70 -16.35 35.25
N THR B 776 -7.75 -17.59 34.75
CA THR B 776 -8.49 -18.67 35.41
C THR B 776 -7.78 -19.15 36.67
N GLN B 777 -6.46 -19.21 36.65
CA GLN B 777 -5.71 -19.55 37.85
C GLN B 777 -5.96 -18.54 38.95
N GLU B 778 -6.04 -17.25 38.60
CA GLU B 778 -6.26 -16.24 39.61
C GLU B 778 -7.68 -16.23 40.15
N VAL B 779 -8.68 -16.61 39.34
CA VAL B 779 -10.04 -16.63 39.89
C VAL B 779 -10.27 -17.88 40.73
N PHE B 780 -9.85 -19.06 40.25
CA PHE B 780 -10.35 -20.29 40.86
C PHE B 780 -9.36 -21.00 41.77
N ALA B 781 -8.07 -20.96 41.52
CA ALA B 781 -7.12 -21.70 42.35
C ALA B 781 -6.72 -20.89 43.58
N GLN B 782 -7.74 -20.48 44.33
CA GLN B 782 -7.60 -19.66 45.53
C GLN B 782 -7.68 -20.48 46.80
N VAL B 783 -7.25 -21.73 46.76
CA VAL B 783 -7.45 -22.60 47.91
C VAL B 783 -6.26 -23.55 47.99
N LYS B 784 -5.78 -23.77 49.20
CA LYS B 784 -4.63 -24.64 49.43
C LYS B 784 -5.00 -26.10 49.24
N GLN B 785 -6.00 -26.57 49.97
CA GLN B 785 -6.39 -27.96 50.01
C GLN B 785 -7.67 -28.15 49.23
N ILE B 786 -7.97 -29.39 48.92
CA ILE B 786 -9.24 -29.74 48.30
C ILE B 786 -10.13 -30.27 49.41
N TYR B 787 -11.01 -29.42 49.91
CA TYR B 787 -11.85 -29.74 51.04
C TYR B 787 -13.08 -30.54 50.62
N LYS B 788 -13.55 -31.39 51.52
CA LYS B 788 -14.72 -32.22 51.29
C LYS B 788 -15.75 -32.00 52.39
N THR B 789 -17.02 -32.08 52.01
CA THR B 789 -18.10 -32.03 52.97
C THR B 789 -18.27 -33.41 53.64
N PRO B 790 -18.74 -33.43 54.89
CA PRO B 790 -18.93 -34.72 55.55
C PRO B 790 -20.14 -35.44 55.00
N PRO B 791 -20.22 -36.76 55.17
CA PRO B 791 -21.31 -37.54 54.56
C PRO B 791 -22.70 -37.20 55.08
N ILE B 792 -22.84 -36.69 56.30
CA ILE B 792 -24.12 -36.18 56.79
C ILE B 792 -24.37 -34.82 56.15
N LYS B 793 -25.57 -34.28 56.35
CA LYS B 793 -25.84 -32.92 55.89
C LYS B 793 -26.59 -32.16 56.97
N ASP B 794 -26.20 -32.32 58.23
CA ASP B 794 -26.86 -31.64 59.34
C ASP B 794 -26.31 -30.23 59.42
N PHE B 795 -26.93 -29.30 58.70
CA PHE B 795 -26.49 -27.91 58.66
C PHE B 795 -27.49 -26.96 59.28
N GLY B 796 -28.18 -27.38 60.34
CA GLY B 796 -29.10 -26.49 61.01
C GLY B 796 -30.39 -26.23 60.28
N GLY B 797 -30.81 -27.12 59.41
CA GLY B 797 -31.98 -26.92 58.60
C GLY B 797 -31.72 -26.28 57.25
N PHE B 798 -30.48 -25.88 56.98
CA PHE B 798 -30.11 -25.32 55.70
C PHE B 798 -29.78 -26.43 54.74
N ASN B 799 -30.17 -26.26 53.48
CA ASN B 799 -30.14 -27.33 52.48
C ASN B 799 -29.35 -26.83 51.29
N PHE B 800 -28.20 -27.43 51.04
CA PHE B 800 -27.28 -26.98 50.01
C PHE B 800 -27.22 -27.96 48.85
N SER B 801 -28.23 -28.81 48.71
CA SER B 801 -28.11 -29.92 47.77
C SER B 801 -28.09 -29.49 46.32
N GLN B 802 -28.69 -28.37 45.98
CA GLN B 802 -28.69 -27.93 44.60
C GLN B 802 -27.36 -27.32 44.16
N ILE B 803 -26.44 -27.06 45.08
CA ILE B 803 -25.17 -26.45 44.73
C ILE B 803 -23.98 -27.29 45.18
N LEU B 804 -24.20 -28.41 45.79
CA LEU B 804 -23.11 -29.33 46.03
C LEU B 804 -22.96 -30.30 44.87
N PRO B 805 -21.78 -30.89 44.70
CA PRO B 805 -21.55 -31.72 43.51
C PRO B 805 -22.44 -32.96 43.46
N ASP B 806 -22.68 -33.42 42.23
CA ASP B 806 -23.56 -34.55 41.97
C ASP B 806 -22.72 -35.81 41.78
N PRO B 807 -22.73 -36.75 42.72
CA PRO B 807 -21.83 -37.91 42.60
C PRO B 807 -22.16 -38.84 41.44
N SER B 808 -23.36 -38.78 40.89
CA SER B 808 -23.75 -39.63 39.77
C SER B 808 -23.54 -38.93 38.43
N LYS B 809 -22.30 -38.59 38.12
CA LYS B 809 -21.97 -37.90 36.87
C LYS B 809 -20.48 -38.10 36.59
N PRO B 810 -20.10 -38.14 35.32
CA PRO B 810 -18.67 -38.09 34.99
C PRO B 810 -18.03 -36.77 35.33
N SER B 811 -18.75 -35.67 35.17
CA SER B 811 -18.22 -34.34 35.41
C SER B 811 -18.31 -33.90 36.86
N LYS B 812 -19.20 -34.53 37.64
CA LYS B 812 -19.39 -34.21 39.07
C LYS B 812 -19.78 -32.76 39.29
N ARG B 813 -20.52 -32.18 38.35
CA ARG B 813 -21.01 -30.83 38.54
C ARG B 813 -22.23 -30.84 39.44
N SER B 814 -22.62 -29.66 39.88
CA SER B 814 -23.83 -29.54 40.66
C SER B 814 -25.03 -29.33 39.74
N PRO B 815 -26.21 -29.32 40.34
CA PRO B 815 -27.46 -29.15 39.58
C PRO B 815 -27.54 -27.78 38.89
N ILE B 816 -27.03 -26.75 39.55
CA ILE B 816 -27.06 -25.41 38.97
C ILE B 816 -25.92 -25.21 37.99
N GLU B 817 -24.80 -25.87 38.21
CA GLU B 817 -23.73 -25.87 37.23
C GLU B 817 -24.06 -26.67 35.98
N ASP B 818 -24.94 -27.67 36.09
CA ASP B 818 -25.46 -28.34 34.92
C ASP B 818 -26.46 -27.48 34.17
N LEU B 819 -27.29 -26.73 34.88
CA LEU B 819 -28.16 -25.78 34.18
C LEU B 819 -27.37 -24.71 33.44
N LEU B 820 -26.27 -24.23 34.02
CA LEU B 820 -25.53 -23.16 33.38
C LEU B 820 -24.78 -23.64 32.14
N PHE B 821 -24.40 -24.91 32.09
CA PHE B 821 -23.62 -25.38 30.95
C PHE B 821 -24.47 -25.80 29.77
N ASN B 822 -25.79 -25.79 29.90
CA ASN B 822 -26.69 -26.06 28.79
C ASN B 822 -27.31 -24.79 28.22
N LYS B 823 -26.93 -23.63 28.72
CA LYS B 823 -27.46 -22.37 28.24
C LYS B 823 -26.45 -21.54 27.47
N VAL B 824 -25.17 -21.87 27.55
CA VAL B 824 -24.15 -21.11 26.83
C VAL B 824 -23.50 -21.98 25.77
N LYS B 852 -10.69 -26.93 11.17
CA LYS B 852 -9.40 -26.55 10.62
C LYS B 852 -9.58 -25.58 9.46
N PHE B 853 -8.62 -24.67 9.30
CA PHE B 853 -8.72 -23.59 8.33
C PHE B 853 -7.35 -23.16 7.83
N ASN B 854 -7.30 -21.96 7.25
CA ASN B 854 -6.13 -21.44 6.57
C ASN B 854 -5.07 -20.91 7.52
N GLY B 855 -4.56 -21.76 8.41
CA GLY B 855 -3.59 -21.34 9.40
C GLY B 855 -4.17 -21.04 10.76
N LEU B 856 -5.48 -21.18 10.95
CA LEU B 856 -6.13 -20.87 12.21
C LEU B 856 -6.18 -22.09 13.10
N THR B 857 -5.91 -21.89 14.38
CA THR B 857 -5.92 -22.99 15.34
C THR B 857 -6.40 -22.54 16.70
N VAL B 858 -7.10 -23.43 17.38
CA VAL B 858 -7.65 -23.20 18.71
C VAL B 858 -6.92 -24.11 19.69
N LEU B 859 -6.25 -23.53 20.65
CA LEU B 859 -5.59 -24.30 21.68
C LEU B 859 -6.56 -24.62 22.82
N PRO B 860 -6.37 -25.74 23.51
CA PRO B 860 -7.23 -26.05 24.65
C PRO B 860 -6.75 -25.39 25.93
N PRO B 861 -7.65 -25.07 26.84
CA PRO B 861 -7.23 -24.51 28.13
C PRO B 861 -6.44 -25.51 28.96
N LEU B 862 -5.56 -24.98 29.81
CA LEU B 862 -4.73 -25.83 30.67
C LEU B 862 -5.58 -26.60 31.67
N LEU B 863 -6.53 -25.93 32.29
CA LEU B 863 -7.47 -26.59 33.20
C LEU B 863 -8.68 -27.06 32.42
N THR B 864 -8.99 -28.34 32.54
CA THR B 864 -10.29 -28.85 32.18
C THR B 864 -11.35 -28.17 33.03
N ASP B 865 -12.60 -28.27 32.62
CA ASP B 865 -13.62 -27.72 33.50
C ASP B 865 -14.10 -28.73 34.54
N GLU B 866 -13.69 -29.97 34.45
CA GLU B 866 -13.75 -30.84 35.61
C GLU B 866 -12.89 -30.34 36.74
N MET B 867 -11.66 -29.91 36.45
CA MET B 867 -10.80 -29.28 37.42
C MET B 867 -11.39 -28.01 37.98
N ILE B 868 -12.05 -27.21 37.16
CA ILE B 868 -12.67 -25.99 37.64
C ILE B 868 -13.84 -26.29 38.56
N ALA B 869 -14.65 -27.29 38.20
CA ALA B 869 -15.73 -27.69 39.08
C ALA B 869 -15.21 -28.27 40.39
N GLN B 870 -14.05 -28.90 40.35
CA GLN B 870 -13.43 -29.43 41.56
C GLN B 870 -12.83 -28.33 42.44
N TYR B 871 -12.34 -27.24 41.86
CA TYR B 871 -11.96 -26.09 42.66
C TYR B 871 -13.17 -25.43 43.31
N THR B 872 -14.27 -25.29 42.56
CA THR B 872 -15.43 -24.61 43.12
C THR B 872 -16.10 -25.40 44.22
N SER B 873 -16.19 -26.72 44.10
CA SER B 873 -16.78 -27.49 45.18
C SER B 873 -15.95 -27.47 46.45
N ALA B 874 -14.63 -27.35 46.34
CA ALA B 874 -13.77 -27.24 47.50
C ALA B 874 -13.89 -25.88 48.16
N LEU B 875 -14.00 -24.82 47.37
CA LEU B 875 -14.34 -23.52 47.94
C LEU B 875 -15.67 -23.55 48.66
N LEU B 876 -16.65 -24.29 48.14
CA LEU B 876 -17.94 -24.38 48.79
C LEU B 876 -17.89 -25.13 50.11
N ALA B 877 -17.24 -26.28 50.14
CA ALA B 877 -17.09 -27.05 51.36
C ALA B 877 -16.23 -26.36 52.41
N GLY B 878 -15.28 -25.52 52.00
CA GLY B 878 -14.56 -24.72 52.97
C GLY B 878 -15.46 -23.73 53.68
N THR B 879 -16.32 -23.06 52.93
CA THR B 879 -17.25 -22.08 53.49
C THR B 879 -18.32 -22.71 54.36
N ILE B 880 -18.90 -23.83 53.95
CA ILE B 880 -20.01 -24.40 54.69
C ILE B 880 -19.53 -25.04 55.99
N THR B 881 -18.25 -25.37 56.06
CA THR B 881 -17.73 -26.10 57.21
C THR B 881 -16.87 -25.24 58.13
N SER B 882 -16.24 -24.20 57.63
CA SER B 882 -15.31 -23.44 58.45
C SER B 882 -15.56 -21.94 58.41
N GLY B 883 -16.58 -21.47 57.73
CA GLY B 883 -16.85 -20.06 57.68
C GLY B 883 -15.81 -19.30 56.89
N TRP B 884 -15.06 -18.41 57.56
CA TRP B 884 -14.02 -17.65 56.90
C TRP B 884 -12.63 -17.98 57.40
N THR B 885 -12.46 -19.04 58.18
CA THR B 885 -11.16 -19.30 58.76
C THR B 885 -10.21 -19.95 57.76
N PHE B 886 -10.72 -20.70 56.80
CA PHE B 886 -9.85 -21.33 55.82
C PHE B 886 -9.26 -20.32 54.84
N GLY B 887 -9.82 -19.12 54.73
CA GLY B 887 -9.24 -18.11 53.88
C GLY B 887 -8.12 -17.32 54.51
N ALA B 888 -7.88 -17.51 55.81
CA ALA B 888 -6.81 -16.82 56.50
C ALA B 888 -5.78 -17.76 57.10
N GLY B 889 -5.97 -19.07 56.98
CA GLY B 889 -5.05 -20.04 57.52
C GLY B 889 -5.63 -21.42 57.44
N PRO B 890 -5.48 -22.18 58.53
CA PRO B 890 -6.01 -23.54 58.59
C PRO B 890 -7.52 -23.49 58.82
N ALA B 891 -8.25 -24.43 58.24
CA ALA B 891 -9.70 -24.46 58.38
C ALA B 891 -10.07 -24.92 59.77
N LEU B 892 -10.89 -24.15 60.46
CA LEU B 892 -11.34 -24.44 61.80
C LEU B 892 -12.84 -24.66 61.75
N GLN B 893 -13.28 -25.88 62.06
CA GLN B 893 -14.69 -26.17 61.97
C GLN B 893 -15.49 -25.42 63.03
N ILE B 894 -16.74 -25.13 62.69
CA ILE B 894 -17.68 -24.44 63.55
C ILE B 894 -19.05 -24.90 63.08
N PRO B 895 -20.05 -25.08 63.94
CA PRO B 895 -21.38 -25.45 63.46
C PRO B 895 -22.03 -24.33 62.66
N PHE B 896 -22.84 -24.71 61.67
CA PHE B 896 -23.31 -23.74 60.68
C PHE B 896 -24.24 -22.69 61.27
N PRO B 897 -25.06 -23.08 62.24
CA PRO B 897 -25.96 -22.14 62.91
C PRO B 897 -25.16 -21.07 63.67
N MET B 898 -24.05 -21.47 64.28
CA MET B 898 -23.23 -20.54 65.02
C MET B 898 -22.43 -19.63 64.11
N GLN B 899 -22.06 -20.11 62.93
CA GLN B 899 -21.41 -19.27 61.94
C GLN B 899 -22.38 -18.26 61.37
N MET B 900 -23.62 -18.68 61.14
CA MET B 900 -24.68 -17.78 60.72
C MET B 900 -24.94 -16.71 61.77
N ALA B 901 -24.83 -17.06 63.03
CA ALA B 901 -24.99 -16.09 64.10
C ALA B 901 -23.81 -15.13 64.22
N TYR B 902 -22.60 -15.58 63.93
CA TYR B 902 -21.46 -14.66 63.82
C TYR B 902 -21.68 -13.65 62.71
N ARG B 903 -22.23 -14.10 61.58
CA ARG B 903 -22.47 -13.21 60.46
C ARG B 903 -23.59 -12.24 60.73
N PHE B 904 -24.61 -12.63 61.50
CA PHE B 904 -25.62 -11.66 61.89
C PHE B 904 -25.05 -10.54 62.74
N ASN B 905 -24.05 -10.84 63.56
CA ASN B 905 -23.34 -9.80 64.28
C ASN B 905 -22.59 -8.85 63.39
N GLY B 906 -22.09 -9.33 62.25
CA GLY B 906 -21.29 -8.50 61.37
C GLY B 906 -22.11 -7.46 60.65
N ILE B 907 -23.41 -7.67 60.50
CA ILE B 907 -24.29 -6.66 59.94
C ILE B 907 -25.01 -5.87 61.00
N GLY B 908 -24.67 -6.03 62.27
CA GLY B 908 -25.25 -5.24 63.33
C GLY B 908 -26.56 -5.73 63.87
N VAL B 909 -26.87 -7.00 63.74
CA VAL B 909 -28.04 -7.59 64.36
C VAL B 909 -27.56 -8.45 65.51
N THR B 910 -28.31 -8.46 66.58
CA THR B 910 -27.93 -9.20 67.77
C THR B 910 -28.25 -10.67 67.56
N GLN B 911 -27.40 -11.54 68.09
CA GLN B 911 -27.35 -12.90 67.59
C GLN B 911 -28.44 -13.81 68.12
N ASN B 912 -29.22 -13.41 69.11
CA ASN B 912 -30.42 -14.18 69.42
C ASN B 912 -31.52 -14.02 68.39
N VAL B 913 -31.49 -12.96 67.59
CA VAL B 913 -32.44 -12.82 66.49
C VAL B 913 -32.29 -13.97 65.52
N LEU B 914 -31.10 -14.55 65.41
CA LEU B 914 -30.94 -15.73 64.56
C LEU B 914 -31.43 -16.98 65.25
N TYR B 915 -31.05 -17.20 66.50
CA TYR B 915 -31.36 -18.47 67.14
C TYR B 915 -32.84 -18.60 67.44
N GLU B 916 -33.54 -17.50 67.64
CA GLU B 916 -34.97 -17.54 67.89
C GLU B 916 -35.79 -17.60 66.61
N ASN B 917 -35.16 -17.47 65.45
CA ASN B 917 -35.83 -17.48 64.17
C ASN B 917 -35.17 -18.45 63.20
N GLN B 918 -34.38 -19.39 63.71
CA GLN B 918 -33.62 -20.32 62.88
C GLN B 918 -34.45 -21.00 61.81
N LYS B 919 -35.61 -21.57 62.16
CA LYS B 919 -36.40 -22.32 61.19
C LYS B 919 -36.94 -21.42 60.08
N LEU B 920 -37.46 -20.25 60.44
CA LEU B 920 -37.93 -19.33 59.44
C LEU B 920 -36.80 -18.87 58.52
N ILE B 921 -35.62 -18.60 59.08
CA ILE B 921 -34.50 -18.13 58.28
C ILE B 921 -34.04 -19.21 57.33
N ALA B 922 -34.00 -20.46 57.78
CA ALA B 922 -33.63 -21.57 56.93
C ALA B 922 -34.65 -21.84 55.83
N ASN B 923 -35.95 -21.75 56.12
CA ASN B 923 -36.97 -21.84 55.09
C ASN B 923 -36.84 -20.74 54.05
N GLN B 924 -36.60 -19.50 54.46
CA GLN B 924 -36.42 -18.43 53.49
C GLN B 924 -35.20 -18.66 52.60
N PHE B 925 -34.08 -19.08 53.17
CA PHE B 925 -32.94 -19.44 52.35
C PHE B 925 -33.31 -20.50 51.34
N ASN B 926 -33.99 -21.57 51.78
CA ASN B 926 -34.32 -22.69 50.91
C ASN B 926 -35.24 -22.29 49.78
N SER B 927 -36.25 -21.46 50.06
CA SER B 927 -37.11 -20.98 48.98
C SER B 927 -36.38 -20.07 48.02
N ALA B 928 -35.51 -19.18 48.51
CA ALA B 928 -34.74 -18.33 47.61
C ALA B 928 -33.79 -19.13 46.74
N ILE B 929 -33.24 -20.22 47.25
CA ILE B 929 -32.37 -21.05 46.42
C ILE B 929 -33.20 -21.80 45.38
N GLY B 930 -34.39 -22.24 45.77
CA GLY B 930 -35.28 -22.85 44.80
C GLY B 930 -35.72 -21.93 43.68
N LYS B 931 -35.90 -20.65 43.96
CA LYS B 931 -36.31 -19.74 42.90
C LYS B 931 -35.24 -19.50 41.86
N ILE B 932 -33.97 -19.77 42.16
CA ILE B 932 -32.90 -19.44 41.23
C ILE B 932 -32.93 -20.37 40.03
N GLN B 933 -33.13 -21.67 40.24
CA GLN B 933 -33.24 -22.57 39.09
C GLN B 933 -34.41 -22.19 38.19
N ASP B 934 -35.59 -21.94 38.75
CA ASP B 934 -36.71 -21.48 37.94
C ASP B 934 -36.36 -20.22 37.18
N SER B 935 -35.71 -19.26 37.83
CA SER B 935 -35.26 -18.06 37.12
C SER B 935 -34.18 -18.38 36.10
N LEU B 936 -33.60 -19.58 36.14
CA LEU B 936 -32.57 -19.94 35.18
C LEU B 936 -33.13 -20.86 34.08
N SER B 937 -33.70 -21.99 34.47
CA SER B 937 -34.28 -22.93 33.51
C SER B 937 -35.68 -22.49 33.08
N ALA B 942 -29.93 -12.98 31.21
CA ALA B 942 -29.30 -13.88 32.17
C ALA B 942 -27.83 -14.07 31.85
N LEU B 943 -27.53 -15.10 31.06
CA LEU B 943 -26.16 -15.42 30.66
C LEU B 943 -25.77 -14.77 29.35
N GLY B 944 -26.33 -13.60 29.05
CA GLY B 944 -25.94 -12.86 27.87
C GLY B 944 -24.54 -12.29 27.92
N LYS B 945 -24.03 -12.01 29.13
CA LYS B 945 -22.67 -11.50 29.23
C LYS B 945 -21.64 -12.55 28.84
N LEU B 946 -21.97 -13.83 29.00
CA LEU B 946 -21.08 -14.89 28.56
C LEU B 946 -21.29 -15.23 27.10
N GLN B 947 -22.49 -15.02 26.57
CA GLN B 947 -22.73 -15.25 25.16
C GLN B 947 -22.11 -14.18 24.29
N ASN B 948 -22.12 -12.92 24.73
CA ASN B 948 -21.50 -11.84 23.97
C ASN B 948 -20.02 -12.08 23.69
N VAL B 949 -19.26 -12.59 24.63
CA VAL B 949 -17.84 -12.80 24.39
C VAL B 949 -17.63 -13.84 23.30
N VAL B 950 -18.32 -14.97 23.40
CA VAL B 950 -18.27 -16.01 22.38
C VAL B 950 -18.71 -15.49 21.03
N ASN B 951 -19.77 -14.69 20.99
CA ASN B 951 -20.30 -14.18 19.74
C ASN B 951 -19.33 -13.21 19.08
N GLN B 952 -18.81 -12.25 19.84
CA GLN B 952 -17.87 -11.30 19.29
C GLN B 952 -16.61 -11.98 18.80
N ASN B 953 -16.15 -13.01 19.48
CA ASN B 953 -14.94 -13.67 18.99
C ASN B 953 -15.21 -14.49 17.74
N ALA B 954 -16.31 -15.24 17.70
CA ALA B 954 -16.60 -16.02 16.50
C ALA B 954 -16.84 -15.12 15.30
N GLN B 955 -17.53 -14.00 15.51
CA GLN B 955 -17.79 -13.08 14.43
C GLN B 955 -16.54 -12.36 13.97
N ALA B 956 -15.58 -12.08 14.86
CA ALA B 956 -14.34 -11.49 14.39
C ALA B 956 -13.45 -12.50 13.69
N LEU B 957 -13.59 -13.77 14.00
CA LEU B 957 -12.83 -14.79 13.27
C LEU B 957 -13.44 -15.15 11.93
N ASN B 958 -14.73 -14.94 11.76
CA ASN B 958 -15.38 -15.17 10.47
C ASN B 958 -15.00 -14.11 9.45
N THR B 959 -14.84 -12.86 9.87
CA THR B 959 -14.41 -11.79 8.98
C THR B 959 -13.00 -11.98 8.42
N LEU B 960 -12.08 -12.48 9.23
CA LEU B 960 -10.73 -12.74 8.76
C LEU B 960 -10.71 -13.78 7.64
N VAL B 961 -11.53 -14.81 7.75
CA VAL B 961 -11.60 -15.80 6.68
C VAL B 961 -12.32 -15.24 5.46
N LYS B 962 -13.38 -14.46 5.64
CA LYS B 962 -14.05 -13.89 4.50
C LYS B 962 -13.20 -12.88 3.75
N GLN B 963 -12.24 -12.24 4.40
CA GLN B 963 -11.35 -11.30 3.74
C GLN B 963 -10.36 -11.96 2.80
N LEU B 964 -10.36 -13.27 2.68
CA LEU B 964 -9.43 -13.92 1.77
C LEU B 964 -9.98 -14.01 0.35
N SER B 965 -11.27 -13.85 0.16
CA SER B 965 -11.82 -13.74 -1.17
C SER B 965 -12.07 -12.29 -1.56
N SER B 966 -11.02 -11.46 -1.59
CA SER B 966 -11.09 -10.11 -2.09
C SER B 966 -9.80 -9.85 -2.86
N ASN B 967 -9.91 -9.17 -4.02
CA ASN B 967 -8.70 -8.99 -4.82
C ASN B 967 -7.85 -7.84 -4.32
N PHE B 968 -8.45 -6.89 -3.60
CA PHE B 968 -7.78 -5.66 -3.19
C PHE B 968 -7.23 -4.88 -4.37
N GLY B 969 -7.86 -5.02 -5.53
CA GLY B 969 -7.41 -4.31 -6.71
C GLY B 969 -6.43 -5.07 -7.56
N ALA B 970 -6.39 -6.38 -7.46
CA ALA B 970 -5.67 -7.25 -8.37
C ALA B 970 -6.69 -7.86 -9.33
N ILE B 971 -6.22 -8.70 -10.25
CA ILE B 971 -7.16 -9.27 -11.20
C ILE B 971 -8.07 -10.27 -10.51
N SER B 972 -7.54 -11.10 -9.63
CA SER B 972 -8.35 -12.08 -8.92
C SER B 972 -7.83 -12.18 -7.49
N SER B 973 -8.46 -13.07 -6.73
CA SER B 973 -8.16 -13.22 -5.32
C SER B 973 -7.64 -14.61 -4.98
N VAL B 974 -7.26 -15.39 -5.99
CA VAL B 974 -6.78 -16.75 -5.78
C VAL B 974 -5.40 -16.87 -6.39
N LEU B 975 -4.41 -17.20 -5.56
CA LEU B 975 -3.00 -17.05 -5.88
C LEU B 975 -2.52 -17.96 -7.00
N ASN B 976 -3.35 -18.88 -7.47
CA ASN B 976 -2.93 -19.70 -8.61
C ASN B 976 -3.36 -19.09 -9.93
N ASP B 977 -4.61 -18.67 -10.05
CA ASP B 977 -5.10 -18.13 -11.31
C ASP B 977 -4.38 -16.86 -11.69
N ILE B 978 -3.93 -16.08 -10.72
CA ILE B 978 -3.08 -14.94 -11.04
C ILE B 978 -1.75 -15.48 -11.54
N LEU B 979 -1.34 -16.62 -11.01
CA LEU B 979 0.01 -17.12 -11.27
C LEU B 979 0.11 -17.97 -12.51
N SER B 980 -0.98 -18.54 -13.00
CA SER B 980 -0.95 -19.39 -14.18
C SER B 980 -1.58 -18.67 -15.36
N ARG B 981 -1.71 -17.36 -15.26
CA ARG B 981 -2.24 -16.57 -16.37
C ARG B 981 -1.38 -15.34 -16.59
N LEU B 982 -0.25 -15.25 -15.92
CA LEU B 982 0.71 -14.18 -16.18
C LEU B 982 2.11 -14.73 -15.93
N ASP B 983 3.10 -14.02 -16.45
CA ASP B 983 4.50 -14.36 -16.27
C ASP B 983 5.15 -13.47 -15.22
N PRO B 984 6.24 -13.90 -14.60
CA PRO B 984 6.61 -13.43 -13.25
C PRO B 984 6.60 -11.91 -13.10
N PRO B 985 7.29 -11.21 -13.97
CA PRO B 985 7.34 -9.74 -13.90
C PRO B 985 5.96 -9.11 -13.79
N GLU B 986 5.01 -9.70 -14.50
CA GLU B 986 3.63 -9.24 -14.51
C GLU B 986 2.86 -9.69 -13.29
N ALA B 987 3.16 -10.86 -12.75
CA ALA B 987 2.39 -11.43 -11.66
C ALA B 987 2.81 -10.87 -10.31
N GLU B 988 4.11 -10.66 -10.10
CA GLU B 988 4.60 -10.07 -8.87
C GLU B 988 3.89 -8.78 -8.51
N VAL B 989 3.49 -7.99 -9.50
CA VAL B 989 2.75 -6.76 -9.21
C VAL B 989 1.42 -7.06 -8.54
N GLN B 990 0.66 -8.02 -9.04
CA GLN B 990 -0.62 -8.34 -8.44
C GLN B 990 -0.47 -9.05 -7.11
N ILE B 991 0.55 -9.90 -6.99
CA ILE B 991 0.74 -10.63 -5.75
C ILE B 991 1.12 -9.68 -4.64
N ASP B 992 1.83 -8.59 -4.95
CA ASP B 992 2.10 -7.63 -3.89
C ASP B 992 0.86 -6.91 -3.41
N ARG B 993 -0.10 -6.61 -4.28
CA ARG B 993 -1.37 -6.06 -3.83
C ARG B 993 -2.15 -7.01 -2.95
N LEU B 994 -2.25 -8.28 -3.36
CA LEU B 994 -2.87 -9.28 -2.51
C LEU B 994 -2.20 -9.36 -1.15
N ILE B 995 -0.86 -9.37 -1.11
CA ILE B 995 -0.14 -9.43 0.15
C ILE B 995 -0.47 -8.23 1.02
N THR B 996 -0.49 -7.04 0.44
CA THR B 996 -0.75 -5.85 1.23
C THR B 996 -2.13 -5.90 1.88
N GLY B 997 -3.15 -6.28 1.10
CA GLY B 997 -4.47 -6.39 1.69
C GLY B 997 -4.56 -7.44 2.77
N ARG B 998 -4.00 -8.62 2.54
CA ARG B 998 -4.09 -9.70 3.52
C ARG B 998 -3.29 -9.41 4.78
N LEU B 999 -2.23 -8.65 4.69
CA LEU B 999 -1.50 -8.26 5.89
C LEU B 999 -2.24 -7.19 6.68
N GLN B 1000 -2.90 -6.25 6.00
CA GLN B 1000 -3.73 -5.28 6.69
C GLN B 1000 -4.86 -5.94 7.45
N SER B 1001 -5.51 -6.95 6.86
CA SER B 1001 -6.59 -7.65 7.56
C SER B 1001 -6.11 -8.31 8.84
N LEU B 1002 -4.97 -8.96 8.81
CA LEU B 1002 -4.43 -9.61 9.97
C LEU B 1002 -4.01 -8.62 11.06
N GLN B 1003 -3.49 -7.47 10.67
CA GLN B 1003 -3.18 -6.48 11.70
C GLN B 1003 -4.43 -5.94 12.37
N THR B 1004 -5.48 -5.68 11.60
CA THR B 1004 -6.74 -5.29 12.20
C THR B 1004 -7.24 -6.33 13.19
N TYR B 1005 -7.19 -7.60 12.80
CA TYR B 1005 -7.62 -8.66 13.68
C TYR B 1005 -6.83 -8.69 14.99
N VAL B 1006 -5.49 -8.64 14.89
CA VAL B 1006 -4.68 -8.78 16.09
C VAL B 1006 -4.83 -7.57 17.00
N THR B 1007 -4.92 -6.37 16.45
CA THR B 1007 -5.09 -5.19 17.29
C THR B 1007 -6.41 -5.25 18.06
N GLN B 1008 -7.47 -5.69 17.41
CA GLN B 1008 -8.72 -5.81 18.15
C GLN B 1008 -8.71 -6.94 19.17
N GLN B 1009 -8.02 -8.03 18.92
CA GLN B 1009 -7.89 -9.04 19.96
C GLN B 1009 -7.13 -8.53 21.17
N LEU B 1010 -6.11 -7.72 20.94
CA LEU B 1010 -5.39 -7.09 22.04
C LEU B 1010 -6.27 -6.16 22.85
N ILE B 1011 -7.13 -5.40 22.18
CA ILE B 1011 -8.01 -4.48 22.92
C ILE B 1011 -9.11 -5.25 23.64
N ARG B 1012 -9.57 -6.34 23.06
CA ARG B 1012 -10.60 -7.14 23.69
C ARG B 1012 -10.10 -8.03 24.81
N ALA B 1013 -8.81 -8.37 24.84
CA ALA B 1013 -8.31 -9.17 25.94
C ALA B 1013 -8.05 -8.35 27.19
N ALA B 1014 -7.69 -7.08 27.04
CA ALA B 1014 -7.54 -6.21 28.18
C ALA B 1014 -8.85 -5.91 28.88
N GLU B 1015 -9.97 -6.04 28.20
CA GLU B 1015 -11.29 -5.93 28.79
C GLU B 1015 -11.70 -7.18 29.53
N ILE B 1016 -11.24 -8.34 29.09
CA ILE B 1016 -11.51 -9.59 29.76
C ILE B 1016 -10.65 -9.73 31.00
N ARG B 1017 -9.46 -9.14 30.97
CA ARG B 1017 -8.57 -9.17 32.11
C ARG B 1017 -9.08 -8.30 33.25
N ALA B 1018 -9.64 -7.13 32.94
CA ALA B 1018 -10.21 -6.28 33.97
C ALA B 1018 -11.42 -6.93 34.62
N SER B 1019 -12.10 -7.84 33.91
CA SER B 1019 -13.23 -8.56 34.44
C SER B 1019 -12.82 -9.74 35.30
N ALA B 1020 -11.81 -10.48 34.88
CA ALA B 1020 -11.26 -11.53 35.72
C ALA B 1020 -10.60 -10.99 36.98
N ASN B 1021 -10.07 -9.77 36.94
CA ASN B 1021 -9.54 -9.13 38.15
C ASN B 1021 -10.63 -8.78 39.14
N LEU B 1022 -11.77 -8.30 38.67
CA LEU B 1022 -12.94 -8.07 39.50
C LEU B 1022 -13.48 -9.37 40.08
N ALA B 1023 -13.51 -10.44 39.30
CA ALA B 1023 -13.89 -11.74 39.80
C ALA B 1023 -12.96 -12.26 40.89
N ALA B 1024 -11.66 -12.12 40.74
CA ALA B 1024 -10.74 -12.54 41.80
C ALA B 1024 -10.94 -11.81 43.11
N THR B 1025 -11.19 -10.50 43.05
CA THR B 1025 -11.48 -9.70 44.23
C THR B 1025 -12.80 -10.10 44.85
N LYS B 1026 -13.82 -10.37 44.05
CA LYS B 1026 -15.06 -10.88 44.60
C LYS B 1026 -14.91 -12.24 45.23
N MET B 1027 -14.15 -13.15 44.65
CA MET B 1027 -13.97 -14.45 45.26
C MET B 1027 -13.22 -14.34 46.57
N SER B 1028 -12.30 -13.40 46.67
CA SER B 1028 -11.57 -13.21 47.93
C SER B 1028 -12.47 -12.57 48.98
N GLU B 1029 -13.22 -11.57 48.61
CA GLU B 1029 -13.86 -10.71 49.57
C GLU B 1029 -15.32 -11.04 49.86
N CYS B 1030 -15.97 -11.83 49.01
CA CYS B 1030 -17.37 -12.15 49.21
C CYS B 1030 -17.60 -13.63 49.50
N VAL B 1031 -16.60 -14.44 49.15
CA VAL B 1031 -16.70 -15.88 49.37
C VAL B 1031 -15.80 -16.31 50.51
N LEU B 1032 -14.61 -15.74 50.61
CA LEU B 1032 -13.70 -16.03 51.70
C LEU B 1032 -13.83 -15.07 52.86
N GLY B 1033 -14.79 -14.16 52.83
CA GLY B 1033 -15.03 -13.32 53.97
C GLY B 1033 -16.39 -12.67 53.89
N GLN B 1034 -16.66 -11.80 54.85
CA GLN B 1034 -17.86 -10.98 54.86
C GLN B 1034 -17.50 -9.52 54.57
N SER B 1035 -18.22 -8.91 53.65
CA SER B 1035 -17.89 -7.59 53.17
C SER B 1035 -18.80 -6.53 53.78
N LYS B 1036 -18.22 -5.37 54.06
CA LYS B 1036 -18.98 -4.21 54.48
C LYS B 1036 -19.07 -3.15 53.39
N ARG B 1037 -18.41 -3.35 52.26
CA ARG B 1037 -18.53 -2.47 51.10
C ARG B 1037 -19.94 -2.56 50.51
N VAL B 1038 -20.58 -1.40 50.35
CA VAL B 1038 -21.99 -1.35 49.96
C VAL B 1038 -22.16 -1.73 48.50
N ASP B 1039 -22.99 -2.73 48.25
CA ASP B 1039 -23.30 -3.20 46.89
C ASP B 1039 -22.21 -3.95 46.17
N PHE B 1040 -21.19 -4.40 46.90
CA PHE B 1040 -20.11 -5.14 46.28
C PHE B 1040 -20.49 -6.61 46.15
N CYS B 1041 -21.39 -7.04 47.02
CA CYS B 1041 -21.85 -8.42 47.04
C CYS B 1041 -23.39 -8.50 47.07
N GLY B 1042 -24.06 -7.77 46.19
CA GLY B 1042 -25.51 -7.78 46.14
C GLY B 1042 -26.20 -6.60 46.83
N LYS B 1043 -27.53 -6.65 46.88
CA LYS B 1043 -28.33 -5.60 47.51
C LYS B 1043 -28.77 -6.06 48.89
N GLY B 1044 -28.48 -5.26 49.92
CA GLY B 1044 -28.78 -5.63 51.27
C GLY B 1044 -27.50 -5.70 52.06
N TYR B 1045 -27.58 -6.26 53.24
CA TYR B 1045 -26.41 -6.47 54.06
C TYR B 1045 -25.84 -7.85 53.78
N HIS B 1046 -24.63 -7.89 53.24
CA HIS B 1046 -24.01 -9.12 52.79
C HIS B 1046 -23.90 -10.12 53.94
N LEU B 1047 -24.52 -11.28 53.78
CA LEU B 1047 -24.30 -12.38 54.71
C LEU B 1047 -23.21 -13.32 54.22
N MET B 1048 -23.40 -13.93 53.05
CA MET B 1048 -22.38 -14.84 52.53
C MET B 1048 -22.59 -15.01 51.04
N SER B 1049 -21.61 -15.60 50.36
CA SER B 1049 -21.68 -15.80 48.92
C SER B 1049 -21.13 -17.15 48.55
N PHE B 1050 -21.71 -17.76 47.50
CA PHE B 1050 -21.34 -19.07 46.99
C PHE B 1050 -20.93 -19.01 45.53
N PRO B 1051 -19.83 -19.62 45.13
CA PRO B 1051 -19.44 -19.61 43.72
C PRO B 1051 -19.90 -20.84 42.94
N GLN B 1052 -20.15 -20.64 41.66
CA GLN B 1052 -20.46 -21.71 40.72
C GLN B 1052 -19.71 -21.43 39.44
N SER B 1053 -19.25 -22.47 38.76
CA SER B 1053 -18.50 -22.29 37.53
C SER B 1053 -19.43 -22.28 36.34
N ALA B 1054 -19.17 -21.39 35.40
CA ALA B 1054 -19.94 -21.31 34.18
C ALA B 1054 -18.96 -21.53 33.04
N PRO B 1055 -19.40 -21.67 31.79
CA PRO B 1055 -18.43 -21.78 30.69
C PRO B 1055 -17.77 -20.45 30.38
N HIS B 1056 -16.45 -20.39 30.62
CA HIS B 1056 -15.60 -19.20 30.50
C HIS B 1056 -15.93 -18.14 31.55
N GLY B 1057 -16.56 -18.52 32.65
CA GLY B 1057 -16.96 -17.50 33.59
C GLY B 1057 -17.28 -18.07 34.95
N VAL B 1058 -17.80 -17.19 35.81
CA VAL B 1058 -18.16 -17.57 37.16
C VAL B 1058 -19.49 -16.91 37.50
N VAL B 1059 -20.25 -17.57 38.35
CA VAL B 1059 -21.51 -17.07 38.87
C VAL B 1059 -21.39 -17.02 40.38
N PHE B 1060 -21.81 -15.91 40.96
CA PHE B 1060 -21.80 -15.70 42.39
C PHE B 1060 -23.23 -15.63 42.86
N LEU B 1061 -23.60 -16.47 43.81
CA LEU B 1061 -24.88 -16.40 44.48
C LEU B 1061 -24.67 -15.68 45.80
N HIS B 1062 -25.13 -14.43 45.89
CA HIS B 1062 -24.99 -13.62 47.09
C HIS B 1062 -26.23 -13.76 47.95
N VAL B 1063 -26.03 -14.14 49.21
CA VAL B 1063 -27.05 -14.15 50.25
C VAL B 1063 -26.93 -12.88 51.07
N THR B 1064 -28.01 -12.11 51.12
CA THR B 1064 -28.08 -10.86 51.87
C THR B 1064 -29.31 -10.84 52.75
N TYR B 1065 -29.28 -9.89 53.69
CA TYR B 1065 -30.33 -9.65 54.67
C TYR B 1065 -31.04 -8.35 54.31
N VAL B 1066 -32.36 -8.39 54.16
CA VAL B 1066 -33.11 -7.22 53.74
C VAL B 1066 -34.15 -6.90 54.81
N PRO B 1067 -34.14 -5.73 55.43
CA PRO B 1067 -35.15 -5.43 56.46
C PRO B 1067 -36.54 -5.24 55.89
N ALA B 1068 -37.56 -5.52 56.70
CA ALA B 1068 -38.92 -5.56 56.21
C ALA B 1068 -39.90 -5.19 57.32
N GLN B 1069 -41.04 -4.65 56.88
CA GLN B 1069 -42.21 -4.36 57.74
C GLN B 1069 -41.88 -3.38 58.87
N GLU B 1070 -41.57 -2.15 58.48
CA GLU B 1070 -41.18 -1.17 59.48
C GLU B 1070 -42.38 -0.48 60.11
N LYS B 1071 -42.21 -0.05 61.35
CA LYS B 1071 -43.16 0.80 62.05
C LYS B 1071 -42.48 2.12 62.37
N ASN B 1072 -43.29 3.16 62.53
CA ASN B 1072 -42.77 4.47 62.92
C ASN B 1072 -42.94 4.64 64.42
N PHE B 1073 -42.05 5.44 65.01
CA PHE B 1073 -41.99 5.71 66.42
C PHE B 1073 -41.56 7.15 66.62
N THR B 1074 -41.74 7.62 67.84
CA THR B 1074 -41.17 8.87 68.32
C THR B 1074 -39.79 8.56 68.90
N THR B 1075 -38.88 9.52 68.82
CA THR B 1075 -37.51 9.28 69.20
C THR B 1075 -36.92 10.53 69.84
N ALA B 1076 -35.77 10.37 70.47
CA ALA B 1076 -35.10 11.43 71.19
C ALA B 1076 -33.64 11.08 71.27
N PRO B 1077 -32.76 12.06 71.30
CA PRO B 1077 -31.33 11.76 71.36
C PRO B 1077 -30.81 11.38 72.74
N ALA B 1078 -31.34 11.96 73.80
CA ALA B 1078 -30.86 11.66 75.14
C ALA B 1078 -32.06 11.62 76.07
N ILE B 1079 -31.82 11.30 77.33
CA ILE B 1079 -32.87 11.26 78.34
C ILE B 1079 -32.35 11.92 79.61
N CYS B 1080 -33.16 12.81 80.20
CA CYS B 1080 -32.71 13.54 81.37
C CYS B 1080 -33.28 12.93 82.63
N HIS B 1081 -32.42 12.68 83.60
CA HIS B 1081 -32.81 12.07 84.86
C HIS B 1081 -31.82 12.50 85.92
N ASP B 1082 -32.30 13.01 87.04
CA ASP B 1082 -31.49 13.56 88.13
C ASP B 1082 -30.58 14.67 87.66
N GLY B 1083 -30.97 15.42 86.64
CA GLY B 1083 -30.09 16.44 86.11
C GLY B 1083 -28.93 15.91 85.32
N LYS B 1084 -29.00 14.67 84.85
CA LYS B 1084 -27.95 14.09 84.05
C LYS B 1084 -28.53 13.64 82.71
N ALA B 1085 -27.71 13.73 81.67
CA ALA B 1085 -28.09 13.29 80.34
C ALA B 1085 -27.61 11.86 80.13
N HIS B 1086 -28.48 11.02 79.58
CA HIS B 1086 -28.21 9.62 79.33
C HIS B 1086 -28.30 9.36 77.83
N PHE B 1087 -27.38 8.67 77.32
CA PHE B 1087 -27.26 8.27 75.93
C PHE B 1087 -27.27 6.77 75.83
N PRO B 1088 -27.82 6.21 74.75
CA PRO B 1088 -27.80 4.75 74.62
C PRO B 1088 -26.41 4.24 74.30
N ARG B 1089 -26.08 3.09 74.87
CA ARG B 1089 -24.79 2.46 74.59
C ARG B 1089 -24.73 1.94 73.17
N GLU B 1090 -25.66 1.07 72.79
CA GLU B 1090 -26.01 0.81 71.40
C GLU B 1090 -27.52 0.80 71.33
N GLY B 1091 -28.06 1.34 70.26
CA GLY B 1091 -29.49 1.41 70.10
C GLY B 1091 -29.99 2.83 70.01
N VAL B 1092 -31.30 2.96 69.92
CA VAL B 1092 -32.00 4.23 69.92
C VAL B 1092 -33.10 4.18 70.97
N PHE B 1093 -33.35 5.32 71.59
CA PHE B 1093 -34.53 5.49 72.43
C PHE B 1093 -35.75 5.70 71.55
N VAL B 1094 -36.79 4.91 71.76
CA VAL B 1094 -38.03 5.02 71.01
C VAL B 1094 -39.20 5.07 72.00
N SER B 1095 -40.32 5.59 71.52
CA SER B 1095 -41.53 5.71 72.32
C SER B 1095 -42.68 5.06 71.58
N ASN B 1096 -43.42 4.20 72.26
CA ASN B 1096 -44.59 3.56 71.64
C ASN B 1096 -45.85 4.41 71.77
N GLY B 1097 -45.75 5.61 72.29
CA GLY B 1097 -46.87 6.49 72.48
C GLY B 1097 -46.91 7.04 73.89
N THR B 1098 -46.59 6.19 74.86
CA THR B 1098 -46.57 6.62 76.25
C THR B 1098 -45.34 6.19 77.03
N HIS B 1099 -44.59 5.20 76.57
CA HIS B 1099 -43.45 4.67 77.29
C HIS B 1099 -42.21 4.74 76.42
N TRP B 1100 -41.04 4.75 77.06
CA TRP B 1100 -39.76 4.85 76.40
C TRP B 1100 -38.96 3.56 76.55
N PHE B 1101 -38.29 3.15 75.48
CA PHE B 1101 -37.49 1.94 75.45
C PHE B 1101 -36.19 2.22 74.71
N VAL B 1102 -35.21 1.32 74.86
CA VAL B 1102 -34.05 1.24 73.99
C VAL B 1102 -34.22 0.05 73.07
N THR B 1103 -33.90 0.23 71.80
CA THR B 1103 -33.87 -0.90 70.88
C THR B 1103 -32.58 -0.88 70.10
N GLN B 1104 -32.24 -2.03 69.52
CA GLN B 1104 -31.18 -2.06 68.53
C GLN B 1104 -31.71 -1.46 67.22
N ARG B 1105 -30.80 -0.90 66.43
CA ARG B 1105 -31.21 -0.01 65.36
C ARG B 1105 -31.80 -0.71 64.15
N ASN B 1106 -31.60 -2.00 63.97
CA ASN B 1106 -31.99 -2.66 62.73
C ASN B 1106 -33.10 -3.68 62.90
N PHE B 1107 -33.46 -4.03 64.12
CA PHE B 1107 -34.52 -4.98 64.39
C PHE B 1107 -35.22 -4.51 65.65
N TYR B 1108 -36.55 -4.39 65.61
CA TYR B 1108 -37.27 -3.81 66.73
C TYR B 1108 -37.38 -4.81 67.88
N GLU B 1109 -36.74 -4.48 68.99
CA GLU B 1109 -36.68 -5.37 70.16
C GLU B 1109 -36.54 -4.50 71.39
N PRO B 1110 -37.66 -4.01 71.94
CA PRO B 1110 -37.61 -2.98 72.97
C PRO B 1110 -37.34 -3.49 74.37
N GLN B 1111 -36.53 -2.74 75.11
CA GLN B 1111 -36.16 -3.06 76.48
C GLN B 1111 -36.29 -1.82 77.35
N ILE B 1112 -36.32 -2.03 78.66
CA ILE B 1112 -36.51 -0.88 79.55
C ILE B 1112 -35.15 -0.26 79.84
N ILE B 1113 -35.16 1.07 80.00
CA ILE B 1113 -33.94 1.85 80.08
C ILE B 1113 -33.36 1.75 81.47
N THR B 1114 -32.18 1.17 81.58
CA THR B 1114 -31.48 0.98 82.84
C THR B 1114 -30.13 1.67 82.77
N THR B 1115 -29.35 1.53 83.82
CA THR B 1115 -27.99 2.05 83.87
C THR B 1115 -26.99 1.15 83.18
N ASP B 1116 -27.42 -0.02 82.70
CA ASP B 1116 -26.55 -0.91 81.95
C ASP B 1116 -26.82 -0.80 80.46
N ASN B 1117 -27.91 -0.12 80.12
CA ASN B 1117 -28.30 0.20 78.76
C ASN B 1117 -27.67 1.47 78.24
N THR B 1118 -27.23 2.35 79.12
CA THR B 1118 -26.96 3.73 78.79
C THR B 1118 -25.62 4.12 79.38
N PHE B 1119 -25.17 5.31 79.02
CA PHE B 1119 -24.09 5.95 79.75
C PHE B 1119 -24.45 7.41 79.96
N VAL B 1120 -23.75 8.04 80.90
CA VAL B 1120 -24.05 9.40 81.34
C VAL B 1120 -22.97 10.32 80.81
N SER B 1121 -23.36 11.54 80.48
CA SER B 1121 -22.39 12.58 80.16
C SER B 1121 -23.04 13.94 80.30
N GLY B 1122 -22.54 14.76 81.20
CA GLY B 1122 -23.03 16.12 81.35
C GLY B 1122 -24.40 16.21 81.99
N ASN B 1123 -24.93 17.42 81.98
CA ASN B 1123 -26.24 17.72 82.54
C ASN B 1123 -27.19 18.01 81.40
N CYS B 1124 -28.50 17.94 81.68
CA CYS B 1124 -29.49 18.08 80.63
C CYS B 1124 -29.86 19.54 80.39
N ASP B 1125 -28.93 20.30 79.80
CA ASP B 1125 -29.18 21.70 79.46
C ASP B 1125 -28.63 22.02 78.09
N VAL B 1126 -27.84 21.12 77.52
CA VAL B 1126 -27.05 21.39 76.33
C VAL B 1126 -27.53 20.61 75.11
N VAL B 1127 -28.26 19.54 75.29
CA VAL B 1127 -28.70 18.70 74.18
C VAL B 1127 -30.03 19.21 73.67
N ILE B 1128 -30.16 19.33 72.35
CA ILE B 1128 -31.37 19.82 71.72
C ILE B 1128 -32.31 18.64 71.54
N GLY B 1129 -33.47 18.71 72.17
CA GLY B 1129 -34.45 17.68 72.07
C GLY B 1129 -34.43 16.64 73.16
N ILE B 1130 -33.79 16.92 74.30
CA ILE B 1130 -33.73 15.97 75.40
C ILE B 1130 -35.12 15.81 76.02
N VAL B 1131 -35.36 14.63 76.59
CA VAL B 1131 -36.68 14.25 77.06
C VAL B 1131 -36.56 13.71 78.47
N ASN B 1132 -37.61 13.91 79.27
CA ASN B 1132 -37.65 13.47 80.65
C ASN B 1132 -38.15 12.04 80.73
N ASN B 1133 -37.44 11.21 81.47
CA ASN B 1133 -37.90 9.86 81.80
C ASN B 1133 -37.06 9.36 82.96
N THR B 1134 -37.41 8.18 83.44
CA THR B 1134 -36.74 7.56 84.57
C THR B 1134 -35.82 6.47 84.07
N VAL B 1135 -34.60 6.44 84.59
CA VAL B 1135 -33.60 5.45 84.24
C VAL B 1135 -33.44 4.53 85.44
N TYR B 1136 -33.65 3.24 85.22
CA TYR B 1136 -33.81 2.29 86.31
C TYR B 1136 -32.47 1.69 86.70
N ASP B 1137 -32.21 1.67 87.98
CA ASP B 1137 -31.04 1.08 88.61
C ASP B 1137 -31.40 -0.27 89.17
N PRO B 1138 -30.65 -1.34 88.92
CA PRO B 1138 -31.03 -2.65 89.47
C PRO B 1138 -30.58 -2.86 90.91
N LEU B 1139 -29.45 -2.26 91.26
CA LEU B 1139 -28.83 -2.56 92.54
C LEU B 1139 -29.70 -2.16 93.71
N GLN B 1140 -30.16 -0.91 93.73
CA GLN B 1140 -30.88 -0.43 94.91
C GLN B 1140 -32.25 -1.10 95.11
N PRO B 1141 -32.97 -1.51 94.06
CA PRO B 1141 -34.14 -2.37 94.31
C PRO B 1141 -33.78 -3.80 94.53
N GLU B 1142 -32.51 -4.18 94.37
CA GLU B 1142 -32.08 -5.44 94.95
C GLU B 1142 -31.85 -5.28 96.45
N LEU B 1143 -31.38 -4.11 96.87
CA LEU B 1143 -31.07 -3.88 98.28
C LEU B 1143 -32.32 -3.51 99.09
N ASP B 1144 -33.50 -3.75 98.52
CA ASP B 1144 -34.78 -3.40 99.15
C ASP B 1144 -34.81 -1.96 99.67
N ALA C 27 19.01 57.42 6.85
CA ALA C 27 18.37 56.97 8.07
C ALA C 27 17.76 55.59 7.89
N TYR C 28 17.52 54.91 9.01
CA TYR C 28 16.82 53.63 9.03
C TYR C 28 15.79 53.70 10.13
N THR C 29 14.72 52.93 9.98
CA THR C 29 13.64 52.94 10.94
C THR C 29 13.15 51.52 11.13
N ASN C 30 12.26 51.35 12.10
CA ASN C 30 11.75 50.07 12.53
C ASN C 30 10.26 49.99 12.22
N SER C 31 9.89 49.07 11.34
CA SER C 31 8.48 48.71 11.19
C SER C 31 8.03 48.06 12.48
N PHE C 32 6.73 48.01 12.74
CA PHE C 32 6.37 47.23 13.91
C PHE C 32 5.58 46.00 13.49
N THR C 33 4.41 46.20 12.92
CA THR C 33 3.62 45.12 12.34
C THR C 33 3.00 45.71 11.08
N ARG C 34 3.71 45.58 9.98
CA ARG C 34 3.39 46.29 8.76
C ARG C 34 3.69 45.40 7.57
N GLY C 35 2.88 45.52 6.52
CA GLY C 35 3.14 44.77 5.31
C GLY C 35 2.49 43.40 5.31
N VAL C 36 1.27 43.33 5.78
CA VAL C 36 0.47 42.11 5.74
C VAL C 36 -0.58 42.27 4.65
N TYR C 37 -0.62 41.33 3.73
CA TYR C 37 -1.58 41.36 2.64
C TYR C 37 -2.36 40.05 2.61
N TYR C 38 -3.56 40.11 2.05
CA TYR C 38 -4.37 38.92 1.86
C TYR C 38 -3.72 38.05 0.80
N PRO C 39 -3.25 36.87 1.21
CA PRO C 39 -2.56 35.94 0.32
C PRO C 39 -3.34 35.52 -0.92
N ASP C 40 -4.64 35.82 -0.94
CA ASP C 40 -5.50 35.46 -2.05
C ASP C 40 -6.94 35.81 -1.72
N LYS C 41 -7.83 35.62 -2.69
CA LYS C 41 -9.25 35.92 -2.50
C LYS C 41 -9.82 35.11 -1.34
N VAL C 42 -10.49 34.00 -1.66
CA VAL C 42 -11.08 33.11 -0.67
C VAL C 42 -11.55 33.74 0.63
N PHE C 43 -12.85 34.03 0.73
CA PHE C 43 -13.39 34.63 1.94
C PHE C 43 -12.97 33.80 3.14
N ARG C 44 -13.20 34.33 4.34
CA ARG C 44 -12.85 33.64 5.57
C ARG C 44 -13.21 34.46 6.79
N SER C 45 -13.53 33.77 7.88
CA SER C 45 -13.89 34.42 9.12
C SER C 45 -12.95 33.99 10.24
N SER C 46 -13.39 34.19 11.48
CA SER C 46 -12.58 33.85 12.65
C SER C 46 -11.89 32.50 12.49
N VAL C 47 -10.65 32.52 12.00
CA VAL C 47 -9.89 31.30 11.80
C VAL C 47 -8.38 31.54 11.75
N LEU C 48 -7.72 31.44 12.91
CA LEU C 48 -6.28 31.63 12.96
C LEU C 48 -5.65 30.72 11.91
N HIS C 49 -5.71 31.18 10.67
CA HIS C 49 -5.21 30.44 9.51
C HIS C 49 -3.71 30.64 9.36
N SER C 50 -3.00 29.58 9.02
CA SER C 50 -1.55 29.60 8.93
C SER C 50 -1.10 29.56 7.47
N THR C 51 -0.18 30.46 7.10
CA THR C 51 0.29 30.54 5.73
C THR C 51 1.82 30.57 5.65
N GLN C 52 2.33 30.10 4.52
CA GLN C 52 3.72 30.26 4.13
C GLN C 52 3.76 31.11 2.88
N ASP C 53 4.50 32.21 2.90
CA ASP C 53 4.53 33.12 1.76
C ASP C 53 5.71 34.07 1.91
N LEU C 54 5.72 35.11 1.08
CA LEU C 54 6.73 36.17 1.14
C LEU C 54 6.16 37.35 1.89
N PHE C 55 6.70 37.62 3.06
CA PHE C 55 6.21 38.68 3.91
C PHE C 55 7.37 39.58 4.33
N LEU C 56 7.01 40.72 4.90
CA LEU C 56 7.96 41.62 5.52
C LEU C 56 8.03 41.27 7.00
N PRO C 57 9.16 40.72 7.47
CA PRO C 57 9.23 40.27 8.87
C PRO C 57 8.91 41.37 9.86
N PHE C 58 8.36 41.01 11.01
CA PHE C 58 8.01 42.01 12.00
C PHE C 58 9.27 42.63 12.58
N PHE C 59 9.16 43.91 12.94
CA PHE C 59 10.27 44.65 13.53
C PHE C 59 11.50 44.56 12.64
N SER C 60 11.42 45.15 11.44
CA SER C 60 12.47 45.04 10.45
C SER C 60 13.19 46.37 10.32
N ASN C 61 14.22 46.34 9.49
CA ASN C 61 15.15 47.46 9.29
C ASN C 61 14.83 48.09 7.94
N VAL C 62 13.98 49.11 7.92
CA VAL C 62 13.48 49.69 6.68
C VAL C 62 14.25 50.98 6.43
N THR C 63 14.79 51.13 5.23
CA THR C 63 15.49 52.34 4.85
C THR C 63 14.57 53.55 4.94
N TRP C 64 15.17 54.71 5.10
CA TRP C 64 14.42 55.95 5.14
C TRP C 64 14.96 56.85 4.06
N PHE C 65 14.07 57.50 3.32
CA PHE C 65 14.46 58.44 2.28
C PHE C 65 13.71 59.74 2.49
N HIS C 66 14.39 60.84 2.22
CA HIS C 66 13.81 62.17 2.30
C HIS C 66 13.84 62.80 0.92
N ALA C 67 13.08 63.87 0.78
CA ALA C 67 13.07 64.67 -0.43
C ALA C 67 12.50 66.04 -0.10
N ASN C 81 15.11 60.15 -6.64
CA ASN C 81 15.88 59.44 -5.64
C ASN C 81 16.38 58.12 -6.27
N PRO C 82 17.30 57.39 -5.63
CA PRO C 82 18.19 56.49 -6.36
C PRO C 82 17.58 55.18 -6.83
N VAL C 83 18.37 54.48 -7.65
CA VAL C 83 18.05 53.15 -8.14
C VAL C 83 18.24 52.15 -7.02
N LEU C 84 17.19 51.40 -6.70
CA LEU C 84 17.22 50.41 -5.64
C LEU C 84 17.23 49.02 -6.23
N PRO C 85 17.40 47.97 -5.43
CA PRO C 85 17.17 46.61 -5.95
C PRO C 85 15.73 46.16 -5.77
N PHE C 86 15.39 44.98 -6.30
CA PHE C 86 14.09 44.37 -6.09
C PHE C 86 14.18 43.04 -5.35
N ASN C 87 14.84 42.07 -5.98
CA ASN C 87 15.40 40.79 -5.52
C ASN C 87 14.36 39.83 -4.97
N ASP C 88 13.30 40.33 -4.34
CA ASP C 88 12.12 39.55 -3.99
C ASP C 88 11.07 40.50 -3.44
N GLY C 89 10.16 41.00 -4.26
CA GLY C 89 9.12 41.86 -3.73
C GLY C 89 9.59 43.09 -2.98
N VAL C 90 8.66 43.97 -2.62
CA VAL C 90 8.99 45.24 -1.99
C VAL C 90 7.79 45.73 -1.21
N TYR C 91 8.02 46.15 0.03
CA TYR C 91 7.08 47.00 0.75
C TYR C 91 7.47 48.46 0.51
N PHE C 92 6.48 49.32 0.50
CA PHE C 92 6.74 50.71 0.15
C PHE C 92 5.65 51.59 0.74
N ALA C 93 5.95 52.35 1.78
CA ALA C 93 5.00 53.30 2.32
C ALA C 93 5.43 54.73 1.95
N SER C 94 4.54 55.68 2.24
CA SER C 94 4.77 57.07 1.87
C SER C 94 3.76 57.94 2.60
N THR C 95 4.15 59.18 2.88
CA THR C 95 3.34 60.08 3.69
C THR C 95 3.37 61.50 3.14
N GLU C 96 2.17 62.08 2.95
CA GLU C 96 2.01 63.49 2.59
C GLU C 96 0.55 63.88 2.47
N LYS C 97 0.28 65.18 2.28
CA LYS C 97 -1.04 65.66 1.87
C LYS C 97 -1.08 66.08 0.41
N SER C 98 -0.06 66.80 -0.08
CA SER C 98 0.20 66.95 -1.50
C SER C 98 0.58 65.60 -2.09
N ASN C 99 0.91 65.56 -3.37
CA ASN C 99 1.26 64.29 -4.00
C ASN C 99 2.61 64.43 -4.67
N ILE C 100 3.67 64.12 -3.93
CA ILE C 100 5.03 64.21 -4.42
C ILE C 100 5.42 62.87 -5.03
N ILE C 101 4.94 61.80 -4.44
CA ILE C 101 5.19 60.45 -4.95
C ILE C 101 4.23 60.19 -6.09
N ARG C 102 4.77 60.05 -7.30
CA ARG C 102 3.99 59.97 -8.51
C ARG C 102 4.38 58.71 -9.26
N GLY C 103 4.42 57.60 -8.55
CA GLY C 103 4.63 56.32 -9.19
C GLY C 103 6.08 55.90 -9.20
N TRP C 104 6.29 54.70 -9.71
CA TRP C 104 7.57 54.02 -9.67
C TRP C 104 7.92 53.64 -11.10
N ILE C 105 9.14 53.15 -11.29
CA ILE C 105 9.54 52.57 -12.57
C ILE C 105 10.35 51.33 -12.26
N PHE C 106 10.17 50.29 -13.05
CA PHE C 106 10.72 48.99 -12.69
C PHE C 106 11.60 48.48 -13.82
N GLY C 107 12.21 47.31 -13.60
CA GLY C 107 12.87 46.62 -14.68
C GLY C 107 14.23 46.05 -14.32
N THR C 108 15.03 45.73 -15.33
CA THR C 108 16.38 45.24 -15.07
C THR C 108 17.41 46.31 -15.39
N THR C 109 17.27 47.00 -16.52
CA THR C 109 18.23 48.00 -16.95
C THR C 109 17.70 49.42 -16.96
N LEU C 110 16.39 49.61 -16.92
CA LEU C 110 15.77 50.93 -16.89
C LEU C 110 16.18 51.76 -18.12
N ASP C 111 16.26 51.08 -19.26
CA ASP C 111 16.63 51.73 -20.51
C ASP C 111 16.13 50.88 -21.67
N SER C 112 16.64 51.20 -22.86
CA SER C 112 16.39 50.36 -24.02
C SER C 112 17.26 49.11 -23.96
N LYS C 113 17.16 48.29 -25.01
CA LYS C 113 17.84 47.01 -25.14
C LYS C 113 17.21 45.94 -24.26
N THR C 114 16.31 46.32 -23.35
CA THR C 114 15.49 45.37 -22.61
C THR C 114 14.25 46.09 -22.11
N GLN C 115 13.20 45.32 -21.88
CA GLN C 115 11.88 45.86 -21.58
C GLN C 115 11.72 46.19 -20.10
N SER C 116 10.83 47.12 -19.81
CA SER C 116 10.58 47.57 -18.44
C SER C 116 9.15 48.08 -18.31
N LEU C 117 8.69 48.18 -17.08
CA LEU C 117 7.37 48.72 -16.75
C LEU C 117 7.50 50.19 -16.37
N LEU C 118 6.39 50.92 -16.46
CA LEU C 118 6.36 52.32 -16.05
C LEU C 118 4.97 52.64 -15.53
N ILE C 119 4.90 53.09 -14.29
CA ILE C 119 3.64 53.40 -13.63
C ILE C 119 3.65 54.85 -13.18
N VAL C 120 2.75 55.63 -13.74
CA VAL C 120 2.84 57.08 -13.60
C VAL C 120 1.48 57.61 -13.17
N ASN C 121 1.46 58.81 -12.61
CA ASN C 121 0.21 59.50 -12.28
C ASN C 121 0.45 61.01 -12.38
N ASN C 122 -0.02 61.64 -13.47
CA ASN C 122 -0.08 63.10 -13.48
C ASN C 122 -1.29 63.53 -12.67
N ALA C 123 -1.64 64.81 -12.72
CA ALA C 123 -2.78 65.27 -11.93
C ALA C 123 -4.10 64.72 -12.47
N THR C 124 -4.03 63.88 -13.50
CA THR C 124 -5.23 63.32 -14.11
C THR C 124 -5.61 61.98 -13.50
N ASN C 125 -4.77 60.96 -13.71
CA ASN C 125 -4.97 59.61 -13.23
C ASN C 125 -3.82 58.71 -13.70
N VAL C 126 -3.84 57.48 -13.18
CA VAL C 126 -2.79 56.49 -13.35
C VAL C 126 -2.56 56.17 -14.82
N VAL C 127 -1.31 55.90 -15.19
CA VAL C 127 -0.95 55.49 -16.54
C VAL C 127 0.04 54.33 -16.48
N ILE C 128 -0.46 53.09 -16.48
CA ILE C 128 0.47 51.97 -16.59
C ILE C 128 0.92 51.88 -18.03
N LYS C 129 2.13 51.38 -18.24
CA LYS C 129 2.70 51.32 -19.58
C LYS C 129 3.84 50.33 -19.59
N VAL C 130 3.96 49.58 -20.69
CA VAL C 130 5.10 48.68 -20.84
C VAL C 130 5.65 48.79 -22.25
N CYS C 131 6.74 49.52 -22.40
CA CYS C 131 7.51 49.60 -23.64
C CYS C 131 8.97 49.31 -23.35
N GLU C 132 9.81 49.54 -24.35
CA GLU C 132 11.23 49.76 -24.15
C GLU C 132 11.45 51.27 -24.12
N PHE C 133 12.08 51.75 -23.07
CA PHE C 133 12.19 53.18 -22.84
C PHE C 133 13.63 53.64 -22.97
N GLN C 134 13.82 54.95 -22.83
CA GLN C 134 15.11 55.53 -22.52
C GLN C 134 14.87 56.46 -21.35
N PHE C 135 15.28 56.03 -20.17
CA PHE C 135 14.97 56.72 -18.93
C PHE C 135 16.09 57.68 -18.58
N CYS C 136 15.70 58.91 -18.21
CA CYS C 136 16.64 59.81 -17.58
C CYS C 136 17.27 59.14 -16.36
N ASN C 137 18.57 59.29 -16.20
CA ASN C 137 19.20 58.75 -15.01
C ASN C 137 18.68 59.42 -13.74
N ASP C 138 18.15 60.64 -13.84
CA ASP C 138 17.43 61.29 -12.77
C ASP C 138 16.07 61.73 -13.31
N PRO C 139 15.12 60.81 -13.42
CA PRO C 139 13.85 61.14 -14.07
C PRO C 139 12.82 61.64 -13.06
N PHE C 140 12.02 62.59 -13.48
CA PHE C 140 11.05 63.20 -12.58
C PHE C 140 10.00 63.93 -13.41
N VAL C 157 10.53 64.05 -18.02
CA VAL C 157 9.87 62.91 -18.66
C VAL C 157 10.88 61.97 -19.28
N TYR C 158 10.39 60.85 -19.83
CA TYR C 158 11.25 59.86 -20.46
C TYR C 158 11.95 60.45 -21.69
N SER C 159 12.27 59.59 -22.65
CA SER C 159 12.94 60.01 -23.86
C SER C 159 12.82 58.96 -24.97
N SER C 160 11.92 58.01 -24.76
CA SER C 160 11.70 56.94 -25.73
C SER C 160 10.54 56.07 -25.24
N ALA C 161 9.73 55.61 -26.20
CA ALA C 161 8.56 54.80 -25.91
C ALA C 161 8.37 53.70 -26.95
N ASN C 162 9.44 52.96 -27.27
CA ASN C 162 9.42 52.06 -28.43
C ASN C 162 8.81 50.71 -28.07
N ASN C 163 8.24 50.05 -29.08
CA ASN C 163 7.87 48.64 -29.00
C ASN C 163 6.85 48.31 -27.91
N CYS C 164 5.96 49.24 -27.58
CA CYS C 164 5.05 49.07 -26.45
C CYS C 164 4.22 47.79 -26.57
N THR C 165 4.24 46.99 -25.50
CA THR C 165 3.62 45.67 -25.48
C THR C 165 2.44 45.63 -24.51
N PHE C 166 2.14 46.78 -23.89
CA PHE C 166 1.04 46.89 -22.96
C PHE C 166 0.82 48.36 -22.68
N GLU C 167 -0.42 48.83 -22.77
CA GLU C 167 -0.73 50.20 -22.40
C GLU C 167 -1.89 50.18 -21.43
N TYR C 168 -2.15 51.34 -20.84
CA TYR C 168 -3.33 51.59 -20.04
C TYR C 168 -3.36 53.07 -19.73
N VAL C 169 -4.53 53.70 -19.80
CA VAL C 169 -4.70 55.06 -19.31
C VAL C 169 -6.07 55.12 -18.66
N SER C 170 -6.48 56.30 -18.23
CA SER C 170 -7.84 56.50 -17.73
C SER C 170 -8.23 57.98 -17.80
N LYS C 185 -1.60 63.42 7.83
CA LYS C 185 -1.89 63.52 6.40
C LYS C 185 -2.40 62.22 5.82
N ASN C 186 -1.57 61.56 5.02
CA ASN C 186 -1.95 60.32 4.37
C ASN C 186 -0.81 59.33 4.51
N LEU C 187 -1.16 58.06 4.61
CA LEU C 187 -0.20 56.96 4.55
C LEU C 187 -0.68 55.99 3.47
N ARG C 188 0.20 55.71 2.52
CA ARG C 188 -0.15 54.92 1.34
C ARG C 188 0.86 53.79 1.19
N GLU C 189 0.46 52.59 1.59
CA GLU C 189 1.33 51.44 1.52
C GLU C 189 1.10 50.63 0.25
N PHE C 190 2.16 49.97 -0.21
CA PHE C 190 2.11 49.14 -1.40
C PHE C 190 3.03 47.95 -1.23
N VAL C 191 2.60 46.81 -1.75
CA VAL C 191 3.42 45.62 -1.81
C VAL C 191 3.50 45.20 -3.27
N PHE C 192 4.71 45.12 -3.81
CA PHE C 192 4.92 44.76 -5.20
C PHE C 192 5.60 43.40 -5.24
N LYS C 193 5.07 42.48 -6.04
CA LYS C 193 5.73 41.20 -6.25
C LYS C 193 5.55 40.75 -7.68
N ASN C 194 6.33 39.77 -8.09
CA ASN C 194 6.46 39.39 -9.50
C ASN C 194 6.71 37.90 -9.61
N ILE C 195 5.66 37.13 -9.88
CA ILE C 195 5.75 35.67 -9.91
C ILE C 195 5.10 35.15 -11.18
N ASP C 196 5.79 34.23 -11.85
CA ASP C 196 5.29 33.54 -13.04
C ASP C 196 4.70 34.52 -14.06
N GLY C 197 5.47 35.53 -14.42
CA GLY C 197 5.05 36.49 -15.44
C GLY C 197 3.88 37.36 -15.04
N TYR C 198 3.50 37.30 -13.76
CA TYR C 198 2.42 38.12 -13.24
C TYR C 198 3.01 39.13 -12.25
N PHE C 199 2.67 40.40 -12.41
CA PHE C 199 3.20 41.44 -11.53
C PHE C 199 2.06 41.89 -10.64
N LYS C 200 2.04 41.42 -9.40
CA LYS C 200 0.96 41.67 -8.47
C LYS C 200 1.27 42.89 -7.63
N ILE C 201 0.22 43.64 -7.31
CA ILE C 201 0.30 44.88 -6.57
C ILE C 201 -0.81 44.87 -5.52
N TYR C 202 -0.42 44.92 -4.25
CA TYR C 202 -1.37 45.12 -3.17
C TYR C 202 -1.18 46.52 -2.65
N SER C 203 -2.21 47.05 -2.01
CA SER C 203 -2.14 48.43 -1.59
C SER C 203 -3.12 48.69 -0.46
N LYS C 204 -2.92 49.80 0.22
CA LYS C 204 -3.82 50.25 1.27
C LYS C 204 -3.57 51.73 1.52
N HIS C 205 -4.63 52.46 1.82
CA HIS C 205 -4.56 53.89 2.08
C HIS C 205 -5.17 54.13 3.46
N THR C 206 -4.30 54.35 4.43
CA THR C 206 -4.75 54.70 5.77
C THR C 206 -4.50 56.19 6.01
N PRO C 207 -5.36 56.84 6.78
CA PRO C 207 -5.09 58.23 7.15
C PRO C 207 -4.27 58.33 8.43
N ILE C 208 -3.10 58.97 8.37
CA ILE C 208 -2.34 59.22 9.59
C ILE C 208 -2.91 60.46 10.27
N ASN C 209 -2.54 60.67 11.53
CA ASN C 209 -2.82 61.95 12.16
C ASN C 209 -1.50 62.66 12.44
N LEU C 210 -0.46 62.24 11.73
CA LEU C 210 0.82 62.93 11.62
C LEU C 210 0.95 63.43 10.19
N VAL C 211 2.11 63.97 9.85
CA VAL C 211 2.33 64.38 8.46
C VAL C 211 3.24 63.39 7.74
N ARG C 212 4.47 63.16 8.23
CA ARG C 212 5.43 62.34 7.50
C ARG C 212 6.36 61.45 8.34
N ASP C 213 5.84 60.73 9.33
CA ASP C 213 6.62 59.74 10.07
C ASP C 213 5.89 58.40 10.08
N LEU C 214 6.65 57.31 10.08
CA LEU C 214 6.07 55.96 10.03
C LEU C 214 5.38 55.62 11.34
N PRO C 215 4.07 55.41 11.34
CA PRO C 215 3.35 55.15 12.60
C PRO C 215 3.42 53.69 13.03
N GLN C 216 2.62 53.34 14.03
CA GLN C 216 2.52 51.98 14.52
C GLN C 216 1.08 51.51 14.41
N GLY C 217 0.90 50.22 14.20
CA GLY C 217 -0.43 49.65 14.13
C GLY C 217 -0.54 48.49 13.16
N PHE C 218 -1.75 47.96 12.98
CA PHE C 218 -1.98 46.84 12.08
C PHE C 218 -3.01 47.22 11.03
N SER C 219 -2.69 46.93 9.77
CA SER C 219 -3.59 47.22 8.67
C SER C 219 -3.23 46.36 7.46
N ALA C 220 -4.10 45.42 7.10
CA ALA C 220 -3.81 44.47 6.04
C ALA C 220 -4.08 45.07 4.67
N LEU C 221 -3.26 44.68 3.70
CA LEU C 221 -3.25 45.28 2.37
C LEU C 221 -4.02 44.38 1.39
N GLU C 222 -4.98 45.00 0.59
CA GLU C 222 -5.88 44.31 -0.30
C GLU C 222 -5.40 44.36 -1.75
N PRO C 223 -5.52 43.24 -2.47
CA PRO C 223 -4.96 43.20 -3.82
C PRO C 223 -5.63 44.17 -4.77
N LEU C 224 -4.82 44.76 -5.65
CA LEU C 224 -5.29 45.83 -6.53
C LEU C 224 -5.31 45.39 -7.99
N VAL C 225 -4.17 44.92 -8.48
CA VAL C 225 -3.93 44.75 -9.89
C VAL C 225 -3.32 43.37 -10.09
N ASP C 226 -3.20 43.00 -11.37
CA ASP C 226 -2.60 41.76 -11.85
C ASP C 226 -2.21 42.01 -13.31
N LEU C 227 -0.92 41.89 -13.65
CA LEU C 227 -0.53 42.16 -15.03
C LEU C 227 0.22 40.97 -15.60
N PRO C 228 -0.31 40.29 -16.61
CA PRO C 228 0.42 39.18 -17.25
C PRO C 228 1.45 39.67 -18.26
N ILE C 229 2.58 40.15 -17.74
CA ILE C 229 3.58 40.79 -18.59
C ILE C 229 4.59 39.76 -19.08
N GLY C 230 5.36 39.19 -18.16
CA GLY C 230 6.44 38.30 -18.55
C GLY C 230 7.80 38.93 -18.29
N ILE C 231 7.78 40.24 -18.10
CA ILE C 231 8.93 41.10 -17.82
C ILE C 231 9.83 40.53 -16.72
N ASN C 232 11.14 40.67 -16.88
CA ASN C 232 12.12 40.42 -15.83
C ASN C 232 12.33 41.70 -15.04
N ILE C 233 12.55 41.59 -13.74
CA ILE C 233 12.77 42.77 -12.91
C ILE C 233 13.95 42.51 -11.98
N THR C 234 14.82 43.52 -11.86
CA THR C 234 15.94 43.45 -10.93
C THR C 234 16.15 44.79 -10.24
N ARG C 235 15.49 45.85 -10.71
CA ARG C 235 15.74 47.18 -10.16
C ARG C 235 14.46 48.00 -10.25
N PHE C 236 14.41 49.07 -9.47
CA PHE C 236 13.26 49.97 -9.50
C PHE C 236 13.67 51.33 -8.96
N GLN C 237 12.79 52.31 -9.14
CA GLN C 237 13.07 53.69 -8.77
C GLN C 237 11.80 54.33 -8.21
N THR C 238 11.81 55.65 -8.13
CA THR C 238 10.65 56.43 -7.71
C THR C 238 10.57 57.70 -8.57
N LEU C 239 9.43 58.37 -8.50
CA LEU C 239 9.17 59.57 -9.29
C LEU C 239 8.58 60.65 -8.39
N LEU C 240 9.08 61.87 -8.53
CA LEU C 240 8.68 62.96 -7.64
C LEU C 240 8.36 64.20 -8.44
N ALA C 241 7.47 65.03 -7.88
CA ALA C 241 7.05 66.28 -8.50
C ALA C 241 7.88 67.42 -7.90
N ALA C 262 9.31 61.81 1.99
CA ALA C 262 9.49 60.79 3.00
C ALA C 262 8.92 59.47 2.54
N TYR C 263 9.78 58.46 2.40
CA TYR C 263 9.32 57.15 2.00
C TYR C 263 10.33 56.08 2.39
N TYR C 264 9.84 54.86 2.52
CA TYR C 264 10.55 53.72 3.07
C TYR C 264 10.59 52.59 2.06
N VAL C 265 11.52 51.67 2.23
CA VAL C 265 11.61 50.51 1.36
C VAL C 265 12.00 49.27 2.16
N GLY C 266 11.05 48.35 2.35
CA GLY C 266 11.34 47.06 2.92
C GLY C 266 11.49 46.00 1.84
N TYR C 267 11.93 44.82 2.25
CA TYR C 267 12.04 43.71 1.35
C TYR C 267 11.33 42.51 1.96
N LEU C 268 10.97 41.55 1.11
CA LEU C 268 10.12 40.44 1.50
C LEU C 268 10.93 39.15 1.46
N GLN C 269 10.69 38.28 2.44
CA GLN C 269 11.36 37.00 2.54
C GLN C 269 10.33 35.93 2.77
N PRO C 270 10.66 34.67 2.52
CA PRO C 270 9.72 33.58 2.78
C PRO C 270 9.59 33.31 4.28
N ARG C 271 8.45 33.71 4.84
CA ARG C 271 8.12 33.48 6.23
C ARG C 271 6.84 32.65 6.35
N THR C 272 6.50 32.33 7.60
CA THR C 272 5.28 31.62 7.96
C THR C 272 4.56 32.45 9.00
N PHE C 273 3.31 32.80 8.71
CA PHE C 273 2.54 33.66 9.60
C PHE C 273 1.26 32.96 10.04
N LEU C 274 0.67 33.51 11.10
CA LEU C 274 -0.61 33.06 11.63
C LEU C 274 -1.56 34.26 11.64
N LEU C 275 -2.52 34.24 10.73
CA LEU C 275 -3.44 35.36 10.56
C LEU C 275 -4.75 35.10 11.29
N LYS C 276 -5.23 36.11 12.00
CA LYS C 276 -6.50 36.03 12.70
C LYS C 276 -7.56 36.70 11.85
N TYR C 277 -8.61 35.96 11.52
CA TYR C 277 -9.66 36.47 10.66
C TYR C 277 -10.87 36.87 11.49
N ASN C 278 -11.42 38.03 11.18
CA ASN C 278 -12.64 38.53 11.78
C ASN C 278 -13.83 37.70 11.31
N GLU C 279 -15.01 38.03 11.83
CA GLU C 279 -16.24 37.40 11.36
C GLU C 279 -16.75 37.99 10.05
N ASN C 280 -16.37 39.21 9.70
CA ASN C 280 -16.62 39.71 8.36
C ASN C 280 -15.59 39.21 7.36
N GLY C 281 -14.48 38.64 7.82
CA GLY C 281 -13.51 38.08 6.93
C GLY C 281 -12.28 38.92 6.73
N THR C 282 -12.04 39.90 7.58
CA THR C 282 -10.86 40.73 7.47
C THR C 282 -9.79 40.28 8.46
N ILE C 283 -8.54 40.48 8.10
CA ILE C 283 -7.40 40.13 8.94
C ILE C 283 -7.22 41.26 9.95
N THR C 284 -7.37 40.94 11.23
CA THR C 284 -7.29 41.95 12.27
C THR C 284 -5.98 41.88 13.05
N ASP C 285 -5.37 40.69 13.14
CA ASP C 285 -4.11 40.53 13.84
C ASP C 285 -3.30 39.43 13.17
N ALA C 286 -2.03 39.36 13.52
CA ALA C 286 -1.15 38.34 12.96
C ALA C 286 -0.05 38.00 13.95
N VAL C 287 0.62 36.88 13.69
CA VAL C 287 1.76 36.44 14.47
C VAL C 287 2.85 36.01 13.49
N ASP C 288 4.04 36.58 13.65
CA ASP C 288 5.22 36.16 12.92
C ASP C 288 5.88 35.05 13.74
N CYS C 289 6.01 33.87 13.14
CA CYS C 289 6.28 32.65 13.92
C CYS C 289 7.77 32.36 13.99
N ALA C 290 8.59 33.35 13.65
CA ALA C 290 10.03 33.15 13.66
C ALA C 290 10.76 34.39 14.16
N LEU C 291 10.16 35.03 15.15
CA LEU C 291 10.72 36.23 15.74
C LEU C 291 11.28 35.94 17.13
N ASP C 292 11.07 34.72 17.60
CA ASP C 292 11.54 34.31 18.92
C ASP C 292 10.85 33.01 19.33
N PRO C 293 11.12 32.53 20.54
CA PRO C 293 10.48 31.29 21.00
C PRO C 293 9.00 31.43 21.28
N LEU C 294 8.55 32.54 21.83
CA LEU C 294 7.11 32.73 22.05
C LEU C 294 6.31 32.63 20.77
N SER C 295 6.81 33.20 19.67
CA SER C 295 6.08 33.18 18.41
C SER C 295 6.06 31.79 17.81
N GLU C 296 7.17 31.07 17.90
CA GLU C 296 7.19 29.68 17.46
C GLU C 296 6.24 28.81 18.28
N THR C 297 6.07 29.09 19.57
CA THR C 297 5.07 28.37 20.35
C THR C 297 3.67 28.71 19.90
N LYS C 298 3.37 30.00 19.70
CA LYS C 298 2.06 30.39 19.22
C LYS C 298 1.73 29.72 17.90
N CYS C 299 2.73 29.57 17.04
CA CYS C 299 2.52 28.94 15.76
C CYS C 299 2.30 27.44 15.91
N THR C 300 3.06 26.80 16.81
CA THR C 300 2.88 25.38 17.07
C THR C 300 1.50 25.06 17.63
N LEU C 301 0.98 25.91 18.51
CA LEU C 301 -0.35 25.70 19.07
C LEU C 301 -1.48 26.21 18.20
N LYS C 302 -1.20 27.07 17.22
CA LYS C 302 -2.20 27.75 16.40
C LYS C 302 -3.14 28.59 17.26
N SER C 303 -2.55 29.51 18.01
CA SER C 303 -3.32 30.37 18.87
C SER C 303 -2.56 31.66 19.14
N PHE C 304 -3.24 32.62 19.73
CA PHE C 304 -2.63 33.88 20.10
C PHE C 304 -2.45 34.01 21.61
N THR C 305 -3.00 33.09 22.38
CA THR C 305 -2.79 33.05 23.82
C THR C 305 -2.35 31.64 24.20
N VAL C 306 -1.15 31.52 24.73
CA VAL C 306 -0.64 30.28 25.29
C VAL C 306 -0.77 30.33 26.80
N GLU C 307 -1.32 29.27 27.37
CA GLU C 307 -1.41 29.11 28.82
C GLU C 307 -0.15 28.46 29.35
N LYS C 308 0.08 28.62 30.64
CA LYS C 308 1.32 28.14 31.22
C LYS C 308 1.50 26.65 30.99
N GLY C 309 2.75 26.26 30.78
CA GLY C 309 3.05 24.89 30.48
C GLY C 309 4.46 24.78 29.98
N ILE C 310 4.72 23.71 29.26
CA ILE C 310 5.98 23.54 28.55
C ILE C 310 5.65 22.83 27.26
N TYR C 311 6.16 23.36 26.16
CA TYR C 311 5.73 22.96 24.83
C TYR C 311 6.94 22.59 23.99
N GLN C 312 6.86 21.47 23.29
CA GLN C 312 7.88 21.09 22.34
C GLN C 312 7.62 21.84 21.05
N THR C 313 8.63 22.53 20.56
CA THR C 313 8.40 23.54 19.56
C THR C 313 9.14 23.21 18.27
N SER C 314 10.30 22.59 18.38
CA SER C 314 11.06 22.22 17.18
C SER C 314 12.20 21.27 17.51
N ASN C 315 13.27 21.34 16.74
CA ASN C 315 14.42 20.47 16.97
C ASN C 315 15.74 21.15 16.64
N PHE C 316 16.80 20.70 17.31
CA PHE C 316 18.12 21.25 17.09
C PHE C 316 18.99 20.17 16.48
N ARG C 317 19.52 20.43 15.28
CA ARG C 317 20.37 19.46 14.60
C ARG C 317 21.65 20.11 14.09
N VAL C 318 22.77 19.77 14.73
CA VAL C 318 24.06 20.31 14.33
C VAL C 318 24.21 20.17 12.83
N GLN C 319 25.00 21.03 12.21
CA GLN C 319 25.20 20.99 10.77
C GLN C 319 26.59 20.50 10.38
N PRO C 320 26.68 19.67 9.35
CA PRO C 320 27.97 19.15 8.90
C PRO C 320 28.56 19.92 7.74
N THR C 321 29.86 20.19 7.77
CA THR C 321 30.51 20.93 6.69
C THR C 321 31.54 20.07 5.96
N GLU C 322 31.70 20.33 4.67
CA GLU C 322 32.65 19.60 3.83
C GLU C 322 32.36 18.10 3.77
N SER C 323 32.83 17.47 2.70
CA SER C 323 32.62 16.04 2.50
C SER C 323 33.96 15.36 2.26
N ILE C 324 34.45 14.66 3.27
CA ILE C 324 35.72 13.96 3.17
C ILE C 324 35.55 12.59 2.54
N VAL C 325 36.13 12.40 1.37
CA VAL C 325 36.05 11.13 0.66
C VAL C 325 37.34 10.33 0.79
N ARG C 326 37.33 9.34 1.67
CA ARG C 326 38.49 8.49 1.90
C ARG C 326 38.52 7.33 0.91
N PHE C 327 39.71 6.78 0.70
CA PHE C 327 39.87 5.66 -0.23
C PHE C 327 41.24 5.02 -0.08
N PRO C 328 41.53 4.03 -0.93
CA PRO C 328 42.80 3.33 -0.88
C PRO C 328 43.87 4.11 -1.62
N ASN C 329 45.14 3.78 -1.39
CA ASN C 329 46.24 4.47 -2.05
C ASN C 329 46.10 4.40 -3.57
N ILE C 330 47.11 4.89 -4.28
CA ILE C 330 47.09 4.87 -5.74
C ILE C 330 46.71 3.48 -6.24
N THR C 331 46.39 3.38 -7.53
CA THR C 331 46.02 2.09 -8.11
C THR C 331 46.22 2.06 -9.62
N ASN C 332 45.78 0.97 -10.24
CA ASN C 332 45.92 0.79 -11.69
C ASN C 332 44.78 1.44 -12.47
N LEU C 333 45.12 1.97 -13.64
CA LEU C 333 44.16 2.65 -14.51
C LEU C 333 43.09 1.68 -15.03
N CYS C 334 43.20 0.39 -14.71
CA CYS C 334 42.26 -0.68 -15.03
C CYS C 334 41.92 -0.78 -16.51
N PRO C 335 42.79 -1.40 -17.32
CA PRO C 335 42.64 -1.34 -18.78
C PRO C 335 41.40 -2.02 -19.33
N PHE C 336 40.56 -1.22 -20.00
CA PHE C 336 39.50 -1.78 -20.83
C PHE C 336 40.01 -2.09 -22.22
N GLY C 337 41.28 -1.80 -22.49
CA GLY C 337 41.87 -1.99 -23.80
C GLY C 337 42.12 -3.43 -24.20
N GLU C 338 41.79 -4.38 -23.33
CA GLU C 338 41.71 -5.78 -23.70
C GLU C 338 40.28 -6.29 -23.74
N VAL C 339 39.31 -5.45 -23.40
CA VAL C 339 37.92 -5.81 -23.56
C VAL C 339 37.33 -5.24 -24.85
N PHE C 340 37.50 -3.94 -25.09
CA PHE C 340 36.95 -3.29 -26.27
C PHE C 340 37.90 -3.32 -27.46
N ASN C 341 39.12 -3.81 -27.28
CA ASN C 341 40.14 -3.70 -28.31
C ASN C 341 40.84 -5.03 -28.49
N ALA C 342 40.16 -6.13 -28.18
CA ALA C 342 40.72 -7.45 -28.39
C ALA C 342 40.76 -7.76 -29.87
N THR C 343 41.70 -8.61 -30.27
CA THR C 343 41.88 -8.91 -31.69
C THR C 343 40.82 -9.87 -32.21
N ARG C 344 40.14 -10.60 -31.34
CA ARG C 344 39.18 -11.61 -31.76
C ARG C 344 38.18 -11.83 -30.63
N PHE C 345 36.92 -11.50 -30.89
CA PHE C 345 35.88 -11.73 -29.90
C PHE C 345 35.43 -13.19 -29.97
N ALA C 346 34.57 -13.59 -29.04
CA ALA C 346 34.03 -14.93 -28.99
C ALA C 346 32.66 -14.95 -29.63
N SER C 347 32.19 -16.15 -29.96
CA SER C 347 30.88 -16.31 -30.57
C SER C 347 29.79 -16.07 -29.54
N VAL C 348 28.55 -15.86 -29.99
CA VAL C 348 27.48 -15.53 -29.05
C VAL C 348 27.01 -16.73 -28.24
N TYR C 349 27.09 -17.94 -28.78
CA TYR C 349 26.60 -19.11 -28.06
C TYR C 349 27.53 -19.55 -26.94
N ALA C 350 28.82 -19.24 -27.03
CA ALA C 350 29.77 -19.47 -25.94
C ALA C 350 30.51 -18.16 -25.73
N TRP C 351 29.90 -17.26 -24.97
CA TRP C 351 30.42 -15.91 -24.86
C TRP C 351 31.47 -15.82 -23.76
N ASN C 352 32.30 -14.79 -23.83
CA ASN C 352 33.38 -14.59 -22.91
C ASN C 352 32.88 -13.83 -21.68
N ARG C 353 33.62 -13.94 -20.58
CA ARG C 353 33.22 -13.26 -19.34
C ARG C 353 34.48 -12.88 -18.58
N LYS C 354 34.87 -11.62 -18.68
CA LYS C 354 36.05 -11.09 -18.01
C LYS C 354 35.60 -10.43 -16.71
N ARG C 355 36.27 -10.76 -15.61
CA ARG C 355 35.91 -10.21 -14.30
C ARG C 355 36.91 -9.11 -13.94
N ILE C 356 36.38 -7.93 -13.62
CA ILE C 356 37.22 -6.82 -13.24
C ILE C 356 37.54 -6.90 -11.75
N SER C 357 38.75 -6.48 -11.37
CA SER C 357 39.22 -6.54 -10.01
C SER C 357 39.45 -5.10 -9.54
N ASN C 358 40.11 -4.95 -8.39
CA ASN C 358 40.42 -3.64 -7.82
C ASN C 358 41.24 -2.79 -8.79
N CYS C 359 40.79 -1.56 -9.00
CA CYS C 359 41.20 -0.76 -10.15
C CYS C 359 40.88 0.69 -9.85
N VAL C 360 40.98 1.52 -10.89
CA VAL C 360 40.33 2.83 -10.96
C VAL C 360 39.71 2.88 -12.35
N ALA C 361 38.39 2.89 -12.42
CA ALA C 361 37.67 2.86 -13.69
C ALA C 361 37.16 4.25 -14.03
N ASP C 362 37.26 4.63 -15.30
CA ASP C 362 36.80 5.93 -15.78
C ASP C 362 35.77 5.69 -16.87
N TYR C 363 34.49 5.84 -16.52
CA TYR C 363 33.42 5.59 -17.47
C TYR C 363 33.05 6.81 -18.29
N SER C 364 33.56 7.99 -17.95
CA SER C 364 33.25 9.18 -18.74
C SER C 364 33.98 9.18 -20.07
N VAL C 365 35.11 8.48 -20.15
CA VAL C 365 35.82 8.37 -21.41
C VAL C 365 35.18 7.31 -22.29
N LEU C 366 34.32 6.47 -21.71
CA LEU C 366 33.58 5.49 -22.50
C LEU C 366 32.24 6.05 -22.95
N TYR C 367 31.62 6.87 -22.10
CA TYR C 367 30.30 7.42 -22.42
C TYR C 367 30.38 8.47 -23.51
N ASN C 368 31.53 9.14 -23.62
CA ASN C 368 31.74 10.17 -24.63
C ASN C 368 32.82 9.79 -25.63
N SER C 369 32.82 8.56 -26.11
CA SER C 369 33.84 8.15 -27.08
C SER C 369 33.43 8.45 -28.51
N ALA C 370 32.13 8.63 -28.77
CA ALA C 370 31.53 8.94 -30.06
C ALA C 370 31.82 7.90 -31.14
N SER C 371 32.18 6.68 -30.72
CA SER C 371 32.41 5.59 -31.64
C SER C 371 31.46 4.42 -31.39
N PHE C 372 30.67 4.47 -30.33
CA PHE C 372 29.74 3.40 -30.00
C PHE C 372 28.39 3.70 -30.60
N SER C 373 27.80 2.69 -31.24
CA SER C 373 26.49 2.85 -31.84
C SER C 373 25.35 2.78 -30.83
N THR C 374 25.58 2.15 -29.68
CA THR C 374 24.53 2.03 -28.68
C THR C 374 25.17 1.97 -27.30
N PHE C 375 24.81 2.92 -26.44
CA PHE C 375 25.27 2.96 -25.05
C PHE C 375 24.01 3.12 -24.21
N LYS C 376 23.51 2.01 -23.66
CA LYS C 376 22.30 2.05 -22.86
C LYS C 376 22.53 1.43 -21.49
N CYS C 377 22.47 2.26 -20.46
CA CYS C 377 22.58 1.81 -19.08
C CYS C 377 21.19 1.60 -18.53
N TYR C 378 21.03 0.60 -17.67
CA TYR C 378 19.71 0.17 -17.23
C TYR C 378 19.49 0.32 -15.73
N GLY C 379 20.47 -0.06 -14.91
CA GLY C 379 20.25 -0.01 -13.47
C GLY C 379 20.67 1.31 -12.83
N VAL C 380 21.22 2.23 -13.63
CA VAL C 380 21.75 3.48 -13.09
C VAL C 380 21.73 4.51 -14.22
N SER C 381 21.57 5.78 -13.87
CA SER C 381 21.79 6.85 -14.82
C SER C 381 23.25 6.88 -15.23
N PRO C 382 23.55 7.25 -16.48
CA PRO C 382 24.96 7.19 -16.93
C PRO C 382 25.85 8.26 -16.29
N THR C 383 25.32 9.47 -16.08
CA THR C 383 26.12 10.57 -15.58
C THR C 383 26.58 10.36 -14.14
N LYS C 384 25.89 9.53 -13.37
CA LYS C 384 26.34 9.14 -12.05
C LYS C 384 27.18 7.88 -12.06
N LEU C 385 27.89 7.59 -13.14
CA LEU C 385 28.71 6.38 -13.17
C LEU C 385 30.02 6.56 -12.41
N ASN C 386 30.55 7.78 -12.44
CA ASN C 386 31.83 8.07 -11.79
C ASN C 386 31.67 8.56 -10.36
N ASP C 387 31.46 7.62 -9.45
CA ASP C 387 31.30 7.95 -8.04
C ASP C 387 30.79 6.75 -7.26
N LEU C 388 30.52 5.67 -8.00
CA LEU C 388 30.02 4.45 -7.39
C LEU C 388 31.12 3.40 -7.29
N CYS C 389 31.04 2.55 -6.27
CA CYS C 389 32.01 1.50 -6.05
C CYS C 389 31.32 0.14 -6.13
N PHE C 390 31.35 -0.47 -7.30
CA PHE C 390 30.71 -1.76 -7.52
C PHE C 390 31.54 -2.92 -6.97
N THR C 391 31.03 -3.57 -5.94
CA THR C 391 31.70 -4.72 -5.36
C THR C 391 32.23 -5.67 -6.41
N ASN C 392 31.47 -5.90 -7.48
CA ASN C 392 31.96 -6.80 -8.51
C ASN C 392 31.49 -6.33 -9.88
N VAL C 393 32.40 -6.36 -10.85
CA VAL C 393 32.12 -5.97 -12.23
C VAL C 393 32.45 -7.13 -13.14
N TYR C 394 31.52 -7.48 -14.02
CA TYR C 394 31.74 -8.45 -15.07
C TYR C 394 31.54 -7.79 -16.43
N ALA C 395 32.19 -8.34 -17.44
CA ALA C 395 32.07 -7.84 -18.81
C ALA C 395 31.90 -9.03 -19.74
N ASP C 396 30.77 -9.08 -20.45
CA ASP C 396 30.48 -10.13 -21.41
C ASP C 396 30.61 -9.59 -22.83
N SER C 397 31.48 -10.20 -23.62
CA SER C 397 31.76 -9.71 -24.96
C SER C 397 31.46 -10.78 -25.99
N PHE C 398 30.73 -10.38 -27.04
CA PHE C 398 30.38 -11.33 -28.10
C PHE C 398 30.10 -10.54 -29.37
N VAL C 399 29.66 -11.25 -30.42
CA VAL C 399 29.41 -10.67 -31.74
C VAL C 399 28.06 -11.16 -32.23
N ILE C 400 27.17 -10.23 -32.58
CA ILE C 400 25.87 -10.61 -33.13
C ILE C 400 25.62 -9.88 -34.44
N ARG C 401 24.43 -10.04 -34.99
CA ARG C 401 24.05 -9.35 -36.22
C ARG C 401 23.60 -7.93 -35.90
N GLY C 402 23.27 -7.19 -36.95
CA GLY C 402 22.90 -5.80 -36.80
C GLY C 402 21.50 -5.59 -36.29
N ASP C 403 20.57 -6.43 -36.70
CA ASP C 403 19.18 -6.30 -36.31
C ASP C 403 18.83 -7.14 -35.09
N GLU C 404 19.83 -7.70 -34.43
CA GLU C 404 19.63 -8.46 -33.20
C GLU C 404 20.20 -7.76 -31.98
N VAL C 405 20.60 -6.49 -32.13
CA VAL C 405 21.08 -5.72 -30.99
C VAL C 405 19.96 -5.30 -30.07
N ARG C 406 18.75 -5.15 -30.59
CA ARG C 406 17.59 -4.81 -29.77
C ARG C 406 17.04 -5.99 -28.98
N GLN C 407 17.62 -7.17 -29.11
CA GLN C 407 17.30 -8.29 -28.25
C GLN C 407 18.23 -8.39 -27.06
N ILE C 408 19.29 -7.59 -27.02
CA ILE C 408 20.15 -7.52 -25.83
C ILE C 408 19.56 -6.42 -24.96
N ALA C 409 18.55 -6.80 -24.20
CA ALA C 409 17.81 -5.93 -23.29
C ALA C 409 17.02 -6.83 -22.34
N PRO C 410 16.73 -6.34 -21.13
CA PRO C 410 15.95 -7.17 -20.19
C PRO C 410 14.53 -7.40 -20.68
N GLY C 411 14.14 -8.67 -20.79
CA GLY C 411 12.81 -9.04 -21.23
C GLY C 411 12.57 -8.87 -22.71
N GLN C 412 13.24 -9.67 -23.54
CA GLN C 412 13.12 -9.57 -24.98
C GLN C 412 12.88 -10.95 -25.59
N THR C 413 12.43 -10.94 -26.84
CA THR C 413 12.12 -12.17 -27.55
C THR C 413 12.92 -12.24 -28.84
N GLY C 414 13.15 -13.46 -29.31
CA GLY C 414 14.00 -13.70 -30.47
C GLY C 414 15.00 -14.80 -30.19
N LYS C 415 15.63 -15.27 -31.28
CA LYS C 415 16.49 -16.45 -31.19
C LYS C 415 17.76 -16.18 -30.39
N ILE C 416 18.25 -14.95 -30.42
CA ILE C 416 19.37 -14.59 -29.55
C ILE C 416 18.90 -14.42 -28.12
N ALA C 417 17.72 -13.83 -27.94
CA ALA C 417 17.17 -13.60 -26.61
C ALA C 417 16.71 -14.89 -25.94
N ASP C 418 16.08 -15.81 -26.68
CA ASP C 418 15.56 -17.03 -26.07
C ASP C 418 16.70 -17.94 -25.62
N TYR C 419 17.48 -18.48 -26.55
CA TYR C 419 18.61 -19.32 -26.19
C TYR C 419 19.86 -18.93 -26.97
N ASN C 420 20.46 -17.80 -26.62
CA ASN C 420 21.89 -17.60 -26.80
C ASN C 420 22.46 -16.86 -25.59
N TYR C 421 21.71 -15.87 -25.12
CA TYR C 421 22.17 -14.96 -24.09
C TYR C 421 20.92 -14.28 -23.52
N LYS C 422 20.65 -14.52 -22.25
CA LYS C 422 19.45 -13.99 -21.60
C LYS C 422 19.85 -12.98 -20.54
N LEU C 423 19.22 -11.81 -20.58
CA LEU C 423 19.46 -10.74 -19.61
C LEU C 423 18.37 -10.76 -18.55
N PRO C 424 18.73 -10.70 -17.27
CA PRO C 424 17.71 -10.68 -16.21
C PRO C 424 16.94 -9.36 -16.21
N ASP C 425 15.73 -9.42 -15.65
CA ASP C 425 14.83 -8.28 -15.65
C ASP C 425 15.21 -7.21 -14.62
N ASP C 426 16.15 -7.51 -13.73
CA ASP C 426 16.55 -6.56 -12.71
C ASP C 426 17.99 -6.10 -12.94
N PHE C 427 18.30 -5.79 -14.19
CA PHE C 427 19.66 -5.53 -14.64
C PHE C 427 20.25 -4.26 -14.04
N THR C 428 21.57 -4.24 -13.88
CA THR C 428 22.28 -3.10 -13.30
C THR C 428 23.32 -2.49 -14.23
N GLY C 429 23.94 -3.27 -15.11
CA GLY C 429 25.00 -2.75 -15.93
C GLY C 429 24.55 -1.99 -17.17
N CYS C 430 25.44 -1.90 -18.16
CA CYS C 430 25.15 -1.16 -19.38
C CYS C 430 25.43 -2.07 -20.57
N VAL C 431 24.89 -1.67 -21.72
CA VAL C 431 25.07 -2.38 -22.98
C VAL C 431 25.73 -1.43 -23.95
N ILE C 432 26.90 -1.82 -24.46
CA ILE C 432 27.66 -1.04 -25.42
C ILE C 432 27.77 -1.86 -26.69
N ALA C 433 27.47 -1.25 -27.83
CA ALA C 433 27.44 -2.00 -29.08
C ALA C 433 27.94 -1.11 -30.21
N TRP C 434 28.83 -1.68 -31.02
CA TRP C 434 29.38 -0.89 -32.12
C TRP C 434 29.61 -1.76 -33.34
N ASN C 435 29.54 -1.13 -34.52
CA ASN C 435 29.74 -1.83 -35.77
C ASN C 435 31.20 -2.25 -35.92
N SER C 436 31.40 -3.45 -36.44
CA SER C 436 32.73 -4.00 -36.63
C SER C 436 32.84 -4.69 -37.97
N ASN C 437 32.38 -4.03 -39.02
CA ASN C 437 32.43 -4.62 -40.36
C ASN C 437 33.87 -4.67 -40.87
N ASN C 438 34.71 -3.75 -40.42
CA ASN C 438 36.09 -3.72 -40.87
C ASN C 438 36.94 -4.79 -40.21
N LEU C 439 36.48 -5.40 -39.13
CA LEU C 439 37.28 -6.32 -38.35
C LEU C 439 36.76 -7.75 -38.40
N ASP C 440 35.45 -7.94 -38.23
CA ASP C 440 34.87 -9.25 -38.08
C ASP C 440 34.18 -9.78 -39.33
N SER C 441 34.44 -9.19 -40.49
CA SER C 441 33.86 -9.67 -41.74
C SER C 441 34.95 -9.76 -42.79
N LYS C 442 34.77 -10.67 -43.76
CA LYS C 442 35.72 -10.82 -44.85
C LYS C 442 34.99 -11.30 -46.10
N VAL C 443 35.65 -11.17 -47.24
CA VAL C 443 35.02 -11.47 -48.51
C VAL C 443 34.92 -12.97 -48.70
N GLY C 444 33.73 -13.43 -49.10
CA GLY C 444 33.47 -14.85 -49.22
C GLY C 444 32.79 -15.46 -48.02
N GLY C 445 32.70 -14.73 -46.91
CA GLY C 445 32.00 -15.23 -45.74
C GLY C 445 32.94 -15.57 -44.60
N ASN C 446 32.68 -15.01 -43.43
CA ASN C 446 33.45 -15.34 -42.23
C ASN C 446 32.58 -16.24 -41.38
N TYR C 447 32.87 -17.55 -41.41
CA TYR C 447 32.02 -18.55 -40.77
C TYR C 447 32.52 -18.97 -39.40
N ASN C 448 33.30 -18.11 -38.74
CA ASN C 448 33.82 -18.41 -37.42
C ASN C 448 32.90 -17.96 -36.30
N TYR C 449 31.71 -17.47 -36.63
CA TYR C 449 30.78 -16.95 -35.64
C TYR C 449 29.48 -17.76 -35.74
N ARG C 450 29.37 -18.80 -34.92
CA ARG C 450 28.19 -19.65 -34.92
C ARG C 450 27.20 -19.23 -33.86
N TYR C 451 25.93 -19.55 -34.09
CA TYR C 451 24.87 -19.23 -33.16
C TYR C 451 23.87 -20.37 -33.12
N ARG C 452 23.26 -20.55 -31.95
CA ARG C 452 22.35 -21.66 -31.71
C ARG C 452 20.93 -21.25 -32.07
N LEU C 453 20.26 -22.07 -32.88
CA LEU C 453 18.89 -21.77 -33.28
C LEU C 453 17.92 -22.89 -32.94
N PHE C 454 18.37 -23.96 -32.29
CA PHE C 454 17.49 -25.04 -31.87
C PHE C 454 17.79 -25.42 -30.44
N ARG C 455 16.80 -25.25 -29.57
CA ARG C 455 16.92 -25.70 -28.19
C ARG C 455 15.53 -26.04 -27.67
N LYS C 456 15.50 -26.93 -26.67
CA LYS C 456 14.24 -27.41 -26.13
C LYS C 456 13.52 -26.32 -25.33
N SER C 457 14.26 -25.60 -24.49
CA SER C 457 13.67 -24.61 -23.61
C SER C 457 14.48 -23.33 -23.67
N ASN C 458 13.92 -22.25 -23.16
CA ASN C 458 14.64 -20.99 -23.11
C ASN C 458 15.74 -21.04 -22.06
N LEU C 459 16.66 -20.10 -22.16
CA LEU C 459 17.78 -20.07 -21.23
C LEU C 459 17.41 -19.31 -19.96
N LYS C 460 18.09 -19.64 -18.87
CA LYS C 460 18.09 -18.81 -17.68
C LYS C 460 18.88 -17.54 -17.97
N PRO C 461 18.63 -16.47 -17.23
CA PRO C 461 19.55 -15.31 -17.30
C PRO C 461 20.94 -15.68 -16.81
N PHE C 462 21.95 -15.26 -17.60
CA PHE C 462 23.35 -15.64 -17.47
C PHE C 462 23.57 -17.14 -17.50
N GLU C 463 22.87 -17.85 -18.39
CA GLU C 463 23.11 -19.26 -18.62
C GLU C 463 23.87 -19.44 -19.93
N ARG C 464 24.65 -20.52 -20.00
CA ARG C 464 25.59 -20.73 -21.08
C ARG C 464 25.53 -22.18 -21.53
N ASP C 465 25.16 -22.39 -22.80
CA ASP C 465 24.90 -23.73 -23.30
C ASP C 465 25.87 -24.01 -24.45
N ILE C 466 26.95 -24.72 -24.16
CA ILE C 466 27.96 -25.06 -25.15
C ILE C 466 27.78 -26.48 -25.66
N SER C 467 26.64 -27.09 -25.36
CA SER C 467 26.37 -28.47 -25.77
C SER C 467 26.15 -28.55 -27.27
N THR C 468 26.58 -29.67 -27.85
CA THR C 468 26.48 -29.88 -29.28
C THR C 468 25.78 -31.22 -29.56
N GLU C 469 24.64 -31.42 -28.90
CA GLU C 469 23.83 -32.60 -29.16
C GLU C 469 22.95 -32.38 -30.38
N ILE C 470 22.59 -33.46 -31.05
CA ILE C 470 21.77 -33.36 -32.24
C ILE C 470 20.33 -33.13 -31.81
N TYR C 471 19.74 -32.04 -32.29
CA TYR C 471 18.37 -31.67 -31.96
C TYR C 471 17.39 -32.67 -32.56
N GLN C 472 16.26 -32.84 -31.89
CA GLN C 472 15.21 -33.77 -32.30
C GLN C 472 13.93 -32.97 -32.47
N ALA C 473 13.65 -32.53 -33.70
CA ALA C 473 12.48 -31.72 -33.97
C ALA C 473 11.20 -32.56 -33.93
N GLY C 474 11.23 -33.73 -34.54
CA GLY C 474 10.08 -34.59 -34.59
C GLY C 474 10.06 -35.59 -33.45
N SER C 475 9.09 -36.50 -33.52
CA SER C 475 8.97 -37.54 -32.51
C SER C 475 9.94 -38.69 -32.74
N LYS C 476 10.53 -38.79 -33.91
CA LYS C 476 11.43 -39.90 -34.19
C LYS C 476 12.82 -39.63 -33.64
N PRO C 477 13.41 -40.57 -32.91
CA PRO C 477 14.82 -40.44 -32.53
C PRO C 477 15.73 -40.87 -33.66
N CYS C 478 16.92 -40.27 -33.69
CA CYS C 478 17.90 -40.56 -34.74
C CYS C 478 19.26 -40.98 -34.20
N ASN C 479 19.56 -40.62 -32.94
CA ASN C 479 20.71 -41.14 -32.18
C ASN C 479 22.04 -40.84 -32.86
N GLY C 480 22.37 -39.56 -32.99
CA GLY C 480 23.67 -39.17 -33.52
C GLY C 480 23.80 -39.16 -35.02
N VAL C 481 22.74 -38.85 -35.75
CA VAL C 481 22.81 -38.66 -37.19
C VAL C 481 21.70 -37.67 -37.58
N GLU C 482 21.89 -37.00 -38.71
CA GLU C 482 20.93 -36.03 -39.20
C GLU C 482 19.82 -36.74 -40.00
N GLY C 483 19.03 -35.93 -40.68
CA GLY C 483 17.92 -36.45 -41.47
C GLY C 483 16.73 -35.53 -41.35
N PHE C 484 15.55 -36.11 -41.61
CA PHE C 484 14.32 -35.35 -41.45
C PHE C 484 14.03 -35.15 -39.97
N ASN C 485 13.86 -33.88 -39.59
CA ASN C 485 13.56 -33.42 -38.23
C ASN C 485 14.64 -33.83 -37.22
N CYS C 486 15.89 -33.99 -37.68
CA CYS C 486 17.05 -34.11 -36.80
C CYS C 486 18.08 -33.10 -37.30
N TYR C 487 18.30 -32.06 -36.52
CA TYR C 487 19.08 -30.92 -36.95
C TYR C 487 20.34 -30.77 -36.11
N PHE C 488 21.40 -30.30 -36.74
CA PHE C 488 22.53 -29.76 -36.01
C PHE C 488 22.14 -28.40 -35.43
N PRO C 489 22.30 -28.18 -34.12
CA PRO C 489 21.70 -27.00 -33.49
C PRO C 489 22.43 -25.68 -33.76
N LEU C 490 23.67 -25.71 -34.23
CA LEU C 490 24.45 -24.49 -34.42
C LEU C 490 24.54 -24.15 -35.91
N GLN C 491 24.04 -22.99 -36.27
CA GLN C 491 24.22 -22.45 -37.61
C GLN C 491 25.37 -21.46 -37.55
N SER C 492 25.77 -20.94 -38.70
CA SER C 492 26.88 -20.00 -38.77
C SER C 492 26.40 -18.71 -39.41
N TYR C 493 26.89 -17.58 -38.90
CA TYR C 493 26.60 -16.29 -39.52
C TYR C 493 27.37 -16.16 -40.82
N GLY C 494 26.69 -15.70 -41.86
CA GLY C 494 27.40 -15.41 -43.09
C GLY C 494 27.79 -13.96 -43.14
N PHE C 495 29.02 -13.65 -42.74
CA PHE C 495 29.43 -12.26 -42.66
C PHE C 495 30.26 -11.89 -43.87
N GLN C 496 29.69 -11.03 -44.70
CA GLN C 496 30.34 -10.51 -45.89
C GLN C 496 30.27 -8.99 -45.84
N PRO C 497 31.32 -8.30 -46.30
CA PRO C 497 31.30 -6.84 -46.21
C PRO C 497 30.36 -6.18 -47.20
N THR C 498 29.88 -6.90 -48.21
CA THR C 498 28.86 -6.37 -49.11
C THR C 498 27.46 -6.72 -48.63
N ASN C 499 27.18 -6.47 -47.36
CA ASN C 499 25.90 -6.79 -46.77
C ASN C 499 25.19 -5.50 -46.39
N GLY C 500 23.86 -5.54 -46.37
CA GLY C 500 23.11 -4.41 -45.89
C GLY C 500 23.33 -4.20 -44.40
N VAL C 501 23.20 -2.93 -43.98
CA VAL C 501 23.37 -2.62 -42.57
C VAL C 501 22.19 -3.21 -41.79
N GLY C 502 22.51 -4.07 -40.85
CA GLY C 502 21.53 -4.98 -40.29
C GLY C 502 21.80 -6.42 -40.61
N TYR C 503 22.85 -6.71 -41.39
CA TYR C 503 23.35 -8.07 -41.56
C TYR C 503 24.85 -8.13 -41.32
N GLN C 504 25.43 -7.06 -40.87
CA GLN C 504 26.83 -6.74 -40.61
C GLN C 504 27.17 -7.03 -39.15
N PRO C 505 28.40 -7.46 -38.87
CA PRO C 505 28.75 -7.88 -37.51
C PRO C 505 28.85 -6.72 -36.53
N TYR C 506 28.08 -6.81 -35.46
CA TYR C 506 28.12 -5.84 -34.39
C TYR C 506 28.74 -6.46 -33.15
N ARG C 507 29.77 -5.83 -32.63
CA ARG C 507 30.42 -6.27 -31.41
C ARG C 507 29.68 -5.68 -30.21
N VAL C 508 29.39 -6.53 -29.23
CA VAL C 508 28.60 -6.14 -28.07
C VAL C 508 29.41 -6.44 -26.81
N VAL C 509 29.48 -5.47 -25.91
CA VAL C 509 30.05 -5.62 -24.58
C VAL C 509 29.00 -5.23 -23.57
N VAL C 510 28.69 -6.14 -22.66
CA VAL C 510 27.68 -5.94 -21.62
C VAL C 510 28.40 -5.86 -20.29
N LEU C 511 28.39 -4.69 -19.67
CA LEU C 511 28.95 -4.50 -18.35
C LEU C 511 27.88 -4.79 -17.32
N SER C 512 28.26 -5.46 -16.24
CA SER C 512 27.32 -5.78 -15.17
C SER C 512 27.98 -5.46 -13.83
N PHE C 513 27.31 -4.61 -13.05
CA PHE C 513 27.82 -4.18 -11.76
C PHE C 513 26.98 -4.82 -10.66
N GLU C 514 27.58 -5.11 -9.52
CA GLU C 514 26.81 -5.56 -8.37
C GLU C 514 27.44 -5.08 -7.06
N LEU C 515 26.56 -4.86 -6.08
CA LEU C 515 26.86 -4.29 -4.78
C LEU C 515 26.47 -5.31 -3.70
N LEU C 516 27.30 -6.32 -3.47
CA LEU C 516 26.83 -7.39 -2.60
C LEU C 516 27.13 -7.19 -1.11
N HIS C 517 28.39 -7.36 -0.71
CA HIS C 517 28.71 -7.43 0.71
C HIS C 517 30.10 -6.82 0.97
N ALA C 518 30.77 -6.39 -0.08
CA ALA C 518 32.18 -6.05 0.04
C ALA C 518 32.33 -4.62 0.55
N PRO C 519 33.43 -4.30 1.25
CA PRO C 519 33.64 -2.92 1.69
C PRO C 519 33.94 -1.97 0.54
N ALA C 520 34.82 -2.35 -0.37
CA ALA C 520 35.22 -1.50 -1.49
C ALA C 520 35.88 -2.32 -2.59
N THR C 521 35.67 -1.92 -3.85
CA THR C 521 36.35 -2.53 -5.00
C THR C 521 36.55 -1.39 -6.00
N VAL C 522 36.65 -1.74 -7.28
CA VAL C 522 36.84 -0.75 -8.33
C VAL C 522 35.97 0.47 -8.03
N CYS C 523 36.23 1.57 -8.74
CA CYS C 523 35.46 2.79 -8.52
C CYS C 523 36.00 3.94 -9.35
N GLY C 524 35.12 4.87 -9.71
CA GLY C 524 35.52 6.02 -10.50
C GLY C 524 36.69 6.73 -9.85
N PRO C 525 37.43 7.50 -10.64
CA PRO C 525 38.58 8.24 -10.12
C PRO C 525 38.15 9.37 -9.20
N LYS C 526 38.61 9.35 -7.96
CA LYS C 526 38.25 10.39 -6.99
C LYS C 526 39.46 10.79 -6.16
N LYS C 527 39.53 12.07 -5.81
CA LYS C 527 40.64 12.58 -5.02
C LYS C 527 40.34 12.47 -3.53
N SER C 528 41.35 12.08 -2.76
CA SER C 528 41.19 11.94 -1.32
C SER C 528 41.51 13.25 -0.61
N THR C 529 40.68 13.62 0.35
CA THR C 529 40.85 14.85 1.10
C THR C 529 41.25 14.55 2.54
N ASN C 530 42.14 15.36 3.08
CA ASN C 530 42.60 15.18 4.45
C ASN C 530 41.44 14.92 5.40
N LEU C 531 41.47 13.79 6.10
CA LEU C 531 40.42 13.43 7.03
C LEU C 531 40.45 14.35 8.25
N VAL C 532 39.31 14.48 8.91
CA VAL C 532 39.22 15.36 10.07
C VAL C 532 38.59 14.57 11.22
N LYS C 533 38.66 15.10 12.42
CA LYS C 533 38.10 14.39 13.57
C LYS C 533 37.39 15.38 14.47
N ASN C 534 36.51 14.84 15.31
CA ASN C 534 35.80 15.58 16.35
C ASN C 534 34.90 16.67 15.81
N LYS C 535 34.37 16.50 14.59
CA LYS C 535 33.44 17.44 14.01
C LYS C 535 32.40 16.67 13.22
N CYS C 536 31.13 17.05 13.36
CA CYS C 536 30.09 16.42 12.56
C CYS C 536 30.41 16.67 11.10
N VAL C 537 30.63 15.59 10.36
CA VAL C 537 31.20 15.65 9.03
C VAL C 537 30.40 14.72 8.13
N ASN C 538 30.55 14.92 6.83
CA ASN C 538 29.91 14.09 5.82
C ASN C 538 31.04 13.30 5.17
N PHE C 539 31.07 11.99 5.38
CA PHE C 539 32.22 11.19 5.02
C PHE C 539 31.87 10.11 4.00
N ASN C 540 32.92 9.68 3.29
CA ASN C 540 32.84 8.55 2.37
C ASN C 540 34.16 7.78 2.50
N PHE C 541 34.06 6.53 2.95
CA PHE C 541 35.20 5.64 3.12
C PHE C 541 35.08 4.52 2.09
N ASN C 542 35.74 4.70 0.95
CA ASN C 542 35.74 3.80 -0.21
C ASN C 542 34.40 3.09 -0.40
N GLY C 543 33.31 3.84 -0.38
CA GLY C 543 32.01 3.26 -0.60
C GLY C 543 31.03 3.52 0.53
N LEU C 544 31.52 3.46 1.77
CA LEU C 544 30.68 3.73 2.94
C LEU C 544 30.37 5.21 2.98
N THR C 545 29.12 5.57 2.76
CA THR C 545 28.69 6.97 2.81
C THR C 545 27.95 7.18 4.13
N GLY C 546 28.35 8.22 4.86
CA GLY C 546 27.66 8.52 6.10
C GLY C 546 27.87 9.92 6.65
N THR C 547 27.35 10.16 7.85
CA THR C 547 27.50 11.43 8.53
C THR C 547 27.78 11.18 10.01
N GLY C 548 28.60 12.03 10.60
CA GLY C 548 28.82 11.92 12.03
C GLY C 548 30.18 12.46 12.42
N VAL C 549 30.45 12.34 13.70
CA VAL C 549 31.73 12.67 14.32
C VAL C 549 32.61 11.44 14.26
N LEU C 550 33.87 11.64 13.89
CA LEU C 550 34.87 10.59 13.79
C LEU C 550 35.80 10.71 14.99
N THR C 551 36.16 9.60 15.60
CA THR C 551 36.99 9.63 16.78
C THR C 551 38.00 8.47 16.78
N GLU C 552 39.17 8.71 17.37
CA GLU C 552 40.17 7.65 17.48
C GLU C 552 39.63 6.49 18.30
N SER C 553 39.85 5.28 17.81
CA SER C 553 39.29 4.10 18.44
C SER C 553 40.31 3.41 19.32
N ASN C 554 39.84 2.37 20.00
CA ASN C 554 40.74 1.47 20.73
C ASN C 554 40.29 0.02 20.57
N LYS C 555 39.48 -0.25 19.55
CA LYS C 555 38.98 -1.61 19.29
C LYS C 555 39.90 -2.30 18.28
N LYS C 556 40.54 -3.38 18.72
CA LYS C 556 41.47 -4.12 17.88
C LYS C 556 40.83 -4.83 16.68
N PHE C 557 40.66 -4.08 15.59
CA PHE C 557 40.09 -4.65 14.38
C PHE C 557 41.01 -5.74 13.86
N LEU C 558 40.61 -7.00 14.02
CA LEU C 558 41.43 -8.12 13.57
C LEU C 558 42.00 -7.89 12.17
N PRO C 559 43.35 -8.17 12.02
CA PRO C 559 43.89 -7.91 10.67
C PRO C 559 43.15 -8.64 9.54
N PHE C 560 41.96 -8.15 9.20
CA PHE C 560 41.16 -8.73 8.13
C PHE C 560 39.71 -8.25 8.22
N GLN C 561 39.45 -7.39 9.20
CA GLN C 561 38.12 -6.82 9.35
C GLN C 561 38.13 -5.41 8.77
N GLN C 562 37.31 -5.18 7.76
CA GLN C 562 37.24 -3.87 7.11
C GLN C 562 36.58 -2.80 7.97
N PHE C 563 35.52 -3.16 8.69
CA PHE C 563 34.82 -2.20 9.54
C PHE C 563 34.02 -2.89 10.62
N GLY C 564 33.56 -2.11 11.59
CA GLY C 564 32.79 -2.63 12.71
C GLY C 564 31.31 -2.61 12.41
N ARG C 565 30.51 -3.03 13.39
CA ARG C 565 29.06 -3.05 13.25
C ARG C 565 28.41 -3.44 14.57
N ASP C 566 27.53 -2.58 15.06
CA ASP C 566 26.83 -2.83 16.32
C ASP C 566 25.52 -3.57 16.08
N ILE C 567 24.90 -4.04 17.15
CA ILE C 567 23.63 -4.76 17.02
C ILE C 567 22.65 -3.89 16.24
N ALA C 568 21.47 -4.43 15.95
CA ALA C 568 20.51 -3.62 15.18
C ALA C 568 21.15 -3.07 13.92
N ASP C 569 22.39 -3.48 13.65
CA ASP C 569 23.00 -3.34 12.33
C ASP C 569 23.18 -1.91 11.86
N THR C 570 23.96 -1.11 12.57
CA THR C 570 24.34 0.22 12.10
C THR C 570 25.85 0.33 12.14
N THR C 571 26.44 0.90 11.09
CA THR C 571 27.88 1.09 11.02
C THR C 571 28.34 1.99 12.16
N ASP C 572 29.29 1.51 12.96
CA ASP C 572 29.76 2.32 14.07
C ASP C 572 31.28 2.42 14.15
N ALA C 573 32.01 1.70 13.32
CA ALA C 573 33.45 1.88 13.23
C ALA C 573 33.87 1.70 11.79
N VAL C 574 34.97 2.32 11.40
CA VAL C 574 35.57 2.12 10.09
C VAL C 574 37.07 2.00 10.25
N ARG C 575 37.73 1.60 9.18
CA ARG C 575 39.17 1.58 9.09
C ARG C 575 39.60 2.48 7.95
N ASP C 576 40.54 3.36 8.21
CA ASP C 576 40.97 4.30 7.17
C ASP C 576 41.84 3.56 6.17
N PRO C 577 41.49 3.55 4.90
CA PRO C 577 42.26 2.74 3.94
C PRO C 577 43.73 3.08 3.88
N GLN C 578 44.07 4.37 3.95
CA GLN C 578 45.46 4.77 3.73
C GLN C 578 46.33 4.46 4.94
N THR C 579 45.92 4.89 6.13
CA THR C 579 46.74 4.68 7.32
C THR C 579 46.37 3.42 8.10
N LEU C 580 45.19 2.83 7.83
CA LEU C 580 44.76 1.55 8.43
C LEU C 580 44.59 1.66 9.93
N GLU C 581 43.84 2.66 10.38
CA GLU C 581 43.51 2.82 11.79
C GLU C 581 42.01 2.86 11.97
N ILE C 582 41.55 2.33 13.09
CA ILE C 582 40.13 2.18 13.37
C ILE C 582 39.62 3.48 13.99
N LEU C 583 38.47 3.93 13.51
CA LEU C 583 37.85 5.16 13.96
C LEU C 583 36.37 4.90 14.25
N ASP C 584 35.91 5.34 15.41
CA ASP C 584 34.49 5.22 15.73
C ASP C 584 33.69 6.34 15.10
N ILE C 585 32.44 6.04 14.77
CA ILE C 585 31.56 7.00 14.14
C ILE C 585 30.36 7.33 15.01
N THR C 586 30.53 8.31 15.90
CA THR C 586 29.46 8.73 16.77
C THR C 586 28.47 9.56 15.96
N PRO C 587 27.16 9.54 16.40
CA PRO C 587 26.25 10.36 15.58
C PRO C 587 26.05 11.75 16.18
N CYS C 588 25.84 12.73 15.31
CA CYS C 588 25.67 14.12 15.69
C CYS C 588 24.65 14.29 16.80
N SER C 589 24.59 15.50 17.34
CA SER C 589 23.67 15.82 18.40
C SER C 589 22.37 16.42 17.87
N PHE C 590 21.31 15.61 17.91
CA PHE C 590 20.01 16.06 17.48
C PHE C 590 19.17 16.04 18.73
N GLY C 591 18.03 16.72 18.73
CA GLY C 591 17.21 16.72 19.92
C GLY C 591 16.04 17.66 19.85
N GLY C 592 15.03 17.47 20.68
CA GLY C 592 13.90 18.37 20.67
C GLY C 592 14.21 19.71 21.31
N VAL C 593 13.38 20.69 20.97
CA VAL C 593 13.47 22.02 21.55
C VAL C 593 12.14 22.32 22.23
N SER C 594 12.19 22.71 23.49
CA SER C 594 11.00 23.03 24.25
C SER C 594 11.06 24.47 24.70
N VAL C 595 9.90 25.09 24.81
CA VAL C 595 9.77 26.48 25.21
C VAL C 595 9.01 26.55 26.53
N ILE C 596 9.60 27.21 27.51
CA ILE C 596 9.03 27.37 28.84
C ILE C 596 8.53 28.80 28.96
N THR C 597 7.24 28.96 29.19
CA THR C 597 6.62 30.26 29.28
C THR C 597 5.74 30.37 30.53
N PRO C 598 5.81 31.50 31.23
CA PRO C 598 4.88 31.72 32.35
C PRO C 598 3.45 31.99 31.94
N GLY C 599 3.16 32.09 30.66
CA GLY C 599 1.83 32.40 30.15
C GLY C 599 1.81 33.83 29.64
N THR C 600 1.21 34.03 28.48
CA THR C 600 1.23 35.33 27.83
C THR C 600 0.44 36.37 28.59
N ASN C 601 -0.37 35.95 29.53
CA ASN C 601 -1.17 36.79 30.41
C ASN C 601 -0.38 37.20 31.64
N THR C 602 0.91 36.90 31.66
CA THR C 602 1.77 37.22 32.78
C THR C 602 2.99 37.96 32.29
N SER C 603 3.50 37.53 31.13
CA SER C 603 4.75 38.02 30.59
C SER C 603 4.93 37.42 29.21
N ASN C 604 5.88 37.96 28.47
CA ASN C 604 6.24 37.43 27.16
C ASN C 604 7.68 36.93 27.13
N GLN C 605 8.34 36.89 28.28
CA GLN C 605 9.64 36.25 28.37
C GLN C 605 9.51 34.75 28.23
N VAL C 606 10.62 34.11 27.89
CA VAL C 606 10.61 32.71 27.51
C VAL C 606 11.97 32.12 27.85
N ALA C 607 11.98 30.83 28.17
CA ALA C 607 13.21 30.07 28.31
C ALA C 607 13.16 28.88 27.38
N VAL C 608 14.32 28.32 27.03
CA VAL C 608 14.40 27.32 25.98
C VAL C 608 15.24 26.15 26.45
N LEU C 609 14.70 24.94 26.30
CA LEU C 609 15.40 23.71 26.65
C LEU C 609 15.79 22.98 25.38
N TYR C 610 17.08 22.72 25.21
CA TYR C 610 17.59 21.85 24.17
C TYR C 610 17.79 20.49 24.80
N GLN C 611 17.00 19.51 24.39
CA GLN C 611 16.90 18.28 25.16
C GLN C 611 18.10 17.39 24.88
N GLY C 612 18.70 16.90 25.96
CA GLY C 612 19.92 16.08 26.01
C GLY C 612 20.94 16.49 24.95
N VAL C 613 21.17 17.78 24.87
CA VAL C 613 22.24 18.33 24.06
C VAL C 613 23.24 18.98 24.99
N ASN C 614 24.52 18.73 24.74
CA ASN C 614 25.55 19.38 25.53
C ASN C 614 25.56 20.87 25.23
N CYS C 615 25.60 21.67 26.28
CA CYS C 615 25.25 23.07 26.16
C CYS C 615 26.36 23.89 25.52
N THR C 616 27.36 23.25 24.93
CA THR C 616 28.49 23.94 24.30
C THR C 616 28.34 23.93 22.78
N GLU C 617 27.32 23.22 22.29
CA GLU C 617 27.13 23.08 20.86
C GLU C 617 25.73 23.50 20.46
N VAL C 618 25.18 24.49 21.16
CA VAL C 618 23.81 24.93 20.94
C VAL C 618 23.70 25.77 19.67
N PRO C 619 24.50 26.83 19.49
CA PRO C 619 24.28 27.57 18.24
C PRO C 619 25.26 27.17 17.15
N SER C 638 24.50 36.23 29.55
CA SER C 638 23.24 35.49 29.59
C SER C 638 23.32 34.28 30.51
N ASN C 639 22.26 33.48 30.51
CA ASN C 639 22.14 32.34 31.41
C ASN C 639 22.13 31.06 30.61
N VAL C 640 23.23 30.34 30.62
CA VAL C 640 23.29 28.99 30.11
C VAL C 640 23.53 28.07 31.29
N PHE C 641 22.67 27.07 31.43
CA PHE C 641 22.67 26.20 32.60
C PHE C 641 22.52 24.79 32.09
N GLN C 642 23.37 23.90 32.59
CA GLN C 642 23.38 22.51 32.14
C GLN C 642 22.57 21.65 33.09
N THR C 643 21.72 20.82 32.54
CA THR C 643 20.84 19.95 33.28
C THR C 643 21.07 18.52 32.81
N ARG C 644 20.69 17.57 33.65
CA ARG C 644 20.62 16.19 33.22
C ARG C 644 19.59 15.98 32.12
N ALA C 645 18.76 16.98 31.84
CA ALA C 645 17.73 16.88 30.82
C ALA C 645 18.05 17.70 29.57
N GLY C 646 19.19 18.38 29.54
CA GLY C 646 19.57 19.19 28.41
C GLY C 646 20.13 20.54 28.82
N CYS C 647 20.24 21.42 27.84
CA CYS C 647 20.77 22.76 28.09
C CYS C 647 19.65 23.79 28.12
N LEU C 648 19.59 24.53 29.22
CA LEU C 648 18.55 25.51 29.47
C LEU C 648 19.11 26.90 29.25
N ILE C 649 18.41 27.72 28.47
CA ILE C 649 18.85 29.08 28.15
C ILE C 649 17.72 30.04 28.50
N GLY C 650 18.05 31.08 29.25
CA GLY C 650 17.09 32.11 29.57
C GLY C 650 16.49 32.04 30.96
N ALA C 651 16.99 31.16 31.81
CA ALA C 651 16.58 31.06 33.21
C ALA C 651 17.84 31.03 34.05
N GLU C 652 17.77 31.67 35.22
CA GLU C 652 18.88 31.66 36.14
C GLU C 652 18.69 30.58 37.20
N HIS C 653 19.80 29.98 37.61
CA HIS C 653 19.80 28.92 38.60
C HIS C 653 19.96 29.51 40.00
N VAL C 654 19.01 29.20 40.88
CA VAL C 654 19.06 29.67 42.26
C VAL C 654 19.36 28.48 43.17
N ASN C 655 19.60 28.78 44.44
CA ASN C 655 19.95 27.76 45.42
C ASN C 655 18.83 27.41 46.37
N ASN C 656 17.76 28.20 46.38
CA ASN C 656 16.56 27.89 47.15
C ASN C 656 15.90 26.62 46.62
N SER C 657 14.82 26.18 47.26
CA SER C 657 14.04 25.07 46.75
C SER C 657 12.58 25.31 47.07
N TYR C 658 11.75 25.32 46.05
CA TYR C 658 10.33 25.59 46.18
C TYR C 658 9.54 24.35 45.78
N GLU C 659 8.23 24.48 45.83
CA GLU C 659 7.35 23.46 45.26
C GLU C 659 7.39 23.56 43.75
N CYS C 660 7.27 22.42 43.08
CA CYS C 660 7.47 22.40 41.64
C CYS C 660 6.36 23.18 40.94
N ASP C 661 6.76 23.93 39.91
CA ASP C 661 5.82 24.76 39.17
C ASP C 661 5.66 24.29 37.73
N ILE C 662 6.76 24.33 36.99
CA ILE C 662 6.83 23.85 35.62
C ILE C 662 7.91 22.78 35.60
N PRO C 663 7.57 21.55 35.29
CA PRO C 663 8.56 20.47 35.42
C PRO C 663 9.52 20.40 34.26
N ILE C 664 10.81 20.55 34.53
CA ILE C 664 11.83 20.40 33.52
C ILE C 664 12.27 18.95 33.41
N GLY C 665 12.71 18.37 34.51
CA GLY C 665 13.07 16.97 34.52
C GLY C 665 14.25 16.71 35.42
N ALA C 666 14.42 15.44 35.78
CA ALA C 666 15.51 14.98 36.64
C ALA C 666 15.59 15.79 37.93
N GLY C 667 14.43 16.13 38.48
CA GLY C 667 14.38 16.87 39.71
C GLY C 667 14.38 18.38 39.59
N ILE C 668 14.46 18.92 38.39
CA ILE C 668 14.57 20.36 38.16
C ILE C 668 13.21 20.90 37.72
N CYS C 669 12.78 21.99 38.35
CA CYS C 669 11.62 22.75 37.90
C CYS C 669 11.95 24.21 37.65
N ALA C 670 11.03 24.94 37.03
CA ALA C 670 11.22 26.34 36.69
C ALA C 670 10.02 27.12 37.17
N SER C 671 10.22 28.41 37.41
CA SER C 671 9.12 29.29 37.79
C SER C 671 9.44 30.70 37.35
N TYR C 672 8.40 31.54 37.37
CA TYR C 672 8.52 32.94 37.02
C TYR C 672 8.42 33.74 38.31
N GLN C 673 9.56 34.00 38.94
CA GLN C 673 9.61 34.72 40.20
C GLN C 673 9.82 36.23 40.07
N THR C 674 10.35 36.84 41.11
CA THR C 674 10.60 38.28 41.14
C THR C 674 12.01 38.58 41.65
N GLN C 688 9.58 38.90 37.38
CA GLN C 688 10.92 39.37 37.08
C GLN C 688 11.88 38.22 36.79
N SER C 689 11.91 37.78 35.54
CA SER C 689 12.79 36.69 35.11
C SER C 689 12.23 35.31 35.44
N ILE C 690 12.99 34.29 35.08
CA ILE C 690 12.61 32.90 35.32
C ILE C 690 13.77 32.20 36.03
N ILE C 691 13.46 31.28 36.94
CA ILE C 691 14.51 30.58 37.68
C ILE C 691 14.40 29.06 37.60
N ALA C 692 15.46 28.38 38.02
CA ALA C 692 15.50 26.92 38.02
C ALA C 692 15.90 26.43 39.41
N TYR C 693 15.77 25.12 39.67
CA TYR C 693 16.13 24.59 40.97
C TYR C 693 15.68 23.14 41.16
N THR C 694 16.31 22.42 42.08
CA THR C 694 15.92 21.05 42.39
C THR C 694 14.67 21.06 43.24
N MET C 695 13.51 20.93 42.63
CA MET C 695 12.26 20.94 43.38
C MET C 695 12.37 20.35 44.79
N SER C 696 11.52 20.85 45.68
CA SER C 696 11.47 20.39 47.06
C SER C 696 10.30 19.43 47.23
N LEU C 697 10.51 18.41 48.05
CA LEU C 697 9.46 17.44 48.30
C LEU C 697 8.47 17.91 49.36
N GLY C 698 8.92 18.72 50.29
CA GLY C 698 8.04 19.24 51.33
C GLY C 698 8.88 19.70 52.50
N ALA C 699 8.19 20.23 53.49
CA ALA C 699 8.84 20.71 54.70
C ALA C 699 9.19 19.54 55.61
N GLU C 700 10.31 19.65 56.31
CA GLU C 700 10.74 18.57 57.15
C GLU C 700 10.07 18.60 58.51
N ASN C 701 10.06 17.45 59.18
CA ASN C 701 9.26 17.26 60.37
C ASN C 701 9.79 16.08 61.15
N SER C 702 10.27 16.33 62.35
CA SER C 702 10.58 15.28 63.30
C SER C 702 9.41 15.16 64.26
N VAL C 703 8.98 13.94 64.49
CA VAL C 703 7.90 13.65 65.41
C VAL C 703 8.50 13.36 66.77
N ALA C 704 7.92 13.93 67.82
CA ALA C 704 8.47 13.82 69.16
C ALA C 704 8.19 12.43 69.73
N TYR C 705 8.75 11.42 69.08
CA TYR C 705 8.55 10.05 69.52
C TYR C 705 9.34 9.76 70.78
N SER C 706 8.66 9.18 71.76
CA SER C 706 9.30 8.48 72.87
C SER C 706 8.40 7.32 73.27
N ASN C 707 8.84 6.54 74.24
CA ASN C 707 8.13 5.33 74.59
C ASN C 707 7.09 5.50 75.69
N ASN C 708 6.81 6.72 76.15
CA ASN C 708 5.66 6.90 77.01
C ASN C 708 4.96 8.21 76.75
N SER C 709 5.03 8.73 75.52
CA SER C 709 4.39 9.98 75.15
C SER C 709 3.30 9.73 74.13
N ILE C 710 2.20 10.47 74.26
CA ILE C 710 1.09 10.34 73.32
C ILE C 710 0.50 11.71 73.05
N ALA C 711 0.02 11.93 71.84
CA ALA C 711 -0.63 13.16 71.44
C ALA C 711 -2.09 12.89 71.16
N ILE C 712 -2.97 13.63 71.82
CA ILE C 712 -4.41 13.43 71.70
C ILE C 712 -5.10 14.72 71.34
N PRO C 713 -5.97 14.73 70.32
CA PRO C 713 -6.57 15.98 69.87
C PRO C 713 -7.71 16.45 70.76
N THR C 714 -7.82 17.76 70.88
CA THR C 714 -8.82 18.36 71.73
C THR C 714 -9.93 19.06 70.97
N ASN C 715 -9.88 19.08 69.65
CA ASN C 715 -10.87 19.76 68.85
C ASN C 715 -10.93 19.06 67.50
N PHE C 716 -11.77 19.56 66.60
CA PHE C 716 -11.86 18.97 65.28
C PHE C 716 -12.31 20.04 64.30
N THR C 717 -12.16 19.74 63.03
CA THR C 717 -12.76 20.52 61.95
C THR C 717 -13.60 19.61 61.07
N ILE C 718 -14.64 20.18 60.49
CA ILE C 718 -15.42 19.54 59.43
C ILE C 718 -14.85 20.04 58.11
N SER C 719 -14.46 19.12 57.26
CA SER C 719 -13.89 19.43 55.96
C SER C 719 -14.81 18.95 54.84
N VAL C 720 -14.93 19.74 53.78
CA VAL C 720 -15.65 19.35 52.58
C VAL C 720 -14.74 19.56 51.39
N THR C 721 -14.53 18.51 50.60
CA THR C 721 -13.69 18.61 49.41
C THR C 721 -14.39 17.99 48.22
N THR C 722 -13.95 18.37 47.02
CA THR C 722 -14.58 17.91 45.80
C THR C 722 -13.71 16.87 45.08
N GLU C 723 -14.37 16.06 44.27
CA GLU C 723 -13.71 15.07 43.44
C GLU C 723 -14.48 14.95 42.14
N ILE C 724 -13.77 15.05 41.02
CA ILE C 724 -14.40 15.15 39.71
C ILE C 724 -14.03 13.93 38.87
N LEU C 725 -15.03 13.35 38.18
CA LEU C 725 -14.79 12.14 37.41
C LEU C 725 -15.53 12.15 36.08
N PRO C 726 -14.82 11.88 34.97
CA PRO C 726 -15.52 11.72 33.68
C PRO C 726 -16.27 10.40 33.58
N VAL C 727 -17.52 10.51 33.13
CA VAL C 727 -18.38 9.35 33.01
C VAL C 727 -18.58 8.94 31.56
N SER C 728 -18.55 9.86 30.62
CA SER C 728 -19.10 9.65 29.30
C SER C 728 -18.31 10.48 28.30
N MET C 729 -18.43 10.12 27.04
CA MET C 729 -17.91 11.00 26.00
C MET C 729 -18.89 11.15 24.85
N THR C 730 -18.53 11.92 23.85
CA THR C 730 -19.42 12.25 22.75
C THR C 730 -19.60 11.07 21.82
N LYS C 731 -20.85 10.76 21.50
CA LYS C 731 -21.15 9.67 20.57
C LYS C 731 -21.09 10.20 19.15
N THR C 732 -20.19 9.65 18.36
CA THR C 732 -20.01 10.09 17.00
C THR C 732 -20.06 8.89 16.08
N SER C 733 -20.57 9.10 14.89
CA SER C 733 -20.51 8.08 13.86
C SER C 733 -19.95 8.69 12.59
N VAL C 734 -19.30 7.85 11.80
CA VAL C 734 -18.82 8.25 10.48
C VAL C 734 -19.31 7.21 9.49
N ASP C 735 -19.95 7.67 8.43
CA ASP C 735 -20.18 6.78 7.30
C ASP C 735 -18.88 6.58 6.56
N CYS C 736 -18.39 5.34 6.56
CA CYS C 736 -17.10 5.05 5.97
C CYS C 736 -17.11 5.32 4.46
N THR C 737 -18.24 5.10 3.79
CA THR C 737 -18.27 5.27 2.36
C THR C 737 -18.30 6.74 1.96
N MET C 738 -19.08 7.54 2.66
CA MET C 738 -19.17 8.95 2.33
C MET C 738 -17.91 9.72 2.72
N TYR C 739 -17.15 9.24 3.70
CA TYR C 739 -15.88 9.87 4.01
C TYR C 739 -14.88 9.66 2.90
N ILE C 740 -14.78 8.43 2.41
CA ILE C 740 -13.74 8.08 1.45
C ILE C 740 -14.11 8.55 0.05
N CYS C 741 -15.33 8.26 -0.38
CA CYS C 741 -15.74 8.57 -1.75
C CYS C 741 -16.57 9.85 -1.81
N GLY C 742 -17.58 9.95 -0.97
CA GLY C 742 -18.38 11.15 -0.91
C GLY C 742 -19.26 11.38 -2.11
N ASP C 743 -20.25 10.51 -2.34
CA ASP C 743 -21.18 10.66 -3.45
C ASP C 743 -20.44 10.60 -4.78
N SER C 744 -19.80 9.47 -5.05
CA SER C 744 -19.18 9.20 -6.34
C SER C 744 -19.21 7.71 -6.60
N THR C 745 -19.91 7.29 -7.64
CA THR C 745 -20.06 5.87 -7.93
C THR C 745 -18.77 5.24 -8.47
N GLU C 746 -17.95 6.00 -9.18
CA GLU C 746 -16.68 5.44 -9.64
C GLU C 746 -15.82 5.00 -8.47
N CYS C 747 -15.81 5.78 -7.38
CA CYS C 747 -15.01 5.43 -6.22
C CYS C 747 -15.65 4.31 -5.42
N SER C 748 -16.98 4.27 -5.38
CA SER C 748 -17.68 3.31 -4.55
C SER C 748 -17.47 1.89 -5.02
N ASN C 749 -17.44 1.66 -6.34
CA ASN C 749 -17.26 0.30 -6.84
C ASN C 749 -15.84 -0.19 -6.67
N LEU C 750 -14.87 0.73 -6.71
CA LEU C 750 -13.50 0.38 -6.38
C LEU C 750 -13.33 0.11 -4.90
N LEU C 751 -14.11 0.77 -4.04
CA LEU C 751 -14.04 0.49 -2.62
C LEU C 751 -14.58 -0.89 -2.28
N LEU C 752 -15.36 -1.49 -3.15
CA LEU C 752 -15.88 -2.82 -2.89
C LEU C 752 -14.82 -3.91 -3.00
N GLN C 753 -13.64 -3.59 -3.50
CA GLN C 753 -12.60 -4.57 -3.68
C GLN C 753 -11.78 -4.79 -2.42
N TYR C 754 -12.12 -4.12 -1.33
CA TYR C 754 -11.42 -4.31 -0.06
C TYR C 754 -12.23 -5.10 0.94
N GLY C 755 -13.47 -5.42 0.61
CA GLY C 755 -14.25 -6.29 1.45
C GLY C 755 -15.03 -5.56 2.51
N SER C 756 -14.88 -6.00 3.75
CA SER C 756 -15.71 -5.53 4.86
C SER C 756 -14.97 -4.56 5.77
N PHE C 757 -14.19 -3.65 5.22
CA PHE C 757 -13.49 -2.69 6.07
C PHE C 757 -14.46 -1.66 6.64
N CYS C 758 -15.40 -1.18 5.84
CA CYS C 758 -16.31 -0.14 6.34
C CYS C 758 -17.37 -0.72 7.26
N THR C 759 -17.78 -1.96 7.03
CA THR C 759 -18.69 -2.61 7.96
C THR C 759 -18.03 -2.79 9.32
N GLN C 760 -16.76 -3.18 9.31
CA GLN C 760 -16.00 -3.30 10.54
C GLN C 760 -15.87 -1.97 11.25
N LEU C 761 -15.57 -0.90 10.51
CA LEU C 761 -15.40 0.39 11.14
C LEU C 761 -16.69 0.92 11.75
N ASN C 762 -17.81 0.78 11.05
CA ASN C 762 -19.07 1.21 11.61
C ASN C 762 -19.45 0.37 12.82
N ARG C 763 -19.20 -0.94 12.78
CA ARG C 763 -19.48 -1.78 13.93
C ARG C 763 -18.64 -1.42 15.13
N ALA C 764 -17.37 -1.05 14.94
CA ALA C 764 -16.54 -0.62 16.05
C ALA C 764 -17.04 0.68 16.64
N LEU C 765 -17.38 1.66 15.80
CA LEU C 765 -17.81 2.94 16.31
C LEU C 765 -19.18 2.90 16.98
N THR C 766 -20.05 2.00 16.57
CA THR C 766 -21.38 1.92 17.15
C THR C 766 -21.35 1.25 18.52
N GLY C 767 -20.47 0.29 18.70
CA GLY C 767 -20.34 -0.38 19.97
C GLY C 767 -19.82 0.51 21.08
N ILE C 768 -19.08 1.54 20.75
CA ILE C 768 -18.62 2.47 21.76
C ILE C 768 -19.56 3.64 21.94
N ALA C 769 -20.55 3.80 21.06
CA ALA C 769 -21.65 4.71 21.32
C ALA C 769 -22.71 4.07 22.19
N VAL C 770 -22.85 2.76 22.10
CA VAL C 770 -23.77 2.07 23.01
C VAL C 770 -23.20 2.01 24.42
N GLU C 771 -21.88 1.86 24.56
CA GLU C 771 -21.24 1.80 25.86
C GLU C 771 -21.40 3.10 26.64
N GLN C 772 -21.57 4.23 25.96
CA GLN C 772 -21.62 5.50 26.65
C GLN C 772 -22.91 5.68 27.42
N ASP C 773 -24.02 5.13 26.95
CA ASP C 773 -25.26 5.22 27.68
C ASP C 773 -25.29 4.27 28.87
N LYS C 774 -24.70 3.10 28.73
CA LYS C 774 -24.45 2.19 29.82
C LYS C 774 -23.59 2.80 30.91
N ASN C 775 -22.59 3.59 30.52
CA ASN C 775 -21.73 4.28 31.47
C ASN C 775 -22.52 5.17 32.40
N THR C 776 -23.47 5.95 31.89
CA THR C 776 -24.16 6.89 32.77
C THR C 776 -25.38 6.27 33.43
N GLN C 777 -25.94 5.22 32.85
CA GLN C 777 -26.91 4.41 33.59
C GLN C 777 -26.29 3.75 34.81
N GLU C 778 -25.04 3.32 34.72
CA GLU C 778 -24.40 2.65 35.85
C GLU C 778 -24.00 3.60 36.96
N VAL C 779 -23.82 4.88 36.68
CA VAL C 779 -23.48 5.84 37.72
C VAL C 779 -24.72 6.45 38.34
N PHE C 780 -25.70 6.86 37.52
CA PHE C 780 -26.73 7.71 38.10
C PHE C 780 -28.01 6.97 38.48
N ALA C 781 -28.42 5.96 37.74
CA ALA C 781 -29.66 5.25 38.04
C ALA C 781 -29.42 4.14 39.06
N GLN C 782 -28.99 4.56 40.24
CA GLN C 782 -28.68 3.67 41.35
C GLN C 782 -29.77 3.74 42.42
N VAL C 783 -30.92 4.29 42.08
CA VAL C 783 -31.99 4.51 43.03
C VAL C 783 -33.29 4.08 42.39
N LYS C 784 -34.14 3.42 43.16
CA LYS C 784 -35.39 2.86 42.64
C LYS C 784 -36.50 3.90 42.57
N GLN C 785 -36.67 4.68 43.61
CA GLN C 785 -37.71 5.70 43.69
C GLN C 785 -37.09 7.07 43.49
N ILE C 786 -37.93 8.01 43.13
CA ILE C 786 -37.55 9.42 43.08
C ILE C 786 -37.97 10.04 44.40
N TYR C 787 -37.05 10.13 45.34
CA TYR C 787 -37.34 10.71 46.64
C TYR C 787 -37.34 12.23 46.59
N LYS C 788 -38.20 12.82 47.40
CA LYS C 788 -38.30 14.27 47.55
C LYS C 788 -38.04 14.68 48.99
N THR C 789 -37.49 15.87 49.16
CA THR C 789 -37.32 16.43 50.50
C THR C 789 -38.62 17.09 50.95
N PRO C 790 -38.83 17.22 52.27
CA PRO C 790 -40.02 17.90 52.75
C PRO C 790 -39.95 19.38 52.46
N PRO C 791 -41.08 20.09 52.49
CA PRO C 791 -41.02 21.55 52.34
C PRO C 791 -40.39 22.23 53.53
N ILE C 792 -40.55 21.69 54.73
CA ILE C 792 -39.99 22.27 55.95
C ILE C 792 -38.64 21.61 56.21
N LYS C 793 -37.57 22.37 56.07
CA LYS C 793 -36.23 21.83 56.06
C LYS C 793 -35.56 22.00 57.43
N ASP C 794 -36.01 21.21 58.40
CA ASP C 794 -35.45 21.23 59.75
C ASP C 794 -34.40 20.13 59.85
N PHE C 795 -33.13 20.49 59.71
CA PHE C 795 -32.06 19.51 59.69
C PHE C 795 -31.03 19.77 60.78
N GLY C 796 -31.48 20.10 61.98
CA GLY C 796 -30.58 20.30 63.09
C GLY C 796 -29.67 21.50 62.97
N GLY C 797 -29.92 22.38 62.00
CA GLY C 797 -29.08 23.53 61.76
C GLY C 797 -28.30 23.47 60.48
N PHE C 798 -28.19 22.30 59.86
CA PHE C 798 -27.40 22.13 58.65
C PHE C 798 -28.17 22.68 57.45
N ASN C 799 -27.50 23.49 56.65
CA ASN C 799 -28.11 24.22 55.54
C ASN C 799 -27.64 23.60 54.23
N PHE C 800 -28.56 22.98 53.50
CA PHE C 800 -28.26 22.25 52.27
C PHE C 800 -28.76 22.95 51.03
N SER C 801 -28.92 24.27 51.07
CA SER C 801 -29.69 24.93 50.03
C SER C 801 -28.91 25.16 48.75
N GLN C 802 -27.59 25.21 48.78
CA GLN C 802 -26.79 25.40 47.59
C GLN C 802 -26.61 24.12 46.79
N ILE C 803 -26.97 22.97 47.35
CA ILE C 803 -26.86 21.69 46.64
C ILE C 803 -28.20 21.05 46.39
N LEU C 804 -29.27 21.64 46.80
CA LEU C 804 -30.61 21.16 46.54
C LEU C 804 -31.16 21.82 45.29
N PRO C 805 -32.07 21.16 44.58
CA PRO C 805 -32.60 21.76 43.35
C PRO C 805 -33.26 23.09 43.64
N ASP C 806 -33.11 24.00 42.68
CA ASP C 806 -33.75 25.32 42.76
C ASP C 806 -34.84 25.38 41.70
N PRO C 807 -36.07 25.15 42.13
CA PRO C 807 -37.25 25.12 41.26
C PRO C 807 -37.61 26.43 40.58
N SER C 808 -36.67 27.05 39.89
CA SER C 808 -37.00 28.30 39.20
C SER C 808 -35.85 28.77 38.33
N LYS C 809 -35.17 27.81 37.67
CA LYS C 809 -34.05 28.14 36.80
C LYS C 809 -33.96 27.15 35.63
N PRO C 810 -32.81 27.09 34.98
CA PRO C 810 -32.66 26.15 33.86
C PRO C 810 -33.08 24.74 34.27
N SER C 811 -34.29 24.34 33.92
CA SER C 811 -34.79 23.01 34.27
C SER C 811 -34.99 22.89 35.78
N LYS C 812 -33.93 22.56 36.50
CA LYS C 812 -34.00 22.41 37.94
C LYS C 812 -32.69 21.86 38.50
N ARG C 813 -31.67 22.70 38.55
CA ARG C 813 -30.38 22.30 39.05
C ARG C 813 -30.10 23.06 40.33
N SER C 814 -29.23 22.49 41.15
CA SER C 814 -28.80 23.21 42.32
C SER C 814 -28.00 24.43 41.90
N PRO C 815 -27.64 25.25 42.89
CA PRO C 815 -26.83 26.44 42.65
C PRO C 815 -25.41 26.03 42.28
N ILE C 816 -24.95 24.89 42.80
CA ILE C 816 -23.60 24.40 42.51
C ILE C 816 -23.54 23.78 41.11
N GLU C 817 -24.60 23.13 40.67
CA GLU C 817 -24.58 22.50 39.34
C GLU C 817 -24.55 23.53 38.23
N ASP C 818 -25.10 24.72 38.47
CA ASP C 818 -25.07 25.77 37.47
C ASP C 818 -23.68 26.34 37.24
N LEU C 819 -22.92 26.57 38.31
CA LEU C 819 -21.52 26.92 38.11
C LEU C 819 -20.77 25.86 37.32
N LEU C 820 -21.07 24.59 37.55
CA LEU C 820 -20.33 23.54 36.87
C LEU C 820 -20.72 23.45 35.40
N PHE C 821 -21.98 23.73 35.08
CA PHE C 821 -22.39 23.72 33.68
C PHE C 821 -22.04 25.00 32.96
N ASN C 822 -21.68 26.06 33.68
CA ASN C 822 -21.11 27.24 33.07
C ASN C 822 -19.59 27.22 33.00
N LYS C 823 -18.94 26.35 33.76
CA LYS C 823 -17.48 26.32 33.75
C LYS C 823 -16.93 25.57 32.55
N VAL C 824 -17.58 24.50 32.12
CA VAL C 824 -17.11 23.71 30.99
C VAL C 824 -17.73 24.20 29.68
N LYS C 852 -21.48 18.33 11.13
CA LYS C 852 -22.07 17.58 10.03
C LYS C 852 -21.47 18.03 8.72
N PHE C 853 -20.40 17.38 8.28
CA PHE C 853 -19.77 17.82 7.04
C PHE C 853 -19.78 16.75 5.96
N ASN C 854 -19.13 15.62 6.21
CA ASN C 854 -19.12 14.56 5.21
C ASN C 854 -18.99 13.22 5.92
N GLY C 855 -20.13 12.63 6.26
CA GLY C 855 -20.19 11.38 6.97
C GLY C 855 -20.22 11.51 8.47
N LEU C 856 -19.87 12.68 9.02
CA LEU C 856 -19.67 12.81 10.45
C LEU C 856 -20.95 13.24 11.15
N THR C 857 -21.32 12.51 12.19
CA THR C 857 -22.54 12.82 12.92
C THR C 857 -22.41 12.54 14.40
N VAL C 858 -23.08 13.37 15.19
CA VAL C 858 -23.09 13.26 16.65
C VAL C 858 -24.48 12.82 17.07
N LEU C 859 -24.57 11.71 17.77
CA LEU C 859 -25.83 11.23 18.32
C LEU C 859 -26.06 11.82 19.70
N PRO C 860 -27.30 12.11 20.07
CA PRO C 860 -27.57 12.66 21.38
C PRO C 860 -27.57 11.56 22.44
N PRO C 861 -27.11 11.85 23.65
CA PRO C 861 -27.26 10.87 24.73
C PRO C 861 -28.73 10.58 25.00
N LEU C 862 -28.97 9.39 25.53
CA LEU C 862 -30.34 8.96 25.78
C LEU C 862 -30.97 9.73 26.92
N LEU C 863 -30.28 9.84 28.05
CA LEU C 863 -30.76 10.66 29.15
C LEU C 863 -30.39 12.11 28.91
N THR C 864 -31.36 12.99 29.01
CA THR C 864 -31.10 14.41 28.96
C THR C 864 -30.44 14.86 30.26
N ASP C 865 -29.92 16.08 30.27
CA ASP C 865 -29.31 16.61 31.48
C ASP C 865 -30.34 16.97 32.53
N GLU C 866 -31.56 17.28 32.11
CA GLU C 866 -32.65 17.44 33.05
C GLU C 866 -32.98 16.14 33.76
N MET C 867 -32.73 15.00 33.12
CA MET C 867 -32.99 13.71 33.75
C MET C 867 -31.88 13.31 34.71
N ILE C 868 -30.64 13.64 34.37
CA ILE C 868 -29.54 13.37 35.28
C ILE C 868 -29.59 14.25 36.50
N ALA C 869 -30.02 15.51 36.35
CA ALA C 869 -30.22 16.34 37.53
C ALA C 869 -31.29 15.77 38.44
N GLN C 870 -32.33 15.19 37.88
CA GLN C 870 -33.39 14.60 38.66
C GLN C 870 -32.98 13.30 39.33
N TYR C 871 -32.05 12.54 38.77
CA TYR C 871 -31.49 11.40 39.48
C TYR C 871 -30.63 11.84 40.65
N THR C 872 -29.72 12.80 40.43
CA THR C 872 -28.90 13.22 41.55
C THR C 872 -29.69 13.94 42.62
N SER C 873 -30.84 14.53 42.31
CA SER C 873 -31.62 15.13 43.39
C SER C 873 -32.34 14.11 44.25
N ALA C 874 -32.74 12.97 43.69
CA ALA C 874 -33.32 11.90 44.48
C ALA C 874 -32.28 11.14 45.29
N LEU C 875 -31.04 11.01 44.81
CA LEU C 875 -29.98 10.48 45.66
C LEU C 875 -29.71 11.35 46.87
N LEU C 876 -29.67 12.66 46.68
CA LEU C 876 -29.49 13.62 47.74
C LEU C 876 -30.63 13.62 48.73
N ALA C 877 -31.86 13.63 48.26
CA ALA C 877 -32.98 13.55 49.16
C ALA C 877 -33.04 12.23 49.92
N GLY C 878 -32.63 11.13 49.31
CA GLY C 878 -32.55 9.89 50.02
C GLY C 878 -31.51 9.88 51.12
N THR C 879 -30.37 10.50 50.91
CA THR C 879 -29.36 10.44 51.95
C THR C 879 -29.60 11.41 53.10
N ILE C 880 -30.38 12.47 52.89
CA ILE C 880 -30.58 13.48 53.91
C ILE C 880 -31.72 13.12 54.85
N THR C 881 -32.70 12.37 54.37
CA THR C 881 -33.84 12.03 55.20
C THR C 881 -33.73 10.64 55.80
N SER C 882 -32.95 9.78 55.17
CA SER C 882 -32.99 8.36 55.42
C SER C 882 -31.67 7.74 55.78
N GLY C 883 -30.60 8.50 55.80
CA GLY C 883 -29.30 7.92 56.10
C GLY C 883 -28.83 6.97 55.03
N TRP C 884 -28.46 5.76 55.45
CA TRP C 884 -27.94 4.74 54.54
C TRP C 884 -28.92 3.58 54.36
N THR C 885 -30.19 3.80 54.65
CA THR C 885 -31.15 2.71 54.58
C THR C 885 -31.82 2.57 53.23
N PHE C 886 -31.93 3.65 52.46
CA PHE C 886 -32.54 3.55 51.15
C PHE C 886 -31.67 2.78 50.18
N GLY C 887 -30.38 2.61 50.49
CA GLY C 887 -29.51 1.85 49.63
C GLY C 887 -29.40 0.38 50.01
N ALA C 888 -30.24 -0.07 50.94
CA ALA C 888 -30.21 -1.45 51.38
C ALA C 888 -31.61 -2.01 51.50
N GLY C 889 -32.59 -1.27 51.01
CA GLY C 889 -33.97 -1.65 51.13
C GLY C 889 -34.89 -0.45 51.00
N PRO C 890 -35.83 -0.35 51.92
CA PRO C 890 -36.79 0.77 51.93
C PRO C 890 -36.26 1.93 52.77
N ALA C 891 -36.48 3.15 52.31
CA ALA C 891 -36.01 4.32 53.02
C ALA C 891 -36.74 4.44 54.35
N LEU C 892 -35.99 4.47 55.44
CA LEU C 892 -36.54 4.66 56.77
C LEU C 892 -36.08 6.01 57.31
N GLN C 893 -37.02 6.84 57.70
CA GLN C 893 -36.68 8.18 58.16
C GLN C 893 -35.99 8.15 59.52
N ILE C 894 -35.15 9.13 59.75
CA ILE C 894 -34.43 9.33 61.00
C ILE C 894 -34.09 10.82 61.04
N PRO C 895 -34.10 11.50 62.18
CA PRO C 895 -33.71 12.90 62.20
C PRO C 895 -32.22 13.07 61.90
N PHE C 896 -31.88 14.22 61.33
CA PHE C 896 -30.57 14.34 60.70
C PHE C 896 -29.44 14.43 61.73
N PRO C 897 -29.71 15.06 62.87
CA PRO C 897 -28.71 15.13 63.94
C PRO C 897 -28.41 13.72 64.44
N MET C 898 -29.43 12.87 64.54
CA MET C 898 -29.27 11.50 64.97
C MET C 898 -28.56 10.64 63.94
N GLN C 899 -28.66 10.99 62.66
CA GLN C 899 -27.89 10.32 61.62
C GLN C 899 -26.42 10.72 61.70
N MET C 900 -26.18 12.00 61.96
CA MET C 900 -24.84 12.50 62.18
C MET C 900 -24.19 11.86 63.39
N ALA C 901 -24.95 11.54 64.41
CA ALA C 901 -24.38 10.86 65.57
C ALA C 901 -23.99 9.41 65.28
N TYR C 902 -24.83 8.67 64.55
CA TYR C 902 -24.44 7.37 64.05
C TYR C 902 -23.14 7.44 63.27
N ARG C 903 -23.03 8.42 62.41
CA ARG C 903 -21.84 8.53 61.62
C ARG C 903 -20.60 8.90 62.43
N PHE C 904 -20.73 9.72 63.48
CA PHE C 904 -19.63 9.92 64.42
C PHE C 904 -19.24 8.63 65.12
N ASN C 905 -20.22 7.81 65.51
CA ASN C 905 -19.90 6.50 66.05
C ASN C 905 -19.10 5.66 65.07
N GLY C 906 -19.42 5.74 63.78
CA GLY C 906 -18.73 4.95 62.78
C GLY C 906 -17.28 5.31 62.55
N ILE C 907 -16.79 6.41 63.12
CA ILE C 907 -15.38 6.71 63.04
C ILE C 907 -14.69 6.66 64.40
N GLY C 908 -15.38 6.25 65.45
CA GLY C 908 -14.75 6.07 66.73
C GLY C 908 -14.94 7.16 67.76
N VAL C 909 -15.86 8.07 67.55
CA VAL C 909 -16.14 9.14 68.50
C VAL C 909 -17.50 8.88 69.12
N THR C 910 -17.62 9.07 70.43
CA THR C 910 -18.92 8.89 71.05
C THR C 910 -19.89 9.97 70.59
N GLN C 911 -21.17 9.70 70.73
CA GLN C 911 -22.14 10.57 70.11
C GLN C 911 -22.52 11.76 70.95
N ASN C 912 -22.25 11.71 72.25
CA ASN C 912 -22.32 12.91 73.05
C ASN C 912 -21.41 14.02 72.54
N VAL C 913 -20.30 13.68 71.90
CA VAL C 913 -19.43 14.69 71.31
C VAL C 913 -20.11 15.41 70.17
N LEU C 914 -21.04 14.75 69.48
CA LEU C 914 -21.82 15.45 68.47
C LEU C 914 -22.94 16.26 69.11
N TYR C 915 -23.69 15.67 70.01
CA TYR C 915 -24.83 16.38 70.57
C TYR C 915 -24.44 17.58 71.41
N GLU C 916 -23.26 17.57 72.01
CA GLU C 916 -22.82 18.70 72.81
C GLU C 916 -22.09 19.76 72.00
N ASN C 917 -21.99 19.59 70.69
CA ASN C 917 -21.29 20.52 69.81
C ASN C 917 -22.10 20.83 68.56
N GLN C 918 -23.34 20.35 68.52
CA GLN C 918 -24.19 20.42 67.33
C GLN C 918 -24.10 21.77 66.62
N LYS C 919 -24.20 22.88 67.35
CA LYS C 919 -24.23 24.18 66.69
C LYS C 919 -22.89 24.54 66.05
N LEU C 920 -21.80 24.23 66.71
CA LEU C 920 -20.49 24.48 66.11
C LEU C 920 -20.25 23.59 64.91
N ILE C 921 -20.64 22.33 65.00
CA ILE C 921 -20.45 21.41 63.89
C ILE C 921 -21.25 21.85 62.68
N ALA C 922 -22.47 22.35 62.90
CA ALA C 922 -23.28 22.83 61.79
C ALA C 922 -22.75 24.13 61.20
N ASN C 923 -22.28 25.06 62.05
CA ASN C 923 -21.60 26.24 61.55
C ASN C 923 -20.41 25.89 60.68
N GLN C 924 -19.61 24.91 61.11
CA GLN C 924 -18.43 24.54 60.34
C GLN C 924 -18.79 23.90 59.01
N PHE C 925 -19.81 23.05 58.99
CA PHE C 925 -20.26 22.48 57.72
C PHE C 925 -20.77 23.56 56.79
N ASN C 926 -21.48 24.56 57.33
CA ASN C 926 -22.04 25.60 56.47
C ASN C 926 -20.96 26.50 55.89
N SER C 927 -19.97 26.88 56.67
CA SER C 927 -18.85 27.63 56.12
C SER C 927 -18.08 26.81 55.09
N ALA C 928 -17.90 25.52 55.33
CA ALA C 928 -17.18 24.70 54.37
C ALA C 928 -17.93 24.57 53.05
N ILE C 929 -19.25 24.49 53.08
CA ILE C 929 -20.02 24.42 51.84
C ILE C 929 -20.02 25.78 51.14
N GLY C 930 -20.04 26.86 51.91
CA GLY C 930 -19.99 28.18 51.30
C GLY C 930 -18.65 28.53 50.69
N LYS C 931 -17.59 27.85 51.12
CA LYS C 931 -16.28 28.03 50.51
C LYS C 931 -16.12 27.32 49.18
N ILE C 932 -16.94 26.32 48.88
CA ILE C 932 -16.80 25.56 47.64
C ILE C 932 -17.31 26.36 46.46
N GLN C 933 -18.47 27.00 46.63
CA GLN C 933 -19.03 27.81 45.57
C GLN C 933 -18.23 29.07 45.33
N ASP C 934 -17.46 29.51 46.32
CA ASP C 934 -16.57 30.64 46.12
C ASP C 934 -15.39 30.25 45.24
N SER C 935 -14.83 29.08 45.48
CA SER C 935 -13.76 28.60 44.62
C SER C 935 -14.29 28.21 43.25
N LEU C 936 -15.58 27.90 43.12
CA LEU C 936 -16.11 27.54 41.81
C LEU C 936 -16.52 28.75 40.98
N SER C 937 -17.10 29.77 41.59
CA SER C 937 -17.45 30.97 40.86
C SER C 937 -16.38 32.05 41.03
N ALA C 942 -9.86 23.72 37.88
CA ALA C 942 -10.96 23.03 38.53
C ALA C 942 -11.46 21.85 37.69
N LEU C 943 -12.15 22.16 36.60
CA LEU C 943 -12.81 21.18 35.76
C LEU C 943 -11.96 20.77 34.57
N GLY C 944 -10.63 20.82 34.70
CA GLY C 944 -9.76 20.41 33.61
C GLY C 944 -9.80 18.94 33.29
N LYS C 945 -10.14 18.09 34.25
CA LYS C 945 -10.23 16.66 33.96
C LYS C 945 -11.40 16.33 33.06
N LEU C 946 -12.38 17.21 32.97
CA LEU C 946 -13.48 17.05 32.04
C LEU C 946 -13.22 17.76 30.73
N GLN C 947 -12.50 18.88 30.77
CA GLN C 947 -12.15 19.61 29.56
C GLN C 947 -11.11 18.84 28.75
N ASN C 948 -10.28 18.02 29.38
CA ASN C 948 -9.34 17.19 28.66
C ASN C 948 -10.00 16.20 27.72
N VAL C 949 -11.11 15.59 28.13
CA VAL C 949 -11.80 14.66 27.25
C VAL C 949 -12.41 15.38 26.06
N VAL C 950 -13.09 16.51 26.30
CA VAL C 950 -13.66 17.31 25.22
C VAL C 950 -12.58 17.72 24.23
N ASN C 951 -11.44 18.20 24.73
CA ASN C 951 -10.38 18.67 23.86
C ASN C 951 -9.74 17.53 23.06
N GLN C 952 -9.46 16.40 23.69
CA GLN C 952 -8.87 15.28 22.95
C GLN C 952 -9.79 14.78 21.86
N ASN C 953 -11.10 14.73 22.10
CA ASN C 953 -11.98 14.25 21.05
C ASN C 953 -12.11 15.24 19.91
N ALA C 954 -12.21 16.53 20.21
CA ALA C 954 -12.24 17.51 19.13
C ALA C 954 -10.94 17.52 18.34
N GLN C 955 -9.82 17.33 19.01
CA GLN C 955 -8.53 17.31 18.34
C GLN C 955 -8.37 16.09 17.44
N ALA C 956 -9.06 14.99 17.75
CA ALA C 956 -9.03 13.85 16.84
C ALA C 956 -9.95 14.04 15.64
N LEU C 957 -11.16 14.56 15.87
CA LEU C 957 -12.04 14.79 14.74
C LEU C 957 -11.50 15.84 13.77
N ASN C 958 -10.77 16.84 14.27
CA ASN C 958 -10.19 17.82 13.39
C ASN C 958 -9.13 17.22 12.47
N THR C 959 -8.29 16.35 13.01
CA THR C 959 -7.29 15.68 12.18
C THR C 959 -7.93 14.78 11.14
N LEU C 960 -9.01 14.09 11.51
CA LEU C 960 -9.68 13.27 10.53
C LEU C 960 -10.27 14.11 9.40
N VAL C 961 -10.90 15.24 9.72
CA VAL C 961 -11.40 16.14 8.69
C VAL C 961 -10.27 16.65 7.82
N LYS C 962 -9.16 17.05 8.41
CA LYS C 962 -8.12 17.72 7.64
C LYS C 962 -7.31 16.77 6.78
N GLN C 963 -7.30 15.48 7.07
CA GLN C 963 -6.62 14.56 6.17
C GLN C 963 -7.35 14.38 4.84
N LEU C 964 -8.50 15.00 4.66
CA LEU C 964 -9.21 14.92 3.39
C LEU C 964 -8.67 15.87 2.34
N SER C 965 -7.50 16.47 2.57
CA SER C 965 -6.93 17.42 1.64
C SER C 965 -5.48 17.09 1.35
N SER C 966 -5.08 15.85 1.57
CA SER C 966 -3.79 15.34 1.16
C SER C 966 -3.96 14.55 -0.13
N ASN C 967 -2.93 14.61 -0.99
CA ASN C 967 -2.94 13.88 -2.25
C ASN C 967 -2.58 12.43 -2.10
N PHE C 968 -1.78 12.10 -1.09
CA PHE C 968 -1.23 10.77 -0.92
C PHE C 968 -0.52 10.30 -2.18
N GLY C 969 0.04 11.25 -2.92
CA GLY C 969 0.75 10.92 -4.13
C GLY C 969 -0.09 10.85 -5.40
N ALA C 970 -1.23 11.53 -5.43
CA ALA C 970 -2.06 11.63 -6.61
C ALA C 970 -1.90 13.02 -7.20
N ILE C 971 -2.63 13.30 -8.27
CA ILE C 971 -2.52 14.59 -8.93
C ILE C 971 -3.35 15.66 -8.24
N SER C 972 -4.52 15.31 -7.72
CA SER C 972 -5.37 16.26 -7.05
C SER C 972 -5.80 15.65 -5.73
N SER C 973 -6.23 16.50 -4.81
CA SER C 973 -6.82 16.06 -3.57
C SER C 973 -8.32 15.89 -3.67
N VAL C 974 -8.96 16.52 -4.65
CA VAL C 974 -10.40 16.44 -4.85
C VAL C 974 -10.68 15.44 -5.94
N LEU C 975 -11.61 14.52 -5.67
CA LEU C 975 -11.93 13.44 -6.57
C LEU C 975 -12.60 13.89 -7.84
N ASN C 976 -13.38 14.97 -7.80
CA ASN C 976 -14.05 15.46 -8.99
C ASN C 976 -13.09 16.04 -10.00
N ASP C 977 -11.93 16.54 -9.56
CA ASP C 977 -10.94 17.05 -10.50
C ASP C 977 -10.07 15.95 -11.08
N ILE C 978 -10.16 14.74 -10.54
CA ILE C 978 -9.59 13.60 -11.23
C ILE C 978 -10.63 13.02 -12.19
N LEU C 979 -11.88 13.00 -11.77
CA LEU C 979 -12.94 12.49 -12.63
C LEU C 979 -13.21 13.37 -13.83
N SER C 980 -13.04 14.69 -13.70
CA SER C 980 -13.43 15.58 -14.78
C SER C 980 -12.42 15.62 -15.89
N ARG C 981 -11.13 15.56 -15.58
CA ARG C 981 -10.09 15.67 -16.59
C ARG C 981 -9.28 14.38 -16.72
N LEU C 982 -9.91 13.23 -16.52
CA LEU C 982 -9.28 11.96 -16.80
C LEU C 982 -10.36 10.95 -17.17
N ASP C 983 -9.96 9.92 -17.89
CA ASP C 983 -10.86 8.88 -18.34
C ASP C 983 -10.63 7.60 -17.55
N PRO C 984 -11.62 6.71 -17.49
CA PRO C 984 -11.65 5.65 -16.45
C PRO C 984 -10.32 4.93 -16.26
N PRO C 985 -9.62 4.50 -17.33
CA PRO C 985 -8.40 3.73 -17.10
C PRO C 985 -7.33 4.44 -16.28
N GLU C 986 -7.19 5.75 -16.45
CA GLU C 986 -6.20 6.49 -15.69
C GLU C 986 -6.79 7.25 -14.51
N ALA C 987 -8.11 7.46 -14.49
CA ALA C 987 -8.74 7.93 -13.27
C ALA C 987 -8.59 6.92 -12.16
N GLU C 988 -8.61 5.63 -12.52
CA GLU C 988 -8.61 4.56 -11.53
C GLU C 988 -7.31 4.51 -10.74
N VAL C 989 -6.18 4.67 -11.41
CA VAL C 989 -4.89 4.61 -10.72
C VAL C 989 -4.70 5.74 -9.74
N GLN C 990 -5.21 6.93 -10.06
CA GLN C 990 -5.19 8.04 -9.12
C GLN C 990 -6.23 7.93 -8.02
N ILE C 991 -7.38 7.34 -8.30
CA ILE C 991 -8.40 7.18 -7.28
C ILE C 991 -7.97 6.15 -6.24
N ASP C 992 -7.19 5.16 -6.66
CA ASP C 992 -6.78 4.14 -5.71
C ASP C 992 -5.83 4.66 -4.64
N ARG C 993 -4.97 5.64 -4.95
CA ARG C 993 -4.11 6.20 -3.92
C ARG C 993 -4.89 7.01 -2.91
N LEU C 994 -5.91 7.74 -3.35
CA LEU C 994 -6.78 8.43 -2.42
C LEU C 994 -7.53 7.46 -1.53
N ILE C 995 -8.03 6.37 -2.11
CA ILE C 995 -8.72 5.37 -1.30
C ILE C 995 -7.78 4.78 -0.26
N THR C 996 -6.57 4.43 -0.67
CA THR C 996 -5.60 3.89 0.27
C THR C 996 -5.28 4.86 1.40
N GLY C 997 -5.06 6.14 1.11
CA GLY C 997 -4.73 7.08 2.18
C GLY C 997 -5.88 7.34 3.12
N ARG C 998 -7.08 7.51 2.58
CA ARG C 998 -8.23 7.83 3.43
C ARG C 998 -8.66 6.65 4.28
N LEU C 999 -8.56 5.42 3.77
CA LEU C 999 -8.82 4.26 4.59
C LEU C 999 -7.91 4.19 5.80
N GLN C 1000 -6.62 4.43 5.62
CA GLN C 1000 -5.69 4.42 6.72
C GLN C 1000 -5.96 5.53 7.73
N SER C 1001 -6.29 6.73 7.26
CA SER C 1001 -6.73 7.78 8.17
C SER C 1001 -7.88 7.32 9.06
N LEU C 1002 -8.92 6.77 8.44
CA LEU C 1002 -10.10 6.35 9.18
C LEU C 1002 -9.79 5.24 10.19
N GLN C 1003 -8.94 4.30 9.81
CA GLN C 1003 -8.57 3.23 10.72
C GLN C 1003 -7.79 3.75 11.92
N THR C 1004 -6.90 4.70 11.73
CA THR C 1004 -6.20 5.27 12.86
C THR C 1004 -7.18 5.97 13.81
N TYR C 1005 -8.14 6.71 13.26
CA TYR C 1005 -9.14 7.35 14.11
C TYR C 1005 -9.91 6.32 14.93
N VAL C 1006 -10.35 5.24 14.31
CA VAL C 1006 -11.16 4.27 15.04
C VAL C 1006 -10.36 3.53 16.10
N THR C 1007 -9.10 3.18 15.83
CA THR C 1007 -8.31 2.51 16.85
C THR C 1007 -8.06 3.43 18.04
N GLN C 1008 -7.79 4.70 17.80
CA GLN C 1008 -7.54 5.55 18.94
C GLN C 1008 -8.82 5.92 19.67
N GLN C 1009 -9.99 5.83 19.06
CA GLN C 1009 -11.22 5.93 19.82
C GLN C 1009 -11.47 4.71 20.67
N LEU C 1010 -11.12 3.52 20.19
CA LEU C 1010 -11.33 2.33 20.99
C LEU C 1010 -10.42 2.30 22.20
N ILE C 1011 -9.23 2.87 22.10
CA ILE C 1011 -8.32 2.86 23.25
C ILE C 1011 -8.77 3.88 24.29
N ARG C 1012 -9.41 4.96 23.85
CA ARG C 1012 -9.87 6.02 24.74
C ARG C 1012 -11.21 5.71 25.40
N ALA C 1013 -12.09 4.99 24.71
CA ALA C 1013 -13.31 4.54 25.35
C ALA C 1013 -13.05 3.56 26.48
N ALA C 1014 -12.00 2.76 26.40
CA ALA C 1014 -11.65 1.85 27.48
C ALA C 1014 -11.10 2.56 28.70
N GLU C 1015 -10.55 3.74 28.53
CA GLU C 1015 -10.12 4.56 29.64
C GLU C 1015 -11.29 5.28 30.28
N ILE C 1016 -12.27 5.68 29.48
CA ILE C 1016 -13.47 6.27 30.02
C ILE C 1016 -14.31 5.25 30.79
N ARG C 1017 -14.28 3.99 30.36
CA ARG C 1017 -15.04 2.97 31.06
C ARG C 1017 -14.46 2.67 32.45
N ALA C 1018 -13.15 2.68 32.59
CA ALA C 1018 -12.55 2.49 33.90
C ALA C 1018 -12.93 3.60 34.85
N SER C 1019 -12.94 4.84 34.38
CA SER C 1019 -13.38 5.99 35.14
C SER C 1019 -14.83 5.90 35.58
N ALA C 1020 -15.72 5.51 34.68
CA ALA C 1020 -17.11 5.34 35.01
C ALA C 1020 -17.38 4.17 35.95
N ASN C 1021 -16.59 3.11 35.88
CA ASN C 1021 -16.71 2.06 36.89
C ASN C 1021 -16.25 2.52 38.25
N LEU C 1022 -15.16 3.28 38.32
CA LEU C 1022 -14.75 3.86 39.58
C LEU C 1022 -15.78 4.82 40.15
N ALA C 1023 -16.44 5.60 39.30
CA ALA C 1023 -17.44 6.54 39.79
C ALA C 1023 -18.70 5.81 40.26
N ALA C 1024 -19.08 4.73 39.60
CA ALA C 1024 -20.15 3.88 40.12
C ALA C 1024 -19.80 3.30 41.49
N THR C 1025 -18.56 2.87 41.68
CA THR C 1025 -18.17 2.29 42.96
C THR C 1025 -18.15 3.33 44.06
N LYS C 1026 -17.71 4.56 43.76
CA LYS C 1026 -17.81 5.65 44.71
C LYS C 1026 -19.22 6.07 45.02
N MET C 1027 -20.11 6.07 44.06
CA MET C 1027 -21.50 6.33 44.34
C MET C 1027 -22.10 5.32 45.29
N SER C 1028 -21.77 4.04 45.14
CA SER C 1028 -22.31 3.03 46.04
C SER C 1028 -21.68 3.10 47.43
N GLU C 1029 -20.38 3.36 47.50
CA GLU C 1029 -19.67 3.21 48.74
C GLU C 1029 -19.48 4.50 49.51
N CYS C 1030 -19.67 5.64 48.85
CA CYS C 1030 -19.50 6.94 49.51
C CYS C 1030 -20.79 7.74 49.68
N VAL C 1031 -21.78 7.50 48.82
CA VAL C 1031 -23.03 8.24 48.93
C VAL C 1031 -24.10 7.37 49.57
N LEU C 1032 -24.12 6.08 49.26
CA LEU C 1032 -25.10 5.18 49.84
C LEU C 1032 -24.58 4.45 51.06
N GLY C 1033 -23.41 4.81 51.56
CA GLY C 1033 -22.91 4.26 52.80
C GLY C 1033 -21.83 5.13 53.38
N GLN C 1034 -21.23 4.64 54.47
CA GLN C 1034 -20.05 5.24 55.07
C GLN C 1034 -18.89 4.28 54.90
N SER C 1035 -17.78 4.78 54.37
CA SER C 1035 -16.66 3.92 54.02
C SER C 1035 -15.57 3.99 55.09
N LYS C 1036 -14.86 2.88 55.25
CA LYS C 1036 -13.68 2.81 56.08
C LYS C 1036 -12.38 2.73 55.30
N ARG C 1037 -12.45 2.60 53.98
CA ARG C 1037 -11.26 2.58 53.15
C ARG C 1037 -10.56 3.94 53.18
N VAL C 1038 -9.29 3.94 53.57
CA VAL C 1038 -8.57 5.20 53.75
C VAL C 1038 -8.37 5.88 52.41
N ASP C 1039 -8.71 7.17 52.36
CA ASP C 1039 -8.54 7.99 51.16
C ASP C 1039 -9.51 7.71 50.01
N PHE C 1040 -10.41 6.75 50.18
CA PHE C 1040 -11.35 6.44 49.12
C PHE C 1040 -12.38 7.55 48.93
N CYS C 1041 -12.82 8.15 50.02
CA CYS C 1041 -13.81 9.21 49.98
C CYS C 1041 -13.31 10.50 50.61
N GLY C 1042 -12.18 11.02 50.13
CA GLY C 1042 -11.60 12.24 50.64
C GLY C 1042 -10.53 12.01 51.70
N LYS C 1043 -9.85 13.08 52.10
CA LYS C 1043 -8.81 12.99 53.12
C LYS C 1043 -9.34 13.25 54.51
N GLY C 1044 -9.27 12.25 55.37
CA GLY C 1044 -9.76 12.34 56.75
C GLY C 1044 -10.75 11.21 56.95
N TYR C 1045 -11.41 11.18 58.10
CA TYR C 1045 -12.39 10.14 58.38
C TYR C 1045 -13.70 10.46 57.71
N HIS C 1046 -14.07 9.66 56.72
CA HIS C 1046 -15.28 9.91 55.94
C HIS C 1046 -16.51 9.98 56.84
N LEU C 1047 -17.30 11.04 56.67
CA LEU C 1047 -18.63 11.11 57.27
C LEU C 1047 -19.71 10.91 56.22
N MET C 1048 -19.76 11.73 55.18
CA MET C 1048 -20.77 11.48 54.16
C MET C 1048 -20.34 12.13 52.85
N SER C 1049 -21.10 11.85 51.79
CA SER C 1049 -20.81 12.38 50.46
C SER C 1049 -22.11 12.74 49.77
N PHE C 1050 -22.04 13.75 48.90
CA PHE C 1050 -23.17 14.21 48.11
C PHE C 1050 -22.77 14.27 46.64
N PRO C 1051 -23.58 13.74 45.72
CA PRO C 1051 -23.30 13.84 44.29
C PRO C 1051 -23.87 15.08 43.62
N GLN C 1052 -23.19 15.53 42.58
CA GLN C 1052 -23.64 16.62 41.73
C GLN C 1052 -23.33 16.27 40.29
N SER C 1053 -24.19 16.66 39.38
CA SER C 1053 -23.94 16.33 37.99
C SER C 1053 -23.12 17.41 37.30
N ALA C 1054 -22.30 16.98 36.35
CA ALA C 1054 -21.45 17.85 35.57
C ALA C 1054 -21.69 17.54 34.11
N PRO C 1055 -21.16 18.34 33.18
CA PRO C 1055 -21.45 18.12 31.76
C PRO C 1055 -21.21 16.71 31.21
N HIS C 1056 -20.11 16.05 31.52
CA HIS C 1056 -19.96 14.65 31.10
C HIS C 1056 -19.39 13.83 32.25
N GLY C 1057 -19.77 14.16 33.47
CA GLY C 1057 -19.12 13.59 34.62
C GLY C 1057 -19.92 13.78 35.85
N VAL C 1058 -19.24 13.69 36.99
CA VAL C 1058 -19.90 13.78 38.28
C VAL C 1058 -18.92 14.39 39.25
N VAL C 1059 -19.43 15.21 40.16
CA VAL C 1059 -18.65 15.81 41.23
C VAL C 1059 -19.15 15.28 42.56
N PHE C 1060 -18.27 14.68 43.34
CA PHE C 1060 -18.60 14.25 44.70
C PHE C 1060 -18.10 15.30 45.67
N LEU C 1061 -18.98 15.70 46.59
CA LEU C 1061 -18.65 16.54 47.74
C LEU C 1061 -18.50 15.62 48.95
N HIS C 1062 -17.29 15.48 49.44
CA HIS C 1062 -16.96 14.60 50.56
C HIS C 1062 -16.88 15.41 51.84
N VAL C 1063 -17.64 15.01 52.85
CA VAL C 1063 -17.58 15.56 54.20
C VAL C 1063 -16.81 14.61 55.09
N THR C 1064 -15.71 15.10 55.67
CA THR C 1064 -14.83 14.33 56.51
C THR C 1064 -14.60 15.06 57.83
N TYR C 1065 -14.11 14.30 58.79
CA TYR C 1065 -13.77 14.76 60.12
C TYR C 1065 -12.25 14.83 60.21
N VAL C 1066 -11.72 15.95 60.67
CA VAL C 1066 -10.27 16.14 60.75
C VAL C 1066 -9.92 16.55 62.16
N PRO C 1067 -9.19 15.75 62.93
CA PRO C 1067 -8.86 16.13 64.31
C PRO C 1067 -7.88 17.28 64.39
N ALA C 1068 -7.96 18.06 65.47
CA ALA C 1068 -7.27 19.34 65.58
C ALA C 1068 -6.85 19.61 67.01
N GLN C 1069 -5.78 20.41 67.14
CA GLN C 1069 -5.29 20.97 68.42
C GLN C 1069 -4.92 19.88 69.41
N GLU C 1070 -3.91 19.11 69.04
CA GLU C 1070 -3.45 17.99 69.85
C GLU C 1070 -2.62 18.47 71.03
N LYS C 1071 -2.71 17.74 72.14
CA LYS C 1071 -1.90 17.98 73.31
C LYS C 1071 -1.08 16.75 73.65
N ASN C 1072 -0.01 16.98 74.40
CA ASN C 1072 0.92 15.97 74.89
C ASN C 1072 0.47 15.38 76.21
N PHE C 1073 0.69 14.08 76.38
CA PHE C 1073 0.39 13.39 77.63
C PHE C 1073 1.39 12.25 77.81
N THR C 1074 1.41 11.72 79.02
CA THR C 1074 2.15 10.51 79.39
C THR C 1074 1.19 9.33 79.35
N THR C 1075 1.65 8.19 78.82
CA THR C 1075 0.83 7.00 78.68
C THR C 1075 1.43 5.84 79.45
N ALA C 1076 0.61 4.81 79.63
CA ALA C 1076 1.01 3.53 80.18
C ALA C 1076 0.16 2.45 79.55
N PRO C 1077 0.74 1.28 79.30
CA PRO C 1077 -0.06 0.16 78.77
C PRO C 1077 -1.13 -0.34 79.72
N ALA C 1078 -0.82 -0.45 81.00
CA ALA C 1078 -1.71 -1.06 81.97
C ALA C 1078 -1.52 -0.36 83.30
N ILE C 1079 -2.50 -0.53 84.19
CA ILE C 1079 -2.42 -0.04 85.56
C ILE C 1079 -2.21 -1.24 86.45
N CYS C 1080 -1.47 -1.07 87.53
CA CYS C 1080 -1.34 -2.12 88.53
C CYS C 1080 -2.06 -1.72 89.80
N HIS C 1081 -2.94 -2.60 90.27
CA HIS C 1081 -3.69 -2.34 91.48
C HIS C 1081 -4.03 -3.67 92.14
N ASP C 1082 -3.68 -3.81 93.42
CA ASP C 1082 -3.91 -5.04 94.18
C ASP C 1082 -3.22 -6.24 93.54
N GLY C 1083 -2.04 -6.03 92.99
CA GLY C 1083 -1.38 -7.10 92.30
C GLY C 1083 -2.09 -7.59 91.05
N LYS C 1084 -2.85 -6.73 90.40
CA LYS C 1084 -3.56 -7.08 89.18
C LYS C 1084 -3.27 -6.06 88.10
N ALA C 1085 -3.27 -6.53 86.85
CA ALA C 1085 -3.06 -5.67 85.69
C ALA C 1085 -4.40 -5.29 85.08
N HIS C 1086 -4.61 -4.00 84.86
CA HIS C 1086 -5.86 -3.46 84.36
C HIS C 1086 -5.60 -2.83 83.01
N PHE C 1087 -6.45 -3.13 82.06
CA PHE C 1087 -6.40 -2.63 80.71
C PHE C 1087 -7.65 -1.84 80.39
N PRO C 1088 -7.58 -0.81 79.57
CA PRO C 1088 -8.79 -0.06 79.23
C PRO C 1088 -9.69 -0.85 78.29
N ARG C 1089 -10.99 -0.68 78.50
CA ARG C 1089 -11.95 -1.33 77.61
C ARG C 1089 -11.94 -0.70 76.22
N GLU C 1090 -12.01 0.62 76.14
CA GLU C 1090 -11.91 1.32 74.87
C GLU C 1090 -11.33 2.70 75.13
N GLY C 1091 -10.03 2.83 74.98
CA GLY C 1091 -9.39 4.11 75.23
C GLY C 1091 -7.94 3.92 75.57
N VAL C 1092 -7.39 4.95 76.19
CA VAL C 1092 -6.00 4.96 76.63
C VAL C 1092 -5.95 5.57 78.01
N PHE C 1093 -4.99 5.11 78.80
CA PHE C 1093 -4.63 5.73 80.06
C PHE C 1093 -3.71 6.91 79.78
N VAL C 1094 -4.05 8.08 80.29
CA VAL C 1094 -3.24 9.28 80.10
C VAL C 1094 -3.02 9.96 81.44
N SER C 1095 -1.91 10.68 81.53
CA SER C 1095 -1.62 11.44 82.74
C SER C 1095 -1.43 12.91 82.39
N ASN C 1096 -2.05 13.79 83.17
CA ASN C 1096 -1.81 15.21 82.99
C ASN C 1096 -0.59 15.71 83.73
N GLY C 1097 0.23 14.82 84.26
CA GLY C 1097 1.34 15.16 85.11
C GLY C 1097 1.23 14.65 86.52
N THR C 1098 0.02 14.57 87.07
CA THR C 1098 -0.14 14.13 88.45
C THR C 1098 -1.25 13.10 88.62
N HIS C 1099 -2.18 13.06 87.68
CA HIS C 1099 -3.38 12.22 87.80
C HIS C 1099 -3.54 11.38 86.54
N TRP C 1100 -4.12 10.19 86.71
CA TRP C 1100 -4.34 9.25 85.62
C TRP C 1100 -5.82 9.17 85.26
N PHE C 1101 -6.09 9.16 83.96
CA PHE C 1101 -7.45 9.13 83.43
C PHE C 1101 -7.51 8.11 82.32
N VAL C 1102 -8.72 7.76 81.90
CA VAL C 1102 -8.97 7.06 80.65
C VAL C 1102 -9.62 8.06 79.72
N THR C 1103 -9.27 8.00 78.45
CA THR C 1103 -9.89 8.84 77.44
C THR C 1103 -10.11 8.01 76.20
N GLN C 1104 -11.08 8.40 75.39
CA GLN C 1104 -11.21 7.84 74.06
C GLN C 1104 -10.13 8.40 73.16
N ARG C 1105 -9.74 7.62 72.16
CA ARG C 1105 -8.48 7.85 71.49
C ARG C 1105 -8.49 9.01 70.49
N ASN C 1106 -9.64 9.50 70.08
CA ASN C 1106 -9.71 10.52 69.04
C ASN C 1106 -10.16 11.87 69.55
N PHE C 1107 -10.66 11.95 70.77
CA PHE C 1107 -11.14 13.19 71.34
C PHE C 1107 -10.74 13.16 72.79
N TYR C 1108 -10.19 14.25 73.31
CA TYR C 1108 -9.74 14.25 74.69
C TYR C 1108 -10.93 14.51 75.59
N GLU C 1109 -11.23 13.54 76.44
CA GLU C 1109 -12.37 13.62 77.34
C GLU C 1109 -12.08 12.74 78.55
N PRO C 1110 -11.31 13.25 79.50
CA PRO C 1110 -10.76 12.39 80.56
C PRO C 1110 -11.76 11.98 81.63
N GLN C 1111 -11.67 10.73 82.05
CA GLN C 1111 -12.56 10.18 83.07
C GLN C 1111 -11.76 9.39 84.08
N ILE C 1112 -12.40 9.13 85.21
CA ILE C 1112 -11.77 8.37 86.28
C ILE C 1112 -11.62 6.91 85.86
N ILE C 1113 -10.55 6.27 86.32
CA ILE C 1113 -10.32 4.86 86.08
C ILE C 1113 -11.08 4.06 87.12
N THR C 1114 -12.11 3.33 86.67
CA THR C 1114 -12.92 2.51 87.55
C THR C 1114 -12.94 1.08 87.04
N THR C 1115 -13.63 0.22 87.75
CA THR C 1115 -13.79 -1.16 87.35
C THR C 1115 -14.84 -1.34 86.26
N ASP C 1116 -15.41 -0.25 85.75
CA ASP C 1116 -16.40 -0.28 84.70
C ASP C 1116 -15.84 0.11 83.34
N ASN C 1117 -14.69 0.77 83.29
CA ASN C 1117 -14.07 1.06 82.01
C ASN C 1117 -12.76 0.31 81.81
N THR C 1118 -12.43 -0.64 82.69
CA THR C 1118 -11.22 -1.45 82.56
C THR C 1118 -11.62 -2.91 82.63
N PHE C 1119 -10.67 -3.79 82.32
CA PHE C 1119 -10.77 -5.20 82.62
C PHE C 1119 -9.43 -5.70 83.14
N VAL C 1120 -9.45 -6.87 83.77
CA VAL C 1120 -8.28 -7.41 84.45
C VAL C 1120 -7.75 -8.60 83.67
N SER C 1121 -6.43 -8.74 83.63
CA SER C 1121 -5.81 -9.95 83.10
C SER C 1121 -4.39 -10.07 83.66
N GLY C 1122 -4.23 -10.94 84.66
CA GLY C 1122 -2.93 -11.35 85.12
C GLY C 1122 -2.39 -10.56 86.29
N ASN C 1123 -1.08 -10.66 86.46
CA ASN C 1123 -0.32 -9.92 87.44
C ASN C 1123 0.33 -8.70 86.80
N CYS C 1124 0.80 -7.79 87.64
CA CYS C 1124 1.54 -6.64 87.14
C CYS C 1124 3.05 -6.90 87.22
N ASP C 1125 3.47 -8.00 86.60
CA ASP C 1125 4.88 -8.31 86.57
C ASP C 1125 5.34 -8.90 85.24
N VAL C 1126 4.48 -8.86 84.22
CA VAL C 1126 4.79 -9.46 82.93
C VAL C 1126 4.77 -8.42 81.82
N VAL C 1127 3.96 -7.38 81.97
CA VAL C 1127 3.80 -6.39 80.93
C VAL C 1127 4.83 -5.29 81.15
N ILE C 1128 5.41 -4.80 80.07
CA ILE C 1128 6.52 -3.86 80.11
C ILE C 1128 5.97 -2.44 80.12
N GLY C 1129 6.01 -1.80 81.29
CA GLY C 1129 5.56 -0.44 81.41
C GLY C 1129 4.35 -0.20 82.29
N ILE C 1130 3.94 -1.18 83.10
CA ILE C 1130 2.86 -0.97 84.06
C ILE C 1130 3.21 0.18 84.99
N VAL C 1131 2.21 0.98 85.35
CA VAL C 1131 2.37 1.97 86.40
C VAL C 1131 1.38 1.67 87.51
N ASN C 1132 1.72 2.14 88.71
CA ASN C 1132 0.90 1.93 89.88
C ASN C 1132 -0.10 3.05 90.12
N ASN C 1133 -1.37 2.68 90.22
CA ASN C 1133 -2.42 3.65 90.47
C ASN C 1133 -3.63 2.89 90.98
N THR C 1134 -4.65 3.61 91.40
CA THR C 1134 -5.80 3.00 92.04
C THR C 1134 -6.97 2.94 91.08
N VAL C 1135 -7.69 1.82 91.11
CA VAL C 1135 -8.86 1.59 90.28
C VAL C 1135 -10.06 1.65 91.19
N TYR C 1136 -10.87 2.67 91.04
CA TYR C 1136 -11.95 2.95 91.97
C TYR C 1136 -13.12 2.03 91.70
N ASP C 1137 -13.62 1.37 92.73
CA ASP C 1137 -14.81 0.54 92.63
C ASP C 1137 -16.01 1.30 93.14
N PRO C 1138 -17.05 1.50 92.34
CA PRO C 1138 -18.20 2.29 92.79
C PRO C 1138 -19.06 1.61 93.85
N LEU C 1139 -19.16 0.29 93.75
CA LEU C 1139 -20.05 -0.45 94.63
C LEU C 1139 -19.72 -0.28 96.09
N GLN C 1140 -18.45 -0.14 96.43
CA GLN C 1140 -18.08 -0.12 97.84
C GLN C 1140 -18.61 1.14 98.51
N PRO C 1141 -18.31 2.34 98.01
CA PRO C 1141 -18.97 3.52 98.58
C PRO C 1141 -20.46 3.54 98.32
N GLU C 1142 -20.97 2.70 97.42
CA GLU C 1142 -22.42 2.57 97.30
C GLU C 1142 -23.02 1.93 98.54
N LEU C 1143 -22.61 0.69 98.82
CA LEU C 1143 -23.18 -0.04 99.95
C LEU C 1143 -22.45 0.26 101.25
N ASP C 1144 -21.39 1.06 101.22
CA ASP C 1144 -20.59 1.37 102.41
C ASP C 1144 -20.05 0.11 103.04
N GLU D 1 54.41 18.33 -42.05
CA GLU D 1 53.31 18.01 -42.95
C GLU D 1 53.51 16.64 -43.56
N VAL D 2 52.43 16.07 -44.09
CA VAL D 2 52.46 14.79 -44.76
C VAL D 2 52.68 15.03 -46.25
N GLN D 3 53.62 14.31 -46.85
CA GLN D 3 53.86 14.39 -48.28
C GLN D 3 53.73 13.01 -48.90
N LEU D 4 53.14 12.95 -50.09
CA LEU D 4 52.91 11.71 -50.81
C LEU D 4 53.30 11.93 -52.27
N VAL D 5 54.56 11.69 -52.58
CA VAL D 5 55.04 11.89 -53.94
C VAL D 5 54.83 10.60 -54.70
N GLU D 6 54.59 10.68 -56.01
CA GLU D 6 54.37 9.46 -56.78
C GLU D 6 54.83 9.68 -58.21
N SER D 7 55.08 8.57 -58.89
CA SER D 7 55.64 8.62 -60.24
C SER D 7 55.33 7.30 -60.95
N GLY D 8 55.55 7.31 -62.26
CA GLY D 8 55.44 6.11 -63.08
C GLY D 8 54.49 6.22 -64.24
N GLY D 9 53.57 7.18 -64.23
CA GLY D 9 52.57 7.24 -65.27
C GLY D 9 53.11 7.80 -66.57
N GLY D 10 52.43 7.43 -67.66
CA GLY D 10 52.87 7.88 -68.97
C GLY D 10 51.95 7.44 -70.10
N LEU D 11 52.54 7.12 -71.25
CA LEU D 11 51.80 6.73 -72.43
C LEU D 11 52.24 5.34 -72.86
N VAL D 12 51.27 4.44 -73.02
CA VAL D 12 51.51 3.08 -73.48
C VAL D 12 50.40 2.68 -74.43
N GLN D 13 50.64 1.61 -75.15
CA GLN D 13 49.76 1.02 -76.14
C GLN D 13 48.73 0.12 -75.44
N PRO D 14 47.54 -0.07 -76.05
CA PRO D 14 46.56 -1.01 -75.49
C PRO D 14 47.07 -2.44 -75.48
N GLY D 15 47.30 -2.97 -74.28
CA GLY D 15 48.00 -4.22 -74.10
C GLY D 15 49.36 -4.07 -73.46
N GLY D 16 49.69 -2.87 -72.99
CA GLY D 16 50.99 -2.60 -72.40
C GLY D 16 51.05 -2.96 -70.93
N THR D 17 52.03 -2.40 -70.24
CA THR D 17 52.30 -2.75 -68.86
C THR D 17 52.93 -1.55 -68.17
N LEU D 18 52.33 -1.10 -67.07
CA LEU D 18 52.87 0.00 -66.29
C LEU D 18 53.03 -0.39 -64.84
N ARG D 19 53.82 0.40 -64.13
CA ARG D 19 54.06 0.18 -62.70
C ARG D 19 54.27 1.54 -62.04
N LEU D 20 53.34 1.94 -61.17
CA LEU D 20 53.41 3.20 -60.47
C LEU D 20 54.01 3.01 -59.10
N SER D 21 54.90 3.92 -58.72
CA SER D 21 55.53 3.93 -57.42
C SER D 21 55.09 5.17 -56.66
N CYS D 22 55.15 5.08 -55.33
CA CYS D 22 54.61 6.13 -54.49
C CYS D 22 55.38 6.14 -53.17
N VAL D 23 55.99 7.27 -52.85
CA VAL D 23 56.84 7.41 -51.67
C VAL D 23 56.16 8.34 -50.68
N ALA D 24 56.22 7.97 -49.41
CA ALA D 24 55.56 8.70 -48.33
C ALA D 24 56.59 9.10 -47.28
N SER D 25 56.51 10.36 -46.82
CA SER D 25 57.51 10.88 -45.90
C SER D 25 56.94 11.37 -44.57
N GLY D 26 55.87 12.16 -44.60
CA GLY D 26 55.44 12.95 -43.46
C GLY D 26 54.99 12.20 -42.23
N PHE D 27 54.06 11.27 -42.41
CA PHE D 27 53.56 10.46 -41.31
C PHE D 27 54.57 9.35 -41.08
N SER D 28 54.09 8.23 -40.57
CA SER D 28 54.94 7.07 -40.32
C SER D 28 54.36 5.88 -41.09
N PHE D 29 54.98 5.55 -42.22
CA PHE D 29 54.51 4.46 -43.05
C PHE D 29 54.12 3.23 -42.23
N SER D 30 53.32 2.36 -42.84
CA SER D 30 52.86 1.16 -42.16
C SER D 30 51.75 1.58 -41.21
N ASN D 31 50.93 0.63 -40.78
CA ASN D 31 49.83 0.93 -39.89
C ASN D 31 48.71 1.63 -40.66
N TYR D 32 49.08 2.30 -41.74
CA TYR D 32 48.11 3.01 -42.56
C TYR D 32 47.70 2.20 -43.79
N TRP D 33 46.40 2.14 -44.03
CA TRP D 33 45.86 1.40 -45.17
C TRP D 33 45.94 2.27 -46.42
N MET D 34 47.05 2.16 -47.14
CA MET D 34 47.22 2.95 -48.35
C MET D 34 46.31 2.43 -49.46
N SER D 35 45.93 3.33 -50.37
CA SER D 35 44.96 2.99 -51.39
C SER D 35 45.38 3.62 -52.73
N TRP D 36 44.50 3.50 -53.73
CA TRP D 36 44.71 4.08 -55.04
C TRP D 36 43.36 4.45 -55.62
N VAL D 37 43.23 5.69 -56.10
CA VAL D 37 41.93 6.17 -56.60
C VAL D 37 42.14 6.83 -57.95
N ARG D 38 41.37 6.42 -58.95
CA ARG D 38 41.47 7.02 -60.27
C ARG D 38 40.36 8.04 -60.48
N GLN D 39 40.56 8.89 -61.48
CA GLN D 39 39.53 9.84 -61.92
C GLN D 39 39.65 9.99 -63.43
N ALA D 40 38.59 9.65 -64.15
CA ALA D 40 38.58 9.78 -65.60
C ALA D 40 38.56 11.26 -65.97
N PRO D 41 39.14 11.63 -67.12
CA PRO D 41 39.16 13.04 -67.52
C PRO D 41 37.76 13.54 -67.87
N GLY D 42 37.24 14.44 -67.04
CA GLY D 42 35.91 14.96 -67.22
C GLY D 42 34.83 14.15 -66.56
N LYS D 43 35.15 13.36 -65.53
CA LYS D 43 34.18 12.54 -64.84
C LYS D 43 34.48 12.56 -63.34
N GLY D 44 33.66 11.85 -62.57
CA GLY D 44 33.84 11.79 -61.14
C GLY D 44 34.92 10.81 -60.73
N LEU D 45 35.07 10.67 -59.42
CA LEU D 45 36.12 9.81 -58.89
C LEU D 45 35.66 8.35 -58.90
N GLU D 46 36.60 7.46 -58.59
CA GLU D 46 36.35 6.02 -58.60
C GLU D 46 37.20 5.39 -57.50
N TRP D 47 37.47 4.10 -57.61
CA TRP D 47 38.30 3.41 -56.64
C TRP D 47 38.99 2.24 -57.31
N VAL D 48 40.22 1.94 -56.89
CA VAL D 48 40.99 0.89 -57.53
C VAL D 48 41.32 -0.25 -56.57
N ALA D 49 42.07 0.04 -55.50
CA ALA D 49 42.51 -0.99 -54.58
C ALA D 49 42.99 -0.37 -53.27
N ASN D 50 43.30 -1.23 -52.30
CA ASN D 50 43.91 -0.90 -51.01
C ASN D 50 44.34 -2.19 -50.36
N ILE D 51 45.41 -2.16 -49.56
CA ILE D 51 45.86 -3.45 -49.06
C ILE D 51 45.74 -3.67 -47.56
N LYS D 52 46.62 -3.05 -46.76
CA LYS D 52 46.84 -3.36 -45.35
C LYS D 52 47.99 -2.47 -44.90
N GLN D 53 48.35 -2.48 -43.61
CA GLN D 53 49.70 -2.14 -43.17
C GLN D 53 50.68 -3.30 -43.32
N ASP D 54 50.30 -4.33 -44.08
CA ASP D 54 51.05 -5.54 -44.39
C ASP D 54 50.62 -5.96 -45.79
N GLY D 55 50.83 -7.23 -46.14
CA GLY D 55 50.23 -7.74 -47.34
C GLY D 55 49.08 -8.71 -47.08
N SER D 56 47.84 -8.25 -47.21
CA SER D 56 46.64 -9.06 -47.04
C SER D 56 45.46 -8.32 -47.64
N GLU D 57 44.52 -9.09 -48.22
CA GLU D 57 43.25 -8.65 -48.83
C GLU D 57 43.41 -7.42 -49.73
N THR D 58 44.04 -7.69 -50.88
CA THR D 58 44.41 -6.65 -51.83
C THR D 58 43.21 -5.89 -52.41
N HIS D 59 42.02 -6.52 -52.46
CA HIS D 59 40.72 -5.82 -52.52
C HIS D 59 40.55 -4.92 -53.74
N TYR D 60 40.41 -5.53 -54.91
CA TYR D 60 40.23 -4.77 -56.15
C TYR D 60 38.75 -4.42 -56.37
N VAL D 61 38.41 -3.93 -57.57
CA VAL D 61 37.14 -3.25 -57.81
C VAL D 61 36.19 -4.08 -58.68
N ASP D 62 36.59 -5.30 -59.06
CA ASP D 62 35.79 -6.30 -59.78
C ASP D 62 35.40 -5.88 -61.18
N SER D 63 35.94 -4.77 -61.70
CA SER D 63 35.98 -4.51 -63.13
C SER D 63 37.42 -4.46 -63.61
N VAL D 64 38.34 -4.90 -62.76
CA VAL D 64 39.78 -4.75 -62.97
C VAL D 64 40.56 -6.03 -62.68
N LYS D 65 39.99 -6.95 -61.89
CA LYS D 65 40.71 -8.05 -61.26
C LYS D 65 41.35 -9.00 -62.27
N GLY D 66 42.51 -9.52 -61.90
CA GLY D 66 43.33 -10.31 -62.79
C GLY D 66 44.26 -9.50 -63.67
N ARG D 67 44.13 -8.18 -63.68
CA ARG D 67 44.99 -7.31 -64.46
C ARG D 67 45.85 -6.37 -63.63
N PHE D 68 45.42 -6.03 -62.43
CA PHE D 68 46.15 -5.11 -61.57
C PHE D 68 46.71 -5.89 -60.39
N THR D 69 47.74 -5.32 -59.76
CA THR D 69 48.31 -5.92 -58.55
C THR D 69 48.93 -4.81 -57.71
N ILE D 70 48.48 -4.68 -56.47
CA ILE D 70 48.96 -3.63 -55.57
C ILE D 70 49.83 -4.28 -54.51
N SER D 71 50.96 -3.65 -54.20
CA SER D 71 51.88 -4.15 -53.19
C SER D 71 52.56 -2.96 -52.51
N ARG D 72 53.38 -3.25 -51.50
CA ARG D 72 54.01 -2.20 -50.74
C ARG D 72 55.37 -2.65 -50.24
N ASP D 73 56.10 -1.73 -49.63
CA ASP D 73 57.40 -1.99 -49.03
C ASP D 73 57.58 -1.04 -47.87
N ASN D 74 57.64 -1.60 -46.65
CA ASN D 74 57.73 -0.77 -45.45
C ASN D 74 59.13 -0.27 -45.17
N ALA D 75 60.15 -1.01 -45.60
CA ALA D 75 61.52 -0.59 -45.37
C ALA D 75 61.88 0.62 -46.22
N LYS D 76 61.31 0.72 -47.41
CA LYS D 76 61.59 1.81 -48.32
C LYS D 76 60.54 2.91 -48.29
N ASN D 77 59.49 2.74 -47.48
CA ASN D 77 58.32 3.61 -47.41
C ASN D 77 57.71 3.83 -48.80
N SER D 78 57.33 2.72 -49.43
CA SER D 78 56.90 2.79 -50.81
C SER D 78 55.65 1.96 -51.03
N LEU D 79 54.87 2.35 -52.02
CA LEU D 79 53.66 1.66 -52.42
C LEU D 79 53.64 1.56 -53.94
N TYR D 80 53.33 0.37 -54.47
CA TYR D 80 53.41 0.11 -55.89
C TYR D 80 52.09 -0.43 -56.38
N LEU D 81 51.76 -0.09 -57.63
CA LEU D 81 50.60 -0.67 -58.30
C LEU D 81 51.00 -1.00 -59.72
N GLN D 82 50.76 -2.23 -60.16
CA GLN D 82 51.16 -2.69 -61.48
C GLN D 82 49.94 -3.04 -62.30
N MET D 83 49.93 -2.59 -63.56
CA MET D 83 48.83 -2.81 -64.47
C MET D 83 49.32 -3.51 -65.72
N ASN D 84 48.66 -4.60 -66.08
CA ASN D 84 48.91 -5.33 -67.30
C ASN D 84 47.64 -5.41 -68.12
N SER D 85 47.80 -5.51 -69.44
CA SER D 85 46.73 -5.57 -70.45
C SER D 85 45.74 -4.42 -70.28
N LEU D 86 46.26 -3.21 -70.53
CA LEU D 86 45.47 -2.00 -70.37
C LEU D 86 44.40 -1.91 -71.45
N ARG D 87 43.15 -1.73 -71.01
CA ARG D 87 41.97 -2.00 -71.82
C ARG D 87 41.49 -0.79 -72.61
N ALA D 88 42.35 0.21 -72.82
CA ALA D 88 42.04 1.47 -73.53
C ALA D 88 40.92 2.27 -72.88
N ASP D 89 40.58 1.95 -71.63
CA ASP D 89 39.62 2.70 -70.85
C ASP D 89 40.17 3.05 -69.48
N ASP D 90 41.37 2.56 -69.15
CA ASP D 90 42.06 2.93 -67.93
C ASP D 90 42.98 4.12 -68.18
N THR D 91 42.43 5.16 -68.80
CA THR D 91 43.13 6.42 -68.99
C THR D 91 42.53 7.43 -68.03
N ALA D 92 43.33 7.88 -67.08
CA ALA D 92 42.78 8.60 -65.93
C ALA D 92 43.91 9.35 -65.24
N VAL D 93 43.58 9.92 -64.09
CA VAL D 93 44.54 10.46 -63.15
C VAL D 93 44.46 9.60 -61.90
N TYR D 94 45.59 9.06 -61.48
CA TYR D 94 45.67 8.15 -60.35
C TYR D 94 46.27 8.87 -59.16
N PHE D 95 45.68 8.65 -57.98
CA PHE D 95 46.05 9.32 -56.75
C PHE D 95 46.41 8.27 -55.71
N CYS D 96 47.53 8.49 -55.01
CA CYS D 96 47.83 7.80 -53.77
C CYS D 96 46.99 8.39 -52.66
N VAL D 97 46.37 7.53 -51.85
CA VAL D 97 45.52 7.97 -50.77
C VAL D 97 45.98 7.32 -49.47
N LYS D 98 46.10 8.13 -48.42
CA LYS D 98 46.29 7.65 -47.06
C LYS D 98 44.95 7.21 -46.49
N ASP D 99 44.84 6.97 -45.19
CA ASP D 99 43.58 6.46 -44.67
C ASP D 99 43.12 7.11 -43.38
N ARG D 100 43.63 8.28 -43.03
CA ARG D 100 43.04 9.23 -42.07
C ARG D 100 43.11 8.78 -40.62
N THR D 101 43.44 7.52 -40.36
CA THR D 101 43.34 7.01 -39.00
C THR D 101 44.30 5.85 -38.82
N ASP D 102 44.44 5.45 -37.57
CA ASP D 102 45.49 4.53 -37.15
C ASP D 102 44.98 3.13 -36.88
N TRP D 103 43.72 2.97 -36.48
CA TRP D 103 43.21 1.67 -36.09
C TRP D 103 42.06 1.27 -37.00
N GLU D 104 41.82 -0.03 -37.04
CA GLU D 104 41.08 -0.66 -38.14
C GLU D 104 39.59 -0.34 -38.13
N LEU D 105 39.02 0.03 -36.99
CA LEU D 105 37.57 0.22 -36.93
C LEU D 105 37.10 1.47 -37.68
N ILE D 106 37.87 2.55 -37.66
CA ILE D 106 37.47 3.79 -38.30
C ILE D 106 38.19 3.96 -39.63
N ARG D 107 38.73 2.89 -40.19
CA ARG D 107 39.35 2.98 -41.50
C ARG D 107 38.27 3.07 -42.58
N GLY D 108 38.71 3.49 -43.77
CA GLY D 108 37.81 3.63 -44.90
C GLY D 108 37.66 5.03 -45.42
N TYR D 109 38.17 6.03 -44.70
CA TYR D 109 38.04 7.42 -45.11
C TYR D 109 39.31 7.87 -45.81
N PHE D 110 39.13 8.59 -46.91
CA PHE D 110 40.23 8.94 -47.79
C PHE D 110 40.85 10.26 -47.34
N GLY D 111 41.51 10.20 -46.18
CA GLY D 111 42.17 11.36 -45.63
C GLY D 111 43.54 11.54 -46.26
N HIS D 112 43.88 12.79 -46.55
CA HIS D 112 45.19 13.24 -47.03
C HIS D 112 45.62 12.54 -48.33
N TRP D 113 44.92 12.92 -49.39
CA TRP D 113 45.25 12.53 -50.75
C TRP D 113 46.62 13.11 -51.16
N GLY D 114 47.13 12.62 -52.28
CA GLY D 114 48.30 13.19 -52.91
C GLY D 114 47.90 13.81 -54.24
N GLN D 115 48.87 14.44 -54.90
CA GLN D 115 48.63 14.94 -56.24
C GLN D 115 48.82 13.80 -57.24
N GLY D 116 47.97 13.75 -58.26
CA GLY D 116 47.85 12.60 -59.11
C GLY D 116 48.75 12.63 -60.33
N THR D 117 49.00 11.43 -60.86
CA THR D 117 49.74 11.27 -62.11
C THR D 117 48.78 10.82 -63.20
N GLN D 118 49.13 11.10 -64.45
CA GLN D 118 48.23 10.86 -65.56
C GLN D 118 48.67 9.66 -66.37
N ILE D 119 47.69 8.87 -66.84
CA ILE D 119 47.95 7.69 -67.65
C ILE D 119 47.00 7.72 -68.83
N THR D 120 47.56 7.72 -70.04
CA THR D 120 46.80 7.65 -71.28
C THR D 120 47.18 6.39 -72.03
N VAL D 121 46.18 5.69 -72.54
CA VAL D 121 46.39 4.46 -73.29
C VAL D 121 45.79 4.65 -74.68
N SER D 122 46.65 4.58 -75.70
CA SER D 122 46.25 4.90 -77.06
C SER D 122 47.29 4.35 -78.03
N SER D 123 47.07 4.61 -79.31
CA SER D 123 47.98 4.18 -80.36
C SER D 123 48.03 5.21 -81.49
N ASP E 1 27.55 -0.80 -56.00
CA ASP E 1 26.26 -1.38 -55.65
C ASP E 1 25.30 -0.32 -55.10
N ILE E 2 25.80 0.56 -54.24
CA ILE E 2 25.00 1.68 -53.77
C ILE E 2 25.16 2.83 -54.75
N VAL E 3 24.05 3.35 -55.26
CA VAL E 3 24.07 4.45 -56.21
C VAL E 3 23.89 5.73 -55.39
N MET E 4 25.01 6.36 -55.06
CA MET E 4 24.95 7.67 -54.41
C MET E 4 24.58 8.74 -55.44
N THR E 5 23.73 9.67 -55.04
CA THR E 5 23.22 10.68 -55.96
C THR E 5 23.24 12.04 -55.29
N GLN E 6 23.81 13.03 -55.97
CA GLN E 6 23.78 14.42 -55.52
C GLN E 6 22.67 15.13 -56.29
N THR E 7 21.61 15.51 -55.58
CA THR E 7 20.39 15.94 -56.25
C THR E 7 20.43 17.31 -56.93
N PRO E 8 21.22 18.31 -56.51
CA PRO E 8 21.48 19.40 -57.45
C PRO E 8 22.81 19.21 -58.17
N SER E 9 22.83 19.59 -59.46
CA SER E 9 24.02 19.39 -60.26
C SER E 9 24.93 20.60 -60.29
N SER E 10 24.38 21.80 -60.18
CA SER E 10 25.19 23.03 -60.19
C SER E 10 24.41 24.12 -59.49
N LEU E 11 25.10 24.89 -58.65
CA LEU E 11 24.50 25.99 -57.92
C LEU E 11 25.21 27.27 -58.30
N SER E 12 24.46 28.22 -58.86
CA SER E 12 24.98 29.54 -59.15
C SER E 12 24.74 30.43 -57.94
N LEU E 13 25.80 31.01 -57.39
CA LEU E 13 25.72 31.79 -56.17
C LEU E 13 26.62 33.01 -56.27
N SER E 14 26.64 33.78 -55.19
CA SER E 14 27.43 34.98 -55.00
C SER E 14 28.34 34.80 -53.80
N PRO E 15 29.56 35.37 -53.82
CA PRO E 15 30.49 35.15 -52.71
C PRO E 15 30.06 35.83 -51.42
N GLY E 16 29.65 35.04 -50.44
CA GLY E 16 29.26 35.57 -49.15
C GLY E 16 28.05 34.89 -48.53
N ASP E 17 27.16 34.36 -49.36
CA ASP E 17 25.90 33.83 -48.85
C ASP E 17 26.06 32.35 -48.46
N ARG E 18 24.94 31.70 -48.19
CA ARG E 18 24.94 30.31 -47.75
C ARG E 18 24.85 29.38 -48.94
N ALA E 19 25.31 28.15 -48.74
CA ALA E 19 25.27 27.11 -49.76
C ALA E 19 24.88 25.79 -49.12
N THR E 20 23.98 25.06 -49.78
CA THR E 20 23.53 23.77 -49.28
C THR E 20 23.64 22.73 -50.39
N LEU E 21 24.15 21.55 -50.03
CA LEU E 21 24.37 20.46 -50.98
C LEU E 21 23.78 19.20 -50.38
N SER E 22 23.03 18.45 -51.19
CA SER E 22 22.36 17.27 -50.71
C SER E 22 22.85 16.02 -51.44
N CYS E 23 23.09 14.97 -50.66
CA CYS E 23 23.51 13.67 -51.17
C CYS E 23 22.52 12.63 -50.70
N ARG E 24 22.03 11.81 -51.62
CA ARG E 24 20.99 10.83 -51.32
C ARG E 24 21.50 9.44 -51.71
N ALA E 25 21.41 8.51 -50.77
CA ALA E 25 21.85 7.14 -51.01
C ALA E 25 20.71 6.31 -51.58
N SER E 26 21.06 5.14 -52.12
CA SER E 26 20.08 4.19 -52.62
C SER E 26 19.80 3.07 -51.63
N GLU E 27 20.43 3.14 -50.46
CA GLU E 27 20.27 2.13 -49.43
C GLU E 27 20.51 2.81 -48.09
N ASN E 28 20.03 2.19 -47.02
CA ASN E 28 20.22 2.79 -45.69
C ASN E 28 21.66 2.56 -45.23
N ILE E 29 22.49 3.58 -45.40
CA ILE E 29 23.71 3.71 -44.63
C ILE E 29 23.38 4.59 -43.42
N ILE E 30 24.20 4.51 -42.38
CA ILE E 30 23.94 5.28 -41.16
C ILE E 30 25.22 5.94 -40.72
N ASN E 31 25.27 7.27 -40.78
CA ASN E 31 26.31 8.16 -40.27
C ASN E 31 27.64 8.04 -41.03
N TYR E 32 27.78 7.09 -41.95
CA TYR E 32 29.06 6.82 -42.59
C TYR E 32 29.06 7.49 -43.96
N LEU E 33 29.40 8.78 -43.97
CA LEU E 33 29.48 9.53 -45.21
C LEU E 33 30.48 10.67 -45.03
N ALA E 34 31.26 10.94 -46.07
CA ALA E 34 32.28 11.96 -46.05
C ALA E 34 32.13 12.87 -47.25
N TRP E 35 32.61 14.10 -47.10
CA TRP E 35 32.52 15.12 -48.14
C TRP E 35 33.92 15.60 -48.50
N TYR E 36 34.23 15.57 -49.79
CA TYR E 36 35.52 15.99 -50.32
C TYR E 36 35.34 17.20 -51.24
N GLN E 37 36.37 18.05 -51.29
CA GLN E 37 36.35 19.28 -52.08
C GLN E 37 37.45 19.23 -53.13
N GLN E 38 37.08 18.85 -54.36
CA GLN E 38 37.97 18.90 -55.51
C GLN E 38 38.09 20.35 -55.96
N ARG E 39 39.19 20.99 -55.58
CA ARG E 39 39.46 22.35 -56.00
C ARG E 39 39.83 22.37 -57.49
N PRO E 40 39.70 23.53 -58.15
CA PRO E 40 40.16 23.61 -59.54
C PRO E 40 41.68 23.54 -59.66
N GLY E 41 42.18 22.43 -60.20
CA GLY E 41 43.62 22.29 -60.39
C GLY E 41 44.38 21.90 -59.15
N GLN E 42 43.75 21.21 -58.21
CA GLN E 42 44.42 20.77 -56.99
C GLN E 42 43.95 19.36 -56.64
N SER E 43 44.60 18.76 -55.67
CA SER E 43 44.18 17.47 -55.17
C SER E 43 42.96 17.63 -54.27
N PRO E 44 42.11 16.61 -54.18
CA PRO E 44 40.94 16.70 -53.29
C PRO E 44 41.35 16.73 -51.83
N ARG E 45 40.41 17.17 -51.00
CA ARG E 45 40.67 17.39 -49.59
C ARG E 45 39.45 16.95 -48.79
N LEU E 46 39.68 16.19 -47.74
CA LEU E 46 38.58 15.74 -46.90
C LEU E 46 38.05 16.89 -46.05
N LEU E 47 36.80 17.28 -46.28
CA LEU E 47 36.19 18.31 -45.46
C LEU E 47 35.67 17.73 -44.15
N ILE E 48 34.71 16.82 -44.25
CA ILE E 48 34.12 16.21 -43.07
C ILE E 48 34.03 14.69 -43.27
N TYR E 49 34.38 13.98 -42.22
CA TYR E 49 34.34 12.54 -42.18
C TYR E 49 33.37 12.13 -41.08
N ASP E 50 32.57 11.11 -41.33
CA ASP E 50 31.62 10.63 -40.34
C ASP E 50 30.38 11.49 -40.17
N ALA E 51 29.96 12.14 -41.25
CA ALA E 51 28.76 12.97 -41.25
C ALA E 51 28.93 14.42 -40.78
N SER E 52 28.76 14.66 -39.48
CA SER E 52 28.84 16.02 -38.97
C SER E 52 30.20 16.40 -38.37
N ASN E 53 31.18 15.51 -38.36
CA ASN E 53 32.45 15.78 -37.70
C ASN E 53 33.46 16.34 -38.69
N ARG E 54 34.09 17.44 -38.31
CA ARG E 54 35.07 18.10 -39.17
C ARG E 54 36.45 17.47 -39.02
N ALA E 55 37.25 17.58 -40.07
CA ALA E 55 38.62 17.12 -40.04
C ALA E 55 39.54 18.22 -39.53
N THR E 56 40.78 17.84 -39.24
CA THR E 56 41.74 18.77 -38.66
C THR E 56 42.26 19.73 -39.73
N GLY E 57 42.26 21.03 -39.42
CA GLY E 57 42.67 22.04 -40.35
C GLY E 57 41.56 22.62 -41.19
N ILE E 58 40.33 22.18 -41.02
CA ILE E 58 39.18 22.66 -41.78
C ILE E 58 38.52 23.77 -40.99
N PRO E 59 38.27 24.94 -41.58
CA PRO E 59 37.64 26.04 -40.85
C PRO E 59 36.18 25.75 -40.54
N ALA E 60 35.62 26.58 -39.67
CA ALA E 60 34.30 26.30 -39.11
C ALA E 60 33.15 26.68 -40.03
N ARG E 61 33.42 27.10 -41.27
CA ARG E 61 32.35 27.46 -42.18
C ARG E 61 31.59 26.24 -42.69
N PHE E 62 32.22 25.07 -42.66
CA PHE E 62 31.62 23.85 -43.20
C PHE E 62 30.91 23.09 -42.08
N SER E 63 29.68 22.66 -42.35
CA SER E 63 28.93 21.86 -41.39
C SER E 63 28.21 20.75 -42.13
N GLY E 64 27.90 19.69 -41.42
CA GLY E 64 27.24 18.54 -42.01
C GLY E 64 26.08 18.08 -41.17
N SER E 65 25.11 17.46 -41.85
CA SER E 65 23.91 16.97 -41.18
C SER E 65 23.31 15.86 -42.02
N GLY E 66 22.33 15.18 -41.45
CA GLY E 66 21.62 14.15 -42.19
C GLY E 66 21.99 12.76 -41.72
N SER E 67 21.14 11.80 -42.09
CA SER E 67 21.27 10.42 -41.64
C SER E 67 20.33 9.56 -42.46
N GLY E 68 20.68 8.27 -42.55
CA GLY E 68 19.82 7.29 -43.17
C GLY E 68 19.89 7.27 -44.68
N THR E 69 19.27 8.23 -45.30
CA THR E 69 19.34 8.33 -46.75
C THR E 69 19.69 9.73 -47.22
N ASP E 70 19.18 10.76 -46.55
CA ASP E 70 19.43 12.14 -46.93
C ASP E 70 20.55 12.71 -46.10
N PHE E 71 21.51 13.35 -46.76
CA PHE E 71 22.65 13.99 -46.11
C PHE E 71 22.84 15.36 -46.73
N THR E 72 23.38 16.30 -45.95
CA THR E 72 23.48 17.68 -46.37
C THR E 72 24.76 18.32 -45.86
N LEU E 73 25.49 18.96 -46.75
CA LEU E 73 26.63 19.80 -46.40
C LEU E 73 26.23 21.25 -46.54
N THR E 74 26.69 22.08 -45.61
CA THR E 74 26.31 23.49 -45.56
C THR E 74 27.54 24.35 -45.41
N ILE E 75 27.70 25.31 -46.32
CA ILE E 75 28.77 26.30 -46.25
C ILE E 75 28.15 27.62 -45.87
N SER E 76 28.66 28.25 -44.80
CA SER E 76 28.02 29.44 -44.25
C SER E 76 28.23 30.64 -45.15
N SER E 77 29.49 30.94 -45.49
CA SER E 77 29.81 32.08 -46.35
C SER E 77 30.86 31.65 -47.35
N LEU E 78 30.55 31.82 -48.63
CA LEU E 78 31.46 31.38 -49.69
C LEU E 78 32.66 32.32 -49.78
N GLU E 79 33.80 31.84 -49.32
CA GLU E 79 35.07 32.45 -49.66
C GLU E 79 35.38 32.18 -51.13
N PRO E 80 36.21 33.00 -51.78
CA PRO E 80 36.47 32.80 -53.22
C PRO E 80 37.24 31.53 -53.56
N GLU E 81 37.79 30.80 -52.59
CA GLU E 81 38.37 29.50 -52.86
C GLU E 81 37.35 28.37 -52.80
N ASP E 82 36.14 28.63 -52.31
CA ASP E 82 35.17 27.56 -52.09
C ASP E 82 34.41 27.17 -53.33
N PHE E 83 34.59 27.88 -54.43
CA PHE E 83 33.94 27.51 -55.69
C PHE E 83 34.70 26.33 -56.27
N ALA E 84 34.18 25.13 -56.06
CA ALA E 84 34.88 23.90 -56.39
C ALA E 84 33.86 22.82 -56.67
N VAL E 85 34.31 21.56 -56.71
CA VAL E 85 33.43 20.41 -56.89
C VAL E 85 33.38 19.65 -55.58
N TYR E 86 32.23 19.09 -55.25
CA TYR E 86 32.05 18.43 -53.96
C TYR E 86 31.54 17.03 -54.16
N TYR E 87 32.17 16.06 -53.49
CA TYR E 87 31.84 14.65 -53.63
C TYR E 87 31.45 14.05 -52.29
N CYS E 88 30.43 13.21 -52.30
CA CYS E 88 30.06 12.45 -51.12
C CYS E 88 30.43 10.98 -51.31
N GLN E 89 30.87 10.36 -50.22
CA GLN E 89 31.40 9.01 -50.28
C GLN E 89 31.02 8.23 -49.04
N GLN E 90 30.52 7.01 -49.24
CA GLN E 90 30.20 6.11 -48.15
C GLN E 90 31.31 5.09 -47.96
N ARG E 91 31.41 4.55 -46.75
CA ARG E 91 32.45 3.57 -46.46
C ARG E 91 31.94 2.33 -45.75
N ILE E 92 30.62 2.18 -45.60
CA ILE E 92 30.13 1.05 -44.81
C ILE E 92 29.93 -0.21 -45.66
N ILE E 93 29.68 -0.08 -46.96
CA ILE E 93 29.44 -1.23 -47.82
C ILE E 93 30.51 -1.23 -48.89
N TRP E 94 31.44 -2.18 -48.80
CA TRP E 94 32.55 -2.31 -49.72
C TRP E 94 32.75 -3.79 -50.00
N PRO E 95 33.38 -4.15 -51.12
CA PRO E 95 33.80 -3.40 -52.30
C PRO E 95 32.65 -3.22 -53.28
N PRO E 96 32.64 -2.12 -54.04
CA PRO E 96 33.58 -1.01 -54.02
C PRO E 96 33.12 0.15 -53.17
N TYR E 97 34.01 1.10 -52.92
CA TYR E 97 33.64 2.35 -52.27
C TYR E 97 33.12 3.31 -53.32
N THR E 98 31.85 3.68 -53.21
CA THR E 98 31.19 4.48 -54.23
C THR E 98 31.23 5.95 -53.88
N PHE E 99 31.47 6.78 -54.88
CA PHE E 99 31.47 8.23 -54.75
C PHE E 99 30.14 8.79 -55.23
N GLY E 100 29.99 10.11 -55.10
CA GLY E 100 28.82 10.77 -55.63
C GLY E 100 28.97 11.06 -57.12
N GLN E 101 28.61 12.27 -57.54
CA GLN E 101 28.82 12.67 -58.93
C GLN E 101 29.41 14.05 -59.09
N GLY E 102 29.30 14.92 -58.11
CA GLY E 102 29.88 16.25 -58.22
C GLY E 102 28.81 17.32 -58.25
N THR E 103 29.07 18.44 -57.58
CA THR E 103 28.17 19.59 -57.53
C THR E 103 29.03 20.83 -57.69
N LYS E 104 29.21 21.29 -58.93
CA LYS E 104 30.09 22.40 -59.20
C LYS E 104 29.42 23.71 -58.80
N VAL E 105 29.89 24.30 -57.70
CA VAL E 105 29.40 25.58 -57.23
C VAL E 105 30.21 26.67 -57.91
N ASP E 106 29.55 27.55 -58.65
CA ASP E 106 30.23 28.60 -59.39
C ASP E 106 29.67 29.97 -59.04
N ILE E 107 30.31 31.00 -59.55
CA ILE E 107 30.03 32.38 -59.21
C ILE E 107 29.04 32.96 -60.22
N LYS E 108 28.06 33.70 -59.71
CA LYS E 108 27.11 34.39 -60.57
C LYS E 108 26.56 35.64 -59.87
N GLU F 1 -20.68 27.37 -61.25
CA GLU F 1 -19.58 26.46 -61.54
C GLU F 1 -18.31 27.25 -61.84
N VAL F 2 -17.17 26.57 -61.76
CA VAL F 2 -15.88 27.17 -62.07
C VAL F 2 -15.57 26.89 -63.53
N GLN F 3 -15.16 27.92 -64.27
CA GLN F 3 -14.75 27.76 -65.65
C GLN F 3 -13.34 28.29 -65.83
N LEU F 4 -12.55 27.59 -66.64
CA LEU F 4 -11.16 27.94 -66.90
C LEU F 4 -10.92 27.82 -68.40
N VAL F 5 -11.15 28.90 -69.12
CA VAL F 5 -10.97 28.90 -70.57
C VAL F 5 -9.53 29.26 -70.85
N GLU F 6 -8.96 28.75 -71.93
CA GLU F 6 -7.58 29.08 -72.24
C GLU F 6 -7.38 29.03 -73.75
N SER F 7 -6.31 29.70 -74.20
CA SER F 7 -6.06 29.83 -75.62
C SER F 7 -4.58 30.16 -75.83
N GLY F 8 -4.15 30.06 -77.07
CA GLY F 8 -2.81 30.45 -77.48
C GLY F 8 -2.00 29.38 -78.17
N GLY F 9 -2.37 28.11 -78.02
CA GLY F 9 -1.56 27.03 -78.56
C GLY F 9 -1.72 26.88 -80.07
N GLY F 10 -0.69 26.33 -80.69
CA GLY F 10 -0.70 26.15 -82.12
C GLY F 10 0.51 25.41 -82.66
N LEU F 11 0.97 25.81 -83.84
CA LEU F 11 2.09 25.17 -84.51
C LEU F 11 3.19 26.20 -84.75
N VAL F 12 4.39 25.88 -84.29
CA VAL F 12 5.57 26.73 -84.46
C VAL F 12 6.77 25.85 -84.79
N GLN F 13 7.81 26.48 -85.28
CA GLN F 13 9.07 25.88 -85.66
C GLN F 13 9.96 25.70 -84.43
N PRO F 14 10.88 24.71 -84.46
CA PRO F 14 11.84 24.56 -83.35
C PRO F 14 12.76 25.76 -83.21
N GLY F 15 12.60 26.48 -82.10
CA GLY F 15 13.21 27.78 -81.93
C GLY F 15 12.23 28.93 -81.93
N GLY F 16 10.94 28.64 -81.93
CA GLY F 16 9.92 29.67 -81.97
C GLY F 16 9.59 30.22 -80.61
N THR F 17 8.41 30.85 -80.52
CA THR F 17 8.02 31.56 -79.31
C THR F 17 6.50 31.55 -79.23
N LEU F 18 5.96 31.06 -78.12
CA LEU F 18 4.52 31.05 -77.91
C LEU F 18 4.18 31.71 -76.58
N ARG F 19 2.90 32.06 -76.44
CA ARG F 19 2.40 32.68 -75.22
C ARG F 19 0.95 32.24 -75.03
N LEU F 20 0.69 31.46 -74.00
CA LEU F 20 -0.63 30.96 -73.69
C LEU F 20 -1.31 31.85 -72.65
N SER F 21 -2.57 32.14 -72.88
CA SER F 21 -3.40 32.93 -71.99
C SER F 21 -4.50 32.05 -71.42
N CYS F 22 -4.99 32.43 -70.24
CA CYS F 22 -5.95 31.59 -69.53
C CYS F 22 -6.83 32.49 -68.67
N VAL F 23 -8.13 32.44 -68.88
CA VAL F 23 -9.10 33.29 -68.20
C VAL F 23 -9.95 32.44 -67.27
N ALA F 24 -10.19 32.97 -66.07
CA ALA F 24 -10.93 32.26 -65.03
C ALA F 24 -12.12 33.09 -64.59
N SER F 25 -13.28 32.44 -64.45
CA SER F 25 -14.52 33.15 -64.14
C SER F 25 -15.19 32.70 -62.86
N GLY F 26 -15.35 31.39 -62.65
CA GLY F 26 -16.25 30.86 -61.65
C GLY F 26 -15.95 31.16 -60.20
N PHE F 27 -14.73 30.89 -59.78
CA PHE F 27 -14.31 31.17 -58.42
C PHE F 27 -13.94 32.64 -58.35
N SER F 28 -13.05 32.99 -57.44
CA SER F 28 -12.59 34.36 -57.29
C SER F 28 -11.08 34.37 -57.47
N PHE F 29 -10.63 34.82 -58.63
CA PHE F 29 -9.20 34.87 -58.93
C PHE F 29 -8.39 35.41 -57.77
N SER F 30 -7.09 35.11 -57.77
CA SER F 30 -6.20 35.54 -56.72
C SER F 30 -6.43 34.61 -55.53
N ASN F 31 -5.48 34.57 -54.61
CA ASN F 31 -5.60 33.70 -53.45
C ASN F 31 -5.35 32.26 -53.85
N TYR F 32 -5.61 31.96 -55.12
CA TYR F 32 -5.43 30.61 -55.64
C TYR F 32 -4.11 30.46 -56.38
N TRP F 33 -3.38 29.39 -56.06
CA TRP F 33 -2.09 29.11 -56.69
C TRP F 33 -2.33 28.43 -58.04
N MET F 34 -2.42 29.24 -59.09
CA MET F 34 -2.64 28.68 -60.42
C MET F 34 -1.38 28.00 -60.93
N SER F 35 -1.55 27.01 -61.80
CA SER F 35 -0.44 26.19 -62.24
C SER F 35 -0.59 25.90 -63.73
N TRP F 36 0.30 25.05 -64.25
CA TRP F 36 0.27 24.62 -65.65
C TRP F 36 0.80 23.19 -65.71
N VAL F 37 0.07 22.30 -66.37
CA VAL F 37 0.45 20.89 -66.42
C VAL F 37 0.38 20.41 -67.86
N ARG F 38 1.45 19.80 -68.35
CA ARG F 38 1.46 19.27 -69.71
C ARG F 38 1.22 17.76 -69.69
N GLN F 39 0.85 17.24 -70.86
CA GLN F 39 0.73 15.80 -71.06
C GLN F 39 1.15 15.49 -72.49
N ALA F 40 2.20 14.67 -72.63
CA ALA F 40 2.68 14.28 -73.95
C ALA F 40 1.65 13.37 -74.62
N PRO F 41 1.57 13.39 -75.95
CA PRO F 41 0.59 12.54 -76.65
C PRO F 41 0.95 11.07 -76.52
N GLY F 42 0.12 10.33 -75.79
CA GLY F 42 0.37 8.93 -75.54
C GLY F 42 1.23 8.64 -74.34
N LYS F 43 1.29 9.55 -73.37
CA LYS F 43 2.09 9.36 -72.17
C LYS F 43 1.34 9.91 -70.98
N GLY F 44 1.96 9.82 -69.81
CA GLY F 44 1.35 10.30 -68.58
C GLY F 44 1.49 11.79 -68.41
N LEU F 45 0.99 12.27 -67.28
CA LEU F 45 1.01 13.70 -67.02
C LEU F 45 2.39 14.13 -66.51
N GLU F 46 2.57 15.44 -66.38
CA GLU F 46 3.84 16.04 -65.97
C GLU F 46 3.51 17.30 -65.18
N TRP F 47 4.48 18.21 -65.07
CA TRP F 47 4.27 19.46 -64.37
C TRP F 47 5.19 20.52 -64.98
N VAL F 48 4.71 21.77 -65.02
CA VAL F 48 5.48 22.84 -65.64
C VAL F 48 5.86 23.93 -64.64
N ALA F 49 4.85 24.61 -64.07
CA ALA F 49 5.12 25.74 -63.17
C ALA F 49 3.87 26.04 -62.35
N ASN F 50 4.04 26.98 -61.40
CA ASN F 50 2.97 27.56 -60.58
C ASN F 50 3.56 28.76 -59.86
N ILE F 51 2.74 29.78 -59.58
CA ILE F 51 3.38 30.96 -59.01
C ILE F 51 2.99 31.30 -57.57
N LYS F 52 1.79 31.84 -57.36
CA LYS F 52 1.38 32.49 -56.12
C LYS F 52 -0.03 33.02 -56.38
N GLN F 53 -0.70 33.59 -55.38
CA GLN F 53 -1.75 34.59 -55.60
C GLN F 53 -1.19 35.99 -55.84
N ASP F 54 0.11 36.09 -56.13
CA ASP F 54 0.88 37.29 -56.42
C ASP F 54 1.98 36.88 -57.39
N GLY F 55 3.02 37.67 -57.50
CA GLY F 55 4.20 37.20 -58.20
C GLY F 55 5.36 36.88 -57.30
N SER F 56 5.60 35.59 -57.03
CA SER F 56 6.71 35.11 -56.21
C SER F 56 6.87 33.61 -56.46
N GLU F 57 8.14 33.16 -56.42
CA GLU F 57 8.58 31.76 -56.56
C GLU F 57 7.91 31.02 -57.72
N THR F 58 8.32 31.43 -58.92
CA THR F 58 7.70 30.95 -60.16
C THR F 58 7.86 29.45 -60.38
N HIS F 59 8.90 28.82 -59.80
CA HIS F 59 8.94 27.37 -59.50
C HIS F 59 8.78 26.48 -60.74
N TYR F 60 9.81 26.46 -61.58
CA TYR F 60 9.77 25.63 -62.79
C TYR F 60 10.25 24.20 -62.48
N VAL F 61 10.48 23.39 -63.52
CA VAL F 61 10.59 21.94 -63.40
C VAL F 61 12.03 21.45 -63.61
N ASP F 62 12.98 22.36 -63.81
CA ASP F 62 14.43 22.11 -63.90
C ASP F 62 14.84 21.27 -65.10
N SER F 63 13.93 20.98 -66.03
CA SER F 63 14.28 20.58 -67.39
C SER F 63 13.80 21.60 -68.39
N VAL F 64 13.40 22.77 -67.90
CA VAL F 64 12.73 23.80 -68.68
C VAL F 64 13.30 25.20 -68.43
N LYS F 65 13.97 25.41 -67.28
CA LYS F 65 14.28 26.73 -66.75
C LYS F 65 15.15 27.56 -67.68
N GLY F 66 14.91 28.87 -67.68
CA GLY F 66 15.55 29.76 -68.62
C GLY F 66 14.86 29.89 -69.95
N ARG F 67 13.85 29.05 -70.21
CA ARG F 67 13.10 29.11 -71.46
C ARG F 67 11.64 29.45 -71.27
N PHE F 68 11.07 29.17 -70.11
CA PHE F 68 9.66 29.45 -69.86
C PHE F 68 9.55 30.58 -68.85
N THR F 69 8.40 31.23 -68.82
CA THR F 69 8.12 32.28 -67.84
C THR F 69 6.62 32.34 -67.59
N ILE F 70 6.21 32.17 -66.35
CA ILE F 70 4.80 32.17 -65.97
C ILE F 70 4.51 33.47 -65.22
N SER F 71 3.38 34.10 -65.54
CA SER F 71 2.97 35.32 -64.89
C SER F 71 1.45 35.36 -64.82
N ARG F 72 0.91 36.40 -64.19
CA ARG F 72 -0.52 36.49 -64.01
C ARG F 72 -0.96 37.94 -64.00
N ASP F 73 -2.28 38.15 -63.96
CA ASP F 73 -2.87 39.48 -63.88
C ASP F 73 -4.19 39.35 -63.13
N ASN F 74 -4.27 39.95 -61.95
CA ASN F 74 -5.45 39.83 -61.11
C ASN F 74 -6.58 40.74 -61.53
N ALA F 75 -6.25 41.89 -62.14
CA ALA F 75 -7.30 42.81 -62.57
C ALA F 75 -8.07 42.26 -63.76
N LYS F 76 -7.43 41.48 -64.61
CA LYS F 76 -8.05 40.92 -65.80
C LYS F 76 -8.48 39.47 -65.61
N ASN F 77 -8.22 38.89 -64.43
CA ASN F 77 -8.43 37.48 -64.11
C ASN F 77 -7.78 36.58 -65.15
N SER F 78 -6.46 36.74 -65.30
CA SER F 78 -5.77 36.07 -66.38
C SER F 78 -4.47 35.47 -65.89
N LEU F 79 -4.03 34.41 -66.56
CA LEU F 79 -2.79 33.73 -66.28
C LEU F 79 -2.07 33.45 -67.59
N TYR F 80 -0.78 33.74 -67.65
CA TYR F 80 -0.03 33.64 -68.89
C TYR F 80 1.19 32.76 -68.68
N LEU F 81 1.57 32.05 -69.73
CA LEU F 81 2.82 31.29 -69.74
C LEU F 81 3.48 31.50 -71.09
N GLN F 82 4.75 31.88 -71.09
CA GLN F 82 5.48 32.18 -72.31
C GLN F 82 6.62 31.21 -72.48
N MET F 83 6.78 30.68 -73.70
CA MET F 83 7.81 29.72 -74.02
C MET F 83 8.66 30.24 -75.16
N ASN F 84 9.98 30.22 -74.97
CA ASN F 84 10.94 30.58 -75.99
C ASN F 84 11.89 29.41 -76.20
N SER F 85 12.43 29.32 -77.41
CA SER F 85 13.37 28.28 -77.86
C SER F 85 12.81 26.88 -77.60
N LEU F 86 11.72 26.58 -78.31
CA LEU F 86 11.04 25.31 -78.14
C LEU F 86 11.87 24.16 -78.70
N ARG F 87 12.10 23.16 -77.87
CA ARG F 87 13.16 22.18 -78.06
C ARG F 87 12.72 20.95 -78.85
N ALA F 88 11.63 21.05 -79.61
CA ALA F 88 11.04 19.97 -80.41
C ALA F 88 10.62 18.75 -79.57
N ASP F 89 10.52 18.93 -78.26
CA ASP F 89 10.02 17.90 -77.36
C ASP F 89 8.95 18.45 -76.44
N ASP F 90 8.69 19.75 -76.51
CA ASP F 90 7.59 20.37 -75.78
C ASP F 90 6.33 20.40 -76.64
N THR F 91 6.00 19.25 -77.23
CA THR F 91 4.75 19.08 -77.97
C THR F 91 3.82 18.24 -77.12
N ALA F 92 2.72 18.84 -76.68
CA ALA F 92 1.91 18.25 -75.62
C ALA F 92 0.54 18.90 -75.62
N VAL F 93 -0.23 18.56 -74.60
CA VAL F 93 -1.47 19.24 -74.27
C VAL F 93 -1.26 19.92 -72.93
N TYR F 94 -1.48 21.22 -72.88
CA TYR F 94 -1.25 22.02 -71.68
C TYR F 94 -2.59 22.35 -71.03
N PHE F 95 -2.63 22.25 -69.71
CA PHE F 95 -3.82 22.44 -68.90
C PHE F 95 -3.56 23.53 -67.88
N CYS F 96 -4.52 24.46 -67.76
CA CYS F 96 -4.60 25.36 -66.61
C CYS F 96 -5.15 24.59 -65.43
N VAL F 97 -4.52 24.74 -64.27
CA VAL F 97 -4.93 24.03 -63.07
C VAL F 97 -5.14 25.04 -61.95
N LYS F 98 -6.26 24.91 -61.25
CA LYS F 98 -6.53 25.63 -60.01
C LYS F 98 -5.81 24.89 -58.87
N ASP F 99 -6.10 25.23 -57.61
CA ASP F 99 -5.34 24.60 -56.53
C ASP F 99 -6.19 24.14 -55.36
N ARG F 100 -7.50 23.97 -55.52
CA ARG F 100 -8.38 23.19 -54.67
C ARG F 100 -8.64 23.81 -53.29
N THR F 101 -7.88 24.82 -52.89
CA THR F 101 -7.98 25.30 -51.53
C THR F 101 -7.55 26.76 -51.47
N ASP F 102 -7.80 27.37 -50.32
CA ASP F 102 -7.70 28.80 -50.15
C ASP F 102 -6.45 29.22 -49.38
N TRP F 103 -5.93 28.37 -48.49
CA TRP F 103 -4.83 28.76 -47.63
C TRP F 103 -3.64 27.85 -47.90
N GLU F 104 -2.46 28.36 -47.53
CA GLU F 104 -1.20 27.88 -48.08
C GLU F 104 -0.80 26.51 -47.56
N LEU F 105 -1.31 26.08 -46.41
CA LEU F 105 -0.85 24.82 -45.83
C LEU F 105 -1.33 23.60 -46.59
N ILE F 106 -2.55 23.64 -47.13
CA ILE F 106 -3.11 22.49 -47.84
C ILE F 106 -3.02 22.69 -49.35
N ARG F 107 -2.16 23.60 -49.80
CA ARG F 107 -1.99 23.77 -51.23
C ARG F 107 -1.16 22.62 -51.79
N GLY F 108 -1.19 22.48 -53.11
CA GLY F 108 -0.45 21.45 -53.80
C GLY F 108 -1.30 20.44 -54.53
N TYR F 109 -2.61 20.46 -54.34
CA TYR F 109 -3.50 19.50 -54.96
C TYR F 109 -4.14 20.12 -56.20
N PHE F 110 -4.18 19.36 -57.27
CA PHE F 110 -4.60 19.86 -58.57
C PHE F 110 -6.11 19.73 -58.72
N GLY F 111 -6.82 20.55 -57.94
CA GLY F 111 -8.26 20.56 -57.98
C GLY F 111 -8.75 21.44 -59.12
N HIS F 112 -9.79 20.95 -59.80
CA HIS F 112 -10.53 21.67 -60.85
C HIS F 112 -9.63 22.12 -62.01
N TRP F 113 -9.20 21.11 -62.77
CA TRP F 113 -8.49 21.31 -64.02
C TRP F 113 -9.37 22.00 -65.05
N GLY F 114 -8.75 22.45 -66.14
CA GLY F 114 -9.46 22.95 -67.29
C GLY F 114 -9.24 22.00 -68.47
N GLN F 115 -9.92 22.30 -69.58
CA GLN F 115 -9.66 21.54 -70.80
C GLN F 115 -8.43 22.12 -71.48
N GLY F 116 -7.61 21.24 -72.05
CA GLY F 116 -6.28 21.59 -72.48
C GLY F 116 -6.20 22.05 -73.93
N THR F 117 -5.14 22.79 -74.22
CA THR F 117 -4.83 23.20 -75.57
C THR F 117 -3.60 22.46 -76.08
N GLN F 118 -3.48 22.32 -77.39
CA GLN F 118 -2.44 21.48 -77.96
C GLN F 118 -1.34 22.33 -78.57
N ILE F 119 -0.10 21.88 -78.42
CA ILE F 119 1.07 22.55 -78.97
C ILE F 119 1.95 21.53 -79.65
N THR F 120 2.19 21.72 -80.95
CA THR F 120 3.08 20.87 -81.72
C THR F 120 4.23 21.72 -82.24
N VAL F 121 5.45 21.19 -82.15
CA VAL F 121 6.64 21.87 -82.62
C VAL F 121 7.31 20.99 -83.66
N SER F 122 7.41 21.50 -84.88
CA SER F 122 7.87 20.72 -86.01
C SER F 122 8.26 21.65 -87.14
N SER F 123 8.66 21.06 -88.26
CA SER F 123 9.04 21.81 -89.46
C SER F 123 8.64 21.05 -90.72
N ASP G 1 12.11 13.24 -58.59
CA ASP G 1 12.99 12.59 -57.63
C ASP G 1 12.35 11.36 -57.02
N ILE G 2 11.08 11.45 -56.65
CA ILE G 2 10.34 10.28 -56.18
C ILE G 2 9.74 9.58 -57.39
N VAL G 3 10.02 8.28 -57.52
CA VAL G 3 9.52 7.49 -58.64
C VAL G 3 8.24 6.82 -58.14
N MET G 4 7.10 7.44 -58.42
CA MET G 4 5.82 6.81 -58.14
C MET G 4 5.54 5.72 -59.16
N THR G 5 5.01 4.59 -58.69
CA THR G 5 4.79 3.44 -59.53
C THR G 5 3.43 2.84 -59.26
N GLN G 6 2.67 2.61 -60.32
CA GLN G 6 1.38 1.92 -60.24
C GLN G 6 1.60 0.47 -60.66
N THR G 7 1.49 -0.44 -59.69
CA THR G 7 1.95 -1.81 -59.90
C THR G 7 1.11 -2.68 -60.86
N PRO G 8 -0.21 -2.50 -61.03
CA PRO G 8 -0.82 -3.09 -62.23
C PRO G 8 -0.95 -2.07 -63.35
N SER G 9 -0.75 -2.53 -64.58
CA SER G 9 -0.79 -1.63 -65.71
C SER G 9 -2.15 -1.56 -66.38
N SER G 10 -2.92 -2.65 -66.35
CA SER G 10 -4.24 -2.67 -66.96
C SER G 10 -5.06 -3.75 -66.29
N LEU G 11 -6.32 -3.44 -65.99
CA LEU G 11 -7.24 -4.38 -65.37
C LEU G 11 -8.43 -4.60 -66.29
N SER G 12 -8.63 -5.84 -66.71
CA SER G 12 -9.81 -6.20 -67.48
C SER G 12 -10.89 -6.63 -66.52
N LEU G 13 -12.05 -5.97 -66.60
CA LEU G 13 -13.13 -6.21 -65.65
C LEU G 13 -14.47 -6.17 -66.37
N SER G 14 -15.53 -6.35 -65.61
CA SER G 14 -16.92 -6.34 -66.03
C SER G 14 -17.66 -5.25 -65.28
N PRO G 15 -18.64 -4.57 -65.92
CA PRO G 15 -19.33 -3.48 -65.24
C PRO G 15 -20.21 -3.93 -64.10
N GLY G 16 -19.79 -3.60 -62.87
CA GLY G 16 -20.57 -3.94 -61.70
C GLY G 16 -19.74 -4.42 -60.52
N ASP G 17 -18.60 -5.02 -60.79
CA ASP G 17 -17.72 -5.52 -59.73
C ASP G 17 -16.86 -4.40 -59.17
N ARG G 18 -15.99 -4.75 -58.23
CA ARG G 18 -15.09 -3.78 -57.61
C ARG G 18 -13.80 -3.61 -58.42
N ALA G 19 -13.00 -2.63 -58.04
CA ALA G 19 -11.74 -2.36 -58.73
C ALA G 19 -10.68 -1.84 -57.76
N THR G 20 -9.57 -2.56 -57.68
CA THR G 20 -8.47 -2.17 -56.79
C THR G 20 -7.26 -1.69 -57.58
N LEU G 21 -6.73 -0.53 -57.18
CA LEU G 21 -5.57 0.04 -57.85
C LEU G 21 -4.53 0.38 -56.79
N SER G 22 -3.28 0.02 -57.04
CA SER G 22 -2.23 0.23 -56.07
C SER G 22 -1.16 1.16 -56.62
N CYS G 23 -0.74 2.10 -55.78
CA CYS G 23 0.33 3.04 -56.09
C CYS G 23 1.41 2.91 -55.04
N ARG G 24 2.65 2.74 -55.47
CA ARG G 24 3.77 2.57 -54.57
C ARG G 24 4.82 3.64 -54.80
N ALA G 25 5.22 4.28 -53.71
CA ALA G 25 6.23 5.33 -53.77
C ALA G 25 7.63 4.75 -53.63
N SER G 26 8.62 5.55 -53.98
CA SER G 26 10.03 5.19 -53.81
C SER G 26 10.64 5.79 -52.56
N GLU G 27 9.85 6.50 -51.75
CA GLU G 27 10.33 7.15 -50.55
C GLU G 27 9.13 7.33 -49.64
N ASN G 28 9.37 7.44 -48.34
CA ASN G 28 8.27 7.55 -47.38
C ASN G 28 7.63 8.93 -47.48
N ILE G 29 6.52 8.99 -48.19
CA ILE G 29 5.57 10.07 -48.02
C ILE G 29 4.52 9.59 -47.04
N ILE G 30 3.80 10.50 -46.41
CA ILE G 30 2.82 10.13 -45.40
C ILE G 30 1.53 10.90 -45.67
N ASN G 31 0.47 10.19 -46.06
CA ASN G 31 -0.92 10.66 -46.21
C ASN G 31 -1.09 11.63 -47.38
N TYR G 32 -0.02 12.07 -48.04
CA TYR G 32 -0.10 13.12 -49.05
C TYR G 32 -0.09 12.46 -50.43
N LEU G 33 -1.26 12.02 -50.88
CA LEU G 33 -1.40 11.41 -52.18
C LEU G 33 -2.82 11.63 -52.68
N ALA G 34 -2.95 11.88 -53.97
CA ALA G 34 -4.23 12.16 -54.60
C ALA G 34 -4.41 11.28 -55.82
N TRP G 35 -5.67 11.02 -56.16
CA TRP G 35 -6.03 10.16 -57.28
C TRP G 35 -6.87 10.95 -58.27
N TYR G 36 -6.46 10.95 -59.54
CA TYR G 36 -7.16 11.64 -60.61
C TYR G 36 -7.67 10.64 -61.64
N GLN G 37 -8.78 10.99 -62.29
CA GLN G 37 -9.43 10.13 -63.27
C GLN G 37 -9.45 10.81 -64.63
N GLN G 38 -8.50 10.47 -65.48
CA GLN G 38 -8.44 10.91 -66.87
C GLN G 38 -9.48 10.12 -67.65
N ARG G 39 -10.64 10.73 -67.90
CA ARG G 39 -11.68 10.11 -68.70
C ARG G 39 -11.25 10.08 -70.17
N PRO G 40 -11.85 9.20 -70.98
CA PRO G 40 -11.55 9.24 -72.43
C PRO G 40 -12.12 10.47 -73.11
N GLY G 41 -11.24 11.37 -73.53
CA GLY G 41 -11.67 12.57 -74.23
C GLY G 41 -12.19 13.67 -73.34
N GLN G 42 -11.75 13.74 -72.08
CA GLN G 42 -12.19 14.78 -71.16
C GLN G 42 -10.99 15.24 -70.34
N SER G 43 -11.19 16.31 -69.59
CA SER G 43 -10.17 16.79 -68.69
C SER G 43 -10.13 15.90 -67.44
N PRO G 44 -8.98 15.80 -66.78
CA PRO G 44 -8.90 15.00 -65.56
C PRO G 44 -9.69 15.62 -64.42
N ARG G 45 -9.97 14.80 -63.42
CA ARG G 45 -10.83 15.19 -62.32
C ARG G 45 -10.28 14.61 -61.03
N LEU G 46 -10.18 15.43 -60.00
CA LEU G 46 -9.68 14.98 -58.71
C LEU G 46 -10.72 14.10 -58.03
N LEU G 47 -10.38 12.82 -57.83
CA LEU G 47 -11.28 11.94 -57.10
C LEU G 47 -11.11 12.13 -55.60
N ILE G 48 -9.92 11.81 -55.08
CA ILE G 48 -9.65 11.93 -53.66
C ILE G 48 -8.32 12.64 -53.46
N TYR G 49 -8.33 13.54 -52.49
CA TYR G 49 -7.18 14.32 -52.10
C TYR G 49 -6.87 14.00 -50.65
N ASP G 50 -5.59 13.86 -50.31
CA ASP G 50 -5.20 13.57 -48.95
C ASP G 50 -5.41 12.13 -48.51
N ALA G 51 -5.30 11.21 -49.47
CA ALA G 51 -5.45 9.78 -49.18
C ALA G 51 -6.86 9.21 -49.17
N SER G 52 -7.51 9.22 -48.00
CA SER G 52 -8.85 8.65 -47.90
C SER G 52 -9.99 9.66 -47.99
N ASN G 53 -9.71 10.95 -48.16
CA ASN G 53 -10.75 11.97 -48.13
C ASN G 53 -11.25 12.26 -49.54
N ARG G 54 -12.57 12.25 -49.72
CA ARG G 54 -13.17 12.50 -51.01
C ARG G 54 -13.33 13.99 -51.27
N ALA G 55 -13.35 14.35 -52.55
CA ALA G 55 -13.59 15.71 -52.97
C ALA G 55 -15.08 15.95 -53.13
N THR G 56 -15.45 17.22 -53.27
CA THR G 56 -16.85 17.62 -53.36
C THR G 56 -17.40 17.28 -54.73
N GLY G 57 -18.57 16.62 -54.75
CA GLY G 57 -19.18 16.20 -55.99
C GLY G 57 -18.83 14.81 -56.44
N ILE G 58 -18.00 14.10 -55.69
CA ILE G 58 -17.57 12.75 -56.02
C ILE G 58 -18.50 11.77 -55.32
N PRO G 59 -19.08 10.79 -56.03
CA PRO G 59 -19.98 9.85 -55.38
C PRO G 59 -19.23 8.89 -54.47
N ALA G 60 -19.99 8.16 -53.66
CA ALA G 60 -19.44 7.36 -52.58
C ALA G 60 -18.86 6.03 -53.03
N ARG G 61 -18.81 5.76 -54.34
CA ARG G 61 -18.26 4.50 -54.80
C ARG G 61 -16.74 4.45 -54.68
N PHE G 62 -16.09 5.60 -54.63
CA PHE G 62 -14.62 5.68 -54.58
C PHE G 62 -14.16 5.76 -53.14
N SER G 63 -13.17 4.96 -52.79
CA SER G 63 -12.58 5.00 -51.45
C SER G 63 -11.08 4.86 -51.58
N GLY G 64 -10.37 5.35 -50.55
CA GLY G 64 -8.92 5.29 -50.54
C GLY G 64 -8.36 5.26 -49.13
N SER G 65 -7.03 5.23 -49.03
CA SER G 65 -6.36 5.21 -47.74
C SER G 65 -4.84 5.15 -47.91
N GLY G 66 -4.17 4.57 -46.92
CA GLY G 66 -2.73 4.45 -46.95
C GLY G 66 -2.04 5.40 -45.99
N SER G 67 -0.71 5.29 -45.91
CA SER G 67 0.06 6.15 -45.02
C SER G 67 1.51 5.66 -44.92
N GLY G 68 2.23 5.72 -46.03
CA GLY G 68 3.61 5.29 -46.06
C GLY G 68 4.13 5.10 -47.47
N THR G 69 4.17 3.85 -47.93
CA THR G 69 4.66 3.55 -49.27
C THR G 69 3.56 2.97 -50.15
N ASP G 70 2.69 2.13 -49.60
CA ASP G 70 1.64 1.48 -50.36
C ASP G 70 0.33 2.27 -50.20
N PHE G 71 -0.32 2.55 -51.32
CA PHE G 71 -1.61 3.24 -51.33
C PHE G 71 -2.54 2.52 -52.28
N THR G 72 -3.84 2.60 -52.01
CA THR G 72 -4.82 1.83 -52.76
C THR G 72 -6.10 2.63 -52.95
N LEU G 73 -6.57 2.67 -54.18
CA LEU G 73 -7.88 3.21 -54.52
C LEU G 73 -8.82 2.06 -54.83
N THR G 74 -10.06 2.16 -54.38
CA THR G 74 -11.04 1.09 -54.51
C THR G 74 -12.34 1.65 -55.06
N ILE G 75 -12.81 1.05 -56.16
CA ILE G 75 -14.10 1.39 -56.75
C ILE G 75 -15.04 0.23 -56.47
N SER G 76 -16.19 0.53 -55.87
CA SER G 76 -17.09 -0.52 -55.40
C SER G 76 -17.79 -1.20 -56.57
N SER G 77 -18.43 -0.43 -57.44
CA SER G 77 -19.14 -0.98 -58.59
C SER G 77 -18.85 -0.11 -59.80
N LEU G 78 -18.34 -0.72 -60.86
CA LEU G 78 -17.96 0.03 -62.05
C LEU G 78 -19.20 0.47 -62.82
N GLU G 79 -19.50 1.75 -62.77
CA GLU G 79 -20.41 2.37 -63.71
C GLU G 79 -19.73 2.45 -65.07
N PRO G 80 -20.49 2.52 -66.17
CA PRO G 80 -19.87 2.55 -67.50
C PRO G 80 -19.05 3.80 -67.81
N GLU G 81 -19.10 4.83 -66.99
CA GLU G 81 -18.20 5.97 -67.15
C GLU G 81 -16.87 5.78 -66.43
N ASP G 82 -16.74 4.77 -65.58
CA ASP G 82 -15.55 4.62 -64.75
C ASP G 82 -14.40 3.95 -65.47
N PHE G 83 -14.60 3.47 -66.68
CA PHE G 83 -13.51 2.89 -67.46
C PHE G 83 -12.67 4.03 -68.00
N ALA G 84 -11.56 4.31 -67.32
CA ALA G 84 -10.75 5.48 -67.62
C ALA G 84 -9.32 5.19 -67.19
N VAL G 85 -8.49 6.23 -67.12
CA VAL G 85 -7.12 6.12 -66.67
C VAL G 85 -7.01 6.79 -65.30
N TYR G 86 -6.19 6.23 -64.42
CA TYR G 86 -6.11 6.72 -63.04
C TYR G 86 -4.67 7.04 -62.70
N TYR G 87 -4.45 8.23 -62.12
CA TYR G 87 -3.12 8.70 -61.80
C TYR G 87 -3.01 9.00 -60.31
N CYS G 88 -1.89 8.63 -59.71
CA CYS G 88 -1.59 9.01 -58.34
C CYS G 88 -0.51 10.08 -58.32
N GLN G 89 -0.64 11.01 -57.37
CA GLN G 89 0.24 12.17 -57.32
C GLN G 89 0.53 12.54 -55.88
N GLN G 90 1.80 12.77 -55.58
CA GLN G 90 2.23 13.24 -54.27
C GLN G 90 2.47 14.74 -54.30
N ARG G 91 2.37 15.38 -53.14
CA ARG G 91 2.58 16.82 -53.07
C ARG G 91 3.52 17.24 -51.93
N ILE G 92 4.16 16.30 -51.25
CA ILE G 92 4.96 16.67 -50.09
C ILE G 92 6.39 17.04 -50.48
N ILE G 93 6.93 16.49 -51.57
CA ILE G 93 8.30 16.74 -51.96
C ILE G 93 8.27 17.38 -53.34
N TRP G 94 8.59 18.67 -53.40
CA TRP G 94 8.58 19.45 -54.62
C TRP G 94 9.79 20.36 -54.60
N PRO G 95 10.26 20.84 -55.76
CA PRO G 95 9.94 20.50 -57.15
C PRO G 95 10.71 19.26 -57.61
N PRO G 96 10.14 18.49 -58.54
CA PRO G 96 8.82 18.64 -59.16
C PRO G 96 7.75 17.81 -58.49
N TYR G 97 6.50 18.06 -58.84
CA TYR G 97 5.39 17.21 -58.41
C TYR G 97 5.29 16.04 -59.36
N THR G 98 5.50 14.83 -58.85
CA THR G 98 5.57 13.64 -59.69
C THR G 98 4.21 12.93 -59.73
N PHE G 99 3.86 12.46 -60.92
CA PHE G 99 2.64 11.70 -61.14
C PHE G 99 2.97 10.22 -61.17
N GLY G 100 1.93 9.39 -61.31
CA GLY G 100 2.12 7.97 -61.48
C GLY G 100 2.44 7.63 -62.92
N GLN G 101 1.80 6.58 -63.44
CA GLN G 101 1.95 6.23 -64.85
C GLN G 101 0.65 5.91 -65.55
N GLY G 102 -0.41 5.55 -64.84
CA GLY G 102 -1.68 5.27 -65.48
C GLY G 102 -2.05 3.79 -65.33
N THR G 103 -3.33 3.54 -65.10
CA THR G 103 -3.87 2.19 -64.97
C THR G 103 -5.19 2.17 -65.74
N LYS G 104 -5.13 1.80 -67.01
CA LYS G 104 -6.31 1.84 -67.88
C LYS G 104 -7.22 0.67 -67.56
N VAL G 105 -8.34 0.96 -66.90
CA VAL G 105 -9.35 -0.05 -66.59
C VAL G 105 -10.30 -0.13 -67.78
N ASP G 106 -10.41 -1.32 -68.37
CA ASP G 106 -11.26 -1.50 -69.55
C ASP G 106 -12.24 -2.64 -69.32
N ILE G 107 -13.14 -2.77 -70.27
CA ILE G 107 -14.27 -3.70 -70.20
C ILE G 107 -13.89 -5.03 -70.83
N LYS G 108 -14.26 -6.13 -70.16
CA LYS G 108 -14.04 -7.46 -70.71
C LYS G 108 -15.09 -8.44 -70.18
N GLU H 1 7.43 -41.73 -56.95
CA GLU H 1 7.89 -40.41 -57.35
C GLU H 1 6.84 -39.72 -58.21
N VAL H 2 6.96 -38.41 -58.32
CA VAL H 2 6.07 -37.61 -59.15
C VAL H 2 6.70 -37.47 -60.53
N GLN H 3 5.91 -37.71 -61.57
CA GLN H 3 6.37 -37.53 -62.94
C GLN H 3 5.45 -36.57 -63.67
N LEU H 4 6.04 -35.71 -64.49
CA LEU H 4 5.30 -34.70 -65.26
C LEU H 4 5.82 -34.71 -66.68
N VAL H 5 5.23 -35.53 -67.53
CA VAL H 5 5.68 -35.63 -68.91
C VAL H 5 4.92 -34.59 -69.71
N GLU H 6 5.53 -34.05 -70.76
CA GLU H 6 4.83 -33.06 -71.55
C GLU H 6 5.30 -33.12 -73.00
N SER H 7 4.49 -32.59 -73.90
CA SER H 7 4.77 -32.67 -75.33
C SER H 7 4.00 -31.58 -76.05
N GLY H 8 4.37 -31.36 -77.31
CA GLY H 8 3.66 -30.46 -78.19
C GLY H 8 4.51 -29.38 -78.82
N GLY H 9 5.69 -29.11 -78.27
CA GLY H 9 6.49 -28.01 -78.78
C GLY H 9 7.20 -28.34 -80.07
N GLY H 10 7.51 -27.29 -80.83
CA GLY H 10 8.17 -27.48 -82.10
C GLY H 10 8.53 -26.19 -82.81
N LEU H 11 8.41 -26.18 -84.13
CA LEU H 11 8.77 -25.03 -84.95
C LEU H 11 7.55 -24.59 -85.74
N VAL H 12 7.21 -23.31 -85.63
CA VAL H 12 6.10 -22.70 -86.36
C VAL H 12 6.51 -21.31 -86.82
N GLN H 13 5.75 -20.78 -87.74
CA GLN H 13 5.92 -19.48 -88.35
C GLN H 13 5.32 -18.40 -87.45
N PRO H 14 5.83 -17.15 -87.54
CA PRO H 14 5.21 -16.05 -86.77
C PRO H 14 3.78 -15.77 -87.22
N GLY H 15 2.84 -16.03 -86.32
CA GLY H 15 1.43 -16.07 -86.65
C GLY H 15 0.82 -17.44 -86.62
N GLY H 16 1.55 -18.45 -86.14
CA GLY H 16 1.07 -19.81 -86.11
C GLY H 16 0.24 -20.11 -84.88
N THR H 17 0.12 -21.39 -84.58
CA THR H 17 -0.75 -21.85 -83.50
C THR H 17 -0.20 -23.16 -82.96
N LEU H 18 0.04 -23.20 -81.65
CA LEU H 18 0.52 -24.42 -81.00
C LEU H 18 -0.37 -24.78 -79.83
N ARG H 19 -0.25 -26.03 -79.39
CA ARG H 19 -1.01 -26.53 -78.25
C ARG H 19 -0.15 -27.56 -77.53
N LEU H 20 0.25 -27.24 -76.30
CA LEU H 20 1.08 -28.12 -75.50
C LEU H 20 0.21 -28.92 -74.54
N SER H 21 0.52 -30.21 -74.42
CA SER H 21 -0.16 -31.12 -73.53
C SER H 21 0.82 -31.58 -72.46
N CYS H 22 0.27 -31.97 -71.30
CA CYS H 22 1.09 -32.29 -70.15
C CYS H 22 0.37 -33.32 -69.30
N VAL H 23 0.98 -34.47 -69.07
CA VAL H 23 0.37 -35.57 -68.35
C VAL H 23 1.10 -35.76 -67.03
N ALA H 24 0.34 -36.00 -65.97
CA ALA H 24 0.85 -36.14 -64.62
C ALA H 24 0.44 -37.48 -64.05
N SER H 25 1.38 -38.16 -63.39
CA SER H 25 1.14 -39.51 -62.90
C SER H 25 1.33 -39.67 -61.40
N GLY H 26 2.44 -39.17 -60.85
CA GLY H 26 2.90 -39.53 -59.52
C GLY H 26 2.02 -39.15 -58.35
N PHE H 27 1.64 -37.89 -58.28
CA PHE H 27 0.77 -37.40 -57.23
C PHE H 27 -0.65 -37.75 -57.61
N SER H 28 -1.61 -36.95 -57.14
CA SER H 28 -3.00 -37.17 -57.47
C SER H 28 -3.53 -35.89 -58.10
N PHE H 29 -3.68 -35.90 -59.43
CA PHE H 29 -4.15 -34.73 -60.16
C PHE H 29 -5.33 -34.06 -59.47
N SER H 30 -5.56 -32.80 -59.81
CA SER H 30 -6.64 -32.02 -59.21
C SER H 30 -6.16 -31.59 -57.83
N ASN H 31 -6.80 -30.58 -57.27
CA ASN H 31 -6.41 -30.08 -55.96
C ASN H 31 -5.13 -29.28 -56.07
N TYR H 32 -4.33 -29.60 -57.09
CA TYR H 32 -3.07 -28.91 -57.30
C TYR H 32 -3.18 -27.82 -58.36
N TRP H 33 -2.65 -26.65 -58.04
CA TRP H 33 -2.68 -25.51 -58.95
C TRP H 33 -1.55 -25.64 -59.97
N MET H 34 -1.83 -26.27 -61.09
CA MET H 34 -0.81 -26.45 -62.12
C MET H 34 -0.53 -25.14 -62.82
N SER H 35 0.69 -25.00 -63.33
CA SER H 35 1.13 -23.72 -63.89
C SER H 35 1.96 -23.99 -65.15
N TRP H 36 2.53 -22.92 -65.71
CA TRP H 36 3.39 -22.99 -66.88
C TRP H 36 4.44 -21.90 -66.77
N VAL H 37 5.71 -22.24 -66.94
CA VAL H 37 6.79 -21.28 -66.77
C VAL H 37 7.73 -21.38 -67.96
N ARG H 38 8.02 -20.25 -68.61
CA ARG H 38 8.94 -20.24 -69.74
C ARG H 38 10.32 -19.77 -69.29
N GLN H 39 11.30 -20.05 -70.13
CA GLN H 39 12.67 -19.54 -69.94
C GLN H 39 13.27 -19.28 -71.31
N ALA H 40 13.62 -18.02 -71.57
CA ALA H 40 14.23 -17.66 -72.84
C ALA H 40 15.63 -18.26 -72.93
N PRO H 41 16.11 -18.57 -74.14
CA PRO H 41 17.45 -19.17 -74.27
C PRO H 41 18.54 -18.17 -73.93
N GLY H 42 19.23 -18.43 -72.82
CA GLY H 42 20.26 -17.52 -72.34
C GLY H 42 19.76 -16.43 -71.43
N LYS H 43 18.61 -16.61 -70.78
CA LYS H 43 18.07 -15.61 -69.88
C LYS H 43 17.46 -16.31 -68.68
N GLY H 44 16.90 -15.52 -67.76
CA GLY H 44 16.30 -16.05 -66.56
C GLY H 44 14.90 -16.58 -66.80
N LEU H 45 14.27 -17.02 -65.72
CA LEU H 45 12.95 -17.61 -65.81
C LEU H 45 11.88 -16.52 -65.87
N GLU H 46 10.64 -16.94 -66.12
CA GLU H 46 9.52 -16.03 -66.27
C GLU H 46 8.29 -16.75 -65.75
N TRP H 47 7.10 -16.30 -66.16
CA TRP H 47 5.86 -16.93 -65.74
C TRP H 47 4.82 -16.72 -66.83
N VAL H 48 3.93 -17.71 -67.01
CA VAL H 48 2.95 -17.65 -68.08
C VAL H 48 1.53 -17.64 -67.53
N ALA H 49 1.12 -18.72 -66.85
CA ALA H 49 -0.26 -18.84 -66.38
C ALA H 49 -0.34 -19.92 -65.30
N ASN H 50 -1.53 -20.04 -64.70
CA ASN H 50 -1.91 -21.08 -63.75
C ASN H 50 -3.42 -20.99 -63.55
N ILE H 51 -4.08 -22.11 -63.28
CA ILE H 51 -5.54 -22.00 -63.23
C ILE H 51 -6.17 -22.23 -61.87
N LYS H 52 -6.26 -23.50 -61.42
CA LYS H 52 -7.09 -23.93 -60.30
C LYS H 52 -6.92 -25.44 -60.23
N GLN H 53 -7.51 -26.11 -59.24
CA GLN H 53 -7.89 -27.52 -59.34
C GLN H 53 -9.23 -27.71 -60.08
N ASP H 54 -9.69 -26.68 -60.76
CA ASP H 54 -10.91 -26.61 -61.55
C ASP H 54 -10.64 -25.63 -62.70
N GLY H 55 -11.68 -25.10 -63.30
CA GLY H 55 -11.48 -23.99 -64.22
C GLY H 55 -11.95 -22.67 -63.66
N SER H 56 -11.03 -21.83 -63.18
CA SER H 56 -11.32 -20.49 -62.67
C SER H 56 -10.03 -19.70 -62.59
N GLU H 57 -10.12 -18.39 -62.84
CA GLU H 57 -9.04 -17.38 -62.78
C GLU H 57 -7.75 -17.85 -63.46
N THR H 58 -7.83 -17.89 -64.80
CA THR H 58 -6.77 -18.43 -65.64
C THR H 58 -5.45 -17.65 -65.53
N HIS H 59 -5.50 -16.35 -65.18
CA HIS H 59 -4.39 -15.61 -64.57
C HIS H 59 -3.13 -15.56 -65.45
N TYR H 60 -3.21 -14.80 -66.54
CA TYR H 60 -2.07 -14.67 -67.44
C TYR H 60 -1.13 -13.55 -66.98
N VAL H 61 -0.17 -13.17 -67.82
CA VAL H 61 1.00 -12.38 -67.40
C VAL H 61 0.95 -10.95 -67.92
N ASP H 62 -0.12 -10.56 -68.62
CA ASP H 62 -0.42 -9.20 -69.10
C ASP H 62 0.57 -8.67 -70.14
N SER H 63 1.48 -9.50 -70.64
CA SER H 63 2.17 -9.25 -71.90
C SER H 63 1.82 -10.32 -72.91
N VAL H 64 0.79 -11.11 -72.61
CA VAL H 64 0.43 -12.30 -73.36
C VAL H 64 -1.06 -12.40 -73.64
N LYS H 65 -1.90 -11.71 -72.84
CA LYS H 65 -3.34 -11.95 -72.76
C LYS H 65 -4.06 -11.73 -74.08
N GLY H 66 -5.08 -12.54 -74.32
CA GLY H 66 -5.78 -12.56 -75.58
C GLY H 66 -5.16 -13.46 -76.63
N ARG H 67 -3.97 -14.00 -76.36
CA ARG H 67 -3.30 -14.90 -77.29
C ARG H 67 -3.10 -16.30 -76.75
N PHE H 68 -3.06 -16.47 -75.43
CA PHE H 68 -2.84 -17.77 -74.81
C PHE H 68 -4.13 -18.20 -74.12
N THR H 69 -4.26 -19.50 -73.89
CA THR H 69 -5.39 -20.04 -73.15
C THR H 69 -4.97 -21.33 -72.47
N ILE H 70 -5.10 -21.39 -71.15
CA ILE H 70 -4.69 -22.56 -70.37
C ILE H 70 -5.95 -23.26 -69.90
N SER H 71 -5.95 -24.60 -69.99
CA SER H 71 -7.07 -25.40 -69.54
C SER H 71 -6.56 -26.73 -69.01
N ARG H 72 -7.47 -27.56 -68.52
CA ARG H 72 -7.06 -28.82 -67.92
C ARG H 72 -8.15 -29.85 -68.11
N ASP H 73 -7.85 -31.09 -67.71
CA ASP H 73 -8.79 -32.20 -67.77
C ASP H 73 -8.44 -33.15 -66.64
N ASN H 74 -9.34 -33.29 -65.67
CA ASN H 74 -9.07 -34.12 -64.49
C ASN H 74 -9.30 -35.60 -64.74
N ALA H 75 -10.18 -35.95 -65.68
CA ALA H 75 -10.42 -37.35 -65.97
C ALA H 75 -9.25 -37.99 -66.68
N LYS H 76 -8.54 -37.22 -67.50
CA LYS H 76 -7.41 -37.71 -68.25
C LYS H 76 -6.07 -37.41 -67.60
N ASN H 77 -6.08 -36.69 -66.47
CA ASN H 77 -4.89 -36.18 -65.78
C ASN H 77 -4.00 -35.38 -66.73
N SER H 78 -4.58 -34.34 -67.31
CA SER H 78 -3.89 -33.62 -68.37
C SER H 78 -4.05 -32.12 -68.18
N LEU H 79 -3.07 -31.38 -68.69
CA LEU H 79 -3.06 -29.93 -68.65
C LEU H 79 -2.62 -29.42 -70.01
N TYR H 80 -3.35 -28.44 -70.54
CA TYR H 80 -3.12 -27.95 -71.90
C TYR H 80 -2.90 -26.45 -71.88
N LEU H 81 -2.06 -25.99 -72.80
CA LEU H 81 -1.88 -24.55 -73.02
C LEU H 81 -1.83 -24.30 -74.51
N GLN H 82 -2.64 -23.38 -74.99
CA GLN H 82 -2.76 -23.11 -76.42
C GLN H 82 -2.30 -21.69 -76.71
N MET H 83 -1.48 -21.54 -77.75
CA MET H 83 -0.93 -20.25 -78.15
C MET H 83 -1.30 -19.95 -79.59
N ASN H 84 -1.86 -18.76 -79.81
CA ASN H 84 -2.17 -18.26 -81.13
C ASN H 84 -1.46 -16.93 -81.34
N SER H 85 -1.16 -16.64 -82.62
CA SER H 85 -0.46 -15.43 -83.08
C SER H 85 0.86 -15.23 -82.33
N LEU H 86 1.77 -16.17 -82.57
CA LEU H 86 3.06 -16.16 -81.90
C LEU H 86 3.92 -15.02 -82.41
N ARG H 87 4.41 -14.20 -81.48
CA ARG H 87 4.91 -12.86 -81.75
C ARG H 87 6.41 -12.83 -82.05
N ALA H 88 7.01 -13.96 -82.44
CA ALA H 88 8.43 -14.12 -82.74
C ALA H 88 9.34 -13.79 -81.56
N ASP H 89 8.79 -13.71 -80.35
CA ASP H 89 9.54 -13.52 -79.12
C ASP H 89 9.15 -14.54 -78.08
N ASP H 90 8.15 -15.38 -78.36
CA ASP H 90 7.79 -16.49 -77.50
C ASP H 90 8.54 -17.76 -77.90
N THR H 91 9.85 -17.64 -78.07
CA THR H 91 10.72 -18.76 -78.32
C THR H 91 11.50 -19.05 -77.04
N ALA H 92 11.25 -20.20 -76.45
CA ALA H 92 11.69 -20.44 -75.08
C ALA H 92 11.67 -21.94 -74.81
N VAL H 93 11.89 -22.27 -73.54
CA VAL H 93 11.66 -23.60 -73.02
C VAL H 93 10.53 -23.50 -72.00
N TYR H 94 9.48 -24.27 -72.20
CA TYR H 94 8.29 -24.23 -71.36
C TYR H 94 8.28 -25.42 -70.42
N PHE H 95 7.93 -25.17 -69.17
CA PHE H 95 7.93 -26.16 -68.10
C PHE H 95 6.55 -26.25 -67.49
N CYS H 96 6.07 -27.47 -67.30
CA CYS H 96 4.94 -27.75 -66.43
C CYS H 96 5.39 -27.68 -64.98
N VAL H 97 4.62 -26.98 -64.15
CA VAL H 97 4.97 -26.81 -62.75
C VAL H 97 3.80 -27.25 -61.90
N LYS H 98 4.09 -28.04 -60.86
CA LYS H 98 3.13 -28.38 -59.80
C LYS H 98 3.10 -27.22 -58.81
N ASP H 99 2.48 -27.40 -57.64
CA ASP H 99 2.37 -26.27 -56.74
C ASP H 99 2.67 -26.57 -55.28
N ARG H 100 3.37 -27.67 -54.99
CA ARG H 100 4.08 -27.93 -53.73
C ARG H 100 3.17 -28.19 -52.53
N THR H 101 1.88 -27.92 -52.64
CA THR H 101 1.03 -27.98 -51.47
C THR H 101 -0.40 -28.27 -51.89
N ASP H 102 -1.23 -28.55 -50.90
CA ASP H 102 -2.56 -29.09 -51.11
C ASP H 102 -3.66 -28.06 -50.90
N TRP H 103 -3.44 -27.06 -50.04
CA TRP H 103 -4.48 -26.11 -49.68
C TRP H 103 -4.06 -24.72 -50.08
N GLU H 104 -5.07 -23.86 -50.23
CA GLU H 104 -4.95 -22.63 -51.01
C GLU H 104 -4.10 -21.57 -50.34
N LEU H 105 -3.94 -21.60 -49.02
CA LEU H 105 -3.24 -20.53 -48.33
C LEU H 105 -1.74 -20.54 -48.60
N ILE H 106 -1.13 -21.71 -48.73
CA ILE H 106 0.31 -21.80 -48.94
C ILE H 106 0.63 -22.08 -50.40
N ARG H 107 -0.31 -21.83 -51.30
CA ARG H 107 -0.02 -22.00 -52.71
C ARG H 107 0.83 -20.86 -53.22
N GLY H 108 1.42 -21.06 -54.39
CA GLY H 108 2.27 -20.06 -55.01
C GLY H 108 3.71 -20.48 -55.17
N TYR H 109 4.13 -21.60 -54.59
CA TYR H 109 5.51 -22.05 -54.67
C TYR H 109 5.63 -23.10 -55.75
N PHE H 110 6.69 -22.98 -56.55
CA PHE H 110 6.86 -23.81 -57.74
C PHE H 110 7.59 -25.10 -57.37
N GLY H 111 6.89 -25.94 -56.62
CA GLY H 111 7.45 -27.22 -56.22
C GLY H 111 7.27 -28.26 -57.31
N HIS H 112 8.31 -29.06 -57.51
CA HIS H 112 8.34 -30.21 -58.41
C HIS H 112 8.02 -29.84 -59.86
N TRP H 113 8.98 -29.13 -60.46
CA TRP H 113 8.97 -28.83 -61.88
C TRP H 113 9.07 -30.11 -62.71
N GLY H 114 8.83 -29.96 -64.02
CA GLY H 114 9.07 -31.02 -64.97
C GLY H 114 10.21 -30.61 -65.90
N GLN H 115 10.60 -31.52 -66.79
CA GLN H 115 11.58 -31.18 -67.81
C GLN H 115 10.85 -30.48 -68.96
N GLY H 116 11.50 -29.47 -69.53
CA GLY H 116 10.84 -28.54 -70.43
C GLY H 116 10.92 -28.94 -71.89
N THR H 117 9.98 -28.42 -72.66
CA THR H 117 9.98 -28.58 -74.11
C THR H 117 10.32 -27.24 -74.77
N GLN H 118 10.86 -27.31 -75.98
CA GLN H 118 11.39 -26.13 -76.65
C GLN H 118 10.45 -25.66 -77.74
N ILE H 119 10.31 -24.35 -77.89
CA ILE H 119 9.47 -23.74 -78.91
C ILE H 119 10.27 -22.62 -79.57
N THR H 120 10.46 -22.74 -80.88
CA THR H 120 11.12 -21.71 -81.68
C THR H 120 10.14 -21.19 -82.72
N VAL H 121 10.10 -19.87 -82.88
CA VAL H 121 9.22 -19.22 -83.84
C VAL H 121 10.09 -18.43 -84.82
N SER H 122 10.04 -18.80 -86.08
CA SER H 122 10.94 -18.23 -87.08
C SER H 122 10.37 -18.53 -88.47
N SER H 123 11.12 -18.10 -89.48
CA SER H 123 10.75 -18.33 -90.87
C SER H 123 11.99 -18.55 -91.74
N ASP I 1 6.23 -6.23 -61.40
CA ASP I 1 6.12 -4.98 -60.65
C ASP I 1 7.21 -4.87 -59.59
N ILE I 2 7.49 -5.96 -58.88
CA ILE I 2 8.60 -5.99 -57.94
C ILE I 2 9.85 -6.40 -58.70
N VAL I 3 10.90 -5.59 -58.60
CA VAL I 3 12.17 -5.87 -59.28
C VAL I 3 13.04 -6.59 -58.27
N MET I 4 13.04 -7.92 -58.33
CA MET I 4 13.97 -8.70 -57.52
C MET I 4 15.37 -8.62 -58.12
N THR I 5 16.37 -8.48 -57.24
CA THR I 5 17.74 -8.29 -57.69
C THR I 5 18.67 -9.17 -56.87
N GLN I 6 19.53 -9.91 -57.56
CA GLN I 6 20.58 -10.71 -56.93
C GLN I 6 21.87 -9.93 -57.03
N THR I 7 22.37 -9.45 -55.90
CA THR I 7 23.44 -8.45 -55.91
C THR I 7 24.83 -8.95 -56.32
N PRO I 8 25.24 -10.22 -56.10
CA PRO I 8 26.39 -10.70 -56.88
C PRO I 8 25.96 -11.48 -58.11
N SER I 9 26.71 -11.31 -59.20
CA SER I 9 26.34 -11.96 -60.45
C SER I 9 27.04 -13.29 -60.65
N SER I 10 28.24 -13.46 -60.13
CA SER I 10 28.97 -14.71 -60.27
C SER I 10 29.98 -14.82 -59.15
N LEU I 11 30.08 -16.00 -58.55
CA LEU I 11 31.02 -16.27 -57.47
C LEU I 11 31.98 -17.36 -57.90
N SER I 12 33.26 -17.04 -57.94
CA SER I 12 34.29 -18.04 -58.20
C SER I 12 34.73 -18.63 -56.87
N LEU I 13 34.64 -19.95 -56.73
CA LEU I 13 34.92 -20.61 -55.47
C LEU I 13 35.65 -21.92 -55.73
N SER I 14 35.94 -22.63 -54.65
CA SER I 14 36.59 -23.92 -54.61
C SER I 14 35.67 -24.94 -53.94
N PRO I 15 35.69 -26.21 -54.38
CA PRO I 15 34.78 -27.19 -53.80
C PRO I 15 35.10 -27.55 -52.36
N GLY I 16 34.24 -27.10 -51.44
CA GLY I 16 34.43 -27.37 -50.03
C GLY I 16 34.10 -26.17 -49.16
N ASP I 17 34.60 -25.01 -49.56
CA ASP I 17 34.37 -23.78 -48.81
C ASP I 17 32.87 -23.46 -48.73
N ARG I 18 32.55 -22.32 -48.15
CA ARG I 18 31.16 -21.90 -48.01
C ARG I 18 30.75 -20.95 -49.12
N ALA I 19 29.45 -20.73 -49.26
CA ALA I 19 28.92 -19.84 -50.29
C ALA I 19 27.72 -19.05 -49.78
N THR I 20 27.67 -17.76 -50.12
CA THR I 20 26.58 -16.90 -49.71
C THR I 20 26.01 -16.15 -50.91
N LEU I 21 24.69 -16.11 -51.00
CA LEU I 21 23.99 -15.49 -52.11
C LEU I 21 22.94 -14.55 -51.54
N SER I 22 22.86 -13.34 -52.08
CA SER I 22 21.94 -12.33 -51.56
C SER I 22 20.93 -11.92 -52.62
N CYS I 23 19.67 -11.84 -52.20
CA CYS I 23 18.57 -11.39 -53.04
C CYS I 23 17.92 -10.20 -52.37
N ARG I 24 17.71 -9.14 -53.13
CA ARG I 24 17.17 -7.89 -52.59
C ARG I 24 15.92 -7.52 -53.37
N ALA I 25 14.83 -7.27 -52.66
CA ALA I 25 13.57 -6.88 -53.27
C ALA I 25 13.49 -5.37 -53.44
N SER I 26 12.54 -4.94 -54.26
CA SER I 26 12.27 -3.52 -54.47
C SER I 26 11.09 -3.03 -53.64
N GLU I 27 10.51 -3.91 -52.85
CA GLU I 27 9.37 -3.59 -52.01
C GLU I 27 9.40 -4.51 -50.81
N ASN I 28 8.70 -4.14 -49.75
CA ASN I 28 8.68 -4.96 -48.55
C ASN I 28 7.77 -6.17 -48.76
N ILE I 29 8.38 -7.30 -49.09
CA ILE I 29 7.75 -8.60 -48.89
C ILE I 29 8.23 -9.11 -47.54
N ILE I 30 7.49 -10.05 -46.96
CA ILE I 30 7.84 -10.56 -45.64
C ILE I 30 7.76 -12.08 -45.66
N ASN I 31 8.90 -12.75 -45.52
CA ASN I 31 9.08 -14.19 -45.34
C ASN I 31 8.71 -14.99 -46.59
N TYR I 32 8.16 -14.38 -47.64
CA TYR I 32 7.64 -15.11 -48.79
C TYR I 32 8.68 -15.04 -49.90
N LEU I 33 9.65 -15.94 -49.85
CA LEU I 33 10.69 -16.02 -50.86
C LEU I 33 11.20 -17.45 -50.93
N ALA I 34 11.49 -17.91 -52.14
CA ALA I 34 11.95 -19.26 -52.39
C ALA I 34 13.21 -19.24 -53.24
N TRP I 35 14.02 -20.28 -53.10
CA TRP I 35 15.28 -20.40 -53.82
C TRP I 35 15.27 -21.67 -54.66
N TYR I 36 15.56 -21.54 -55.95
CA TYR I 36 15.60 -22.65 -56.88
C TYR I 36 17.00 -22.83 -57.44
N GLN I 37 17.34 -24.07 -57.77
CA GLN I 37 18.67 -24.42 -58.26
C GLN I 37 18.56 -25.00 -59.68
N GLN I 38 18.80 -24.15 -60.68
CA GLN I 38 18.88 -24.56 -62.07
C GLN I 38 20.22 -25.25 -62.28
N ARG I 39 20.22 -26.57 -62.29
CA ARG I 39 21.41 -27.34 -62.57
C ARG I 39 21.79 -27.22 -64.05
N PRO I 40 23.06 -27.48 -64.40
CA PRO I 40 23.41 -27.49 -65.83
C PRO I 40 22.81 -28.68 -66.56
N GLY I 41 21.85 -28.39 -67.45
CA GLY I 41 21.23 -29.43 -68.23
C GLY I 41 20.17 -30.24 -67.51
N GLN I 42 19.51 -29.66 -66.51
CA GLN I 42 18.46 -30.35 -65.77
C GLN I 42 17.32 -29.37 -65.50
N SER I 43 16.22 -29.91 -64.99
CA SER I 43 15.11 -29.07 -64.58
C SER I 43 15.42 -28.41 -63.25
N PRO I 44 14.85 -27.23 -62.97
CA PRO I 44 15.08 -26.59 -61.68
C PRO I 44 14.46 -27.36 -60.54
N ARG I 45 14.91 -27.04 -59.33
CA ARG I 45 14.53 -27.78 -58.14
C ARG I 45 14.36 -26.80 -57.00
N LEU I 46 13.27 -26.91 -56.27
CA LEU I 46 13.02 -26.04 -55.13
C LEU I 46 13.93 -26.42 -53.98
N LEU I 47 14.83 -25.51 -53.60
CA LEU I 47 15.67 -25.76 -52.44
C LEU I 47 14.93 -25.42 -51.15
N ILE I 48 14.58 -24.16 -50.98
CA ILE I 48 13.87 -23.71 -49.78
C ILE I 48 12.69 -22.85 -50.18
N TYR I 49 11.58 -23.09 -49.48
CA TYR I 49 10.34 -22.38 -49.67
C TYR I 49 10.01 -21.70 -48.35
N ASP I 50 9.53 -20.46 -48.41
CA ASP I 50 9.15 -19.74 -47.21
C ASP I 50 10.31 -19.18 -46.41
N ALA I 51 11.39 -18.84 -47.10
CA ALA I 51 12.58 -18.27 -46.46
C ALA I 51 13.59 -19.24 -45.87
N SER I 52 13.43 -19.60 -44.59
CA SER I 52 14.39 -20.49 -43.96
C SER I 52 13.98 -21.96 -43.91
N ASN I 53 12.83 -22.34 -44.46
CA ASN I 53 12.35 -23.71 -44.35
C ASN I 53 12.76 -24.53 -45.56
N ARG I 54 13.33 -25.69 -45.31
CA ARG I 54 13.81 -26.57 -46.38
C ARG I 54 12.67 -27.44 -46.91
N ALA I 55 12.82 -27.85 -48.17
CA ALA I 55 11.88 -28.75 -48.80
C ALA I 55 12.29 -30.20 -48.53
N THR I 56 11.38 -31.11 -48.86
CA THR I 56 11.62 -32.53 -48.59
C THR I 56 12.59 -33.10 -49.61
N GLY I 57 13.60 -33.82 -49.11
CA GLY I 57 14.61 -34.39 -49.95
C GLY I 57 15.84 -33.52 -50.15
N ILE I 58 15.87 -32.34 -49.56
CA ILE I 58 16.99 -31.41 -49.67
C ILE I 58 17.94 -31.65 -48.51
N PRO I 59 19.23 -31.84 -48.75
CA PRO I 59 20.17 -32.08 -47.65
C PRO I 59 20.39 -30.82 -46.82
N ALA I 60 21.02 -31.01 -45.66
CA ALA I 60 21.11 -29.97 -44.66
C ALA I 60 22.20 -28.93 -44.95
N ARG I 61 22.86 -29.01 -46.10
CA ARG I 61 23.91 -28.03 -46.41
C ARG I 61 23.33 -26.66 -46.75
N PHE I 62 22.08 -26.60 -47.18
CA PHE I 62 21.45 -25.36 -47.60
C PHE I 62 20.69 -24.75 -46.44
N SER I 63 20.88 -23.44 -46.24
CA SER I 63 20.17 -22.72 -45.20
C SER I 63 19.75 -21.37 -45.74
N GLY I 64 18.72 -20.79 -45.15
CA GLY I 64 18.20 -19.52 -45.60
C GLY I 64 17.97 -18.57 -44.44
N SER I 65 18.04 -17.28 -44.74
CA SER I 65 17.87 -16.25 -43.73
C SER I 65 17.44 -14.97 -44.42
N GLY I 66 17.04 -14.00 -43.61
CA GLY I 66 16.69 -12.70 -44.13
C GLY I 66 15.19 -12.46 -44.10
N SER I 67 14.83 -11.19 -44.23
CA SER I 67 13.45 -10.75 -44.11
C SER I 67 13.34 -9.31 -44.60
N GLY I 68 12.15 -8.95 -45.03
CA GLY I 68 11.84 -7.58 -45.39
C GLY I 68 12.31 -7.20 -46.77
N THR I 69 13.58 -6.96 -46.91
CA THR I 69 14.13 -6.64 -48.22
C THR I 69 15.35 -7.49 -48.56
N ASP I 70 16.21 -7.75 -47.58
CA ASP I 70 17.43 -8.52 -47.80
C ASP I 70 17.19 -9.98 -47.43
N PHE I 71 17.58 -10.89 -48.32
CA PHE I 71 17.48 -12.32 -48.10
C PHE I 71 18.78 -12.98 -48.51
N THR I 72 19.11 -14.10 -47.88
CA THR I 72 20.41 -14.73 -48.07
C THR I 72 20.27 -16.25 -48.04
N LEU I 73 20.84 -16.90 -49.04
CA LEU I 73 20.99 -18.35 -49.08
C LEU I 73 22.44 -18.70 -48.79
N THR I 74 22.66 -19.74 -48.01
CA THR I 74 24.00 -20.13 -47.58
C THR I 74 24.21 -21.62 -47.81
N ILE I 75 25.26 -21.96 -48.53
CA ILE I 75 25.68 -23.34 -48.76
C ILE I 75 26.93 -23.58 -47.93
N SER I 76 26.89 -24.62 -47.09
CA SER I 76 27.98 -24.83 -46.14
C SER I 76 29.24 -25.35 -46.83
N SER I 77 29.11 -26.41 -47.62
CA SER I 77 30.26 -26.98 -48.32
C SER I 77 29.81 -27.34 -49.74
N LEU I 78 30.52 -26.80 -50.74
CA LEU I 78 30.15 -27.03 -52.12
C LEU I 78 30.51 -28.44 -52.55
N GLU I 79 29.50 -29.28 -52.70
CA GLU I 79 29.63 -30.53 -53.43
C GLU I 79 29.79 -30.22 -54.91
N PRO I 80 30.39 -31.11 -55.70
CA PRO I 80 30.59 -30.81 -57.13
C PRO I 80 29.32 -30.72 -57.96
N GLU I 81 28.16 -31.10 -57.44
CA GLU I 81 26.90 -30.86 -58.14
C GLU I 81 26.31 -29.49 -57.84
N ASP I 82 26.84 -28.76 -56.85
CA ASP I 82 26.23 -27.51 -56.43
C ASP I 82 26.61 -26.32 -57.30
N PHE I 83 27.53 -26.50 -58.24
CA PHE I 83 27.89 -25.42 -59.16
C PHE I 83 26.77 -25.29 -60.19
N ALA I 84 25.88 -24.34 -59.97
CA ALA I 84 24.66 -24.22 -60.77
C ALA I 84 24.22 -22.76 -60.76
N VAL I 85 22.99 -22.51 -61.19
CA VAL I 85 22.41 -21.17 -61.18
C VAL I 85 21.33 -21.14 -60.11
N TYR I 86 21.19 -20.02 -59.42
CA TYR I 86 20.26 -19.93 -58.30
C TYR I 86 19.32 -18.76 -58.50
N TYR I 87 18.02 -19.01 -58.32
CA TYR I 87 17.00 -17.99 -58.54
C TYR I 87 16.18 -17.78 -57.28
N CYS I 88 15.87 -16.52 -56.99
CA CYS I 88 14.95 -16.19 -55.91
C CYS I 88 13.62 -15.73 -56.47
N GLN I 89 12.54 -16.11 -55.79
CA GLN I 89 11.20 -15.86 -56.28
C GLN I 89 10.26 -15.52 -55.14
N GLN I 90 9.48 -14.46 -55.32
CA GLN I 90 8.47 -14.07 -54.35
C GLN I 90 7.10 -14.55 -54.81
N ARG I 91 6.18 -14.72 -53.85
CA ARG I 91 4.84 -15.18 -54.18
C ARG I 91 3.75 -14.36 -53.53
N ILE I 92 4.07 -13.24 -52.89
CA ILE I 92 3.04 -12.51 -52.16
C ILE I 92 2.31 -11.50 -53.04
N ILE I 93 2.97 -10.98 -54.08
CA ILE I 93 2.36 -9.96 -54.94
C ILE I 93 2.31 -10.53 -56.34
N TRP I 94 1.10 -10.85 -56.79
CA TRP I 94 0.86 -11.42 -58.10
C TRP I 94 -0.39 -10.78 -58.67
N PRO I 95 -0.57 -10.80 -60.01
CA PRO I 95 0.32 -11.17 -61.10
C PRO I 95 1.25 -10.02 -61.47
N PRO I 96 2.45 -10.33 -61.98
CA PRO I 96 3.03 -11.66 -62.18
C PRO I 96 3.92 -12.09 -61.02
N TYR I 97 4.30 -13.36 -61.01
CA TYR I 97 5.29 -13.86 -60.07
C TYR I 97 6.68 -13.59 -60.65
N THR I 98 7.45 -12.77 -59.96
CA THR I 98 8.74 -12.31 -60.46
C THR I 98 9.87 -13.17 -59.92
N PHE I 99 10.83 -13.48 -60.79
CA PHE I 99 12.02 -14.23 -60.44
C PHE I 99 13.18 -13.28 -60.22
N GLY I 100 14.32 -13.83 -59.83
CA GLY I 100 15.53 -13.04 -59.72
C GLY I 100 16.20 -12.87 -61.06
N GLN I 101 17.52 -13.03 -61.09
CA GLN I 101 18.26 -12.99 -62.35
C GLN I 101 19.28 -14.11 -62.52
N GLY I 102 19.73 -14.74 -61.44
CA GLY I 102 20.68 -15.83 -61.57
C GLY I 102 22.03 -15.46 -60.98
N THR I 103 22.65 -16.43 -60.30
CA THR I 103 23.97 -16.26 -59.70
C THR I 103 24.75 -17.53 -59.99
N LYS I 104 25.49 -17.53 -61.10
CA LYS I 104 26.20 -18.74 -61.54
C LYS I 104 27.44 -18.94 -60.68
N VAL I 105 27.39 -19.93 -59.79
CA VAL I 105 28.52 -20.29 -58.96
C VAL I 105 29.37 -21.30 -59.74
N ASP I 106 30.64 -20.97 -59.96
CA ASP I 106 31.52 -21.83 -60.75
C ASP I 106 32.79 -22.13 -59.97
N ILE I 107 33.58 -23.02 -60.53
CA ILE I 107 34.77 -23.56 -59.88
C ILE I 107 35.99 -22.74 -60.28
N LYS I 108 36.84 -22.44 -59.29
CA LYS I 108 38.09 -21.75 -59.54
C LYS I 108 39.14 -22.11 -58.51
#